data_6DJY
#
_entry.id   6DJY
#
_cell.length_a   1
_cell.length_b   1
_cell.length_c   1
_cell.angle_alpha   90.00
_cell.angle_beta   90.00
_cell.angle_gamma   90.00
#
_symmetry.space_group_name_H-M   'P 1'
#
loop_
_entity.id
_entity.type
_entity.pdbx_description
1 polymer 'Clamp protein'
2 polymer 'Major capsid protein'
3 polymer 'Turret protein'
#
loop_
_entity_poly.entity_id
_entity_poly.type
_entity_poly.pdbx_seq_one_letter_code
_entity_poly.pdbx_strand_id
1 'polypeptide(L)'
;MTLTYWDKEKRMTLKQMIQQVAINEQENELTHYVFTTPLSMPTFGKPMLGYVPLNEVATSKFFSNVNDFDRDNQLAMAHF
PDTTITQAYNLTNSIKPGDTSLPDAEVAALKWFWKFFTSINLVRQPPMDNVMYWACQFLSSGTSFLPLERDVEIVFSGFK
GSHICMFSNLRQMNLSPILCPYYDLITNFKTTTEIRAYVDAHEELKSLLTYLCLCTIVGLCDTFTETRNMDTGEYVWKVR
DVVSRNHTPAQNVEKFCYTIQNAKYMIQLVHVLLFPLTDNKYADLPNYVAVITQGAINQSRSHNVINTTDESNSNTTSDT
AASTSGIVSGDTGTVASLYPDEFKYVQS
;
A
2 'polypeptide(L)'
;MRPIRMYKNNQERTNLKHQEINEEQQNEQTTSNQGFTRSDNSGKINIERISSSRNQITDGKTVSSYSKIETNRSSQDSVQ
HGGSSITYTSDTTGNPRITNARTNNDETHATGPIEDLNSTSHGREPEIESFADRAELAMMIQGMTVGALTVQPMRSIRST
FANLANVLIFHDVFTTEDKPSAFIEYHSDEMIVNMPKQTYNPIDNLAKILYLPSLEKFKYGTGIVQLNYSPHISKLYQNT
NNIINTITDGITYANRTEFFIRVMVLMMMDRKILTMEFYDVDTSAISNTAILPTIPTTTGVSPLLRIDTRTEPIWYNDAI
KTLITNLTIQYGKIKTVLDANAVKRYSVVGYPIDQYRAYLYNHNLLEYLGKKVKREDIMSLIKALSYEFDLITISDLEYQ
NIPKWFSDNDLSRFIFSICMFPDIVRQFHALNIDYFSQANVFTVKSENAIVKMLNSNQNMEPTIINWFLFRICAIDKTVI
DDYFSLEMTPIIMRPKLYDFDMKRGEPVSLLYILELILFSIMFPNVTQHMLGQIQARILYISMYAFRQEYLKFITKFGFY
YKIVNGRKEYIQVTNQNERMTENNDVLTGNLYPSLFTDDPTLSAIAPTLAKIARLMKPTTSLTPDDRAIAAKFPRFKDSA
HLNPYSSLNIGGRTQHSVTYTRMYDAIEEMFNLILRAFASSFAQRPRAGVTQLKSLLTQLADPLCLALDGHVYHLYNVMA
NMMQNFIPNTDGQFHSFRACSYAVKDGGNIYRVVQNGDELNESLLIDTAIVWGLLGNTDSSYGNAIGATGTANVPTKVQP
VIPTPDNFITPTIHLKTSIDAICSVEGILLLILSRQTTIPGYEDELNKLRTGISQPKVTERQYRRARESIKNMLGSGDYN
VAPLHFLLHTEHRSTKLSKPLIRRVLDNVVQPYVANLDPAEFENTPQLIENSNMTRLQIALKMLTGDMDDIVKGLILHKR
ACAKFDVYETLTIPTDVKTIVLTMQHISTQTQNNMVYYVFLIDGVKILAEDIKNVNFQIDITGIWPEYVITLLLRAINNG
FNTYVSMPNILYKPTITADVRQFMNTTKAETLLISNKSIVHEIMFFDNALQPKMSSDTLALSEAVYRTIWNSSIITQRIS
ARGLMNLEDARPPEAKISHQSELDMGKIDETSGEPIYTSGLQKMQSSKVSMANVVLSAGSDVIRQAAIKYNVVRTQEIIL
FE
;
B,C
3 'polypeptide(L)'
;MIDLRLEEDILTATLPEFLSTRPKYRYAYTNTKQQDIRFQGPMRHVRLTHLYKQTKLWNLQYIERELAISEIDDALDEFI
QTFSLPYVIEQGTYKYNMLLGMHAHNVNYQDDVSELIANNPQLLNYLDDNPFSAIFELVNVDLQIYQYGQNIFNNEAEHT
ILFLKDNTNYGVIQALQKHPFSATHINWHLHKHIFVFHSREQLLNKLLSAGLEDSQLYQRQKTYSTKRGDRPTERMVTYI
EDDHIRRIQAVFPLLLDNIFDVKLHKDSSMTWLKSYADMIYDSVKNSNSTITPEIRKLYLRMYNQYMRIFLPIEQYMLYD
NTCWPFSEKITLKINVRLISSRENQPVLWKTPIDTENLISIVQPDEPINKLNFTAIPSTMIRLNDNITMYRAVKDMFSAI
EYLPDAIENIPTLTMKEQALSRYISPDSEAQNFFNNQPPYLNSIMNVNRQVFEAVKRGNIQVSTGSMEHLCLCMHVKSGL
IVGRTVLIDDKVVLRRNFNASTAKMITCYVKAFAQLYGEGSLINPGLRMVFFGVETEPAIDILKLFYGDKSLYIQGFGDR
GIGRDKFRTKIEDALTLRIGCDILISDIDQADYEDPNEEKFDDITDFVCYVTELVISNATVGLVKISMPTYYIMNKISST
LNNKFSNVAINIVKLSTQKPYTYEAYIMLSHGSTLTNKGYLRNPVCDVYLEKISLQPMDLKIISTISNEINYDKPTLYRF
VVDKNDVTDVSIAMHILSIHCSTITTRSVMVRSDNTGAFVTMSGIKDMKRVAIMNRMTDGTSANSYMHEQNGKLYLQKVP
YLEDLISAFPNGFGSTYQNDYDSSMSVINVNALIRQVVYRVISKSIPVALLESLSRIRIIGGRDLGEMNAVYKLYKTPIE
VYDAVGITREYPHVQISYRAQRYSFTESIPNHTLLLANYVIMNDVDGAPISSLEQINTIKKIISKISLGSIAYIQVYTDI
VARNINVMTKNDSFLISANADKTVFKVQVSGYKAVEMCNYEQLLQLVSDNTGVNIIKLTYQDVLESCVLSSGILGDTGSW
LLDLVLASTYIIEIRG
;
D
#
# COMPACT_ATOMS: atom_id res chain seq x y z
N MET A 1 -2.97 34.17 18.74
CA MET A 1 -2.98 33.34 19.93
C MET A 1 -2.99 31.86 19.56
N THR A 2 -3.57 31.55 18.41
CA THR A 2 -3.48 30.19 17.88
C THR A 2 -2.09 29.97 17.30
N LEU A 3 -1.75 30.73 16.26
CA LEU A 3 -0.39 30.88 15.79
C LEU A 3 -0.32 31.98 14.76
N THR A 4 0.71 32.81 14.84
CA THR A 4 0.93 33.83 13.83
C THR A 4 1.37 33.14 12.54
N TYR A 5 0.42 32.93 11.63
CA TYR A 5 0.70 32.31 10.35
C TYR A 5 1.84 33.04 9.66
N TRP A 6 2.98 32.40 9.52
CA TRP A 6 4.15 33.11 9.05
C TRP A 6 4.22 33.10 7.53
N ASP A 7 4.79 34.18 6.98
CA ASP A 7 5.11 34.20 5.56
C ASP A 7 6.41 34.95 5.27
N LYS A 8 7.27 35.12 6.27
CA LYS A 8 8.21 36.22 6.47
C LYS A 8 7.48 37.45 7.02
N GLU A 9 6.16 37.43 7.06
CA GLU A 9 5.36 38.47 7.68
C GLU A 9 4.30 37.80 8.54
N LYS A 10 4.01 38.41 9.69
CA LYS A 10 3.12 37.78 10.66
C LYS A 10 1.70 37.67 10.16
N ARG A 11 0.83 37.12 10.99
CA ARG A 11 -0.59 36.98 10.68
C ARG A 11 -1.29 36.59 11.97
N MET A 12 -2.58 36.30 11.86
CA MET A 12 -3.38 35.92 13.02
C MET A 12 -4.34 34.78 12.70
N THR A 13 -4.20 34.16 11.55
CA THR A 13 -5.00 33.04 11.06
C THR A 13 -6.39 33.49 10.67
N LEU A 14 -6.76 34.70 11.07
CA LEU A 14 -8.07 35.20 10.71
C LEU A 14 -8.04 35.94 9.40
N LYS A 15 -7.07 36.83 9.22
CA LYS A 15 -6.80 37.34 7.89
C LYS A 15 -6.57 36.20 6.91
N GLN A 16 -5.80 35.20 7.34
CA GLN A 16 -5.45 34.09 6.47
C GLN A 16 -6.60 33.12 6.26
N MET A 17 -7.66 33.21 7.05
CA MET A 17 -8.86 32.45 6.72
C MET A 17 -9.85 33.25 5.88
N ILE A 18 -9.92 34.56 6.06
CA ILE A 18 -10.73 35.39 5.18
C ILE A 18 -9.98 35.77 3.92
N GLN A 19 -8.81 35.17 3.70
CA GLN A 19 -7.98 35.46 2.55
C GLN A 19 -8.41 34.71 1.31
N GLN A 20 -9.11 33.60 1.46
CA GLN A 20 -9.39 32.65 0.39
C GLN A 20 -10.76 32.92 -0.21
N VAL A 21 -11.16 32.05 -1.14
CA VAL A 21 -12.51 32.07 -1.70
C VAL A 21 -12.93 30.63 -2.00
N ALA A 22 -14.16 30.28 -1.62
CA ALA A 22 -14.74 28.97 -1.89
C ALA A 22 -15.98 29.17 -2.76
N ILE A 23 -15.82 29.01 -4.07
CA ILE A 23 -16.85 29.36 -5.04
C ILE A 23 -17.31 28.10 -5.77
N ASN A 24 -18.62 27.95 -5.94
CA ASN A 24 -19.24 26.72 -6.42
C ASN A 24 -19.42 26.72 -7.94
N GLU A 25 -19.79 25.58 -8.48
CA GLU A 25 -19.88 25.37 -9.93
C GLU A 25 -21.12 24.55 -10.24
N GLN A 26 -21.15 24.00 -11.46
CA GLN A 26 -22.24 23.21 -11.98
C GLN A 26 -22.17 21.74 -11.55
N GLU A 27 -22.92 20.89 -12.25
CA GLU A 27 -22.90 19.43 -12.10
C GLU A 27 -23.17 19.02 -10.66
N ASN A 28 -24.38 19.31 -10.21
CA ASN A 28 -24.83 18.89 -8.90
C ASN A 28 -24.58 17.41 -8.70
N GLU A 29 -23.72 17.09 -7.75
CA GLU A 29 -23.42 15.70 -7.42
C GLU A 29 -24.38 15.22 -6.32
N LEU A 30 -25.58 14.88 -6.76
CA LEU A 30 -26.64 14.46 -5.84
C LEU A 30 -26.24 13.10 -5.29
N THR A 31 -25.26 13.14 -4.40
CA THR A 31 -24.59 11.93 -3.95
C THR A 31 -24.34 12.03 -2.44
N HIS A 32 -25.37 12.42 -1.70
CA HIS A 32 -25.20 12.68 -0.28
C HIS A 32 -24.71 11.43 0.44
N TYR A 33 -23.47 11.45 0.93
CA TYR A 33 -22.90 10.33 1.65
C TYR A 33 -23.41 10.33 3.08
N VAL A 34 -22.86 9.43 3.89
CA VAL A 34 -23.27 9.28 5.27
C VAL A 34 -22.03 9.15 6.14
N PHE A 35 -22.11 9.62 7.37
CA PHE A 35 -20.97 9.50 8.27
C PHE A 35 -20.84 8.09 8.80
N THR A 36 -19.88 7.90 9.69
CA THR A 36 -19.57 6.58 10.20
C THR A 36 -18.82 6.73 11.51
N THR A 37 -19.11 5.85 12.45
CA THR A 37 -18.31 5.78 13.66
C THR A 37 -16.85 5.55 13.28
N PRO A 38 -15.92 6.33 13.81
CA PRO A 38 -14.56 6.37 13.29
C PRO A 38 -13.62 5.27 13.78
N LEU A 39 -14.10 4.02 13.74
CA LEU A 39 -13.24 2.83 13.67
C LEU A 39 -11.96 2.93 14.48
N SER A 40 -12.06 3.11 15.79
CA SER A 40 -10.89 3.38 16.61
C SER A 40 -9.78 2.34 16.44
N MET A 41 -10.12 1.06 16.29
CA MET A 41 -9.20 -0.06 16.08
C MET A 41 -7.90 0.10 16.87
N PRO A 42 -7.96 0.19 18.17
CA PRO A 42 -6.72 0.24 18.96
C PRO A 42 -6.30 -1.11 19.48
N THR A 43 -5.06 -1.53 19.22
CA THR A 43 -4.51 -2.69 19.90
C THR A 43 -3.02 -2.86 19.62
N PHE A 44 -2.22 -2.98 20.67
CA PHE A 44 -0.98 -3.77 20.61
C PHE A 44 -0.38 -3.88 21.99
N GLY A 45 0.23 -5.04 22.25
CA GLY A 45 0.91 -5.30 23.51
C GLY A 45 2.40 -5.02 23.49
N LYS A 46 2.79 -3.84 23.03
CA LYS A 46 4.18 -3.41 23.12
C LYS A 46 4.22 -1.89 23.04
N PRO A 47 4.15 -1.20 24.15
CA PRO A 47 4.07 0.26 24.13
C PRO A 47 5.43 0.92 24.19
N MET A 48 5.45 2.25 24.20
CA MET A 48 6.65 3.01 24.53
C MET A 48 6.34 3.87 25.75
N LEU A 49 6.91 3.52 26.89
CA LEU A 49 6.67 4.23 28.12
C LEU A 49 7.49 5.51 28.16
N GLY A 50 7.57 6.13 29.32
CA GLY A 50 8.36 7.35 29.46
C GLY A 50 7.53 8.59 29.20
N TYR A 51 8.23 9.68 28.95
CA TYR A 51 7.60 10.97 28.71
C TYR A 51 7.35 11.10 27.21
N VAL A 52 6.14 10.83 26.75
CA VAL A 52 5.84 11.07 25.34
C VAL A 52 5.16 12.42 25.21
N PRO A 53 5.71 13.34 24.43
CA PRO A 53 5.07 14.63 24.26
C PRO A 53 3.73 14.47 23.56
N LEU A 54 2.90 15.49 23.68
CA LEU A 54 1.55 15.37 23.13
C LEU A 54 1.08 16.66 22.48
N ASN A 55 1.96 17.65 22.35
CA ASN A 55 1.45 18.83 21.68
C ASN A 55 2.13 19.12 20.35
N GLU A 56 3.37 19.57 20.38
CA GLU A 56 3.91 20.21 19.20
C GLU A 56 4.75 19.30 18.35
N VAL A 57 5.78 18.68 18.91
CA VAL A 57 6.46 17.64 18.14
C VAL A 57 5.47 16.53 17.85
N ALA A 58 4.48 16.34 18.70
CA ALA A 58 3.42 15.38 18.40
C ALA A 58 2.73 15.72 17.09
N THR A 59 2.10 16.89 17.02
CA THR A 59 1.35 17.21 15.82
C THR A 59 2.25 17.30 14.60
N SER A 60 3.48 17.74 14.77
CA SER A 60 4.38 17.85 13.62
C SER A 60 4.73 16.47 13.10
N LYS A 61 5.31 15.63 13.96
CA LYS A 61 5.63 14.25 13.60
C LYS A 61 4.44 13.55 12.97
N PHE A 62 3.23 13.89 13.36
CA PHE A 62 2.12 13.11 12.83
C PHE A 62 1.56 13.65 11.53
N PHE A 63 1.47 14.97 11.35
CA PHE A 63 0.76 15.49 10.19
C PHE A 63 1.57 16.43 9.31
N SER A 64 2.88 16.52 9.49
CA SER A 64 3.66 17.41 8.64
C SER A 64 4.43 16.66 7.57
N ASN A 65 4.07 15.41 7.30
CA ASN A 65 4.75 14.59 6.31
C ASN A 65 6.25 14.56 6.53
N VAL A 66 6.68 14.73 7.78
CA VAL A 66 8.08 14.58 8.13
C VAL A 66 8.35 13.09 8.14
N ASN A 67 9.59 12.71 8.42
CA ASN A 67 10.09 11.35 8.25
C ASN A 67 9.07 10.28 8.55
N ASP A 68 8.91 9.35 7.63
CA ASP A 68 7.94 8.26 7.77
C ASP A 68 8.58 7.08 8.50
N PHE A 69 9.12 7.37 9.68
CA PHE A 69 9.87 6.37 10.43
C PHE A 69 8.94 5.43 11.16
N ASP A 70 7.98 4.88 10.44
CA ASP A 70 7.10 3.81 10.93
C ASP A 70 6.17 4.25 12.04
N ARG A 71 6.41 5.44 12.63
CA ARG A 71 5.44 6.23 13.38
C ARG A 71 4.39 5.41 14.09
N ASP A 72 4.82 4.35 14.76
CA ASP A 72 3.90 3.32 15.22
C ASP A 72 3.41 3.54 16.63
N ASN A 73 3.03 2.45 17.27
CA ASN A 73 2.23 2.35 18.49
C ASN A 73 2.61 3.33 19.58
N GLN A 74 3.70 4.08 19.41
CA GLN A 74 4.18 4.96 20.47
C GLN A 74 3.07 5.69 21.19
N LEU A 75 1.95 5.93 20.53
CA LEU A 75 0.80 6.49 21.22
C LEU A 75 0.00 5.45 22.00
N ALA A 76 0.40 4.18 22.00
CA ALA A 76 -0.39 3.15 22.66
C ALA A 76 -0.59 3.41 24.13
N MET A 77 0.11 4.38 24.70
CA MET A 77 -0.19 4.77 26.06
C MET A 77 -1.36 5.73 26.05
N ALA A 78 -2.42 5.36 25.32
CA ALA A 78 -3.69 6.04 25.39
C ALA A 78 -4.81 5.13 25.86
N HIS A 79 -4.58 3.82 25.87
CA HIS A 79 -5.36 2.90 26.67
C HIS A 79 -4.85 3.02 28.10
N PHE A 80 -5.14 2.03 28.94
CA PHE A 80 -4.57 1.97 30.27
C PHE A 80 -5.00 3.19 31.06
N PRO A 81 -6.25 3.26 31.46
CA PRO A 81 -6.85 4.54 31.88
C PRO A 81 -6.15 5.25 33.03
N ASP A 82 -5.12 4.65 33.60
CA ASP A 82 -4.48 5.21 34.79
C ASP A 82 -3.22 6.02 34.49
N THR A 83 -2.89 6.26 33.22
CA THR A 83 -1.78 7.14 32.92
C THR A 83 -2.15 8.58 33.25
N THR A 84 -1.18 9.49 33.12
CA THR A 84 -1.41 10.88 33.48
C THR A 84 -0.78 11.80 32.43
N ILE A 85 -1.08 13.09 32.58
CA ILE A 85 -0.62 14.13 31.66
C ILE A 85 -0.06 15.28 32.47
N THR A 86 1.10 15.78 32.09
CA THR A 86 1.71 16.94 32.72
C THR A 86 1.53 18.16 31.84
N GLN A 87 1.22 19.30 32.48
CA GLN A 87 0.68 20.51 31.86
C GLN A 87 1.33 20.88 30.55
N ALA A 88 2.62 20.63 30.42
CA ALA A 88 3.20 20.78 29.10
C ALA A 88 2.66 19.79 28.11
N TYR A 89 1.71 18.98 28.59
CA TYR A 89 1.04 17.94 27.81
C TYR A 89 2.02 16.85 27.44
N ASN A 90 2.85 16.48 28.41
CA ASN A 90 3.61 15.25 28.29
C ASN A 90 2.81 14.11 28.91
N LEU A 91 2.44 13.14 28.09
CA LEU A 91 1.78 11.95 28.59
C LEU A 91 2.80 11.02 29.19
N THR A 92 2.56 10.60 30.43
CA THR A 92 3.50 9.72 31.12
C THR A 92 2.73 8.77 32.00
N ASN A 93 3.48 7.91 32.69
CA ASN A 93 2.95 7.08 33.75
C ASN A 93 3.67 7.33 35.07
N SER A 94 4.57 8.31 35.13
CA SER A 94 5.30 8.59 36.35
C SER A 94 5.76 10.05 36.31
N ILE A 95 5.06 10.89 37.06
CA ILE A 95 5.38 12.32 37.11
C ILE A 95 6.58 12.50 38.03
N LYS A 96 7.71 12.90 37.45
CA LYS A 96 8.93 12.82 38.24
C LYS A 96 9.14 13.94 39.25
N PRO A 97 9.30 15.21 38.84
CA PRO A 97 9.86 16.19 39.78
C PRO A 97 8.80 16.89 40.59
N GLY A 98 7.87 16.13 41.16
CA GLY A 98 6.75 16.72 41.85
C GLY A 98 5.87 17.56 40.94
N ASP A 99 6.06 17.43 39.63
CA ASP A 99 5.22 18.14 38.67
C ASP A 99 3.79 17.65 38.77
N THR A 100 2.86 18.52 38.42
CA THR A 100 1.44 18.28 38.64
C THR A 100 0.79 17.73 37.39
N SER A 101 -0.27 16.96 37.60
CA SER A 101 -1.06 16.47 36.49
C SER A 101 -2.33 17.31 36.34
N LEU A 102 -3.02 17.09 35.23
CA LEU A 102 -4.21 17.86 34.90
C LEU A 102 -5.40 17.32 35.67
N PRO A 103 -6.52 18.04 35.68
CA PRO A 103 -7.77 17.46 36.19
C PRO A 103 -8.22 16.27 35.36
N ASP A 104 -9.30 15.62 35.76
CA ASP A 104 -9.70 14.36 35.11
C ASP A 104 -10.25 14.59 33.71
N ALA A 105 -11.34 15.34 33.59
CA ALA A 105 -12.04 15.51 32.32
C ALA A 105 -11.09 15.81 31.17
N GLU A 106 -10.12 16.68 31.42
CA GLU A 106 -9.11 16.97 30.42
C GLU A 106 -8.41 15.70 29.98
N VAL A 107 -7.96 14.91 30.96
CA VAL A 107 -7.24 13.68 30.65
C VAL A 107 -8.12 12.75 29.83
N ALA A 108 -9.37 12.60 30.24
CA ALA A 108 -10.29 11.72 29.53
C ALA A 108 -10.40 12.13 28.07
N ALA A 109 -10.62 13.42 27.82
CA ALA A 109 -10.78 13.88 26.44
C ALA A 109 -9.53 13.62 25.63
N LEU A 110 -8.38 14.02 26.15
CA LEU A 110 -7.15 13.93 25.38
C LEU A 110 -6.84 12.47 25.04
N LYS A 111 -6.96 11.59 26.04
CA LYS A 111 -6.72 10.19 25.77
C LYS A 111 -7.70 9.66 24.74
N TRP A 112 -8.97 10.08 24.83
CA TRP A 112 -9.94 9.67 23.82
C TRP A 112 -9.45 9.97 22.42
N PHE A 113 -9.02 11.19 22.20
CA PHE A 113 -8.59 11.64 20.88
C PHE A 113 -7.39 10.85 20.38
N TRP A 114 -6.29 10.84 21.14
CA TRP A 114 -5.11 10.16 20.60
C TRP A 114 -5.34 8.66 20.48
N LYS A 115 -6.11 8.10 21.41
CA LYS A 115 -6.56 6.72 21.29
C LYS A 115 -7.17 6.48 19.93
N PHE A 116 -8.02 7.40 19.47
CA PHE A 116 -8.50 7.25 18.10
C PHE A 116 -7.36 7.27 17.11
N PHE A 117 -6.28 7.97 17.40
CA PHE A 117 -5.20 8.01 16.43
C PHE A 117 -4.19 6.87 16.50
N THR A 118 -4.35 5.90 17.40
CA THR A 118 -3.25 4.96 17.64
C THR A 118 -2.65 4.19 16.45
N SER A 119 -3.39 3.29 15.79
CA SER A 119 -2.78 2.27 14.91
C SER A 119 -3.43 2.21 13.52
N ILE A 120 -2.90 3.01 12.62
CA ILE A 120 -3.53 3.27 11.33
C ILE A 120 -3.64 2.05 10.45
N ASN A 121 -2.52 1.48 10.06
CA ASN A 121 -2.61 0.50 8.99
C ASN A 121 -3.27 -0.78 9.43
N LEU A 122 -3.80 -0.81 10.64
CA LEU A 122 -4.79 -1.80 11.04
C LEU A 122 -6.19 -1.20 11.10
N VAL A 123 -6.32 0.10 11.31
CA VAL A 123 -7.63 0.74 11.13
C VAL A 123 -8.17 0.47 9.74
N ARG A 124 -9.48 0.24 9.65
CA ARG A 124 -10.18 0.11 8.38
C ARG A 124 -10.95 1.40 8.11
N GLN A 125 -10.25 2.38 7.57
CA GLN A 125 -10.82 3.69 7.33
C GLN A 125 -11.57 3.72 6.00
N PRO A 126 -12.52 4.62 5.85
CA PRO A 126 -13.39 4.59 4.69
C PRO A 126 -12.73 5.24 3.48
N PRO A 127 -13.21 4.93 2.28
CA PRO A 127 -12.60 5.53 1.07
C PRO A 127 -12.64 7.05 1.14
N MET A 128 -11.75 7.67 0.36
CA MET A 128 -11.48 9.08 0.57
C MET A 128 -12.46 10.02 -0.12
N ASP A 129 -13.12 9.60 -1.19
CA ASP A 129 -14.10 10.47 -1.81
C ASP A 129 -15.11 10.96 -0.78
N ASN A 130 -15.54 10.07 0.09
CA ASN A 130 -16.52 10.44 1.11
C ASN A 130 -15.95 11.45 2.09
N VAL A 131 -14.67 11.31 2.44
CA VAL A 131 -14.15 12.24 3.43
C VAL A 131 -13.93 13.61 2.80
N MET A 132 -13.58 13.64 1.52
CA MET A 132 -13.57 14.91 0.81
C MET A 132 -14.95 15.53 0.81
N TYR A 133 -15.97 14.70 0.61
CA TYR A 133 -17.34 15.20 0.62
C TYR A 133 -17.66 15.86 1.95
N TRP A 134 -17.37 15.17 3.05
CA TRP A 134 -17.67 15.75 4.36
C TRP A 134 -16.88 17.03 4.60
N ALA A 135 -15.61 17.05 4.19
CA ALA A 135 -14.78 18.22 4.45
C ALA A 135 -15.35 19.44 3.73
N CYS A 136 -15.61 19.30 2.42
CA CYS A 136 -16.18 20.43 1.70
C CYS A 136 -17.56 20.77 2.22
N GLN A 137 -18.33 19.76 2.62
CA GLN A 137 -19.62 19.99 3.27
C GLN A 137 -19.48 20.98 4.41
N PHE A 138 -18.62 20.63 5.36
CA PHE A 138 -18.42 21.50 6.52
C PHE A 138 -18.00 22.89 6.09
N LEU A 139 -16.91 22.98 5.35
CA LEU A 139 -16.38 24.32 5.12
C LEU A 139 -17.23 25.13 4.16
N SER A 140 -18.26 24.55 3.55
CA SER A 140 -19.15 25.30 2.66
C SER A 140 -20.44 25.69 3.36
N SER A 141 -21.19 24.71 3.86
CA SER A 141 -22.50 25.04 4.42
C SER A 141 -22.39 25.54 5.85
N GLY A 142 -21.26 25.34 6.49
CA GLY A 142 -21.12 25.66 7.88
C GLY A 142 -21.50 24.50 8.77
N THR A 143 -21.69 24.79 10.05
CA THR A 143 -21.97 23.78 11.05
C THR A 143 -23.39 23.23 10.95
N SER A 144 -24.15 23.64 9.95
CA SER A 144 -25.50 23.14 9.77
C SER A 144 -25.53 21.77 9.11
N PHE A 145 -24.51 21.44 8.31
CA PHE A 145 -24.39 20.12 7.69
C PHE A 145 -25.54 19.81 6.76
N LEU A 146 -25.80 20.72 5.85
CA LEU A 146 -26.68 20.39 4.75
C LEU A 146 -25.87 19.77 3.61
N PRO A 147 -26.44 18.80 2.89
CA PRO A 147 -25.73 18.25 1.74
C PRO A 147 -25.38 19.33 0.73
N LEU A 148 -24.40 19.00 -0.13
CA LEU A 148 -23.80 20.02 -0.97
C LEU A 148 -24.75 20.50 -2.05
N GLU A 149 -25.29 19.57 -2.84
CA GLU A 149 -26.15 19.84 -3.99
C GLU A 149 -25.42 20.51 -5.13
N ARG A 150 -24.12 20.74 -5.02
CA ARG A 150 -23.34 21.38 -6.07
C ARG A 150 -21.92 20.83 -6.00
N ASP A 151 -20.97 21.52 -6.61
CA ASP A 151 -19.56 21.23 -6.44
C ASP A 151 -18.81 22.54 -6.23
N VAL A 152 -17.63 22.44 -5.64
CA VAL A 152 -16.94 23.62 -5.11
C VAL A 152 -15.49 23.67 -5.59
N GLU A 153 -14.98 24.88 -5.78
CA GLU A 153 -13.60 25.17 -6.12
C GLU A 153 -13.04 26.13 -5.10
N ILE A 154 -11.75 25.99 -4.80
CA ILE A 154 -11.09 26.82 -3.79
C ILE A 154 -10.01 27.63 -4.47
N VAL A 155 -9.82 28.87 -4.04
CA VAL A 155 -8.82 29.72 -4.68
C VAL A 155 -8.21 30.66 -3.65
N PHE A 156 -6.88 30.76 -3.67
CA PHE A 156 -6.13 31.61 -2.76
C PHE A 156 -5.42 32.69 -3.56
N SER A 157 -5.37 33.90 -3.01
CA SER A 157 -4.85 35.04 -3.75
C SER A 157 -4.00 35.90 -2.82
N GLY A 158 -2.68 35.87 -3.01
CA GLY A 158 -1.81 36.85 -2.40
C GLY A 158 -1.22 36.31 -1.12
N PHE A 159 -0.02 35.78 -1.21
CA PHE A 159 0.57 35.15 -0.04
C PHE A 159 2.06 35.36 0.12
N LYS A 160 2.74 35.98 -0.84
CA LYS A 160 4.12 35.63 -1.10
C LYS A 160 4.22 34.10 -1.15
N GLY A 161 3.48 33.58 -2.14
CA GLY A 161 2.98 32.21 -2.14
C GLY A 161 3.92 31.11 -1.73
N SER A 162 3.59 30.47 -0.62
CA SER A 162 4.47 29.49 -0.01
C SER A 162 3.67 28.36 0.63
N HIS A 163 2.74 27.77 -0.11
CA HIS A 163 1.90 26.72 0.49
C HIS A 163 2.72 25.69 1.25
N ILE A 164 3.97 25.47 0.83
CA ILE A 164 4.88 24.72 1.67
C ILE A 164 5.02 25.38 3.03
N CYS A 165 5.12 26.71 3.06
CA CYS A 165 5.21 27.37 4.36
C CYS A 165 3.88 27.34 5.10
N MET A 166 2.78 27.18 4.39
CA MET A 166 1.52 26.89 5.07
C MET A 166 1.64 25.60 5.84
N PHE A 167 2.05 24.53 5.16
CA PHE A 167 2.26 23.27 5.86
C PHE A 167 3.29 23.40 6.97
N SER A 168 4.25 24.31 6.80
CA SER A 168 5.28 24.46 7.82
C SER A 168 4.71 25.10 9.08
N ASN A 169 4.17 26.32 8.98
CA ASN A 169 3.64 26.93 10.18
C ASN A 169 2.45 26.15 10.71
N LEU A 170 2.00 25.13 9.97
CA LEU A 170 1.27 24.05 10.63
C LEU A 170 2.20 23.20 11.49
N ARG A 171 3.31 22.76 10.92
CA ARG A 171 4.28 21.96 11.66
C ARG A 171 4.68 22.61 12.98
N GLN A 172 4.58 23.92 13.08
CA GLN A 172 4.99 24.63 14.29
C GLN A 172 3.82 25.03 15.17
N MET A 173 2.65 24.41 15.01
CA MET A 173 1.43 24.86 15.65
C MET A 173 0.93 23.86 16.68
N ASN A 174 0.58 24.36 17.86
CA ASN A 174 0.01 23.55 18.92
C ASN A 174 -1.50 23.54 18.82
N LEU A 175 -2.10 22.44 19.29
CA LEU A 175 -3.56 22.34 19.24
C LEU A 175 -4.23 21.78 20.48
N SER A 176 -3.53 21.03 21.33
CA SER A 176 -4.22 20.31 22.42
C SER A 176 -4.93 21.25 23.38
N PRO A 177 -4.30 22.27 23.96
CA PRO A 177 -5.07 23.19 24.80
C PRO A 177 -5.79 24.21 23.96
N ILE A 178 -6.31 23.74 22.84
CA ILE A 178 -7.28 24.46 22.02
C ILE A 178 -8.51 23.62 21.78
N LEU A 179 -8.32 22.36 21.43
CA LEU A 179 -9.45 21.48 21.21
C LEU A 179 -9.77 20.60 22.41
N CYS A 180 -9.11 20.82 23.55
CA CYS A 180 -9.47 20.02 24.71
C CYS A 180 -10.92 20.18 25.15
N PRO A 181 -11.43 21.40 25.39
CA PRO A 181 -12.78 21.52 25.95
C PRO A 181 -13.85 20.93 25.05
N TYR A 182 -13.60 20.93 23.76
CA TYR A 182 -14.48 20.39 22.74
C TYR A 182 -14.71 18.89 22.94
N TYR A 183 -13.63 18.13 22.90
CA TYR A 183 -13.75 16.70 23.16
C TYR A 183 -14.21 16.45 24.59
N ASP A 184 -13.90 17.37 25.51
CA ASP A 184 -14.47 17.26 26.85
C ASP A 184 -15.99 17.28 26.79
N LEU A 185 -16.54 18.20 26.00
CA LEU A 185 -17.98 18.24 25.80
C LEU A 185 -18.49 16.93 25.23
N ILE A 186 -17.72 16.30 24.35
CA ILE A 186 -18.18 15.04 23.77
C ILE A 186 -18.00 13.87 24.72
N THR A 187 -17.23 14.03 25.80
CA THR A 187 -16.99 12.90 26.69
C THR A 187 -18.16 12.68 27.65
N ASN A 188 -18.62 13.75 28.29
CA ASN A 188 -19.66 13.65 29.32
C ASN A 188 -21.06 13.60 28.73
N PHE A 189 -21.19 13.16 27.48
CA PHE A 189 -22.48 12.92 26.85
C PHE A 189 -23.34 14.17 26.79
N LYS A 190 -22.88 15.18 26.07
CA LYS A 190 -23.74 16.27 25.65
C LYS A 190 -24.36 15.88 24.31
N THR A 191 -24.98 16.82 23.61
CA THR A 191 -25.68 16.48 22.38
C THR A 191 -25.33 17.48 21.28
N THR A 192 -25.55 17.03 20.05
CA THR A 192 -25.25 17.77 18.84
C THR A 192 -25.66 19.22 18.93
N THR A 193 -26.84 19.49 19.46
CA THR A 193 -27.34 20.85 19.53
C THR A 193 -26.43 21.75 20.34
N GLU A 194 -26.16 21.36 21.58
CA GLU A 194 -25.35 22.21 22.44
C GLU A 194 -23.90 22.28 21.97
N ILE A 195 -23.38 21.20 21.40
CA ILE A 195 -21.99 21.32 20.95
C ILE A 195 -21.91 22.17 19.69
N ARG A 196 -22.96 22.20 18.87
CA ARG A 196 -22.98 23.16 17.77
C ARG A 196 -23.06 24.58 18.28
N ALA A 197 -23.88 24.81 19.30
CA ALA A 197 -23.89 26.12 19.95
C ALA A 197 -22.49 26.49 20.42
N TYR A 198 -21.79 25.51 21.01
CA TYR A 198 -20.45 25.75 21.54
C TYR A 198 -19.49 26.17 20.43
N VAL A 199 -19.43 25.38 19.36
CA VAL A 199 -18.48 25.65 18.30
C VAL A 199 -18.81 26.97 17.62
N ASP A 200 -20.10 27.30 17.52
CA ASP A 200 -20.45 28.61 17.00
C ASP A 200 -19.96 29.73 17.92
N ALA A 201 -20.08 29.55 19.23
CA ALA A 201 -19.74 30.61 20.16
C ALA A 201 -18.25 30.85 20.24
N HIS A 202 -17.48 29.82 20.60
CA HIS A 202 -16.08 30.03 20.98
C HIS A 202 -15.25 30.59 19.84
N GLU A 203 -15.40 30.01 18.64
CA GLU A 203 -14.89 30.49 17.36
C GLU A 203 -13.36 30.53 17.30
N GLU A 204 -12.66 30.21 18.37
CA GLU A 204 -11.22 30.04 18.25
C GLU A 204 -10.90 28.73 17.57
N LEU A 205 -11.59 27.67 17.95
CA LEU A 205 -11.35 26.37 17.33
C LEU A 205 -12.04 26.28 15.98
N LYS A 206 -13.08 27.08 15.75
CA LYS A 206 -13.74 27.06 14.45
C LYS A 206 -12.76 27.44 13.35
N SER A 207 -12.11 28.58 13.49
CA SER A 207 -11.11 29.00 12.52
C SER A 207 -10.04 27.93 12.37
N LEU A 208 -9.56 27.37 13.49
CA LEU A 208 -8.52 26.38 13.44
C LEU A 208 -8.93 25.22 12.55
N LEU A 209 -10.00 24.52 12.92
CA LEU A 209 -10.31 23.32 12.17
C LEU A 209 -10.79 23.63 10.76
N THR A 210 -11.29 24.85 10.50
CA THR A 210 -11.45 25.28 9.13
C THR A 210 -10.13 25.20 8.38
N TYR A 211 -9.11 25.85 8.93
CA TYR A 211 -7.80 25.81 8.31
C TYR A 211 -7.31 24.39 8.15
N LEU A 212 -7.59 23.54 9.13
CA LEU A 212 -7.00 22.21 9.12
C LEU A 212 -7.61 21.34 8.03
N CYS A 213 -8.94 21.31 7.95
CA CYS A 213 -9.56 20.58 6.85
C CYS A 213 -9.14 21.15 5.51
N LEU A 214 -9.01 22.47 5.43
CA LEU A 214 -8.55 23.07 4.19
C LEU A 214 -7.17 22.55 3.80
N CYS A 215 -6.24 22.52 4.76
CA CYS A 215 -4.89 22.10 4.42
C CYS A 215 -4.87 20.64 4.02
N THR A 216 -5.67 19.81 4.68
CA THR A 216 -5.63 18.40 4.30
C THR A 216 -6.17 18.20 2.89
N ILE A 217 -7.20 18.96 2.49
CA ILE A 217 -7.68 18.73 1.13
C ILE A 217 -6.69 19.27 0.12
N VAL A 218 -6.04 20.40 0.40
CA VAL A 218 -5.10 20.90 -0.59
C VAL A 218 -3.86 20.02 -0.65
N GLY A 219 -3.59 19.26 0.41
CA GLY A 219 -2.45 18.38 0.38
C GLY A 219 -2.76 17.03 -0.24
N LEU A 220 -4.03 16.66 -0.30
CA LEU A 220 -4.40 15.37 -0.86
C LEU A 220 -5.15 15.47 -2.18
N CYS A 221 -5.30 16.65 -2.75
CA CYS A 221 -5.96 16.75 -4.05
C CYS A 221 -4.94 16.71 -5.17
N ASP A 222 -5.45 16.63 -6.41
CA ASP A 222 -4.60 16.58 -7.59
C ASP A 222 -5.10 17.43 -8.75
N THR A 223 -6.15 18.22 -8.55
CA THR A 223 -6.63 19.16 -9.55
C THR A 223 -6.18 20.57 -9.21
N PHE A 224 -4.92 20.66 -8.80
CA PHE A 224 -4.32 21.82 -8.18
C PHE A 224 -3.38 22.51 -9.15
N THR A 225 -3.45 23.83 -9.22
CA THR A 225 -2.50 24.61 -9.99
C THR A 225 -2.11 25.85 -9.20
N GLU A 226 -0.94 26.38 -9.52
CA GLU A 226 -0.45 27.57 -8.85
C GLU A 226 0.09 28.53 -9.89
N THR A 227 0.22 29.80 -9.50
CA THR A 227 0.73 30.80 -10.41
C THR A 227 1.26 31.96 -9.59
N ARG A 228 2.28 32.63 -10.11
CA ARG A 228 2.78 33.84 -9.50
C ARG A 228 2.46 35.04 -10.39
N ASN A 229 1.80 36.03 -9.82
CA ASN A 229 1.51 37.25 -10.56
C ASN A 229 2.81 38.01 -10.68
N MET A 230 3.49 37.82 -11.82
CA MET A 230 4.82 38.40 -11.97
C MET A 230 4.75 39.91 -12.19
N ASP A 231 4.25 40.62 -11.20
CA ASP A 231 4.46 42.06 -11.09
C ASP A 231 4.78 42.37 -9.64
N THR A 232 4.46 41.42 -8.77
CA THR A 232 4.66 41.53 -7.34
C THR A 232 4.93 40.13 -6.81
N GLY A 233 5.29 40.06 -5.53
CA GLY A 233 5.41 38.76 -4.92
C GLY A 233 4.06 38.34 -4.38
N GLU A 234 3.32 37.59 -5.18
CA GLU A 234 1.95 37.23 -4.86
C GLU A 234 1.57 36.03 -5.68
N TYR A 235 1.34 34.90 -5.05
CA TYR A 235 0.90 33.73 -5.78
C TYR A 235 -0.60 33.62 -5.64
N VAL A 236 -1.26 33.30 -6.73
CA VAL A 236 -2.63 32.86 -6.72
C VAL A 236 -2.62 31.38 -7.05
N TRP A 237 -3.19 30.57 -6.19
CA TRP A 237 -3.25 29.16 -6.53
C TRP A 237 -4.62 28.61 -6.23
N LYS A 238 -5.06 27.72 -7.11
CA LYS A 238 -6.42 27.26 -7.16
C LYS A 238 -6.44 25.75 -7.11
N VAL A 239 -7.52 25.20 -6.58
CA VAL A 239 -7.81 23.78 -6.69
C VAL A 239 -9.24 23.64 -7.19
N ARG A 240 -9.40 22.93 -8.30
CA ARG A 240 -10.64 22.97 -9.07
C ARG A 240 -11.36 21.64 -8.98
N ASP A 241 -12.66 21.69 -8.69
CA ASP A 241 -13.52 20.52 -8.67
C ASP A 241 -13.00 19.45 -7.71
N VAL A 242 -13.01 19.84 -6.43
CA VAL A 242 -12.30 19.10 -5.39
C VAL A 242 -12.84 17.69 -5.21
N VAL A 243 -14.15 17.52 -5.30
CA VAL A 243 -14.75 16.26 -4.85
C VAL A 243 -15.02 15.28 -5.98
N SER A 244 -15.05 15.70 -7.23
CA SER A 244 -15.42 14.77 -8.29
C SER A 244 -14.21 14.11 -8.91
N ARG A 245 -13.10 14.83 -9.04
CA ARG A 245 -11.91 14.33 -9.74
C ARG A 245 -10.82 13.89 -8.78
N ASN A 246 -11.18 13.29 -7.65
CA ASN A 246 -10.17 12.83 -6.69
C ASN A 246 -10.62 11.53 -6.08
N HIS A 247 -9.77 10.51 -6.18
CA HIS A 247 -10.08 9.23 -5.59
C HIS A 247 -8.90 8.59 -4.86
N THR A 248 -7.69 9.10 -5.01
CA THR A 248 -6.51 8.54 -4.37
C THR A 248 -5.60 9.69 -3.99
N PRO A 249 -4.61 9.45 -3.13
CA PRO A 249 -3.65 10.51 -2.82
C PRO A 249 -2.81 10.91 -4.03
N ALA A 250 -1.91 11.85 -3.84
CA ALA A 250 -1.22 12.50 -4.94
C ALA A 250 0.24 12.09 -4.99
N GLN A 251 0.83 12.21 -6.18
CA GLN A 251 2.26 12.07 -6.32
C GLN A 251 2.87 13.08 -7.28
N ASN A 252 2.09 14.02 -7.81
CA ASN A 252 2.68 15.03 -8.68
C ASN A 252 3.73 15.78 -7.91
N VAL A 253 5.00 15.57 -8.20
CA VAL A 253 5.99 16.26 -7.41
C VAL A 253 6.19 17.64 -8.01
N GLU A 254 5.17 18.46 -7.84
CA GLU A 254 5.23 19.89 -8.10
C GLU A 254 4.49 20.68 -7.06
N LYS A 255 3.63 20.04 -6.25
CA LYS A 255 2.79 20.79 -5.34
C LYS A 255 3.06 20.42 -3.89
N PHE A 256 2.91 19.15 -3.52
CA PHE A 256 3.33 18.71 -2.20
C PHE A 256 3.46 17.18 -2.28
N CYS A 257 4.69 16.72 -2.45
CA CYS A 257 4.92 15.31 -2.76
C CYS A 257 4.61 14.46 -1.54
N TYR A 258 3.39 13.94 -1.49
CA TYR A 258 2.83 13.39 -0.27
C TYR A 258 2.94 11.87 -0.28
N THR A 259 3.38 11.29 0.84
CA THR A 259 3.51 9.85 0.96
C THR A 259 2.17 9.24 1.34
N ILE A 260 2.17 7.98 1.76
CA ILE A 260 0.93 7.23 1.87
C ILE A 260 0.42 7.14 3.29
N GLN A 261 1.17 6.50 4.18
CA GLN A 261 0.63 6.21 5.51
C GLN A 261 0.35 7.50 6.27
N ASN A 262 1.17 8.52 6.05
CA ASN A 262 0.81 9.81 6.61
C ASN A 262 -0.46 10.36 5.98
N ALA A 263 -0.76 9.98 4.74
CA ALA A 263 -2.02 10.41 4.16
C ALA A 263 -3.19 9.73 4.86
N LYS A 264 -3.06 8.44 5.15
CA LYS A 264 -4.15 7.80 5.87
C LYS A 264 -4.25 8.35 7.29
N TYR A 265 -3.13 8.74 7.89
CA TYR A 265 -3.17 9.57 9.08
C TYR A 265 -4.10 10.77 8.90
N MET A 266 -3.84 11.56 7.85
CA MET A 266 -4.58 12.80 7.67
C MET A 266 -6.07 12.56 7.51
N ILE A 267 -6.44 11.52 6.76
CA ILE A 267 -7.87 11.29 6.59
C ILE A 267 -8.48 10.81 7.89
N GLN A 268 -7.77 9.98 8.65
CA GLN A 268 -8.24 9.65 9.98
C GLN A 268 -8.47 10.91 10.81
N LEU A 269 -7.59 11.89 10.64
CA LEU A 269 -7.69 13.13 11.39
C LEU A 269 -9.00 13.84 11.11
N VAL A 270 -9.21 14.16 9.83
CA VAL A 270 -10.41 14.93 9.51
C VAL A 270 -11.65 14.15 9.88
N HIS A 271 -11.64 12.83 9.67
CA HIS A 271 -12.73 11.98 10.12
C HIS A 271 -13.04 12.20 11.59
N VAL A 272 -12.02 12.00 12.44
CA VAL A 272 -12.23 11.96 13.88
C VAL A 272 -12.44 13.33 14.50
N LEU A 273 -12.15 14.41 13.79
CA LEU A 273 -12.50 15.70 14.36
C LEU A 273 -13.77 16.28 13.77
N LEU A 274 -14.28 15.75 12.66
CA LEU A 274 -15.61 16.16 12.26
C LEU A 274 -16.69 15.27 12.85
N PHE A 275 -16.31 14.10 13.36
CA PHE A 275 -17.26 13.17 13.95
C PHE A 275 -18.28 13.80 14.89
N PRO A 276 -17.88 14.56 15.92
CA PRO A 276 -18.85 14.98 16.94
C PRO A 276 -19.84 16.03 16.47
N LEU A 277 -19.65 16.64 15.29
CA LEU A 277 -20.67 17.57 14.81
C LEU A 277 -21.95 16.87 14.40
N THR A 278 -21.84 15.69 13.79
CA THR A 278 -22.92 15.17 12.98
C THR A 278 -23.88 14.34 13.82
N ASP A 279 -24.80 13.67 13.14
CA ASP A 279 -25.92 13.00 13.78
C ASP A 279 -25.52 11.63 14.30
N ASN A 280 -26.51 10.78 14.58
CA ASN A 280 -26.33 9.56 15.35
C ASN A 280 -25.41 8.54 14.69
N LYS A 281 -25.18 7.43 15.39
CA LYS A 281 -24.28 6.38 14.94
C LYS A 281 -24.93 5.46 13.93
N GLY B 82 30.95 -3.87 29.34
CA GLY B 82 32.29 -4.08 29.86
C GLY B 82 32.45 -5.41 30.56
N GLY B 83 32.99 -5.38 31.78
CA GLY B 83 33.14 -6.59 32.56
C GLY B 83 31.81 -7.22 32.92
N SER B 84 31.86 -8.48 33.34
CA SER B 84 30.63 -9.22 33.57
C SER B 84 30.63 -9.90 34.93
N SER B 85 31.78 -9.96 35.59
CA SER B 85 31.83 -10.53 36.93
C SER B 85 31.99 -9.43 37.97
N ILE B 86 31.32 -9.61 39.10
CA ILE B 86 31.34 -8.65 40.19
C ILE B 86 32.14 -9.25 41.33
N THR B 87 33.30 -8.68 41.60
CA THR B 87 34.15 -9.12 42.71
C THR B 87 34.54 -7.87 43.46
N TYR B 88 33.74 -7.49 44.45
CA TYR B 88 34.02 -6.30 45.22
C TYR B 88 33.83 -6.62 46.68
N THR B 89 34.72 -6.10 47.52
CA THR B 89 34.58 -6.37 48.93
C THR B 89 35.27 -5.27 49.73
N SER B 90 35.00 -5.29 51.02
CA SER B 90 35.62 -4.35 51.95
C SER B 90 35.44 -4.91 53.35
N ASP B 91 35.97 -4.19 54.32
CA ASP B 91 35.91 -4.57 55.72
C ASP B 91 35.33 -3.43 56.53
N THR B 92 34.23 -2.88 56.05
CA THR B 92 33.51 -1.84 56.76
C THR B 92 32.15 -2.29 57.24
N THR B 93 31.62 -3.37 56.69
CA THR B 93 30.31 -3.83 57.06
C THR B 93 30.33 -4.50 58.43
N GLY B 94 29.17 -4.96 58.86
CA GLY B 94 29.05 -5.65 60.12
C GLY B 94 29.36 -7.12 60.01
N ASN B 95 28.98 -7.74 58.90
CA ASN B 95 29.11 -9.17 58.67
C ASN B 95 30.47 -9.68 59.11
N PRO B 96 30.53 -10.83 59.72
CA PRO B 96 31.81 -11.32 60.26
C PRO B 96 32.65 -12.02 59.22
N ARG B 97 33.77 -12.58 59.64
CA ARG B 97 34.53 -13.51 58.83
C ARG B 97 34.49 -14.87 59.50
N ILE B 98 34.45 -15.92 58.70
CA ILE B 98 34.18 -17.26 59.19
C ILE B 98 35.17 -18.23 58.58
N THR B 99 35.72 -19.13 59.41
CA THR B 99 36.51 -20.23 58.89
C THR B 99 36.08 -21.52 59.56
N ASN B 100 36.54 -22.64 59.02
CA ASN B 100 36.11 -23.96 59.45
C ASN B 100 37.28 -24.79 59.91
N ALA B 101 36.94 -25.90 60.56
CA ALA B 101 37.92 -26.93 60.88
C ALA B 101 37.23 -28.24 61.21
N ARG B 102 37.57 -29.29 60.46
CA ARG B 102 37.15 -30.65 60.80
C ARG B 102 38.19 -31.19 61.77
N THR B 103 38.12 -30.72 63.00
CA THR B 103 39.07 -31.08 64.04
C THR B 103 38.31 -31.48 65.29
N ASN B 104 38.65 -32.66 65.82
CA ASN B 104 37.99 -33.14 67.03
C ASN B 104 38.93 -33.79 68.03
N ASN B 105 40.24 -33.75 67.80
CA ASN B 105 41.20 -34.38 68.69
C ASN B 105 41.76 -33.43 69.74
N ASP B 106 41.43 -32.15 69.66
CA ASP B 106 41.88 -31.16 70.63
C ASP B 106 40.93 -29.97 70.53
N GLU B 107 41.29 -28.87 71.19
CA GLU B 107 40.53 -27.63 71.06
C GLU B 107 41.32 -26.56 70.31
N THR B 108 42.46 -26.13 70.85
CA THR B 108 43.43 -25.27 70.16
C THR B 108 42.73 -24.11 69.45
N HIS B 109 41.54 -23.74 69.92
CA HIS B 109 40.77 -22.69 69.28
C HIS B 109 40.13 -21.73 70.26
N ALA B 110 40.12 -22.03 71.55
CA ALA B 110 39.61 -21.12 72.57
C ALA B 110 40.73 -20.88 73.57
N THR B 111 41.26 -19.66 73.56
CA THR B 111 42.43 -19.33 74.36
C THR B 111 42.24 -17.98 75.01
N GLY B 112 42.69 -17.84 76.24
CA GLY B 112 42.64 -16.56 76.92
C GLY B 112 42.65 -16.68 78.43
N PRO B 113 42.77 -15.55 79.11
CA PRO B 113 42.78 -15.56 80.57
C PRO B 113 41.42 -15.31 81.19
N ILE B 114 41.11 -16.02 82.27
CA ILE B 114 39.88 -15.75 83.00
C ILE B 114 40.00 -14.39 83.69
N GLU B 115 38.93 -13.60 83.64
CA GLU B 115 38.90 -12.33 84.31
C GLU B 115 37.82 -12.22 85.36
N ASP B 116 37.00 -13.25 85.53
CA ASP B 116 35.91 -13.23 86.49
C ASP B 116 35.29 -14.61 86.57
N LEU B 117 34.77 -15.00 87.75
CA LEU B 117 34.26 -16.35 87.90
C LEU B 117 33.06 -16.59 86.99
N ASN B 118 32.60 -15.55 86.30
CA ASN B 118 31.59 -15.68 85.27
C ASN B 118 32.15 -15.53 83.87
N SER B 119 33.46 -15.50 83.72
CA SER B 119 34.04 -15.35 82.39
C SER B 119 33.73 -16.58 81.56
N THR B 120 33.42 -16.34 80.29
CA THR B 120 32.95 -17.39 79.40
C THR B 120 33.86 -17.61 78.21
N SER B 121 34.95 -16.84 78.11
CA SER B 121 35.89 -16.97 77.02
C SER B 121 37.30 -17.04 77.59
N HIS B 122 37.68 -18.23 78.01
CA HIS B 122 39.04 -18.49 78.44
C HIS B 122 39.59 -19.67 77.66
N GLY B 123 40.74 -20.18 78.07
CA GLY B 123 41.23 -21.39 77.48
C GLY B 123 40.52 -22.58 78.07
N ARG B 124 41.27 -23.63 78.40
CA ARG B 124 40.68 -24.81 79.02
C ARG B 124 41.57 -25.24 80.17
N GLU B 125 40.94 -25.52 81.30
CA GLU B 125 41.71 -26.03 82.42
C GLU B 125 41.49 -27.52 82.55
N PRO B 126 42.41 -28.24 83.17
CA PRO B 126 42.25 -29.68 83.30
C PRO B 126 41.11 -30.05 84.24
N GLU B 127 40.96 -31.34 84.52
CA GLU B 127 39.85 -31.83 85.33
C GLU B 127 40.39 -32.89 86.28
N ILE B 128 39.50 -33.35 87.16
CA ILE B 128 39.84 -34.36 88.15
C ILE B 128 40.40 -35.59 87.46
N GLU B 129 41.49 -36.14 87.98
CA GLU B 129 42.14 -37.31 87.40
C GLU B 129 41.38 -38.56 87.84
N SER B 130 40.55 -39.07 86.97
CA SER B 130 39.69 -40.21 87.30
C SER B 130 40.39 -41.52 86.91
N PHE B 131 39.66 -42.63 86.93
CA PHE B 131 40.20 -43.97 86.74
C PHE B 131 39.29 -44.75 85.80
N ALA B 132 39.44 -46.08 85.81
CA ALA B 132 38.86 -46.92 84.77
C ALA B 132 37.34 -47.01 84.88
N ASP B 133 36.83 -47.47 86.02
CA ASP B 133 35.40 -47.73 86.24
C ASP B 133 34.75 -48.38 85.03
N ARG B 134 35.19 -49.59 84.71
CA ARG B 134 34.72 -50.31 83.54
C ARG B 134 33.80 -51.45 83.97
N ALA B 135 32.58 -51.46 83.44
CA ALA B 135 31.65 -52.57 83.65
C ALA B 135 30.73 -52.64 82.43
N GLU B 136 31.11 -53.49 81.47
CA GLU B 136 30.32 -53.64 80.26
C GLU B 136 29.02 -54.37 80.60
N LEU B 137 28.13 -54.48 79.60
CA LEU B 137 26.82 -55.09 79.78
C LEU B 137 26.72 -56.18 78.71
N ALA B 138 27.26 -57.35 78.99
CA ALA B 138 27.51 -58.28 77.90
C ALA B 138 27.16 -59.73 78.23
N MET B 139 25.96 -59.99 78.76
CA MET B 139 25.43 -61.35 78.78
C MET B 139 26.33 -62.30 79.58
N MET B 140 26.22 -62.19 80.91
CA MET B 140 26.98 -63.02 81.86
C MET B 140 28.45 -62.61 81.93
N ILE B 141 28.68 -61.33 82.20
CA ILE B 141 29.99 -60.89 82.65
C ILE B 141 30.12 -61.14 84.15
N GLN B 142 31.36 -61.27 84.62
CA GLN B 142 31.58 -61.70 86.00
C GLN B 142 31.90 -60.51 86.91
N GLY B 143 32.27 -60.81 88.14
CA GLY B 143 32.27 -59.87 89.24
C GLY B 143 33.31 -58.76 89.22
N MET B 144 34.58 -59.10 89.42
CA MET B 144 35.66 -58.12 89.47
C MET B 144 35.34 -57.01 90.49
N THR B 145 35.32 -57.42 91.75
CA THR B 145 34.83 -56.57 92.82
C THR B 145 35.92 -55.88 93.62
N VAL B 146 37.01 -56.56 93.91
CA VAL B 146 38.00 -56.00 94.84
C VAL B 146 38.80 -54.89 94.23
N GLY B 147 38.89 -54.82 92.90
CA GLY B 147 39.71 -53.82 92.26
C GLY B 147 39.13 -52.42 92.29
N ALA B 148 37.86 -52.29 91.91
CA ALA B 148 37.26 -50.98 91.72
C ALA B 148 36.93 -50.31 93.05
N LEU B 149 36.20 -49.21 92.98
CA LEU B 149 35.84 -48.40 94.14
C LEU B 149 37.10 -47.91 94.87
N THR B 150 37.84 -47.05 94.20
CA THR B 150 38.98 -46.42 94.84
C THR B 150 38.57 -45.12 95.51
N VAL B 151 39.47 -44.57 96.32
CA VAL B 151 39.16 -43.36 97.06
C VAL B 151 39.21 -42.11 96.19
N GLN B 152 39.79 -42.20 95.01
CA GLN B 152 39.75 -41.10 94.06
C GLN B 152 38.47 -41.17 93.25
N PRO B 153 37.89 -40.04 92.91
CA PRO B 153 36.63 -40.05 92.17
C PRO B 153 36.76 -40.75 90.83
N MET B 154 35.65 -41.30 90.36
CA MET B 154 35.63 -42.06 89.11
C MET B 154 34.60 -41.47 88.15
N ARG B 155 34.48 -42.10 86.99
CA ARG B 155 33.68 -41.56 85.89
C ARG B 155 32.46 -42.42 85.61
N SER B 156 31.73 -42.00 84.58
CA SER B 156 30.58 -42.73 84.07
C SER B 156 31.00 -43.62 82.90
N ILE B 157 30.02 -44.11 82.15
CA ILE B 157 30.30 -45.01 81.04
C ILE B 157 30.78 -44.25 79.82
N ARG B 158 29.94 -43.35 79.30
CA ARG B 158 30.32 -42.49 78.18
C ARG B 158 30.70 -43.26 76.92
N SER B 159 29.72 -43.87 76.27
CA SER B 159 29.96 -44.61 75.03
C SER B 159 30.60 -43.75 73.95
N THR B 160 31.06 -44.38 72.86
CA THR B 160 31.95 -43.74 71.89
C THR B 160 31.39 -43.87 70.47
N PHE B 161 30.86 -42.78 69.92
CA PHE B 161 30.53 -42.74 68.50
C PHE B 161 30.98 -41.49 67.76
N ALA B 162 31.12 -40.34 68.43
CA ALA B 162 31.61 -39.05 67.93
C ALA B 162 30.60 -38.26 67.11
N ASN B 163 29.56 -38.88 66.54
CA ASN B 163 28.40 -38.20 65.97
C ASN B 163 28.69 -36.91 65.18
N LEU B 164 29.56 -37.00 64.19
CA LEU B 164 29.97 -35.94 63.26
C LEU B 164 30.30 -34.59 63.88
N ALA B 165 31.43 -34.47 64.58
CA ALA B 165 31.80 -33.20 65.22
C ALA B 165 32.63 -32.30 64.29
N ASN B 166 32.33 -31.00 64.32
CA ASN B 166 33.06 -30.02 63.52
C ASN B 166 33.12 -28.70 64.26
N VAL B 167 34.02 -27.81 63.82
CA VAL B 167 34.31 -26.57 64.53
C VAL B 167 34.19 -25.40 63.57
N LEU B 168 33.42 -24.39 63.97
CA LEU B 168 33.38 -23.10 63.31
C LEU B 168 34.18 -22.08 64.11
N ILE B 169 34.84 -21.17 63.41
CA ILE B 169 35.67 -20.16 64.03
C ILE B 169 35.26 -18.79 63.50
N PHE B 170 34.84 -17.92 64.42
CA PHE B 170 34.30 -16.62 64.10
C PHE B 170 35.34 -15.55 64.39
N HIS B 171 35.72 -14.81 63.35
CA HIS B 171 36.66 -13.70 63.45
C HIS B 171 35.92 -12.40 63.19
N ASP B 172 36.17 -11.39 64.01
CA ASP B 172 35.74 -10.04 63.69
C ASP B 172 36.89 -9.34 62.96
N VAL B 173 36.79 -8.03 62.80
CA VAL B 173 37.63 -7.33 61.82
C VAL B 173 38.68 -6.44 62.46
N PHE B 174 38.33 -5.65 63.47
CA PHE B 174 39.18 -4.56 63.87
C PHE B 174 40.17 -4.94 64.97
N THR B 175 41.15 -4.06 65.14
CA THR B 175 42.35 -4.30 65.93
C THR B 175 42.56 -3.16 66.92
N THR B 176 43.71 -3.17 67.56
CA THR B 176 44.05 -2.27 68.64
C THR B 176 45.22 -1.36 68.26
N GLU B 177 45.58 -0.49 69.19
CA GLU B 177 46.80 0.30 69.13
C GLU B 177 46.91 1.06 70.45
N ASP B 178 48.10 1.55 70.73
CA ASP B 178 48.41 2.00 72.08
C ASP B 178 48.53 3.51 72.23
N LYS B 179 49.18 4.17 71.31
CA LYS B 179 49.29 5.60 71.59
C LYS B 179 48.02 6.30 71.18
N PRO B 180 47.61 7.33 71.90
CA PRO B 180 46.38 8.04 71.56
C PRO B 180 46.27 8.46 70.11
N SER B 181 47.25 9.21 69.61
CA SER B 181 47.27 9.69 68.22
C SER B 181 46.00 10.50 67.91
N ALA B 182 45.92 11.64 68.56
CA ALA B 182 44.73 12.46 68.55
C ALA B 182 44.47 13.05 67.17
N PHE B 183 43.35 13.77 67.05
CA PHE B 183 43.01 14.49 65.82
C PHE B 183 43.49 15.92 65.90
N ILE B 184 43.05 16.65 66.88
CA ILE B 184 43.46 18.03 67.07
C ILE B 184 44.51 18.07 68.17
N GLU B 185 45.51 18.93 68.01
CA GLU B 185 46.55 19.00 69.02
C GLU B 185 46.94 20.45 69.23
N TYR B 186 47.41 20.76 70.43
CA TYR B 186 48.00 22.06 70.69
C TYR B 186 49.28 22.22 69.90
N HIS B 187 49.55 23.44 69.43
CA HIS B 187 50.92 23.76 69.10
C HIS B 187 51.14 25.23 69.42
N SER B 188 52.38 25.56 69.74
CA SER B 188 52.69 26.81 70.41
C SER B 188 53.68 27.62 69.60
N ASP B 189 53.84 28.87 70.01
CA ASP B 189 54.98 29.67 69.59
C ASP B 189 55.11 30.88 70.50
N GLU B 190 56.33 31.39 70.57
CA GLU B 190 56.73 32.39 71.55
C GLU B 190 57.08 33.68 70.83
N MET B 191 57.20 34.76 71.61
CA MET B 191 57.41 36.08 71.04
C MET B 191 58.77 36.68 71.35
N ILE B 192 59.54 36.07 72.24
CA ILE B 192 60.82 36.62 72.65
C ILE B 192 61.91 35.69 72.16
N VAL B 193 62.94 36.27 71.55
CA VAL B 193 63.96 35.46 70.88
C VAL B 193 64.92 34.84 71.91
N ASN B 194 65.17 35.55 73.00
CA ASN B 194 65.97 35.06 74.10
C ASN B 194 65.17 35.19 75.38
N MET B 195 64.89 34.08 76.03
CA MET B 195 63.95 34.11 77.14
C MET B 195 64.64 33.71 78.43
N PRO B 196 64.08 34.09 79.57
CA PRO B 196 64.63 33.64 80.85
C PRO B 196 64.74 32.12 80.88
N LYS B 197 65.79 31.64 81.54
CA LYS B 197 66.03 30.22 81.56
C LYS B 197 64.97 29.51 82.39
N GLN B 198 64.88 28.20 82.20
CA GLN B 198 63.94 27.37 82.92
C GLN B 198 64.52 26.99 84.27
N THR B 199 63.68 27.09 85.30
CA THR B 199 64.08 26.79 86.67
C THR B 199 63.22 25.64 87.18
N TYR B 200 63.64 24.43 86.88
CA TYR B 200 62.95 23.25 87.40
C TYR B 200 63.96 22.12 87.47
N ASN B 201 64.53 21.93 88.63
CA ASN B 201 65.32 20.74 88.85
C ASN B 201 64.57 19.82 89.80
N PRO B 202 63.79 18.89 89.28
CA PRO B 202 63.18 17.87 90.13
C PRO B 202 64.26 16.89 90.56
N ILE B 203 63.87 15.95 91.42
CA ILE B 203 64.84 15.05 92.01
C ILE B 203 64.44 13.60 91.76
N ASP B 204 63.15 13.34 91.62
CA ASP B 204 62.59 12.01 91.86
C ASP B 204 62.17 11.27 90.59
N ASN B 205 62.28 11.90 89.42
CA ASN B 205 61.94 11.28 88.14
C ASN B 205 60.43 11.14 87.99
N LEU B 206 59.70 11.31 89.08
CA LEU B 206 58.26 11.28 88.99
C LEU B 206 57.77 12.56 88.35
N ALA B 207 58.20 13.69 88.91
CA ALA B 207 57.85 14.97 88.33
C ALA B 207 58.28 15.03 86.87
N LYS B 208 59.46 14.52 86.57
CA LYS B 208 59.93 14.48 85.20
C LYS B 208 58.92 13.75 84.32
N ILE B 209 58.74 12.46 84.57
CA ILE B 209 57.87 11.64 83.72
C ILE B 209 56.49 12.26 83.61
N LEU B 210 56.00 12.84 84.69
CA LEU B 210 54.61 13.27 84.71
C LEU B 210 54.40 14.58 83.97
N TYR B 211 55.06 15.65 84.38
CA TYR B 211 54.80 16.95 83.77
C TYR B 211 56.08 17.68 83.43
N LEU B 212 57.02 17.00 82.80
CA LEU B 212 58.04 17.80 82.15
C LEU B 212 57.56 18.27 80.77
N PRO B 213 56.99 17.40 79.94
CA PRO B 213 56.64 17.85 78.57
C PRO B 213 55.63 18.98 78.52
N SER B 214 54.54 18.88 79.29
CA SER B 214 53.57 19.97 79.30
C SER B 214 54.23 21.26 79.74
N LEU B 215 54.98 21.21 80.84
CA LEU B 215 55.69 22.36 81.36
C LEU B 215 56.65 22.91 80.31
N GLU B 216 57.04 22.08 79.36
CA GLU B 216 57.83 22.55 78.24
C GLU B 216 56.95 23.26 77.22
N LYS B 217 55.74 22.75 77.00
CA LYS B 217 54.89 23.29 75.94
C LYS B 217 54.43 24.70 76.29
N PHE B 218 53.69 24.83 77.37
CA PHE B 218 53.17 26.12 77.80
C PHE B 218 54.28 26.84 78.56
N LYS B 219 55.45 26.93 77.93
CA LYS B 219 56.65 27.38 78.60
C LYS B 219 56.48 28.81 79.06
N TYR B 220 57.45 29.30 79.83
CA TYR B 220 57.44 30.71 80.12
C TYR B 220 57.59 31.46 78.82
N GLY B 221 56.96 32.62 78.72
CA GLY B 221 57.22 33.49 77.60
C GLY B 221 56.72 32.96 76.27
N THR B 222 55.67 32.16 76.28
CA THR B 222 55.01 31.95 75.01
C THR B 222 54.27 33.22 74.62
N GLY B 223 53.69 33.19 73.44
CA GLY B 223 53.00 34.29 72.83
C GLY B 223 51.65 33.88 72.32
N ILE B 224 51.53 32.63 71.86
CA ILE B 224 50.22 32.05 71.54
C ILE B 224 50.33 30.54 71.50
N VAL B 225 49.41 29.88 72.19
CA VAL B 225 49.19 28.45 72.06
C VAL B 225 47.84 28.28 71.39
N GLN B 226 47.82 27.49 70.34
CA GLN B 226 46.77 27.55 69.34
C GLN B 226 46.43 26.13 68.91
N LEU B 227 45.17 25.93 68.54
CA LEU B 227 44.73 24.64 68.08
C LEU B 227 45.15 24.42 66.64
N ASN B 228 45.23 23.15 66.25
CA ASN B 228 45.66 22.83 64.90
C ASN B 228 45.41 21.36 64.64
N TYR B 229 45.24 21.03 63.37
CA TYR B 229 45.10 19.64 62.96
C TYR B 229 46.41 18.90 63.15
N SER B 230 46.30 17.64 63.51
CA SER B 230 47.49 16.80 63.64
C SER B 230 48.04 16.52 62.26
N PRO B 231 49.21 15.90 62.15
CA PRO B 231 49.55 15.21 60.91
C PRO B 231 48.49 14.19 60.56
N HIS B 232 48.62 13.69 59.34
CA HIS B 232 47.68 12.78 58.66
C HIS B 232 46.43 13.52 58.20
N ILE B 233 46.17 14.69 58.76
CA ILE B 233 44.99 15.42 58.34
C ILE B 233 45.48 16.52 57.42
N SER B 234 46.48 17.26 57.87
CA SER B 234 47.21 18.14 56.98
C SER B 234 47.74 17.32 55.81
N LYS B 235 47.97 16.03 56.04
CA LYS B 235 48.34 15.14 54.95
C LYS B 235 47.16 14.87 54.05
N LEU B 236 45.99 14.56 54.63
CA LEU B 236 44.81 14.36 53.79
C LEU B 236 44.45 15.58 52.96
N TYR B 237 44.83 16.79 53.36
CA TYR B 237 44.62 17.92 52.47
C TYR B 237 45.48 17.75 51.23
N GLN B 238 44.92 18.07 50.07
CA GLN B 238 45.46 17.45 48.85
C GLN B 238 46.75 18.10 48.36
N ASN B 239 46.76 19.38 47.95
CA ASN B 239 45.68 20.35 47.97
C ASN B 239 44.97 20.45 46.62
N THR B 240 45.63 20.01 45.55
CA THR B 240 45.07 20.12 44.22
C THR B 240 43.82 19.25 44.09
N ASN B 241 43.14 19.38 42.95
CA ASN B 241 41.88 18.68 42.74
C ASN B 241 42.12 17.25 42.27
N ASN B 242 41.31 16.33 42.76
CA ASN B 242 41.45 14.94 42.36
C ASN B 242 40.12 14.23 42.13
N ILE B 243 39.03 14.80 42.65
CA ILE B 243 37.74 14.13 42.66
C ILE B 243 36.67 14.92 41.92
N ILE B 244 36.85 16.21 41.73
CA ILE B 244 35.85 17.02 41.05
C ILE B 244 36.46 17.67 39.82
N ASN B 245 36.20 17.07 38.66
CA ASN B 245 36.82 17.51 37.42
C ASN B 245 36.21 18.82 36.97
N THR B 246 36.68 19.92 37.52
CA THR B 246 36.23 21.23 37.11
C THR B 246 37.43 22.09 36.81
N ILE B 247 37.32 22.89 35.75
CA ILE B 247 38.38 23.80 35.36
C ILE B 247 38.27 25.03 36.24
N THR B 248 39.19 25.16 37.19
CA THR B 248 39.12 26.21 38.19
C THR B 248 40.39 27.04 38.17
N ASP B 249 40.37 28.11 38.95
CA ASP B 249 41.39 29.15 38.93
C ASP B 249 41.97 29.25 40.34
N GLY B 250 43.01 28.49 40.62
CA GLY B 250 43.55 28.47 41.97
C GLY B 250 42.83 27.46 42.84
N ILE B 251 42.38 27.89 44.01
CA ILE B 251 41.80 27.00 45.00
C ILE B 251 40.52 27.63 45.52
N THR B 252 39.40 26.91 45.43
CA THR B 252 38.11 27.52 45.79
C THR B 252 37.08 26.43 46.11
N TYR B 253 36.86 26.20 47.41
CA TYR B 253 35.74 25.38 47.88
C TYR B 253 35.84 23.94 47.40
N ALA B 254 36.67 23.70 46.40
CA ALA B 254 36.69 22.38 45.80
C ALA B 254 37.63 21.47 46.56
N ASN B 255 38.81 22.00 46.87
CA ASN B 255 39.70 21.27 47.75
C ASN B 255 39.09 21.08 49.11
N ARG B 256 38.30 22.05 49.59
CA ARG B 256 37.62 21.86 50.85
C ARG B 256 36.64 20.70 50.78
N THR B 257 35.79 20.67 49.75
CA THR B 257 34.86 19.56 49.62
C THR B 257 35.59 18.24 49.55
N GLU B 258 36.61 18.17 48.69
CA GLU B 258 37.38 16.95 48.52
C GLU B 258 37.99 16.51 49.84
N PHE B 259 38.55 17.45 50.59
CA PHE B 259 39.16 17.15 51.87
C PHE B 259 38.14 16.59 52.84
N PHE B 260 36.96 17.21 52.88
CA PHE B 260 35.89 16.68 53.72
C PHE B 260 35.58 15.24 53.35
N ILE B 261 35.41 14.97 52.06
CA ILE B 261 35.06 13.61 51.66
C ILE B 261 36.10 12.63 52.15
N ARG B 262 37.38 12.96 51.96
CA ARG B 262 38.38 11.94 52.25
C ARG B 262 38.56 11.74 53.74
N VAL B 263 38.53 12.80 54.54
CA VAL B 263 38.62 12.56 55.99
C VAL B 263 37.38 11.82 56.47
N MET B 264 36.22 12.10 55.87
CA MET B 264 35.01 11.39 56.23
C MET B 264 35.17 9.91 55.97
N VAL B 265 35.60 9.54 54.77
CA VAL B 265 35.67 8.14 54.40
C VAL B 265 36.77 7.47 55.20
N LEU B 266 37.74 8.26 55.67
CA LEU B 266 38.72 7.69 56.57
C LEU B 266 38.04 7.27 57.86
N MET B 267 37.35 8.21 58.50
CA MET B 267 36.78 7.92 59.81
C MET B 267 35.67 6.89 59.74
N MET B 268 34.95 6.82 58.63
CA MET B 268 33.95 5.78 58.49
C MET B 268 34.58 4.41 58.57
N MET B 269 35.77 4.27 57.99
CA MET B 269 36.51 3.02 58.06
C MET B 269 37.34 2.98 59.33
N ASP B 270 38.22 1.98 59.42
CA ASP B 270 39.27 1.94 60.42
C ASP B 270 38.78 1.99 61.86
N ARG B 271 38.12 0.93 62.30
CA ARG B 271 37.85 0.78 63.72
C ARG B 271 39.13 0.48 64.48
N LYS B 272 39.25 1.08 65.67
CA LYS B 272 40.35 0.79 66.58
C LYS B 272 39.82 0.87 67.99
N ILE B 273 40.45 0.13 68.90
CA ILE B 273 40.14 0.23 70.32
C ILE B 273 41.43 0.39 71.10
N LEU B 274 41.39 1.25 72.09
CA LEU B 274 42.58 1.78 72.72
C LEU B 274 43.02 0.89 73.87
N THR B 275 44.30 0.55 73.90
CA THR B 275 44.87 -0.21 75.00
C THR B 275 46.08 0.56 75.53
N MET B 276 46.07 0.82 76.82
CA MET B 276 47.12 1.63 77.43
C MET B 276 47.82 0.82 78.51
N GLU B 277 48.69 1.50 79.26
CA GLU B 277 49.52 0.86 80.28
C GLU B 277 49.67 1.84 81.41
N PHE B 278 49.65 1.35 82.64
CA PHE B 278 49.59 2.24 83.79
C PHE B 278 50.84 2.14 84.65
N TYR B 279 50.87 2.94 85.71
CA TYR B 279 52.01 2.96 86.62
C TYR B 279 51.62 2.45 88.01
N ASP B 280 52.18 3.07 89.04
CA ASP B 280 51.90 2.69 90.41
C ASP B 280 52.07 3.85 91.38
N VAL B 281 51.77 5.06 90.89
CA VAL B 281 51.89 6.26 91.71
C VAL B 281 51.11 6.13 93.01
N ASP B 282 51.76 6.48 94.12
CA ASP B 282 51.13 6.41 95.43
C ASP B 282 50.47 7.73 95.81
N THR B 283 51.19 8.56 96.55
CA THR B 283 50.67 9.85 96.98
C THR B 283 51.67 10.97 96.67
N SER B 284 52.72 10.63 95.92
CA SER B 284 53.73 11.60 95.55
C SER B 284 53.12 12.82 94.87
N ALA B 285 52.02 12.60 94.15
CA ALA B 285 51.34 13.68 93.44
C ALA B 285 50.42 14.35 94.46
N ILE B 286 50.97 15.30 95.19
CA ILE B 286 50.35 15.80 96.41
C ILE B 286 49.57 17.07 96.09
N SER B 287 48.49 17.27 96.86
CA SER B 287 47.71 18.50 96.87
C SER B 287 46.97 18.73 95.56
N ASN B 288 47.19 17.87 94.58
CA ASN B 288 46.53 17.98 93.29
C ASN B 288 45.46 16.90 93.23
N THR B 289 44.24 17.25 93.60
CA THR B 289 43.12 16.33 93.42
C THR B 289 42.97 15.94 91.97
N ALA B 290 43.54 16.72 91.06
CA ALA B 290 43.38 16.47 89.63
C ALA B 290 44.08 15.20 89.18
N ILE B 291 44.90 14.58 90.03
CA ILE B 291 45.71 13.45 89.61
C ILE B 291 45.36 12.24 90.47
N LEU B 292 44.81 11.22 89.84
CA LEU B 292 44.49 9.99 90.52
C LEU B 292 45.77 9.20 90.74
N PRO B 293 45.74 8.16 91.57
CA PRO B 293 46.98 7.44 91.88
C PRO B 293 47.44 6.47 90.82
N THR B 294 46.88 6.49 89.61
CA THR B 294 47.27 5.52 88.60
C THR B 294 47.32 6.21 87.24
N ILE B 295 48.51 6.33 86.69
CA ILE B 295 48.74 7.21 85.54
C ILE B 295 49.00 6.37 84.30
N PRO B 296 48.54 6.79 83.13
CA PRO B 296 49.00 6.16 81.90
C PRO B 296 50.44 6.54 81.65
N THR B 297 51.19 5.58 81.09
CA THR B 297 52.61 5.81 80.84
C THR B 297 52.81 6.98 79.89
N THR B 298 52.24 6.90 78.70
CA THR B 298 52.40 7.96 77.73
C THR B 298 51.68 9.20 78.21
N THR B 299 52.44 10.27 78.45
CA THR B 299 51.90 11.47 79.04
C THR B 299 51.04 12.24 78.03
N GLY B 300 50.56 13.39 78.45
CA GLY B 300 49.84 14.29 77.57
C GLY B 300 50.21 15.73 77.89
N VAL B 301 49.63 16.68 77.17
CA VAL B 301 49.91 18.09 77.40
C VAL B 301 48.61 18.78 77.79
N SER B 302 48.68 19.63 78.79
CA SER B 302 47.52 20.33 79.31
C SER B 302 47.92 21.33 80.36
N PRO B 303 47.14 22.39 80.56
CA PRO B 303 47.42 23.29 81.69
C PRO B 303 47.27 22.61 83.03
N LEU B 304 46.35 21.65 83.12
CA LEU B 304 46.12 20.94 84.37
C LEU B 304 47.38 20.30 84.91
N LEU B 305 48.31 19.94 84.04
CA LEU B 305 49.58 19.39 84.49
C LEU B 305 50.61 20.48 84.75
N ARG B 306 50.35 21.70 84.30
CA ARG B 306 51.26 22.80 84.54
C ARG B 306 50.99 23.47 85.88
N ILE B 307 49.76 23.38 86.36
CA ILE B 307 49.31 24.21 87.49
C ILE B 307 50.21 24.07 88.70
N ASP B 308 50.63 22.85 89.01
CA ASP B 308 51.19 22.59 90.34
C ASP B 308 52.48 23.34 90.59
N THR B 309 53.36 23.43 89.60
CA THR B 309 54.69 23.99 89.85
C THR B 309 54.67 25.51 89.88
N ARG B 310 55.85 26.12 89.82
CA ARG B 310 55.97 27.57 89.96
C ARG B 310 56.76 28.09 88.77
N THR B 311 56.10 28.89 87.93
CA THR B 311 56.57 29.24 86.60
C THR B 311 56.09 30.62 86.20
N GLU B 312 55.94 30.81 84.89
CA GLU B 312 55.30 31.95 84.25
C GLU B 312 54.02 32.30 84.99
N PRO B 313 53.53 33.53 84.86
CA PRO B 313 52.93 34.23 86.00
C PRO B 313 52.14 33.37 86.98
N ILE B 314 52.52 33.49 88.24
CA ILE B 314 51.79 32.91 89.34
C ILE B 314 50.34 33.34 89.17
N TRP B 315 50.18 34.55 88.64
CA TRP B 315 48.91 34.99 88.09
C TRP B 315 48.20 33.91 87.27
N TYR B 316 48.93 33.30 86.33
CA TYR B 316 48.28 32.36 85.41
C TYR B 316 47.74 31.14 86.14
N ASN B 317 48.55 30.56 87.01
CA ASN B 317 48.08 29.42 87.78
C ASN B 317 46.90 29.80 88.65
N ASP B 318 46.99 30.96 89.30
CA ASP B 318 45.87 31.43 90.10
C ASP B 318 44.59 31.51 89.27
N ALA B 319 44.70 32.04 88.06
CA ALA B 319 43.50 32.23 87.24
C ALA B 319 42.94 30.90 86.78
N ILE B 320 43.80 30.01 86.28
CA ILE B 320 43.33 28.69 85.86
C ILE B 320 42.62 28.00 87.00
N LYS B 321 43.23 28.02 88.18
CA LYS B 321 42.66 27.31 89.32
C LYS B 321 41.31 27.90 89.70
N THR B 322 41.24 29.22 89.88
CA THR B 322 39.97 29.84 90.21
C THR B 322 38.93 29.63 89.12
N LEU B 323 39.36 29.36 87.89
CA LEU B 323 38.41 29.09 86.83
C LEU B 323 37.86 27.68 86.90
N ILE B 324 38.72 26.71 87.22
CA ILE B 324 38.36 25.30 87.10
C ILE B 324 37.91 24.70 88.42
N THR B 325 37.97 25.44 89.52
CA THR B 325 37.71 24.87 90.83
C THR B 325 36.28 24.37 90.96
N ASN B 326 35.44 24.71 89.98
CA ASN B 326 34.07 24.22 89.95
C ASN B 326 33.91 22.96 89.10
N LEU B 327 34.69 22.84 88.03
CA LEU B 327 34.52 21.75 87.09
C LEU B 327 34.97 20.43 87.72
N THR B 328 34.71 19.34 86.99
CA THR B 328 35.10 18.01 87.44
C THR B 328 36.19 17.50 86.49
N ILE B 329 37.43 17.79 86.83
CA ILE B 329 38.58 17.36 86.06
C ILE B 329 39.32 16.30 86.85
N GLN B 330 39.98 15.40 86.14
CA GLN B 330 40.77 14.34 86.77
C GLN B 330 41.93 14.03 85.83
N TYR B 331 42.56 12.89 86.07
CA TYR B 331 43.65 12.40 85.24
C TYR B 331 43.96 10.99 85.70
N GLY B 332 44.30 10.12 84.76
CA GLY B 332 44.54 8.74 85.09
C GLY B 332 43.25 7.99 85.29
N LYS B 333 43.40 6.73 85.71
CA LYS B 333 42.24 5.84 85.79
C LYS B 333 41.28 6.31 86.86
N ILE B 334 40.02 6.46 86.49
CA ILE B 334 38.98 6.86 87.44
C ILE B 334 38.49 5.63 88.19
N LYS B 335 37.88 4.71 87.45
CA LYS B 335 37.29 3.51 88.00
C LYS B 335 37.38 2.42 86.95
N THR B 336 36.85 1.26 87.29
CA THR B 336 36.78 0.16 86.35
C THR B 336 35.48 -0.61 86.56
N VAL B 337 34.80 -0.91 85.46
CA VAL B 337 33.60 -1.72 85.49
C VAL B 337 33.71 -2.78 84.43
N LEU B 338 33.33 -4.00 84.76
CA LEU B 338 33.32 -5.08 83.80
C LEU B 338 31.90 -5.17 83.26
N ASP B 339 31.78 -5.12 81.94
CA ASP B 339 30.47 -5.11 81.33
C ASP B 339 29.79 -6.46 81.55
N ALA B 340 28.46 -6.42 81.62
CA ALA B 340 27.67 -7.62 81.82
C ALA B 340 27.30 -8.31 80.53
N ASN B 341 27.13 -7.56 79.44
CA ASN B 341 26.81 -8.18 78.15
C ASN B 341 27.94 -9.12 77.72
N ALA B 342 29.16 -8.83 78.14
CA ALA B 342 30.27 -9.74 77.94
C ALA B 342 31.33 -9.36 78.97
N VAL B 343 31.71 -10.32 79.79
CA VAL B 343 32.50 -10.04 80.97
C VAL B 343 33.97 -9.86 80.56
N LYS B 344 34.39 -8.60 80.43
CA LYS B 344 35.78 -8.27 80.12
C LYS B 344 36.08 -6.92 80.74
N ARG B 345 37.07 -6.86 81.61
CA ARG B 345 37.37 -5.62 82.30
C ARG B 345 37.87 -4.57 81.32
N TYR B 346 37.22 -3.41 81.31
CA TYR B 346 37.82 -2.24 80.68
C TYR B 346 38.07 -1.20 81.74
N SER B 347 38.46 0.01 81.35
CA SER B 347 38.81 1.03 82.33
C SER B 347 38.57 2.41 81.74
N VAL B 348 37.79 3.21 82.46
CA VAL B 348 37.56 4.59 82.09
C VAL B 348 38.69 5.46 82.63
N VAL B 349 39.37 6.20 81.75
CA VAL B 349 40.54 6.97 82.12
C VAL B 349 40.31 8.40 81.64
N GLY B 350 41.06 9.33 82.23
CA GLY B 350 40.81 10.75 82.00
C GLY B 350 41.83 11.52 81.19
N TYR B 351 42.56 10.83 80.33
CA TYR B 351 43.57 11.40 79.46
C TYR B 351 43.05 12.61 78.71
N PRO B 352 43.92 13.56 78.34
CA PRO B 352 43.47 14.68 77.49
C PRO B 352 43.65 14.41 76.00
N ILE B 353 42.60 14.62 75.21
CA ILE B 353 42.64 14.28 73.80
C ILE B 353 41.46 14.95 73.10
N ASP B 354 41.62 15.24 71.82
CA ASP B 354 40.57 15.92 71.07
C ASP B 354 39.29 15.12 71.12
N GLN B 355 38.22 15.74 71.61
CA GLN B 355 37.00 15.05 71.99
C GLN B 355 36.50 14.08 70.91
N TYR B 356 36.80 14.38 69.65
CA TYR B 356 36.27 13.56 68.58
C TYR B 356 36.97 12.21 68.54
N ARG B 357 38.30 12.19 68.66
CA ARG B 357 38.98 10.92 68.76
C ARG B 357 38.49 10.13 69.97
N ALA B 358 38.22 10.83 71.06
CA ALA B 358 37.74 10.14 72.25
C ALA B 358 36.40 9.49 72.00
N TYR B 359 35.49 10.21 71.36
CA TYR B 359 34.20 9.64 71.09
C TYR B 359 34.32 8.48 70.12
N LEU B 360 35.19 8.59 69.13
CA LEU B 360 35.35 7.48 68.20
C LEU B 360 35.83 6.24 68.92
N TYR B 361 36.89 6.38 69.72
CA TYR B 361 37.38 5.24 70.49
C TYR B 361 36.26 4.64 71.32
N ASN B 362 35.64 5.46 72.16
CA ASN B 362 34.63 4.94 73.08
C ASN B 362 33.53 4.23 72.33
N HIS B 363 32.98 4.87 71.31
CA HIS B 363 31.85 4.28 70.61
C HIS B 363 32.23 2.97 69.97
N ASN B 364 33.25 3.00 69.13
CA ASN B 364 33.53 1.78 68.40
C ASN B 364 34.10 0.68 69.28
N LEU B 365 34.50 0.99 70.51
CA LEU B 365 34.76 -0.12 71.42
C LEU B 365 33.45 -0.63 71.96
N LEU B 366 32.74 0.24 72.67
CA LEU B 366 31.56 -0.17 73.42
C LEU B 366 30.51 -0.77 72.51
N GLU B 367 30.72 -0.67 71.20
CA GLU B 367 29.91 -1.45 70.27
C GLU B 367 30.40 -2.89 70.19
N TYR B 368 31.72 -3.08 70.25
CA TYR B 368 32.29 -4.41 70.07
C TYR B 368 31.84 -5.39 71.14
N LEU B 369 31.55 -4.91 72.35
CA LEU B 369 31.22 -5.80 73.45
C LEU B 369 29.74 -6.10 73.57
N GLY B 370 28.89 -5.39 72.85
CA GLY B 370 27.47 -5.51 73.10
C GLY B 370 26.67 -6.15 71.99
N LYS B 371 27.27 -7.04 71.22
CA LYS B 371 26.57 -7.71 70.13
C LYS B 371 26.12 -9.08 70.60
N LYS B 372 24.81 -9.24 70.74
CA LYS B 372 24.21 -10.49 71.18
C LYS B 372 23.70 -11.27 69.98
N VAL B 373 23.72 -12.59 70.12
CA VAL B 373 23.14 -13.47 69.12
C VAL B 373 22.39 -14.58 69.84
N LYS B 374 21.06 -14.52 69.81
CA LYS B 374 20.27 -15.54 70.48
C LYS B 374 20.67 -16.93 69.99
N ARG B 375 20.82 -17.85 70.92
CA ARG B 375 21.52 -19.10 70.62
C ARG B 375 20.83 -19.89 69.52
N GLU B 376 19.50 -20.04 69.62
CA GLU B 376 18.80 -20.90 68.67
C GLU B 376 18.77 -20.31 67.27
N ASP B 377 19.21 -19.05 67.11
CA ASP B 377 19.34 -18.52 65.76
C ASP B 377 20.52 -19.15 65.03
N ILE B 378 21.64 -19.28 65.72
CA ILE B 378 22.77 -20.03 65.22
C ILE B 378 22.30 -21.41 64.81
N MET B 379 21.49 -22.03 65.66
CA MET B 379 21.01 -23.38 65.37
C MET B 379 20.15 -23.38 64.12
N SER B 380 19.23 -22.44 64.01
CA SER B 380 18.37 -22.37 62.83
C SER B 380 19.19 -22.19 61.57
N LEU B 381 20.24 -21.37 61.65
CA LEU B 381 21.14 -21.19 60.52
C LEU B 381 21.79 -22.50 60.09
N ILE B 382 22.56 -23.07 61.02
CA ILE B 382 23.36 -24.25 60.75
C ILE B 382 22.46 -25.39 60.33
N LYS B 383 21.18 -25.33 60.69
CA LYS B 383 20.24 -26.36 60.26
C LYS B 383 19.60 -26.02 58.93
N ALA B 384 19.45 -24.74 58.63
CA ALA B 384 18.89 -24.35 57.35
C ALA B 384 19.82 -24.73 56.22
N LEU B 385 21.12 -24.64 56.43
CA LEU B 385 22.03 -25.02 55.36
C LEU B 385 22.31 -26.51 55.32
N SER B 386 21.47 -27.33 55.94
CA SER B 386 21.74 -28.75 56.04
C SER B 386 20.57 -29.58 55.56
N TYR B 387 20.84 -30.87 55.35
CA TYR B 387 19.78 -31.84 55.14
C TYR B 387 18.78 -31.73 56.27
N GLU B 388 17.51 -31.97 55.97
CA GLU B 388 16.49 -31.61 56.93
C GLU B 388 16.31 -32.67 58.03
N PHE B 389 16.73 -33.91 57.79
CA PHE B 389 16.56 -34.97 58.78
C PHE B 389 17.84 -35.17 59.57
N ASP B 390 18.17 -34.19 60.41
CA ASP B 390 19.41 -34.27 61.17
C ASP B 390 19.25 -33.68 62.55
N LEU B 391 19.83 -34.35 63.53
CA LEU B 391 20.01 -33.81 64.86
C LEU B 391 21.32 -33.04 64.89
N ILE B 392 21.21 -31.75 65.21
CA ILE B 392 22.33 -30.81 65.26
C ILE B 392 22.41 -30.25 66.66
N THR B 393 23.56 -30.42 67.29
CA THR B 393 23.76 -29.87 68.63
C THR B 393 24.91 -28.89 68.61
N ILE B 394 24.80 -27.84 69.43
CA ILE B 394 25.78 -26.75 69.44
C ILE B 394 26.15 -26.45 70.88
N SER B 395 27.27 -25.74 71.05
CA SER B 395 27.68 -25.34 72.39
C SER B 395 26.56 -24.56 73.05
N ASP B 396 26.43 -24.71 74.37
CA ASP B 396 25.15 -24.49 75.02
C ASP B 396 25.28 -23.46 76.15
N LEU B 397 25.85 -22.32 75.83
CA LEU B 397 25.56 -21.13 76.60
C LEU B 397 24.72 -20.20 75.73
N GLU B 398 23.96 -19.34 76.39
CA GLU B 398 23.03 -18.48 75.68
C GLU B 398 23.63 -17.09 75.47
N TYR B 399 23.27 -16.46 74.36
CA TYR B 399 23.73 -15.11 74.01
C TYR B 399 25.26 -15.07 73.86
N GLN B 400 25.73 -15.77 72.83
CA GLN B 400 27.12 -15.64 72.43
C GLN B 400 27.35 -14.30 71.75
N ASN B 401 28.50 -13.68 72.04
CA ASN B 401 28.83 -12.39 71.45
C ASN B 401 29.57 -12.63 70.14
N ILE B 402 28.92 -12.32 69.03
CA ILE B 402 29.51 -12.61 67.73
C ILE B 402 28.81 -11.76 66.68
N PRO B 403 29.52 -11.19 65.72
CA PRO B 403 28.88 -10.23 64.82
C PRO B 403 27.71 -10.80 64.06
N LYS B 404 26.52 -10.29 64.34
CA LYS B 404 25.32 -10.86 63.76
C LYS B 404 25.15 -10.41 62.32
N TRP B 405 24.62 -11.32 61.49
CA TRP B 405 24.35 -11.06 60.09
C TRP B 405 22.92 -10.60 59.86
N PHE B 406 22.21 -10.22 60.92
CA PHE B 406 20.81 -9.86 60.80
C PHE B 406 20.68 -8.49 60.17
N SER B 407 19.46 -7.96 60.14
CA SER B 407 19.21 -6.59 59.75
C SER B 407 17.74 -6.27 59.96
N ASP B 408 17.45 -4.98 60.08
CA ASP B 408 16.06 -4.54 59.98
C ASP B 408 15.67 -4.35 58.53
N ASN B 409 16.61 -3.91 57.70
CA ASN B 409 16.38 -3.68 56.29
C ASN B 409 17.28 -4.64 55.52
N ASP B 410 16.79 -5.86 55.33
CA ASP B 410 17.55 -6.83 54.57
C ASP B 410 16.98 -6.95 53.18
N LEU B 411 15.71 -7.30 53.09
CA LEU B 411 15.07 -7.47 51.79
C LEU B 411 15.08 -6.18 51.01
N SER B 412 15.00 -5.04 51.70
CA SER B 412 15.03 -3.76 51.01
C SER B 412 16.31 -3.61 50.22
N ARG B 413 17.46 -3.74 50.90
CA ARG B 413 18.71 -3.61 50.18
C ARG B 413 18.89 -4.73 49.18
N PHE B 414 18.34 -5.91 49.44
CA PHE B 414 18.51 -6.96 48.46
C PHE B 414 17.81 -6.63 47.15
N ILE B 415 16.55 -6.21 47.21
CA ILE B 415 15.87 -5.92 45.96
C ILE B 415 16.45 -4.67 45.34
N PHE B 416 16.90 -3.72 46.16
CA PHE B 416 17.53 -2.53 45.59
C PHE B 416 18.81 -2.89 44.87
N SER B 417 19.48 -3.95 45.30
CA SER B 417 20.69 -4.39 44.62
C SER B 417 20.37 -5.19 43.37
N ILE B 418 19.61 -6.26 43.52
CA ILE B 418 19.30 -7.11 42.38
C ILE B 418 18.61 -6.32 41.28
N CYS B 419 17.95 -5.23 41.63
CA CYS B 419 17.30 -4.44 40.59
C CYS B 419 18.25 -3.47 39.93
N MET B 420 19.47 -3.33 40.43
CA MET B 420 20.42 -2.40 39.84
C MET B 420 21.83 -2.96 39.76
N PHE B 421 22.00 -4.28 39.82
CA PHE B 421 23.29 -4.91 39.61
C PHE B 421 23.10 -6.30 39.04
N PRO B 422 22.44 -6.45 37.91
CA PRO B 422 21.98 -7.77 37.47
C PRO B 422 23.06 -8.84 37.44
N ASP B 423 24.34 -8.46 37.45
CA ASP B 423 25.36 -9.51 37.48
C ASP B 423 25.31 -10.29 38.80
N ILE B 424 24.71 -9.70 39.82
CA ILE B 424 24.61 -10.41 41.09
C ILE B 424 23.80 -11.69 40.94
N VAL B 425 22.84 -11.71 40.02
CA VAL B 425 22.13 -12.97 39.82
C VAL B 425 23.06 -13.99 39.21
N ARG B 426 24.02 -13.54 38.41
CA ARG B 426 25.01 -14.47 37.89
C ARG B 426 25.85 -15.02 39.03
N GLN B 427 26.17 -14.18 40.01
CA GLN B 427 26.90 -14.69 41.17
C GLN B 427 26.09 -15.72 41.93
N PHE B 428 24.82 -15.41 42.18
CA PHE B 428 23.89 -16.35 42.82
C PHE B 428 23.97 -17.69 42.12
N HIS B 429 23.62 -17.67 40.84
CA HIS B 429 23.57 -18.85 40.01
C HIS B 429 24.87 -19.63 40.05
N ALA B 430 26.00 -18.94 40.03
CA ALA B 430 27.27 -19.63 40.09
C ALA B 430 27.41 -20.40 41.40
N LEU B 431 27.15 -19.72 42.51
CA LEU B 431 27.22 -20.40 43.80
C LEU B 431 26.27 -21.58 43.86
N ASN B 432 25.12 -21.44 43.22
CA ASN B 432 24.12 -22.49 43.30
C ASN B 432 24.56 -23.72 42.52
N ILE B 433 25.12 -23.51 41.32
CA ILE B 433 25.61 -24.68 40.60
C ILE B 433 26.79 -25.29 41.34
N ASP B 434 27.56 -24.48 42.06
CA ASP B 434 28.61 -25.08 42.88
C ASP B 434 28.02 -26.04 43.89
N TYR B 435 27.04 -25.58 44.66
CA TYR B 435 26.41 -26.44 45.64
C TYR B 435 25.82 -27.68 45.00
N PHE B 436 25.25 -27.54 43.82
CA PHE B 436 24.58 -28.69 43.22
C PHE B 436 25.59 -29.70 42.68
N SER B 437 26.45 -29.25 41.77
CA SER B 437 27.44 -30.15 41.20
C SER B 437 28.34 -30.75 42.25
N GLN B 438 28.39 -30.18 43.45
CA GLN B 438 29.18 -30.83 44.50
C GLN B 438 28.64 -32.21 44.85
N ALA B 439 27.39 -32.52 44.52
CA ALA B 439 26.78 -33.79 44.90
C ALA B 439 26.72 -34.79 43.76
N ASN B 440 27.30 -34.46 42.60
CA ASN B 440 27.45 -35.34 41.45
C ASN B 440 26.25 -36.26 41.22
N VAL B 441 25.04 -35.71 41.24
CA VAL B 441 23.86 -36.54 41.14
C VAL B 441 23.84 -37.30 39.82
N PHE B 442 24.35 -36.71 38.75
CA PHE B 442 24.28 -37.29 37.42
C PHE B 442 25.66 -37.32 36.81
N THR B 443 26.16 -38.51 36.50
CA THR B 443 27.30 -38.61 35.62
C THR B 443 26.84 -39.15 34.28
N VAL B 444 27.65 -38.91 33.26
CA VAL B 444 27.24 -39.13 31.88
C VAL B 444 28.01 -40.33 31.31
N LYS B 445 27.28 -41.25 30.70
CA LYS B 445 27.89 -42.31 29.93
C LYS B 445 27.77 -41.98 28.45
N SER B 446 28.49 -42.72 27.62
CA SER B 446 28.50 -42.49 26.19
C SER B 446 27.57 -43.49 25.50
N GLU B 447 27.39 -43.29 24.20
CA GLU B 447 26.56 -44.15 23.38
C GLU B 447 25.15 -44.25 23.97
N ASN B 448 24.46 -43.12 23.86
CA ASN B 448 23.07 -43.03 24.25
C ASN B 448 22.28 -44.23 23.75
N ALA B 449 21.59 -44.90 24.66
CA ALA B 449 20.89 -46.12 24.28
C ALA B 449 19.76 -45.83 23.31
N ILE B 450 19.11 -44.68 23.47
CA ILE B 450 17.94 -44.35 22.66
C ILE B 450 18.31 -44.30 21.20
N VAL B 451 19.59 -44.09 20.91
CA VAL B 451 20.05 -44.11 19.53
C VAL B 451 20.80 -45.40 19.20
N LYS B 452 21.31 -46.12 20.20
CA LYS B 452 21.83 -47.44 19.93
C LYS B 452 20.67 -48.28 19.41
N MET B 453 19.68 -48.50 20.25
CA MET B 453 18.44 -49.06 19.75
C MET B 453 17.78 -48.01 18.86
N LEU B 454 16.76 -48.45 18.13
CA LEU B 454 16.11 -47.62 17.10
C LEU B 454 17.06 -47.39 15.94
N ASN B 455 18.32 -47.81 16.08
CA ASN B 455 19.22 -47.77 14.95
C ASN B 455 19.27 -49.13 14.27
N SER B 456 19.63 -50.16 15.02
CA SER B 456 19.81 -51.48 14.43
C SER B 456 18.60 -52.39 14.58
N ASN B 457 17.42 -51.95 14.14
CA ASN B 457 16.36 -52.91 13.88
C ASN B 457 15.56 -52.61 12.62
N GLN B 458 15.64 -51.40 12.06
CA GLN B 458 15.11 -51.03 10.76
C GLN B 458 13.76 -51.65 10.41
N ASN B 459 12.85 -51.72 11.37
CA ASN B 459 11.52 -52.25 11.12
C ASN B 459 10.45 -51.27 11.58
N MET B 460 10.65 -49.98 11.34
CA MET B 460 9.69 -48.96 11.70
C MET B 460 9.77 -47.82 10.70
N GLU B 461 8.86 -46.87 10.84
CA GLU B 461 8.77 -45.75 9.92
C GLU B 461 10.07 -44.93 9.95
N PRO B 462 10.64 -44.67 8.78
CA PRO B 462 11.92 -43.97 8.73
C PRO B 462 11.82 -42.45 8.73
N THR B 463 11.13 -41.87 9.72
CA THR B 463 11.34 -40.49 10.13
C THR B 463 11.72 -40.40 11.59
N ILE B 464 11.13 -41.29 12.39
CA ILE B 464 11.46 -41.54 13.79
C ILE B 464 12.98 -41.56 13.89
N ILE B 465 13.61 -42.12 12.86
CA ILE B 465 15.03 -42.09 12.56
C ILE B 465 15.41 -40.62 12.42
N ASN B 466 16.54 -40.30 11.83
CA ASN B 466 16.72 -38.98 11.21
C ASN B 466 16.15 -37.79 12.00
N TRP B 467 15.04 -38.00 12.73
CA TRP B 467 14.48 -36.97 13.59
C TRP B 467 14.98 -37.14 15.00
N PHE B 468 14.68 -38.29 15.64
CA PHE B 468 15.44 -38.61 16.82
C PHE B 468 16.92 -38.62 16.49
N LEU B 469 17.26 -38.84 15.23
CA LEU B 469 18.68 -38.89 14.94
C LEU B 469 19.31 -37.50 14.91
N PHE B 470 18.54 -36.47 14.54
CA PHE B 470 19.09 -35.13 14.54
C PHE B 470 18.82 -34.37 15.82
N ARG B 471 18.03 -34.91 16.74
CA ARG B 471 17.76 -34.16 17.96
C ARG B 471 18.74 -34.45 19.08
N ILE B 472 19.29 -35.66 19.15
CA ILE B 472 20.08 -36.07 20.30
C ILE B 472 21.46 -35.44 20.25
N CYS B 473 21.65 -34.36 20.99
CA CYS B 473 22.95 -33.73 21.06
C CYS B 473 23.78 -34.36 22.17
N ALA B 474 25.10 -34.18 22.07
CA ALA B 474 25.99 -34.67 23.11
C ALA B 474 25.74 -33.91 24.41
N ILE B 475 26.28 -34.44 25.50
CA ILE B 475 25.98 -33.90 26.83
C ILE B 475 27.21 -34.03 27.70
N ASP B 476 27.58 -32.94 28.37
CA ASP B 476 28.62 -32.97 29.39
C ASP B 476 28.08 -32.26 30.61
N LYS B 477 28.10 -32.95 31.76
CA LYS B 477 27.35 -32.59 32.95
C LYS B 477 27.31 -31.09 33.24
N THR B 478 28.38 -30.39 32.89
CA THR B 478 28.47 -28.95 33.13
C THR B 478 27.33 -28.17 32.49
N VAL B 479 26.53 -28.81 31.66
CA VAL B 479 25.27 -28.24 31.21
C VAL B 479 24.10 -28.81 32.00
N ILE B 480 24.19 -30.07 32.39
CA ILE B 480 23.16 -30.69 33.21
C ILE B 480 23.03 -29.93 34.51
N ASP B 481 24.14 -29.76 35.20
CA ASP B 481 24.16 -29.07 36.47
C ASP B 481 23.95 -27.60 36.33
N ASP B 482 23.86 -27.07 35.12
CA ASP B 482 23.42 -25.69 34.97
C ASP B 482 21.92 -25.61 34.78
N TYR B 483 21.37 -26.47 33.93
CA TYR B 483 19.92 -26.50 33.74
C TYR B 483 19.21 -26.81 35.04
N PHE B 484 19.75 -27.74 35.82
CA PHE B 484 19.08 -28.10 37.06
C PHE B 484 19.13 -26.97 38.07
N SER B 485 20.26 -26.25 38.13
CA SER B 485 20.33 -25.14 39.06
C SER B 485 19.46 -23.99 38.61
N LEU B 486 19.21 -23.87 37.31
CA LEU B 486 18.39 -22.78 36.79
C LEU B 486 16.95 -22.92 37.29
N GLU B 487 16.70 -23.96 38.07
CA GLU B 487 15.37 -24.21 38.59
C GLU B 487 14.97 -23.25 39.69
N MET B 488 15.92 -22.77 40.48
CA MET B 488 15.57 -22.06 41.70
C MET B 488 15.97 -20.60 41.70
N THR B 489 17.10 -20.24 41.11
CA THR B 489 17.58 -18.87 41.20
C THR B 489 16.56 -17.92 40.60
N PRO B 490 16.48 -16.70 41.12
CA PRO B 490 15.43 -15.77 40.66
C PRO B 490 15.62 -15.41 39.20
N ILE B 491 14.63 -15.78 38.38
CA ILE B 491 14.66 -15.42 36.97
C ILE B 491 14.43 -13.93 36.83
N ILE B 492 15.18 -13.29 35.94
CA ILE B 492 15.11 -11.84 35.81
C ILE B 492 14.93 -11.43 34.36
N MET B 493 15.08 -12.36 33.43
CA MET B 493 14.93 -12.07 32.01
C MET B 493 14.18 -13.23 31.39
N ARG B 494 13.09 -12.92 30.70
CA ARG B 494 12.23 -14.00 30.23
C ARG B 494 12.98 -14.86 29.22
N PRO B 495 12.97 -16.17 29.37
CA PRO B 495 13.80 -17.02 28.51
C PRO B 495 13.06 -17.49 27.28
N LYS B 496 13.78 -17.74 26.19
CA LYS B 496 13.19 -18.29 24.98
C LYS B 496 13.87 -19.60 24.63
N LEU B 497 13.13 -20.48 23.97
CA LEU B 497 13.67 -21.78 23.61
C LEU B 497 14.50 -21.69 22.33
N TYR B 498 15.54 -22.54 22.27
CA TYR B 498 16.56 -22.39 21.24
C TYR B 498 16.11 -23.01 19.93
N ASP B 499 15.91 -24.32 19.93
CA ASP B 499 15.69 -25.07 18.70
C ASP B 499 14.25 -25.55 18.65
N PHE B 500 13.76 -25.68 17.42
CA PHE B 500 12.38 -26.08 17.21
C PHE B 500 12.26 -26.75 15.84
N ASP B 501 12.22 -28.07 15.82
CA ASP B 501 12.10 -28.82 14.59
C ASP B 501 10.71 -29.44 14.52
N MET B 502 10.11 -29.37 13.35
CA MET B 502 8.75 -29.86 13.20
C MET B 502 8.38 -30.06 11.74
N LYS B 503 7.97 -31.28 11.38
CA LYS B 503 7.50 -31.55 10.04
C LYS B 503 6.04 -31.14 9.91
N ARG B 504 5.72 -30.49 8.80
CA ARG B 504 4.48 -29.72 8.70
C ARG B 504 3.25 -30.61 8.66
N GLY B 505 3.26 -31.66 7.85
CA GLY B 505 2.06 -32.46 7.68
C GLY B 505 2.07 -33.77 8.43
N GLU B 506 3.19 -34.48 8.35
CA GLU B 506 3.28 -35.82 8.92
C GLU B 506 2.97 -35.79 10.41
N PRO B 507 2.47 -36.88 10.94
CA PRO B 507 2.25 -36.99 12.39
C PRO B 507 3.50 -37.49 13.10
N VAL B 508 4.50 -36.62 13.20
CA VAL B 508 5.69 -36.92 13.97
C VAL B 508 5.90 -35.79 14.96
N SER B 509 5.42 -34.60 14.61
CA SER B 509 5.56 -33.44 15.49
C SER B 509 5.01 -33.73 16.88
N LEU B 510 4.03 -34.61 16.97
CA LEU B 510 3.48 -35.00 18.26
C LEU B 510 4.61 -35.46 19.17
N LEU B 511 5.71 -35.96 18.59
CA LEU B 511 6.89 -36.25 19.40
C LEU B 511 7.40 -34.98 20.07
N TYR B 512 7.46 -33.89 19.32
CA TYR B 512 7.95 -32.65 19.90
C TYR B 512 7.00 -32.16 20.98
N ILE B 513 5.70 -32.33 20.76
CA ILE B 513 4.73 -32.01 21.80
C ILE B 513 5.07 -32.79 23.07
N LEU B 514 5.29 -34.09 22.93
CA LEU B 514 5.59 -34.91 24.09
C LEU B 514 6.90 -34.50 24.74
N GLU B 515 7.88 -34.10 23.93
CA GLU B 515 9.15 -33.65 24.48
C GLU B 515 8.94 -32.48 25.41
N LEU B 516 8.22 -31.46 24.95
CA LEU B 516 8.02 -30.33 25.86
C LEU B 516 7.08 -30.66 27.01
N ILE B 517 6.17 -31.63 26.85
CA ILE B 517 5.37 -32.06 27.99
C ILE B 517 6.28 -32.62 29.08
N LEU B 518 7.24 -33.44 28.68
CA LEU B 518 8.18 -33.98 29.66
C LEU B 518 9.01 -32.86 30.28
N PHE B 519 9.52 -31.97 29.45
CA PHE B 519 10.31 -30.86 29.97
C PHE B 519 9.50 -29.99 30.92
N SER B 520 8.19 -29.95 30.77
CA SER B 520 7.36 -29.25 31.74
C SER B 520 7.13 -30.05 33.00
N ILE B 521 6.95 -31.35 32.89
CA ILE B 521 6.67 -32.17 34.06
C ILE B 521 7.93 -32.38 34.88
N MET B 522 9.09 -32.01 34.34
CA MET B 522 10.33 -32.20 35.05
C MET B 522 10.83 -30.92 35.71
N PHE B 523 10.69 -29.77 35.05
CA PHE B 523 10.98 -28.47 35.65
C PHE B 523 9.73 -27.61 35.56
N PRO B 524 8.78 -27.75 36.48
CA PRO B 524 7.59 -26.92 36.41
C PRO B 524 7.88 -25.45 36.57
N ASN B 525 9.06 -25.08 37.06
CA ASN B 525 9.34 -23.67 37.26
C ASN B 525 9.60 -22.94 35.95
N VAL B 526 10.62 -23.35 35.21
CA VAL B 526 11.00 -22.59 34.03
C VAL B 526 9.85 -22.49 33.04
N THR B 527 8.97 -23.49 33.01
CA THR B 527 7.81 -23.40 32.14
C THR B 527 6.97 -22.17 32.44
N GLN B 528 6.86 -21.84 33.72
CA GLN B 528 6.01 -20.75 34.18
C GLN B 528 6.26 -19.46 33.41
N HIS B 529 7.44 -19.32 32.82
CA HIS B 529 7.74 -18.15 32.01
C HIS B 529 7.66 -18.44 30.53
N MET B 530 8.17 -19.59 30.08
CA MET B 530 8.10 -19.94 28.66
C MET B 530 6.68 -20.15 28.17
N LEU B 531 5.69 -20.05 29.06
CA LEU B 531 4.30 -20.24 28.69
C LEU B 531 3.93 -19.50 27.42
N GLY B 532 4.44 -18.29 27.25
CA GLY B 532 4.09 -17.51 26.08
C GLY B 532 4.45 -18.19 24.78
N GLN B 533 5.72 -18.60 24.64
CA GLN B 533 6.15 -19.29 23.44
C GLN B 533 5.41 -20.61 23.28
N ILE B 534 5.27 -21.35 24.37
CA ILE B 534 4.67 -22.67 24.28
C ILE B 534 3.25 -22.57 23.75
N GLN B 535 2.53 -21.53 24.15
CA GLN B 535 1.20 -21.28 23.61
C GLN B 535 1.18 -21.36 22.10
N ALA B 536 1.91 -20.46 21.44
CA ALA B 536 1.87 -20.38 19.99
C ALA B 536 2.41 -21.64 19.36
N ARG B 537 3.46 -22.24 19.93
CA ARG B 537 4.04 -23.42 19.30
C ARG B 537 3.06 -24.58 19.29
N ILE B 538 2.53 -24.94 20.46
CA ILE B 538 1.59 -26.04 20.55
C ILE B 538 0.36 -25.76 19.71
N LEU B 539 -0.05 -24.49 19.62
CA LEU B 539 -1.26 -24.20 18.87
C LEU B 539 -1.03 -24.40 17.38
N TYR B 540 0.09 -23.91 16.86
CA TYR B 540 0.50 -24.19 15.50
C TYR B 540 0.45 -25.69 15.20
N ILE B 541 1.16 -26.46 16.02
CA ILE B 541 1.26 -27.88 15.77
C ILE B 541 -0.12 -28.53 15.77
N SER B 542 -0.98 -28.10 16.68
CA SER B 542 -2.35 -28.62 16.70
C SER B 542 -3.06 -28.29 15.40
N MET B 543 -2.95 -27.03 14.97
CA MET B 543 -3.59 -26.60 13.73
C MET B 543 -3.22 -27.50 12.56
N TYR B 544 -2.00 -28.01 12.53
CA TYR B 544 -1.70 -28.93 11.44
C TYR B 544 -2.03 -30.38 11.75
N ALA B 545 -2.56 -30.68 12.92
CA ALA B 545 -2.89 -32.05 13.28
C ALA B 545 -4.27 -32.20 13.90
N PHE B 546 -4.95 -31.09 14.17
CA PHE B 546 -6.35 -31.10 14.59
C PHE B 546 -6.98 -29.89 13.96
N ARG B 547 -8.12 -30.05 13.30
CA ARG B 547 -8.72 -28.94 12.59
C ARG B 547 -10.04 -28.51 13.22
N GLN B 548 -10.97 -29.46 13.38
CA GLN B 548 -12.22 -29.14 14.04
C GLN B 548 -11.96 -28.55 15.41
N GLU B 549 -11.24 -29.30 16.24
CA GLU B 549 -10.89 -28.80 17.57
C GLU B 549 -10.22 -27.45 17.49
N TYR B 550 -9.22 -27.32 16.62
CA TYR B 550 -8.45 -26.09 16.54
C TYR B 550 -9.33 -24.89 16.24
N LEU B 551 -9.96 -24.87 15.07
CA LEU B 551 -10.65 -23.66 14.67
C LEU B 551 -11.88 -23.42 15.54
N LYS B 552 -12.54 -24.48 16.00
CA LYS B 552 -13.65 -24.30 16.93
C LYS B 552 -13.18 -23.60 18.19
N PHE B 553 -12.11 -24.13 18.79
CA PHE B 553 -11.48 -23.53 19.95
C PHE B 553 -11.18 -22.06 19.74
N ILE B 554 -10.51 -21.74 18.62
CA ILE B 554 -10.24 -20.34 18.31
C ILE B 554 -11.52 -19.53 18.31
N THR B 555 -12.55 -20.05 17.65
CA THR B 555 -13.82 -19.33 17.59
C THR B 555 -14.28 -18.95 18.99
N LYS B 556 -14.30 -19.92 19.89
CA LYS B 556 -14.84 -19.60 21.22
C LYS B 556 -13.80 -18.94 22.12
N PHE B 557 -12.73 -19.66 22.46
CA PHE B 557 -11.75 -19.17 23.43
C PHE B 557 -10.52 -18.65 22.72
N GLY B 558 -10.69 -17.51 22.05
CA GLY B 558 -9.74 -17.16 21.03
C GLY B 558 -8.27 -17.12 21.42
N PHE B 559 -7.83 -16.09 22.12
CA PHE B 559 -6.41 -16.12 22.42
C PHE B 559 -5.97 -15.58 23.77
N TYR B 560 -6.74 -14.67 24.38
CA TYR B 560 -6.21 -14.02 25.57
C TYR B 560 -7.30 -13.74 26.59
N TYR B 561 -7.02 -14.08 27.85
CA TYR B 561 -7.81 -13.59 28.96
C TYR B 561 -7.51 -12.12 29.17
N LYS B 562 -8.54 -11.36 29.49
CA LYS B 562 -8.39 -10.06 30.13
C LYS B 562 -9.40 -10.06 31.26
N ILE B 563 -8.92 -9.96 32.49
CA ILE B 563 -9.79 -9.94 33.66
C ILE B 563 -10.32 -8.51 33.80
N VAL B 564 -11.57 -8.31 33.39
CA VAL B 564 -12.15 -6.97 33.42
C VAL B 564 -12.36 -6.52 34.86
N ASN B 565 -13.27 -7.19 35.57
CA ASN B 565 -13.50 -6.85 36.96
C ASN B 565 -13.71 -8.09 37.84
N GLY B 566 -13.30 -9.27 37.39
CA GLY B 566 -13.60 -10.50 38.09
C GLY B 566 -14.09 -11.51 37.09
N ARG B 567 -14.78 -11.04 36.08
CA ARG B 567 -15.07 -11.85 34.91
C ARG B 567 -13.81 -11.95 34.06
N LYS B 568 -13.88 -12.76 33.00
CA LYS B 568 -12.73 -12.99 32.13
C LYS B 568 -13.20 -12.88 30.68
N GLU B 569 -12.89 -11.76 30.05
CA GLU B 569 -13.26 -11.58 28.67
C GLU B 569 -12.14 -12.10 27.77
N TYR B 570 -12.53 -12.78 26.70
CA TYR B 570 -11.60 -13.38 25.76
C TYR B 570 -11.44 -12.46 24.56
N ILE B 571 -10.20 -12.08 24.28
CA ILE B 571 -9.94 -11.37 23.03
C ILE B 571 -9.28 -12.34 22.07
N GLN B 572 -9.59 -12.16 20.79
CA GLN B 572 -9.19 -13.06 19.72
C GLN B 572 -8.14 -12.39 18.85
N VAL B 573 -7.78 -13.06 17.77
CA VAL B 573 -7.03 -12.47 16.67
C VAL B 573 -7.77 -12.88 15.40
N THR B 574 -8.64 -12.01 14.92
CA THR B 574 -9.48 -12.32 13.76
C THR B 574 -8.75 -12.06 12.45
N ASN B 575 -7.54 -12.61 12.36
CA ASN B 575 -6.71 -12.46 11.17
C ASN B 575 -5.53 -13.41 11.24
N GLN B 576 -5.32 -14.21 10.20
CA GLN B 576 -4.10 -15.01 10.16
C GLN B 576 -2.97 -14.16 9.61
N ASN B 577 -2.80 -12.95 10.16
CA ASN B 577 -1.66 -12.13 9.76
C ASN B 577 -0.39 -12.66 10.42
N GLU B 578 -0.38 -12.70 11.75
CA GLU B 578 0.75 -13.29 12.47
C GLU B 578 0.17 -13.83 13.78
N ARG B 579 -0.14 -15.12 13.78
CA ARG B 579 -0.64 -15.81 14.96
C ARG B 579 0.48 -16.41 15.80
N MET B 580 1.59 -16.77 15.18
CA MET B 580 2.67 -17.51 15.84
C MET B 580 3.70 -16.59 16.48
N THR B 581 3.33 -15.38 16.84
CA THR B 581 4.24 -14.50 17.55
C THR B 581 4.46 -15.01 18.96
N GLU B 582 5.60 -14.64 19.54
CA GLU B 582 5.90 -15.06 20.89
C GLU B 582 6.21 -13.88 21.80
N ASN B 583 6.13 -12.66 21.30
CA ASN B 583 6.56 -11.49 22.05
C ASN B 583 5.33 -10.64 22.34
N ASN B 584 4.60 -11.02 23.38
CA ASN B 584 3.47 -10.22 23.82
C ASN B 584 3.37 -10.22 25.35
N ASP B 585 4.52 -10.05 26.01
CA ASP B 585 4.65 -9.81 27.46
C ASP B 585 3.59 -10.55 28.28
N VAL B 586 3.40 -11.82 27.97
CA VAL B 586 2.17 -12.53 28.31
C VAL B 586 2.01 -12.76 29.80
N LEU B 587 3.07 -12.57 30.57
CA LEU B 587 2.98 -12.89 31.98
C LEU B 587 3.00 -11.68 32.90
N THR B 588 3.12 -10.47 32.38
CA THR B 588 2.99 -9.27 33.19
C THR B 588 2.05 -8.30 32.48
N GLY B 589 1.13 -7.72 33.24
CA GLY B 589 0.10 -6.91 32.64
C GLY B 589 -1.19 -7.69 32.48
N ASN B 590 -2.31 -6.99 32.38
CA ASN B 590 -3.60 -7.69 32.35
C ASN B 590 -3.77 -8.37 31.01
N LEU B 591 -3.05 -9.47 30.79
CA LEU B 591 -3.15 -10.18 29.52
C LEU B 591 -2.69 -11.62 29.77
N TYR B 592 -3.63 -12.54 29.89
CA TYR B 592 -3.25 -13.91 30.18
C TYR B 592 -3.34 -14.77 28.93
N PRO B 593 -2.52 -15.81 28.83
CA PRO B 593 -2.65 -16.74 27.71
C PRO B 593 -3.83 -17.67 27.91
N SER B 594 -4.37 -18.14 26.78
CA SER B 594 -5.44 -19.13 26.84
C SER B 594 -4.87 -20.50 27.16
N LEU B 595 -5.65 -21.53 26.93
CA LEU B 595 -5.27 -22.93 27.10
C LEU B 595 -5.23 -23.38 28.54
N PHE B 596 -5.20 -22.46 29.51
CA PHE B 596 -4.77 -22.92 30.81
C PHE B 596 -5.80 -22.80 31.92
N THR B 597 -6.36 -21.61 32.15
CA THR B 597 -7.32 -21.51 33.24
C THR B 597 -8.60 -22.20 32.83
N ASP B 598 -9.20 -22.91 33.79
CA ASP B 598 -10.17 -23.95 33.47
C ASP B 598 -11.36 -23.43 32.67
N ASP B 599 -12.21 -22.62 33.30
CA ASP B 599 -13.51 -22.34 32.70
C ASP B 599 -14.10 -23.65 32.21
N PRO B 600 -14.60 -24.50 33.11
CA PRO B 600 -14.77 -25.94 32.80
C PRO B 600 -15.38 -26.24 31.44
N THR B 601 -15.99 -25.24 30.81
CA THR B 601 -16.47 -25.40 29.45
C THR B 601 -15.34 -25.57 28.44
N LEU B 602 -14.08 -25.38 28.83
CA LEU B 602 -12.98 -25.63 27.90
C LEU B 602 -13.00 -27.08 27.42
N SER B 603 -12.92 -28.02 28.35
CA SER B 603 -13.16 -29.40 28.00
C SER B 603 -14.57 -29.56 27.47
N ALA B 604 -14.83 -30.71 26.86
CA ALA B 604 -16.10 -30.98 26.19
C ALA B 604 -16.36 -29.98 25.07
N ILE B 605 -15.34 -29.24 24.65
CA ILE B 605 -15.41 -28.37 23.49
C ILE B 605 -14.35 -28.75 22.46
N ALA B 606 -13.10 -28.91 22.91
CA ALA B 606 -12.02 -29.38 22.05
C ALA B 606 -11.16 -30.31 22.87
N PRO B 607 -11.55 -31.57 22.95
CA PRO B 607 -10.70 -32.55 23.65
C PRO B 607 -9.33 -32.65 23.02
N THR B 608 -8.44 -33.34 23.72
CA THR B 608 -7.02 -33.47 23.42
C THR B 608 -6.29 -32.17 23.72
N LEU B 609 -7.02 -31.07 23.87
CA LEU B 609 -6.41 -29.82 24.28
C LEU B 609 -6.62 -29.55 25.75
N ALA B 610 -7.82 -29.77 26.25
CA ALA B 610 -7.97 -29.97 27.68
C ALA B 610 -7.06 -31.10 28.14
N LYS B 611 -6.94 -32.14 27.31
CA LYS B 611 -6.09 -33.26 27.67
C LYS B 611 -4.63 -32.86 27.71
N ILE B 612 -4.20 -31.98 26.82
CA ILE B 612 -2.84 -31.48 26.89
C ILE B 612 -2.67 -30.63 28.14
N ALA B 613 -3.50 -29.60 28.29
CA ALA B 613 -3.33 -28.65 29.37
C ALA B 613 -3.33 -29.32 30.74
N ARG B 614 -4.32 -30.18 30.98
CA ARG B 614 -4.39 -30.89 32.25
C ARG B 614 -3.13 -31.71 32.51
N LEU B 615 -2.42 -32.10 31.47
CA LEU B 615 -1.22 -32.90 31.69
C LEU B 615 -0.04 -32.08 32.15
N MET B 616 -0.08 -30.75 32.02
CA MET B 616 1.10 -29.93 32.25
C MET B 616 1.10 -29.18 33.57
N LYS B 617 -0.06 -28.86 34.12
CA LYS B 617 -0.10 -28.12 35.36
C LYS B 617 0.62 -28.90 36.46
N PRO B 618 1.41 -28.25 37.31
CA PRO B 618 2.30 -29.00 38.20
C PRO B 618 1.56 -29.89 39.18
N THR B 619 0.66 -29.31 39.97
CA THR B 619 -0.17 -30.07 40.90
C THR B 619 0.69 -30.93 41.83
N THR B 620 1.79 -30.38 42.31
CA THR B 620 2.59 -31.11 43.27
C THR B 620 2.27 -30.72 44.70
N SER B 621 2.54 -29.47 45.06
CA SER B 621 2.36 -29.02 46.43
C SER B 621 2.54 -27.51 46.55
N LEU B 622 2.60 -27.02 47.78
CA LEU B 622 3.02 -25.66 48.06
C LEU B 622 3.66 -25.67 49.45
N THR B 623 4.96 -25.60 49.49
CA THR B 623 5.39 -25.69 50.88
C THR B 623 5.86 -24.35 51.40
N PRO B 624 5.55 -24.04 52.65
CA PRO B 624 6.24 -22.93 53.31
C PRO B 624 7.70 -23.27 53.49
N ASP B 625 8.48 -22.26 53.87
CA ASP B 625 9.92 -22.41 54.05
C ASP B 625 10.37 -21.74 55.33
N ASP B 626 9.61 -21.95 56.40
CA ASP B 626 9.90 -21.34 57.70
C ASP B 626 11.36 -21.51 58.06
N ARG B 627 11.91 -22.70 57.79
CA ARG B 627 13.29 -23.03 58.13
C ARG B 627 14.26 -21.88 57.83
N ALA B 628 14.04 -21.21 56.70
CA ALA B 628 14.85 -20.03 56.42
C ALA B 628 14.43 -18.86 57.28
N ILE B 629 13.14 -18.56 57.31
CA ILE B 629 12.61 -17.35 57.93
C ILE B 629 12.95 -17.32 59.42
N ALA B 630 13.31 -18.46 59.98
CA ALA B 630 13.76 -18.52 61.35
C ALA B 630 15.25 -18.28 61.49
N ALA B 631 15.98 -18.16 60.37
CA ALA B 631 17.39 -17.87 60.39
C ALA B 631 17.67 -16.40 60.09
N LYS B 632 16.65 -15.56 60.14
CA LYS B 632 16.75 -14.14 59.85
C LYS B 632 17.25 -13.88 58.44
N PHE B 633 17.24 -14.88 57.59
CA PHE B 633 17.48 -14.67 56.17
C PHE B 633 16.39 -13.76 55.65
N PRO B 634 16.60 -13.09 54.52
CA PRO B 634 15.57 -12.19 54.01
C PRO B 634 14.62 -12.90 53.05
N ARG B 635 13.33 -12.62 53.22
CA ARG B 635 12.31 -12.83 52.22
C ARG B 635 10.99 -12.34 52.79
N PHE B 636 10.01 -12.18 51.90
CA PHE B 636 8.72 -11.64 52.30
C PHE B 636 8.00 -12.53 53.29
N LYS B 637 6.85 -12.08 53.79
CA LYS B 637 6.04 -12.89 54.68
C LYS B 637 5.22 -13.88 53.88
N ASP B 638 4.91 -15.02 54.51
CA ASP B 638 4.10 -16.07 53.90
C ASP B 638 4.65 -16.44 52.53
N SER B 639 5.94 -16.69 52.49
CA SER B 639 6.61 -17.12 51.27
C SER B 639 6.51 -18.64 51.15
N ALA B 640 6.60 -19.12 49.91
CA ALA B 640 6.45 -20.53 49.65
C ALA B 640 7.37 -20.90 48.49
N HIS B 641 7.16 -22.08 47.94
CA HIS B 641 7.93 -22.57 46.80
C HIS B 641 7.10 -23.68 46.15
N LEU B 642 7.66 -24.28 45.10
CA LEU B 642 7.06 -25.44 44.46
C LEU B 642 8.13 -26.50 44.36
N ASN B 643 8.29 -27.26 45.42
CA ASN B 643 9.13 -28.44 45.31
C ASN B 643 8.49 -29.38 44.31
N PRO B 644 9.09 -29.55 43.14
CA PRO B 644 8.39 -30.21 42.04
C PRO B 644 8.13 -31.68 42.26
N TYR B 645 8.79 -32.30 43.22
CA TYR B 645 8.68 -33.73 43.39
C TYR B 645 8.24 -34.07 44.80
N SER B 646 7.83 -35.30 44.98
CA SER B 646 7.40 -35.81 46.27
C SER B 646 8.56 -36.55 46.93
N SER B 647 8.27 -37.31 47.97
CA SER B 647 9.27 -38.12 48.65
C SER B 647 9.08 -39.59 48.34
N LEU B 648 9.90 -40.42 48.95
CA LEU B 648 9.73 -41.85 48.90
C LEU B 648 9.48 -42.48 50.26
N ASN B 649 10.00 -41.90 51.34
CA ASN B 649 9.98 -42.55 52.64
C ASN B 649 8.90 -41.91 53.51
N ILE B 650 7.76 -42.59 53.58
CA ILE B 650 6.66 -42.17 54.42
C ILE B 650 6.45 -43.25 55.47
N GLY B 651 7.06 -43.05 56.64
CA GLY B 651 7.01 -44.02 57.71
C GLY B 651 7.91 -45.21 57.51
N GLY B 652 8.65 -45.27 56.41
CA GLY B 652 9.52 -46.39 56.12
C GLY B 652 9.01 -47.33 55.07
N ARG B 653 8.13 -46.88 54.19
CA ARG B 653 7.49 -47.79 53.24
C ARG B 653 8.13 -47.77 51.86
N THR B 654 8.78 -46.68 51.47
CA THR B 654 9.38 -46.56 50.14
C THR B 654 8.30 -46.77 49.06
N GLN B 655 7.38 -45.82 48.99
CA GLN B 655 6.21 -45.97 48.13
C GLN B 655 6.53 -45.78 46.66
N HIS B 656 5.50 -45.63 45.84
CA HIS B 656 5.61 -45.86 44.40
C HIS B 656 6.08 -44.64 43.60
N SER B 657 6.61 -43.61 44.25
CA SER B 657 7.29 -42.51 43.55
C SER B 657 6.35 -41.89 42.49
N VAL B 658 5.33 -41.22 43.01
CA VAL B 658 4.21 -40.70 42.23
C VAL B 658 4.63 -40.09 40.90
N THR B 659 5.73 -39.32 40.91
CA THR B 659 6.17 -38.68 39.68
C THR B 659 6.28 -39.67 38.53
N TYR B 660 6.66 -40.90 38.83
CA TYR B 660 6.77 -41.90 37.78
C TYR B 660 5.40 -42.25 37.21
N THR B 661 4.41 -42.43 38.08
CA THR B 661 3.07 -42.68 37.60
C THR B 661 2.60 -41.55 36.72
N ARG B 662 2.89 -40.32 37.14
CA ARG B 662 2.52 -39.15 36.36
C ARG B 662 3.13 -39.20 34.97
N MET B 663 4.47 -39.25 34.91
CA MET B 663 5.16 -39.26 33.64
C MET B 663 4.72 -40.44 32.78
N TYR B 664 4.43 -41.57 33.40
CA TYR B 664 4.09 -42.76 32.65
C TYR B 664 2.75 -42.62 31.98
N ASP B 665 1.73 -42.16 32.71
CA ASP B 665 0.46 -42.02 32.03
C ASP B 665 0.53 -40.92 30.99
N ALA B 666 1.39 -39.92 31.22
CA ALA B 666 1.62 -38.91 30.21
C ALA B 666 2.08 -39.55 28.90
N ILE B 667 3.18 -40.31 28.96
CA ILE B 667 3.70 -40.95 27.76
C ILE B 667 2.64 -41.84 27.12
N GLU B 668 1.93 -42.61 27.95
CA GLU B 668 1.00 -43.57 27.39
C GLU B 668 -0.14 -42.89 26.66
N GLU B 669 -0.71 -41.85 27.28
CA GLU B 669 -1.76 -41.10 26.61
C GLU B 669 -1.26 -40.50 25.31
N MET B 670 -0.08 -39.89 25.34
CA MET B 670 0.42 -39.22 24.14
C MET B 670 0.62 -40.22 23.00
N PHE B 671 1.11 -41.41 23.32
CA PHE B 671 1.31 -42.39 22.25
C PHE B 671 -0.01 -42.94 21.76
N ASN B 672 -1.00 -43.08 22.64
CA ASN B 672 -2.32 -43.41 22.15
C ASN B 672 -2.77 -42.38 21.12
N LEU B 673 -2.48 -41.10 21.39
CA LEU B 673 -2.92 -40.05 20.48
C LEU B 673 -2.19 -40.11 19.15
N ILE B 674 -0.86 -40.30 19.18
CA ILE B 674 -0.12 -40.37 17.93
C ILE B 674 -0.53 -41.60 17.14
N LEU B 675 -0.87 -42.68 17.81
CA LEU B 675 -1.31 -43.87 17.11
C LEU B 675 -2.62 -43.62 16.40
N ARG B 676 -3.58 -43.05 17.13
CA ARG B 676 -4.82 -42.63 16.48
C ARG B 676 -4.55 -41.66 15.34
N ALA B 677 -3.46 -40.90 15.42
CA ALA B 677 -3.12 -40.00 14.32
C ALA B 677 -2.70 -40.79 13.08
N PHE B 678 -1.77 -41.73 13.24
CA PHE B 678 -1.44 -42.64 12.15
C PHE B 678 -2.67 -43.27 11.54
N ALA B 679 -3.57 -43.79 12.38
CA ALA B 679 -4.71 -44.50 11.83
C ALA B 679 -5.66 -43.61 11.05
N SER B 680 -5.40 -42.31 10.96
CA SER B 680 -6.27 -41.39 10.23
C SER B 680 -5.78 -41.14 8.81
N SER B 681 -4.56 -40.63 8.68
CA SER B 681 -4.07 -40.21 7.37
C SER B 681 -3.33 -41.31 6.64
N PHE B 682 -2.37 -41.94 7.30
CA PHE B 682 -1.50 -42.93 6.68
C PHE B 682 -1.80 -44.30 7.26
N ALA B 683 -2.60 -45.09 6.55
CA ALA B 683 -2.83 -46.46 6.93
C ALA B 683 -1.95 -47.43 6.18
N GLN B 684 -1.44 -47.05 5.03
CA GLN B 684 -0.56 -47.92 4.27
C GLN B 684 0.81 -48.08 4.94
N ARG B 685 1.04 -47.55 6.13
CA ARG B 685 2.33 -47.60 6.79
C ARG B 685 2.30 -48.54 7.98
N PRO B 686 3.45 -49.06 8.40
CA PRO B 686 3.48 -49.98 9.54
C PRO B 686 3.51 -49.27 10.87
N ARG B 687 2.93 -49.91 11.88
CA ARG B 687 2.77 -49.31 13.20
C ARG B 687 3.18 -50.29 14.29
N ALA B 688 4.35 -50.90 14.15
CA ALA B 688 4.87 -51.70 15.24
C ALA B 688 5.91 -50.93 16.05
N GLY B 689 6.76 -50.17 15.36
CA GLY B 689 7.80 -49.44 16.05
C GLY B 689 7.26 -48.48 17.09
N VAL B 690 6.06 -47.96 16.87
CA VAL B 690 5.51 -46.99 17.80
C VAL B 690 5.30 -47.62 19.17
N THR B 691 4.57 -48.73 19.23
CA THR B 691 4.40 -49.41 20.50
C THR B 691 5.72 -49.95 21.02
N GLN B 692 6.61 -50.37 20.11
CA GLN B 692 7.92 -50.85 20.52
C GLN B 692 8.64 -49.80 21.36
N LEU B 693 8.78 -48.61 20.81
CA LEU B 693 9.47 -47.58 21.59
C LEU B 693 8.59 -46.98 22.67
N LYS B 694 7.28 -47.21 22.66
CA LYS B 694 6.51 -46.88 23.85
C LYS B 694 7.00 -47.70 25.02
N SER B 695 7.10 -49.02 24.84
CA SER B 695 7.66 -49.87 25.88
C SER B 695 9.07 -49.43 26.23
N LEU B 696 9.88 -49.12 25.22
CA LEU B 696 11.25 -48.69 25.51
C LEU B 696 11.27 -47.44 26.38
N LEU B 697 10.46 -46.45 26.02
CA LEU B 697 10.48 -45.19 26.75
C LEU B 697 10.04 -45.40 28.19
N THR B 698 8.99 -46.19 28.41
CA THR B 698 8.57 -46.41 29.79
C THR B 698 9.65 -47.11 30.59
N GLN B 699 10.19 -48.21 30.04
CA GLN B 699 11.23 -48.96 30.73
C GLN B 699 12.46 -48.12 30.99
N LEU B 700 12.73 -47.12 30.15
CA LEU B 700 13.87 -46.25 30.37
C LEU B 700 13.56 -45.10 31.31
N ALA B 701 12.29 -44.73 31.45
CA ALA B 701 11.96 -43.62 32.33
C ALA B 701 11.79 -44.08 33.76
N ASP B 702 11.57 -45.36 33.98
CA ASP B 702 11.42 -45.81 35.36
C ASP B 702 12.59 -45.40 36.26
N PRO B 703 13.82 -45.87 36.04
CA PRO B 703 14.88 -45.57 37.00
C PRO B 703 15.27 -44.11 37.00
N LEU B 704 15.06 -43.38 35.92
CA LEU B 704 15.35 -41.96 35.93
C LEU B 704 14.49 -41.27 36.98
N CYS B 705 13.17 -41.42 36.85
CA CYS B 705 12.29 -40.80 37.82
C CYS B 705 12.56 -41.34 39.21
N LEU B 706 13.00 -42.58 39.31
CA LEU B 706 13.44 -43.09 40.60
C LEU B 706 14.48 -42.16 41.18
N ALA B 707 15.59 -41.98 40.46
CA ALA B 707 16.65 -41.11 40.93
C ALA B 707 16.18 -39.68 41.15
N LEU B 708 15.18 -39.26 40.38
CA LEU B 708 14.73 -37.88 40.49
C LEU B 708 14.01 -37.66 41.81
N ASP B 709 12.95 -38.42 42.06
CA ASP B 709 12.20 -38.24 43.28
C ASP B 709 12.88 -38.81 44.52
N GLY B 710 13.95 -39.58 44.34
CA GLY B 710 14.58 -40.18 45.50
C GLY B 710 15.79 -39.44 46.00
N HIS B 711 16.40 -38.62 45.16
CA HIS B 711 17.61 -37.92 45.54
C HIS B 711 17.52 -36.41 45.41
N VAL B 712 16.86 -35.92 44.36
CA VAL B 712 16.88 -34.48 44.10
C VAL B 712 15.95 -33.75 45.05
N TYR B 713 14.83 -34.37 45.40
CA TYR B 713 13.83 -33.77 46.26
C TYR B 713 14.46 -33.09 47.46
N HIS B 714 15.27 -33.84 48.20
CA HIS B 714 15.93 -33.26 49.37
C HIS B 714 16.82 -32.10 48.98
N LEU B 715 17.51 -32.24 47.85
CA LEU B 715 18.36 -31.15 47.38
C LEU B 715 17.54 -29.90 47.14
N TYR B 716 16.36 -30.03 46.56
CA TYR B 716 15.57 -28.83 46.33
C TYR B 716 15.03 -28.26 47.62
N ASN B 717 14.72 -29.10 48.61
CA ASN B 717 14.35 -28.52 49.89
C ASN B 717 15.47 -27.65 50.44
N VAL B 718 16.69 -28.21 50.48
CA VAL B 718 17.83 -27.46 50.99
C VAL B 718 18.00 -26.15 50.21
N MET B 719 18.01 -26.25 48.89
CA MET B 719 18.22 -25.05 48.08
C MET B 719 17.11 -24.04 48.30
N ALA B 720 15.90 -24.51 48.53
CA ALA B 720 14.80 -23.61 48.83
C ALA B 720 14.95 -22.96 50.17
N ASN B 721 15.80 -23.48 51.05
CA ASN B 721 16.05 -22.79 52.30
C ASN B 721 17.38 -22.04 52.30
N MET B 722 18.05 -21.95 51.16
CA MET B 722 19.30 -21.22 51.08
C MET B 722 19.01 -19.72 51.15
N MET B 723 20.05 -18.90 50.97
CA MET B 723 19.90 -17.47 51.10
C MET B 723 19.78 -16.75 49.78
N GLN B 724 20.40 -17.27 48.72
CA GLN B 724 20.31 -16.63 47.42
C GLN B 724 18.87 -16.54 46.97
N ASN B 725 18.17 -17.66 47.02
CA ASN B 725 16.84 -17.73 46.46
C ASN B 725 15.84 -17.09 47.40
N PHE B 726 15.26 -15.97 47.00
CA PHE B 726 14.19 -15.38 47.76
C PHE B 726 13.01 -14.92 46.91
N ILE B 727 13.13 -14.90 45.59
CA ILE B 727 11.98 -14.62 44.73
C ILE B 727 11.37 -15.95 44.32
N PRO B 728 10.22 -16.34 44.88
CA PRO B 728 9.58 -17.58 44.43
C PRO B 728 9.24 -17.49 42.96
N ASN B 729 9.25 -18.64 42.29
CA ASN B 729 9.02 -18.65 40.85
C ASN B 729 7.62 -19.10 40.46
N THR B 730 6.79 -19.54 41.41
CA THR B 730 5.45 -19.96 41.04
C THR B 730 4.60 -20.16 42.27
N ASP B 731 3.30 -20.01 42.08
CA ASP B 731 2.32 -20.51 43.03
C ASP B 731 1.82 -21.89 42.65
N GLY B 732 2.41 -22.51 41.64
CA GLY B 732 1.86 -23.74 41.12
C GLY B 732 0.96 -23.50 39.92
N GLN B 733 -0.34 -23.42 40.18
CA GLN B 733 -1.35 -23.26 39.14
C GLN B 733 -0.94 -22.23 38.10
N PHE B 734 -1.08 -22.59 36.82
CA PHE B 734 -0.75 -21.71 35.72
C PHE B 734 -1.86 -20.72 35.41
N HIS B 735 -2.76 -20.51 36.35
CA HIS B 735 -3.70 -19.39 36.33
C HIS B 735 -2.93 -18.16 36.74
N SER B 736 -3.63 -17.15 37.26
CA SER B 736 -3.00 -15.85 37.41
C SER B 736 -1.81 -15.94 38.36
N PHE B 737 -0.63 -16.12 37.79
CA PHE B 737 0.61 -16.09 38.56
C PHE B 737 1.05 -14.66 38.83
N ARG B 738 1.24 -13.87 37.77
CA ARG B 738 1.60 -12.46 37.90
C ARG B 738 2.93 -12.31 38.63
N ALA B 739 3.99 -12.74 37.95
CA ALA B 739 5.36 -12.72 38.48
C ALA B 739 5.70 -11.40 39.14
N CYS B 740 6.63 -11.44 40.10
CA CYS B 740 6.85 -10.34 41.02
C CYS B 740 7.03 -9.02 40.28
N SER B 741 6.57 -7.94 40.93
CA SER B 741 6.48 -6.66 40.24
C SER B 741 6.98 -5.49 41.08
N TYR B 742 7.83 -5.71 42.07
CA TYR B 742 8.46 -4.58 42.73
C TYR B 742 9.50 -3.98 41.82
N ALA B 743 9.75 -2.69 41.99
CA ALA B 743 10.67 -2.00 41.10
C ALA B 743 11.10 -0.71 41.76
N VAL B 744 12.28 -0.25 41.41
CA VAL B 744 12.84 0.94 42.00
C VAL B 744 12.63 2.10 41.04
N LYS B 745 11.88 3.09 41.48
CA LYS B 745 11.73 4.34 40.75
C LYS B 745 12.76 5.32 41.28
N ASP B 746 13.35 6.09 40.38
CA ASP B 746 14.48 6.95 40.70
C ASP B 746 14.28 8.32 40.09
N GLY B 747 13.11 8.91 40.31
CA GLY B 747 12.85 10.22 39.75
C GLY B 747 12.64 10.17 38.25
N GLY B 748 11.51 9.61 37.83
CA GLY B 748 11.18 9.53 36.42
C GLY B 748 11.60 8.21 35.82
N ASN B 749 12.90 7.93 35.84
CA ASN B 749 13.36 6.64 35.39
C ASN B 749 12.86 5.54 36.32
N ILE B 750 12.65 4.36 35.77
CA ILE B 750 12.13 3.24 36.53
C ILE B 750 12.91 1.98 36.14
N TYR B 751 13.45 1.29 37.12
CA TYR B 751 14.13 0.02 36.90
C TYR B 751 13.27 -1.08 37.46
N ARG B 752 12.99 -2.08 36.64
CA ARG B 752 12.15 -3.20 37.04
C ARG B 752 13.02 -4.35 37.54
N VAL B 753 12.39 -5.29 38.22
CA VAL B 753 13.09 -6.47 38.70
C VAL B 753 13.06 -7.58 37.67
N VAL B 754 11.93 -7.77 36.98
CA VAL B 754 11.77 -8.88 36.06
C VAL B 754 12.01 -8.48 34.62
N GLN B 755 12.01 -7.18 34.31
CA GLN B 755 12.52 -6.70 33.04
C GLN B 755 11.76 -7.31 31.85
N ASN B 756 10.47 -7.00 31.78
CA ASN B 756 9.71 -7.43 30.62
C ASN B 756 10.27 -6.80 29.36
N GLY B 757 9.87 -7.32 28.22
CA GLY B 757 10.36 -6.82 26.96
C GLY B 757 11.43 -7.71 26.38
N ASP B 758 11.70 -7.49 25.10
CA ASP B 758 12.56 -8.37 24.32
C ASP B 758 14.00 -8.19 24.78
N GLU B 759 14.47 -9.11 25.62
CA GLU B 759 15.80 -8.98 26.20
C GLU B 759 16.24 -10.28 26.85
N LEU B 760 17.45 -10.72 26.56
CA LEU B 760 17.98 -11.95 27.14
C LEU B 760 19.47 -12.03 26.83
N ASN B 761 20.08 -13.15 27.19
CA ASN B 761 21.48 -13.39 26.95
C ASN B 761 21.69 -14.89 26.91
N GLU B 762 22.61 -15.32 26.06
CA GLU B 762 22.82 -16.74 25.77
C GLU B 762 22.99 -17.58 27.03
N SER B 763 23.25 -16.97 28.18
CA SER B 763 23.28 -17.69 29.43
C SER B 763 21.90 -18.21 29.80
N LEU B 764 20.86 -17.74 29.10
CA LEU B 764 19.49 -18.06 29.47
C LEU B 764 18.64 -18.59 28.33
N LEU B 765 19.15 -18.64 27.10
CA LEU B 765 18.43 -19.29 26.02
C LEU B 765 18.53 -20.80 26.21
N ILE B 766 17.41 -21.46 26.47
CA ILE B 766 17.45 -22.85 26.88
C ILE B 766 17.01 -23.75 25.75
N ASP B 767 17.53 -24.96 25.78
CA ASP B 767 17.21 -26.01 24.83
C ASP B 767 16.28 -27.02 25.49
N THR B 768 15.66 -27.84 24.67
CA THR B 768 14.74 -28.88 25.14
C THR B 768 15.32 -30.27 25.02
N ALA B 769 16.06 -30.55 23.94
CA ALA B 769 16.60 -31.88 23.67
C ALA B 769 17.38 -32.44 24.84
N ILE B 770 17.71 -31.58 25.81
CA ILE B 770 18.42 -32.04 26.99
C ILE B 770 17.67 -33.16 27.66
N VAL B 771 16.33 -33.13 27.59
CA VAL B 771 15.57 -34.19 28.25
C VAL B 771 15.77 -35.52 27.52
N TRP B 772 15.77 -35.49 26.18
CA TRP B 772 16.03 -36.71 25.44
C TRP B 772 17.39 -37.26 25.80
N GLY B 773 18.41 -36.42 25.68
CA GLY B 773 19.75 -36.88 25.99
C GLY B 773 19.88 -37.40 27.40
N LEU B 774 19.23 -36.73 28.34
CA LEU B 774 19.29 -37.11 29.74
C LEU B 774 18.66 -38.47 29.93
N LEU B 775 17.37 -38.56 29.62
CA LEU B 775 16.64 -39.81 29.74
C LEU B 775 17.35 -40.95 29.02
N GLY B 776 18.13 -40.65 28.00
CA GLY B 776 18.86 -41.70 27.32
C GLY B 776 20.14 -42.13 27.99
N ASN B 777 21.14 -41.25 28.06
CA ASN B 777 22.48 -41.66 28.43
C ASN B 777 22.86 -41.19 29.83
N THR B 778 21.92 -41.22 30.76
CA THR B 778 22.21 -40.82 32.12
C THR B 778 22.69 -41.99 32.96
N ASP B 779 23.73 -41.74 33.74
CA ASP B 779 24.16 -42.65 34.80
C ASP B 779 23.92 -41.91 36.10
N SER B 780 22.82 -42.22 36.77
CA SER B 780 22.48 -41.55 38.01
C SER B 780 23.26 -42.16 39.15
N SER B 781 23.88 -41.31 39.98
CA SER B 781 24.61 -41.83 41.12
C SER B 781 23.70 -42.59 42.07
N TYR B 782 22.39 -42.45 41.92
CA TYR B 782 21.44 -43.17 42.74
C TYR B 782 21.31 -44.61 42.28
N GLY B 783 21.11 -44.82 40.98
CA GLY B 783 20.92 -46.14 40.46
C GLY B 783 22.06 -47.09 40.79
N ASN B 784 23.26 -46.74 40.34
CA ASN B 784 24.43 -47.55 40.67
C ASN B 784 24.74 -47.56 42.15
N ALA B 785 24.08 -46.71 42.94
CA ALA B 785 24.22 -46.83 44.38
C ALA B 785 23.54 -48.10 44.88
N ILE B 786 22.30 -48.31 44.46
CA ILE B 786 21.60 -49.54 44.82
C ILE B 786 21.83 -50.56 43.72
N GLY B 787 22.71 -50.24 42.78
CA GLY B 787 23.01 -51.14 41.70
C GLY B 787 21.87 -51.28 40.71
N ALA B 788 21.30 -50.15 40.29
CA ALA B 788 20.21 -50.14 39.33
C ALA B 788 20.63 -49.72 37.94
N THR B 789 21.69 -48.91 37.81
CA THR B 789 22.22 -48.58 36.50
C THR B 789 23.74 -48.57 36.54
N GLY B 790 24.32 -49.57 37.17
CA GLY B 790 25.76 -49.72 37.15
C GLY B 790 26.23 -50.52 35.96
N THR B 791 27.54 -50.51 35.77
CA THR B 791 28.16 -51.18 34.64
C THR B 791 29.00 -52.35 35.12
N ALA B 792 28.64 -53.55 34.67
CA ALA B 792 29.36 -54.80 34.89
C ALA B 792 29.40 -55.23 36.35
N ASN B 793 28.75 -54.48 37.24
CA ASN B 793 28.76 -54.81 38.65
C ASN B 793 27.61 -54.08 39.32
N VAL B 794 27.22 -54.58 40.48
CA VAL B 794 26.17 -53.97 41.29
C VAL B 794 26.16 -54.66 42.64
N PRO B 795 25.84 -53.95 43.72
CA PRO B 795 25.75 -52.51 43.77
C PRO B 795 27.07 -51.94 44.24
N THR B 796 27.07 -50.70 44.71
CA THR B 796 28.17 -50.17 45.50
C THR B 796 27.82 -49.96 46.96
N LYS B 797 26.53 -49.95 47.28
CA LYS B 797 26.05 -49.83 48.66
C LYS B 797 26.49 -48.61 49.48
N VAL B 798 26.94 -47.55 48.81
CA VAL B 798 27.35 -46.34 49.49
C VAL B 798 26.28 -45.29 49.24
N GLN B 799 25.92 -44.58 50.29
CA GLN B 799 24.72 -43.80 50.13
C GLN B 799 24.99 -42.51 49.38
N PRO B 800 24.01 -42.04 48.62
CA PRO B 800 24.19 -40.79 47.87
C PRO B 800 24.48 -39.64 48.81
N VAL B 801 25.55 -38.96 48.56
CA VAL B 801 26.01 -37.89 49.44
C VAL B 801 25.32 -36.60 49.05
N ILE B 802 24.88 -35.84 50.04
CA ILE B 802 24.46 -34.47 49.80
C ILE B 802 25.33 -33.58 50.67
N PRO B 803 25.68 -32.38 50.21
CA PRO B 803 26.77 -31.64 50.83
C PRO B 803 26.52 -31.34 52.29
N THR B 804 27.61 -31.04 52.98
CA THR B 804 27.84 -30.78 54.39
C THR B 804 27.63 -29.30 54.68
N PRO B 805 27.10 -28.95 55.83
CA PRO B 805 26.90 -27.54 56.16
C PRO B 805 28.16 -26.71 56.13
N ASP B 806 29.32 -27.35 56.09
CA ASP B 806 30.54 -26.57 55.85
C ASP B 806 30.58 -26.18 54.38
N ASN B 807 31.67 -25.56 53.95
CA ASN B 807 31.88 -25.29 52.54
C ASN B 807 30.80 -24.41 51.95
N PHE B 808 29.88 -23.94 52.77
CA PHE B 808 28.87 -23.01 52.29
C PHE B 808 28.59 -21.85 53.21
N ILE B 809 28.88 -21.97 54.51
CA ILE B 809 28.85 -20.80 55.38
C ILE B 809 29.74 -19.71 54.80
N THR B 810 30.98 -20.08 54.47
CA THR B 810 31.93 -19.06 54.04
C THR B 810 31.53 -18.43 52.72
N PRO B 811 31.15 -19.17 51.67
CA PRO B 811 30.72 -18.49 50.46
C PRO B 811 29.45 -17.68 50.65
N THR B 812 28.49 -18.17 51.43
CA THR B 812 27.25 -17.43 51.62
C THR B 812 27.51 -16.09 52.29
N ILE B 813 28.24 -16.11 53.39
CA ILE B 813 28.57 -14.86 54.05
C ILE B 813 29.40 -13.98 53.16
N HIS B 814 30.30 -14.57 52.37
CA HIS B 814 31.09 -13.80 51.41
C HIS B 814 30.17 -13.03 50.48
N LEU B 815 29.13 -13.69 50.00
CA LEU B 815 28.21 -13.05 49.07
C LEU B 815 27.44 -11.92 49.75
N LYS B 816 26.91 -12.18 50.94
CA LYS B 816 26.14 -11.13 51.60
C LYS B 816 27.01 -9.92 51.88
N THR B 817 28.25 -10.15 52.33
CA THR B 817 29.09 -8.99 52.61
C THR B 817 29.43 -8.25 51.34
N SER B 818 29.53 -8.95 50.21
CA SER B 818 29.78 -8.25 48.97
C SER B 818 28.66 -7.27 48.66
N ILE B 819 27.41 -7.74 48.73
CA ILE B 819 26.35 -6.80 48.37
C ILE B 819 26.19 -5.70 49.41
N ASP B 820 26.41 -6.00 50.69
CA ASP B 820 26.36 -4.94 51.68
C ASP B 820 27.41 -3.88 51.39
N ALA B 821 28.60 -4.29 50.98
CA ALA B 821 29.64 -3.30 50.70
C ALA B 821 29.27 -2.42 49.53
N ILE B 822 28.77 -3.00 48.44
CA ILE B 822 28.47 -2.15 47.29
C ILE B 822 27.32 -1.20 47.62
N CYS B 823 26.32 -1.67 48.37
CA CYS B 823 25.26 -0.77 48.76
C CYS B 823 25.78 0.34 49.66
N SER B 824 26.73 0.01 50.53
CA SER B 824 27.33 1.06 51.37
C SER B 824 28.02 2.12 50.52
N VAL B 825 28.74 1.70 49.50
CA VAL B 825 29.39 2.66 48.61
C VAL B 825 28.35 3.56 47.98
N GLU B 826 27.30 2.96 47.40
CA GLU B 826 26.29 3.77 46.76
C GLU B 826 25.64 4.74 47.74
N GLY B 827 25.47 4.32 48.99
CA GLY B 827 24.84 5.20 49.97
C GLY B 827 25.72 6.38 50.33
N ILE B 828 27.00 6.12 50.60
CA ILE B 828 27.92 7.22 50.85
C ILE B 828 27.91 8.19 49.68
N LEU B 829 27.78 7.67 48.46
CA LEU B 829 27.76 8.55 47.31
C LEU B 829 26.51 9.41 47.29
N LEU B 830 25.36 8.79 47.52
CA LEU B 830 24.11 9.53 47.61
C LEU B 830 24.21 10.63 48.64
N LEU B 831 24.98 10.39 49.70
CA LEU B 831 25.02 11.33 50.82
C LEU B 831 25.43 12.72 50.37
N ILE B 832 26.42 12.83 49.49
CA ILE B 832 27.00 14.12 49.18
C ILE B 832 26.65 14.59 47.78
N LEU B 833 25.70 13.94 47.13
CA LEU B 833 25.19 14.42 45.86
C LEU B 833 23.66 14.39 45.91
N SER B 834 23.04 15.13 44.98
CA SER B 834 21.59 15.17 44.91
C SER B 834 21.01 15.65 46.23
N ARG B 835 21.20 16.94 46.54
CA ARG B 835 20.91 17.54 47.83
C ARG B 835 19.67 16.98 48.52
N GLN B 836 18.55 16.94 47.82
CA GLN B 836 17.26 16.69 48.47
C GLN B 836 17.03 15.22 48.79
N THR B 837 17.99 14.55 49.40
CA THR B 837 17.75 13.17 49.82
C THR B 837 18.13 12.96 51.27
N THR B 838 19.20 13.60 51.71
CA THR B 838 19.81 13.31 53.00
C THR B 838 19.50 14.43 53.97
N ILE B 839 18.85 14.07 55.07
CA ILE B 839 18.44 15.02 56.10
C ILE B 839 18.37 14.32 57.45
N PRO B 840 19.45 13.68 57.93
CA PRO B 840 19.35 12.88 59.15
C PRO B 840 18.91 13.69 60.37
N GLY B 841 19.72 14.64 60.81
CA GLY B 841 19.30 15.49 61.90
C GLY B 841 19.84 16.90 61.89
N TYR B 842 20.67 17.24 60.89
CA TYR B 842 21.36 18.52 60.89
C TYR B 842 20.93 19.42 59.76
N GLU B 843 21.09 18.96 58.52
CA GLU B 843 20.60 19.65 57.33
C GLU B 843 21.31 20.99 57.14
N ASP B 844 22.23 21.34 58.03
CA ASP B 844 22.93 22.61 57.93
C ASP B 844 24.39 22.43 57.57
N GLU B 845 25.15 21.65 58.34
CA GLU B 845 26.52 21.42 57.92
C GLU B 845 26.60 20.50 56.73
N LEU B 846 25.60 19.66 56.50
CA LEU B 846 25.51 18.98 55.23
C LEU B 846 25.40 19.98 54.10
N ASN B 847 24.60 21.03 54.30
CA ASN B 847 24.53 22.10 53.33
C ASN B 847 25.88 22.79 53.17
N LYS B 848 26.59 22.97 54.28
CA LYS B 848 27.91 23.56 54.22
C LYS B 848 28.85 22.72 53.37
N LEU B 849 28.82 21.41 53.57
CA LEU B 849 29.60 20.47 52.79
C LEU B 849 29.26 20.59 51.31
N ARG B 850 27.98 20.44 50.95
CA ARG B 850 27.59 20.35 49.55
C ARG B 850 28.05 21.55 48.74
N THR B 851 28.27 22.70 49.38
CA THR B 851 28.81 23.84 48.66
C THR B 851 30.16 23.47 48.07
N GLY B 852 30.21 23.36 46.75
CA GLY B 852 31.40 22.88 46.09
C GLY B 852 31.07 22.05 44.87
N ILE B 853 29.84 21.54 44.79
CA ILE B 853 29.39 20.85 43.59
C ILE B 853 28.90 21.83 42.53
N SER B 854 28.78 23.11 42.86
CA SER B 854 28.63 24.19 41.89
C SER B 854 27.26 24.23 41.22
N GLN B 855 26.41 23.24 41.50
CA GLN B 855 25.10 23.25 40.84
C GLN B 855 24.16 22.27 41.52
N PRO B 856 22.88 22.61 41.66
CA PRO B 856 21.92 21.63 42.21
C PRO B 856 21.50 20.59 41.18
N LYS B 857 22.47 20.10 40.40
CA LYS B 857 22.35 18.97 39.52
C LYS B 857 23.74 18.65 39.00
N VAL B 858 24.10 17.37 38.98
CA VAL B 858 25.44 16.95 38.65
C VAL B 858 25.42 16.17 37.34
N THR B 859 26.41 16.41 36.48
CA THR B 859 26.50 15.69 35.24
C THR B 859 26.91 14.24 35.49
N GLU B 860 26.64 13.39 34.51
CA GLU B 860 26.86 11.96 34.69
C GLU B 860 28.35 11.66 34.90
N ARG B 861 29.19 12.02 33.92
CA ARG B 861 30.58 11.62 33.96
C ARG B 861 31.24 12.00 35.28
N GLN B 862 30.86 13.14 35.84
CA GLN B 862 31.31 13.49 37.17
C GLN B 862 30.88 12.43 38.17
N TYR B 863 29.63 12.00 38.10
CA TYR B 863 29.11 10.98 39.01
C TYR B 863 29.90 9.69 38.87
N ARG B 864 30.10 9.24 37.64
CA ARG B 864 30.80 8.00 37.39
C ARG B 864 32.22 8.05 37.92
N ARG B 865 32.94 9.13 37.63
CA ARG B 865 34.31 9.23 38.08
C ARG B 865 34.36 9.30 39.60
N ALA B 866 33.39 9.97 40.22
CA ALA B 866 33.33 10.01 41.67
C ALA B 866 33.21 8.61 42.24
N ARG B 867 32.26 7.83 41.72
CA ARG B 867 32.06 6.50 42.29
C ARG B 867 33.28 5.64 42.07
N GLU B 868 33.98 5.79 40.95
CA GLU B 868 35.15 4.93 40.77
C GLU B 868 36.24 5.33 41.75
N SER B 869 36.44 6.63 41.96
CA SER B 869 37.49 7.06 42.87
C SER B 869 37.21 6.58 44.29
N ILE B 870 35.94 6.62 44.71
CA ILE B 870 35.63 6.14 46.06
C ILE B 870 35.76 4.63 46.15
N LYS B 871 35.15 3.92 45.20
CA LYS B 871 35.19 2.46 45.25
C LYS B 871 36.62 1.94 45.27
N ASN B 872 37.56 2.69 44.69
CA ASN B 872 38.94 2.27 44.85
C ASN B 872 39.54 2.74 46.16
N MET B 873 38.71 3.06 47.14
CA MET B 873 39.23 3.48 48.43
C MET B 873 38.49 2.84 49.61
N LEU B 874 37.47 2.04 49.36
CA LEU B 874 36.78 1.31 50.42
C LEU B 874 37.25 -0.12 50.54
N GLY B 875 37.34 -0.85 49.44
CA GLY B 875 37.76 -2.23 49.47
C GLY B 875 38.63 -2.55 48.28
N SER B 876 38.28 -3.63 47.58
CA SER B 876 39.00 -3.97 46.37
C SER B 876 38.03 -4.63 45.41
N GLY B 877 38.44 -4.70 44.16
CA GLY B 877 37.67 -5.36 43.14
C GLY B 877 36.97 -4.39 42.23
N ASP B 878 36.00 -4.94 41.49
CA ASP B 878 35.24 -4.18 40.51
C ASP B 878 33.80 -4.67 40.50
N TYR B 879 32.93 -3.79 39.99
CA TYR B 879 31.51 -4.04 39.83
C TYR B 879 30.95 -3.03 38.85
N ASN B 880 29.72 -3.29 38.38
CA ASN B 880 29.14 -2.51 37.30
C ASN B 880 27.91 -1.78 37.80
N VAL B 881 27.25 -1.08 36.89
CA VAL B 881 26.23 -0.10 37.23
C VAL B 881 24.90 -0.45 36.59
N ALA B 882 24.63 -1.72 36.45
CA ALA B 882 23.40 -2.26 35.88
C ALA B 882 23.22 -1.95 34.40
N PRO B 883 24.08 -2.47 33.54
CA PRO B 883 23.77 -2.44 32.12
C PRO B 883 22.63 -3.39 31.82
N LEU B 884 22.13 -3.31 30.60
CA LEU B 884 21.11 -4.24 30.16
C LEU B 884 21.63 -4.96 28.93
N HIS B 885 21.48 -6.28 28.93
CA HIS B 885 22.04 -7.13 27.90
C HIS B 885 21.13 -7.17 26.68
N PHE B 886 21.63 -7.81 25.63
CA PHE B 886 20.79 -8.35 24.60
C PHE B 886 21.51 -9.56 24.04
N LEU B 887 20.94 -10.15 22.99
CA LEU B 887 21.54 -11.35 22.43
C LEU B 887 22.98 -11.10 22.00
N LEU B 888 23.27 -9.91 21.49
CA LEU B 888 24.60 -9.61 21.00
C LEU B 888 25.25 -8.44 21.73
N HIS B 889 24.58 -7.32 21.82
CA HIS B 889 25.15 -6.09 22.35
C HIS B 889 24.60 -5.79 23.73
N THR B 890 25.37 -5.03 24.50
CA THR B 890 24.94 -4.52 25.79
C THR B 890 24.84 -3.01 25.72
N GLU B 891 24.01 -2.44 26.58
CA GLU B 891 23.95 -0.99 26.70
C GLU B 891 24.04 -0.59 28.17
N HIS B 892 24.66 0.56 28.40
CA HIS B 892 24.94 1.06 29.74
C HIS B 892 23.94 2.16 30.04
N ARG B 893 22.82 1.76 30.65
CA ARG B 893 21.79 2.73 31.02
C ARG B 893 22.35 3.76 31.98
N SER B 894 21.69 4.91 32.10
CA SER B 894 22.21 5.96 32.94
C SER B 894 22.03 5.62 34.41
N THR B 895 22.90 6.20 35.25
CA THR B 895 22.91 5.94 36.68
C THR B 895 22.97 7.26 37.41
N LYS B 896 21.84 7.70 37.96
CA LYS B 896 21.84 8.95 38.72
C LYS B 896 21.45 8.72 40.17
N LEU B 897 20.29 8.08 40.38
CA LEU B 897 19.85 7.69 41.71
C LEU B 897 19.74 8.86 42.67
N SER B 898 18.83 9.78 42.42
CA SER B 898 18.48 10.81 43.38
C SER B 898 17.20 10.40 44.08
N LYS B 899 17.27 10.13 45.38
CA LYS B 899 16.11 9.74 46.16
C LYS B 899 15.49 8.48 45.57
N PRO B 900 16.13 7.32 45.73
CA PRO B 900 15.53 6.10 45.22
C PRO B 900 14.33 5.69 46.06
N LEU B 901 13.36 5.07 45.40
CA LEU B 901 12.17 4.59 46.08
C LEU B 901 11.80 3.24 45.53
N ILE B 902 11.21 2.40 46.37
CA ILE B 902 10.74 1.09 45.97
C ILE B 902 9.22 1.13 45.92
N ARG B 903 8.65 0.74 44.79
CA ARG B 903 7.22 0.73 44.65
C ARG B 903 6.84 -0.45 43.77
N ARG B 904 5.59 -0.88 43.88
CA ARG B 904 5.12 -1.96 43.03
C ARG B 904 4.42 -1.39 41.81
N VAL B 905 4.55 -2.10 40.70
CA VAL B 905 4.15 -1.61 39.39
C VAL B 905 3.11 -2.57 38.82
N LEU B 906 1.84 -2.26 39.00
CA LEU B 906 0.76 -3.01 38.37
C LEU B 906 0.48 -2.43 37.01
N ASP B 907 0.52 -3.28 35.98
CA ASP B 907 0.19 -2.88 34.62
C ASP B 907 1.07 -1.70 34.19
N ASN B 908 2.38 -1.91 34.29
CA ASN B 908 3.43 -0.97 33.90
C ASN B 908 3.04 0.48 34.17
N VAL B 909 2.48 0.73 35.35
CA VAL B 909 2.16 2.06 35.84
C VAL B 909 2.50 2.06 37.31
N VAL B 910 3.54 2.79 37.69
CA VAL B 910 3.98 2.83 39.08
C VAL B 910 2.83 3.23 39.99
N GLN B 911 2.46 2.34 40.89
CA GLN B 911 1.44 2.65 41.86
C GLN B 911 2.01 3.56 42.94
N PRO B 912 1.17 4.36 43.58
CA PRO B 912 1.59 5.02 44.81
C PRO B 912 1.69 3.99 45.92
N TYR B 913 2.38 4.36 46.98
CA TYR B 913 2.50 3.46 48.12
C TYR B 913 1.14 3.28 48.78
N VAL B 914 0.89 2.07 49.25
CA VAL B 914 -0.33 1.75 49.96
C VAL B 914 0.00 0.80 51.11
N ALA B 915 -0.39 1.18 52.32
CA ALA B 915 -0.12 0.32 53.47
C ALA B 915 -0.88 -0.99 53.34
N ASN B 916 -0.42 -1.99 54.09
CA ASN B 916 -1.07 -3.28 54.25
C ASN B 916 -1.08 -4.11 52.96
N LEU B 917 -0.50 -3.61 51.88
CA LEU B 917 -0.28 -4.43 50.69
C LEU B 917 1.20 -4.57 50.39
N ASP B 918 1.90 -3.46 50.27
CA ASP B 918 3.36 -3.47 50.29
C ASP B 918 3.78 -3.97 51.66
N PRO B 919 5.01 -4.42 51.86
CA PRO B 919 5.37 -4.94 53.18
C PRO B 919 5.35 -3.90 54.27
N ALA B 920 4.93 -2.68 53.95
CA ALA B 920 4.79 -1.59 54.92
C ALA B 920 6.14 -1.21 55.50
N GLU B 921 7.19 -1.87 55.03
CA GLU B 921 8.53 -1.55 55.51
C GLU B 921 9.15 -0.41 54.74
N PHE B 922 8.93 -0.36 53.42
CA PHE B 922 9.63 0.61 52.61
C PHE B 922 9.27 2.03 53.02
N GLU B 923 8.04 2.46 52.71
CA GLU B 923 7.42 3.62 53.32
C GLU B 923 8.21 4.91 53.05
N ASN B 924 9.41 4.76 52.51
CA ASN B 924 10.38 5.84 52.37
C ASN B 924 11.64 5.27 51.75
N THR B 925 12.60 6.12 51.46
CA THR B 925 13.85 5.64 50.88
C THR B 925 14.50 4.64 51.83
N PRO B 926 15.08 3.56 51.32
CA PRO B 926 15.74 2.59 52.20
C PRO B 926 17.00 3.17 52.79
N GLN B 927 17.20 2.96 54.09
CA GLN B 927 18.41 3.44 54.75
C GLN B 927 19.55 2.49 54.37
N LEU B 928 20.33 2.90 53.37
CA LEU B 928 21.34 2.04 52.80
C LEU B 928 22.56 1.86 53.69
N ILE B 929 22.77 2.72 54.65
CA ILE B 929 23.96 2.69 55.48
C ILE B 929 23.62 2.10 56.83
N GLU B 930 24.49 1.23 57.33
CA GLU B 930 24.32 0.69 58.67
C GLU B 930 24.37 1.82 59.70
N ASN B 931 23.69 1.59 60.82
CA ASN B 931 23.58 2.57 61.89
C ASN B 931 24.94 3.06 62.38
N SER B 932 25.83 2.14 62.75
CA SER B 932 27.12 2.53 63.30
C SER B 932 27.83 3.54 62.41
N ASN B 933 28.01 3.19 61.14
CA ASN B 933 28.66 4.10 60.23
C ASN B 933 27.94 5.42 60.14
N MET B 934 26.61 5.42 60.27
CA MET B 934 25.89 6.68 60.32
C MET B 934 26.38 7.52 61.48
N THR B 935 26.60 6.89 62.64
CA THR B 935 27.12 7.65 63.77
C THR B 935 28.51 8.18 63.46
N ARG B 936 29.37 7.35 62.87
CA ARG B 936 30.73 7.81 62.59
C ARG B 936 30.74 8.97 61.63
N LEU B 937 29.88 8.94 60.62
CA LEU B 937 29.79 10.09 59.71
C LEU B 937 29.26 11.30 60.44
N GLN B 938 28.30 11.11 61.35
CA GLN B 938 27.84 12.23 62.16
C GLN B 938 29.00 12.84 62.93
N ILE B 939 29.91 12.00 63.42
CA ILE B 939 31.02 12.53 64.20
C ILE B 939 31.96 13.30 63.30
N ALA B 940 32.31 12.72 62.15
CA ALA B 940 33.14 13.43 61.19
C ALA B 940 32.58 14.81 60.90
N LEU B 941 31.28 14.87 60.63
CA LEU B 941 30.65 16.15 60.36
C LEU B 941 30.83 17.08 61.54
N LYS B 942 30.22 16.75 62.68
CA LYS B 942 30.20 17.67 63.80
C LYS B 942 31.59 17.99 64.30
N MET B 943 32.60 17.30 63.77
CA MET B 943 34.00 17.68 64.05
C MET B 943 34.47 18.74 63.06
N LEU B 944 34.49 18.41 61.77
CA LEU B 944 35.16 19.29 60.82
C LEU B 944 34.22 20.30 60.20
N THR B 945 33.04 20.50 60.77
CA THR B 945 32.25 21.69 60.45
C THR B 945 32.20 22.64 61.64
N GLY B 946 32.99 22.37 62.66
CA GLY B 946 32.97 23.19 63.85
C GLY B 946 33.86 24.40 63.72
N ASP B 947 34.78 24.58 64.66
CA ASP B 947 35.62 25.75 64.69
C ASP B 947 36.87 25.60 63.85
N MET B 948 37.07 24.45 63.22
CA MET B 948 38.25 24.22 62.40
C MET B 948 38.00 24.51 60.92
N ASP B 949 36.91 25.21 60.60
CA ASP B 949 36.63 25.64 59.24
C ASP B 949 37.49 26.85 58.91
N ASP B 950 38.54 26.63 58.13
CA ASP B 950 39.51 27.70 57.85
C ASP B 950 39.01 28.57 56.69
N ILE B 951 37.89 29.25 56.96
CA ILE B 951 37.29 30.10 55.95
C ILE B 951 36.62 31.27 56.66
N VAL B 952 36.80 32.45 56.11
CA VAL B 952 36.10 33.63 56.63
C VAL B 952 35.94 34.61 55.48
N LYS B 953 35.06 35.58 55.63
CA LYS B 953 34.69 36.47 54.55
C LYS B 953 35.11 37.91 54.85
N GLY B 954 35.41 38.63 53.78
CA GLY B 954 35.50 40.07 53.84
C GLY B 954 36.73 40.63 54.50
N LEU B 955 37.21 41.76 54.00
CA LEU B 955 38.31 42.48 54.63
C LEU B 955 38.46 43.84 53.98
N ILE B 956 39.24 44.70 54.63
CA ILE B 956 39.23 46.13 54.36
C ILE B 956 40.65 46.61 54.13
N LEU B 957 40.93 47.08 52.91
CA LEU B 957 42.20 47.72 52.63
C LEU B 957 42.21 49.13 53.19
N HIS B 958 43.27 49.45 53.91
CA HIS B 958 43.47 50.77 54.49
C HIS B 958 44.96 50.99 54.60
N LYS B 959 45.35 52.25 54.70
CA LYS B 959 46.75 52.63 54.79
C LYS B 959 46.92 53.48 56.04
N ARG B 960 47.42 52.88 57.11
CA ARG B 960 47.57 53.60 58.37
C ARG B 960 48.77 53.06 59.11
N ALA B 961 49.53 53.97 59.70
CA ALA B 961 50.73 53.59 60.47
C ALA B 961 50.34 53.36 61.93
N CYS B 962 49.59 52.30 62.15
CA CYS B 962 49.12 51.96 63.48
C CYS B 962 49.94 50.79 63.99
N ALA B 963 50.82 51.06 64.93
CA ALA B 963 51.58 49.99 65.58
C ALA B 963 50.65 49.20 66.46
N LYS B 964 51.19 48.19 67.14
CA LYS B 964 50.44 47.35 68.07
C LYS B 964 49.21 46.76 67.38
N PHE B 965 49.48 45.89 66.42
CA PHE B 965 48.42 45.22 65.68
C PHE B 965 47.66 44.26 66.58
N ASP B 966 46.55 44.71 67.14
CA ASP B 966 45.68 43.78 67.83
C ASP B 966 45.09 42.80 66.83
N VAL B 967 44.58 41.69 67.33
CA VAL B 967 43.89 40.69 66.52
C VAL B 967 42.42 40.61 66.90
N TYR B 968 42.12 40.56 68.19
CA TYR B 968 40.74 40.44 68.64
C TYR B 968 39.92 41.64 68.19
N GLU B 969 40.59 42.71 67.79
CA GLU B 969 39.94 43.94 67.37
C GLU B 969 39.70 43.90 65.86
N THR B 970 38.48 44.22 65.46
CA THR B 970 38.15 44.34 64.05
C THR B 970 38.01 45.82 63.70
N LEU B 971 38.57 46.21 62.56
CA LEU B 971 38.56 47.62 62.20
C LEU B 971 37.15 48.06 61.88
N THR B 972 36.68 49.08 62.59
CA THR B 972 35.36 49.66 62.37
C THR B 972 35.50 50.96 61.61
N ILE B 973 34.70 51.12 60.57
CA ILE B 973 34.76 52.32 59.74
C ILE B 973 34.21 53.50 60.52
N PRO B 974 34.99 54.57 60.68
CA PRO B 974 34.46 55.77 61.34
C PRO B 974 33.29 56.34 60.58
N THR B 975 32.44 57.06 61.32
CA THR B 975 31.12 57.41 60.78
C THR B 975 31.19 58.53 59.75
N ASP B 976 32.08 59.49 59.91
CA ASP B 976 32.13 60.66 59.04
C ASP B 976 32.92 60.37 57.76
N VAL B 977 32.45 59.36 57.04
CA VAL B 977 33.03 58.99 55.75
C VAL B 977 31.88 58.62 54.82
N LYS B 978 31.81 59.28 53.66
CA LYS B 978 30.78 58.93 52.69
C LYS B 978 31.05 57.55 52.14
N THR B 979 30.04 56.68 52.20
CA THR B 979 30.15 55.30 51.75
C THR B 979 29.64 55.22 50.33
N ILE B 980 30.56 55.12 49.37
CA ILE B 980 30.23 55.12 47.96
C ILE B 980 30.29 53.69 47.45
N VAL B 981 29.18 53.18 46.94
CA VAL B 981 29.21 51.94 46.21
C VAL B 981 29.94 52.18 44.89
N LEU B 982 30.73 51.21 44.47
CA LEU B 982 31.49 51.35 43.24
C LEU B 982 30.70 50.74 42.09
N THR B 983 30.26 51.59 41.16
CA THR B 983 29.60 51.14 39.95
C THR B 983 30.30 51.73 38.74
N MET B 984 30.05 51.15 37.58
CA MET B 984 30.72 51.59 36.37
C MET B 984 30.05 52.82 35.80
N GLN B 985 29.85 53.83 36.65
CA GLN B 985 29.28 55.09 36.21
C GLN B 985 30.12 56.22 36.77
N HIS B 986 30.79 55.96 37.88
CA HIS B 986 31.61 56.96 38.54
C HIS B 986 32.97 57.13 37.89
N ILE B 987 33.27 56.36 36.85
CA ILE B 987 34.59 56.39 36.22
C ILE B 987 34.47 57.09 34.88
N SER B 988 34.85 58.36 34.84
CA SER B 988 34.78 59.13 33.62
C SER B 988 36.13 59.78 33.39
N THR B 989 36.20 60.60 32.35
CA THR B 989 37.44 61.22 31.92
C THR B 989 37.31 62.73 31.96
N GLN B 990 38.47 63.38 32.01
CA GLN B 990 38.56 64.82 31.81
C GLN B 990 39.91 65.11 31.19
N THR B 991 40.12 66.36 30.84
CA THR B 991 41.35 66.77 30.19
C THR B 991 41.93 68.00 30.87
N GLN B 992 43.24 68.15 30.72
CA GLN B 992 43.95 69.34 31.18
C GLN B 992 45.29 69.36 30.48
N ASN B 993 45.63 70.50 29.87
CA ASN B 993 46.86 70.62 29.10
C ASN B 993 46.91 69.61 27.97
N ASN B 994 45.74 69.32 27.39
CA ASN B 994 45.61 68.45 26.23
C ASN B 994 46.12 67.04 26.51
N MET B 995 45.59 66.46 27.58
CA MET B 995 45.79 65.05 27.87
C MET B 995 44.52 64.54 28.54
N VAL B 996 44.23 63.26 28.31
CA VAL B 996 42.96 62.69 28.74
C VAL B 996 43.24 61.77 29.92
N TYR B 997 42.94 62.22 31.12
CA TYR B 997 43.14 61.43 32.32
C TYR B 997 41.83 60.85 32.81
N TYR B 998 41.94 59.92 33.76
CA TYR B 998 40.78 59.28 34.35
C TYR B 998 40.51 59.87 35.73
N VAL B 999 39.25 60.13 36.03
CA VAL B 999 38.86 60.76 37.27
C VAL B 999 37.60 60.09 37.79
N PHE B 1000 37.12 60.57 38.93
CA PHE B 1000 35.94 60.03 39.58
C PHE B 1000 34.76 60.98 39.43
N LEU B 1001 33.56 60.43 39.59
CA LEU B 1001 32.35 61.23 39.69
C LEU B 1001 31.65 60.80 40.97
N ILE B 1002 32.03 61.41 42.08
CA ILE B 1002 31.45 61.05 43.36
C ILE B 1002 30.26 61.93 43.71
N ASP B 1003 30.33 63.22 43.38
CA ASP B 1003 29.22 64.13 43.64
C ASP B 1003 29.06 65.07 42.45
N GLY B 1004 29.21 64.55 41.25
CA GLY B 1004 29.05 65.36 40.07
C GLY B 1004 30.32 66.08 39.67
N VAL B 1005 31.13 66.47 40.64
CA VAL B 1005 32.39 67.15 40.33
C VAL B 1005 33.44 66.10 39.99
N LYS B 1006 34.19 66.34 38.92
CA LYS B 1006 35.25 65.42 38.53
C LYS B 1006 36.40 65.55 39.51
N ILE B 1007 36.83 64.43 40.09
CA ILE B 1007 37.86 64.42 41.11
C ILE B 1007 39.01 63.55 40.64
N LEU B 1008 40.22 64.09 40.70
CA LEU B 1008 41.40 63.29 40.40
C LEU B 1008 41.61 62.27 41.50
N ALA B 1009 42.32 61.20 41.16
CA ALA B 1009 42.46 60.03 42.03
C ALA B 1009 43.38 60.27 43.21
N GLU B 1010 43.78 61.51 43.46
CA GLU B 1010 44.63 61.82 44.60
C GLU B 1010 44.04 62.87 45.51
N ASP B 1011 43.03 63.61 45.05
CA ASP B 1011 42.33 64.56 45.89
C ASP B 1011 41.20 63.92 46.68
N ILE B 1012 41.19 62.59 46.78
CA ILE B 1012 40.17 61.91 47.56
C ILE B 1012 40.41 62.20 49.03
N LYS B 1013 39.40 62.77 49.70
CA LYS B 1013 39.54 63.18 51.09
C LYS B 1013 38.96 62.14 52.05
N ASN B 1014 37.68 61.82 51.93
CA ASN B 1014 37.03 60.91 52.88
C ASN B 1014 35.98 60.12 52.13
N VAL B 1015 36.36 58.94 51.64
CA VAL B 1015 35.43 58.05 50.97
C VAL B 1015 35.70 56.62 51.40
N ASN B 1016 34.65 55.81 51.34
CA ASN B 1016 34.77 54.38 51.62
C ASN B 1016 34.13 53.64 50.45
N PHE B 1017 34.94 52.93 49.69
CA PHE B 1017 34.50 52.29 48.46
C PHE B 1017 33.98 50.90 48.78
N GLN B 1018 32.69 50.70 48.59
CA GLN B 1018 32.09 49.37 48.73
C GLN B 1018 32.16 48.70 47.37
N ILE B 1019 33.00 47.70 47.28
CA ILE B 1019 33.13 46.88 46.08
C ILE B 1019 32.68 45.47 46.42
N ASP B 1020 31.88 44.86 45.54
CA ASP B 1020 31.28 43.58 45.89
C ASP B 1020 31.75 42.42 45.02
N ILE B 1021 31.56 42.48 43.70
CA ILE B 1021 31.80 41.29 42.89
C ILE B 1021 33.27 40.95 42.75
N THR B 1022 34.16 41.92 42.96
CA THR B 1022 35.61 41.76 43.02
C THR B 1022 36.18 41.02 41.81
N GLY B 1023 35.37 40.84 40.77
CA GLY B 1023 35.83 40.08 39.62
C GLY B 1023 35.85 40.85 38.32
N ILE B 1024 34.93 41.79 38.14
CA ILE B 1024 34.77 42.49 36.88
C ILE B 1024 34.93 43.97 37.15
N TRP B 1025 36.10 44.50 36.82
CA TRP B 1025 36.41 45.89 36.82
C TRP B 1025 37.58 45.94 35.85
N PRO B 1026 37.47 46.69 34.77
CA PRO B 1026 38.25 46.33 33.58
C PRO B 1026 39.74 46.30 33.78
N GLU B 1027 40.40 47.44 33.87
CA GLU B 1027 41.71 47.48 34.48
C GLU B 1027 41.97 48.85 35.08
N TYR B 1028 41.21 49.86 34.63
CA TYR B 1028 41.48 51.23 35.04
C TYR B 1028 41.26 51.38 36.53
N VAL B 1029 40.04 51.09 36.95
CA VAL B 1029 39.61 51.36 38.32
C VAL B 1029 40.49 50.60 39.27
N ILE B 1030 41.18 49.56 38.77
CA ILE B 1030 42.18 48.90 39.61
C ILE B 1030 43.29 49.88 39.95
N THR B 1031 43.91 50.48 38.93
CA THR B 1031 44.99 51.42 39.18
C THR B 1031 44.50 52.64 39.95
N LEU B 1032 43.30 53.12 39.63
CA LEU B 1032 42.76 54.27 40.35
C LEU B 1032 42.58 53.94 41.82
N LEU B 1033 41.95 52.81 42.11
CA LEU B 1033 41.73 52.42 43.50
C LEU B 1033 43.06 52.29 44.23
N LEU B 1034 44.06 51.70 43.57
CA LEU B 1034 45.34 51.53 44.24
C LEU B 1034 46.03 52.86 44.50
N ARG B 1035 46.01 53.78 43.55
CA ARG B 1035 46.63 55.08 43.75
C ARG B 1035 45.94 55.82 44.89
N ALA B 1036 44.61 55.70 44.96
CA ALA B 1036 43.83 56.42 45.95
C ALA B 1036 43.96 55.79 47.34
N ILE B 1037 44.30 54.51 47.41
CA ILE B 1037 44.68 53.94 48.70
C ILE B 1037 46.08 54.41 49.08
N ASN B 1038 46.97 54.45 48.11
CA ASN B 1038 48.11 55.33 48.21
C ASN B 1038 47.64 56.74 47.92
N ASN B 1039 48.60 57.65 47.83
CA ASN B 1039 48.42 59.02 47.36
C ASN B 1039 47.12 59.65 47.84
N GLY B 1040 46.66 59.26 49.02
CA GLY B 1040 45.38 59.69 49.52
C GLY B 1040 45.47 60.02 51.00
N PHE B 1041 44.44 60.72 51.49
CA PHE B 1041 44.49 61.21 52.87
C PHE B 1041 43.83 60.23 53.84
N ASN B 1042 42.54 59.99 53.66
CA ASN B 1042 41.80 59.13 54.58
C ASN B 1042 40.78 58.35 53.75
N THR B 1043 41.19 57.19 53.28
CA THR B 1043 40.38 56.37 52.40
C THR B 1043 40.18 54.99 53.02
N TYR B 1044 39.28 54.23 52.42
CA TYR B 1044 39.00 52.87 52.87
C TYR B 1044 38.42 52.11 51.69
N VAL B 1045 38.99 50.96 51.35
CA VAL B 1045 38.39 50.09 50.35
C VAL B 1045 37.97 48.81 51.05
N SER B 1046 36.71 48.72 51.41
CA SER B 1046 36.21 47.48 51.99
C SER B 1046 35.84 46.53 50.86
N MET B 1047 35.81 45.25 51.17
CA MET B 1047 35.23 44.29 50.27
C MET B 1047 34.72 43.14 51.13
N PRO B 1048 33.43 43.12 51.42
CA PRO B 1048 32.89 42.05 52.25
C PRO B 1048 32.45 40.85 51.44
N ASN B 1049 33.26 40.44 50.47
CA ASN B 1049 33.00 39.14 49.83
C ASN B 1049 34.26 38.39 49.44
N ILE B 1050 35.39 38.72 50.01
CA ILE B 1050 36.61 37.99 49.70
C ILE B 1050 36.78 36.87 50.72
N LEU B 1051 37.09 35.69 50.23
CA LEU B 1051 37.29 34.52 51.06
C LEU B 1051 38.78 34.31 51.25
N TYR B 1052 39.22 34.14 52.49
CA TYR B 1052 40.64 33.96 52.70
C TYR B 1052 40.89 33.07 53.91
N LYS B 1053 41.92 32.25 53.80
CA LYS B 1053 42.37 31.42 54.91
C LYS B 1053 43.37 32.22 55.74
N PRO B 1054 43.07 32.51 57.00
CA PRO B 1054 44.01 33.25 57.83
C PRO B 1054 44.95 32.33 58.57
N THR B 1055 46.21 32.74 58.59
CA THR B 1055 47.23 32.11 59.39
C THR B 1055 47.79 33.14 60.36
N ILE B 1056 47.49 32.94 61.64
CA ILE B 1056 47.79 33.92 62.67
C ILE B 1056 48.99 33.44 63.46
N THR B 1057 50.01 34.29 63.58
CA THR B 1057 51.19 33.89 64.32
C THR B 1057 51.86 35.12 64.91
N ALA B 1058 52.64 34.88 65.97
CA ALA B 1058 53.44 35.93 66.59
C ALA B 1058 54.86 35.41 66.78
N ASP B 1059 55.66 35.53 65.73
CA ASP B 1059 57.10 35.23 65.77
C ASP B 1059 57.71 35.97 64.59
N VAL B 1060 58.34 37.10 64.88
CA VAL B 1060 58.70 38.04 63.82
C VAL B 1060 59.59 37.37 62.78
N ARG B 1061 60.35 36.37 63.18
CA ARG B 1061 61.32 35.79 62.25
C ARG B 1061 60.66 35.05 61.10
N GLN B 1062 59.39 34.72 61.20
CA GLN B 1062 58.71 34.01 60.11
C GLN B 1062 57.36 34.63 59.84
N PHE B 1063 57.29 35.95 59.89
CA PHE B 1063 56.10 36.67 59.45
C PHE B 1063 56.26 37.06 57.98
N MET B 1064 56.55 36.07 57.17
CA MET B 1064 56.69 36.27 55.74
C MET B 1064 55.37 36.02 55.05
N ASN B 1065 54.95 36.97 54.23
CA ASN B 1065 53.65 36.90 53.60
C ASN B 1065 53.72 37.77 52.35
N THR B 1066 53.75 37.16 51.18
CA THR B 1066 54.01 37.89 49.94
C THR B 1066 52.85 37.71 48.97
N THR B 1067 52.09 38.77 48.77
CA THR B 1067 50.99 38.79 47.83
C THR B 1067 50.62 40.24 47.51
N LYS B 1068 50.90 40.69 46.30
CA LYS B 1068 50.67 42.08 45.92
C LYS B 1068 49.17 42.33 45.82
N ALA B 1069 48.69 43.37 46.48
CA ALA B 1069 47.25 43.62 46.57
C ALA B 1069 46.57 43.66 45.21
N GLU B 1070 47.33 43.90 44.13
CA GLU B 1070 46.77 43.78 42.80
C GLU B 1070 46.04 42.45 42.63
N THR B 1071 46.78 41.34 42.76
CA THR B 1071 46.15 40.04 42.56
C THR B 1071 45.05 39.78 43.58
N LEU B 1072 45.15 40.37 44.76
CA LEU B 1072 44.05 40.26 45.70
C LEU B 1072 42.80 40.92 45.13
N LEU B 1073 42.96 41.96 44.33
CA LEU B 1073 41.80 42.69 43.85
C LEU B 1073 41.25 42.14 42.54
N ILE B 1074 42.12 41.68 41.65
CA ILE B 1074 41.69 41.17 40.34
C ILE B 1074 41.64 39.65 40.45
N SER B 1075 40.44 39.13 40.72
CA SER B 1075 40.24 37.70 40.90
C SER B 1075 38.89 37.32 40.30
N ASN B 1076 38.42 36.13 40.63
CA ASN B 1076 37.21 35.58 40.02
C ASN B 1076 36.17 35.26 41.07
N LYS B 1077 36.16 36.02 42.16
CA LYS B 1077 35.06 36.07 43.11
C LYS B 1077 34.98 34.82 43.96
N SER B 1078 35.71 33.77 43.59
CA SER B 1078 35.87 32.63 44.49
C SER B 1078 37.23 32.02 44.15
N ILE B 1079 38.26 32.52 44.81
CA ILE B 1079 39.62 32.10 44.54
C ILE B 1079 40.34 31.90 45.87
N VAL B 1080 39.58 31.57 46.90
CA VAL B 1080 39.98 31.75 48.29
C VAL B 1080 41.45 31.44 48.52
N HIS B 1081 42.18 32.39 49.11
CA HIS B 1081 43.62 32.32 49.17
C HIS B 1081 44.08 32.73 50.57
N GLU B 1082 45.38 32.65 50.78
CA GLU B 1082 45.95 32.69 52.11
C GLU B 1082 46.39 34.10 52.47
N ILE B 1083 46.26 34.43 53.76
CA ILE B 1083 46.79 35.67 54.30
C ILE B 1083 47.39 35.37 55.67
N MET B 1084 48.50 36.02 55.98
CA MET B 1084 49.11 35.90 57.30
C MET B 1084 48.66 37.05 58.19
N PHE B 1085 48.92 36.91 59.48
CA PHE B 1085 48.49 37.92 60.44
C PHE B 1085 49.44 37.92 61.62
N PHE B 1086 50.16 39.02 61.79
CA PHE B 1086 51.05 39.18 62.93
C PHE B 1086 50.24 39.51 64.17
N ASP B 1087 50.93 39.56 65.30
CA ASP B 1087 50.34 39.98 66.56
C ASP B 1087 51.45 40.39 67.51
N ASN B 1088 51.31 41.56 68.13
CA ASN B 1088 52.32 42.01 69.06
C ASN B 1088 51.71 42.78 70.22
N ALA B 1089 50.48 42.44 70.61
CA ALA B 1089 49.82 43.20 71.67
C ALA B 1089 50.62 43.20 72.96
N LEU B 1090 51.37 42.14 73.24
CA LEU B 1090 52.22 42.09 74.41
C LEU B 1090 53.66 42.46 74.05
N GLN B 1091 53.83 43.66 73.51
CA GLN B 1091 55.12 44.04 72.97
C GLN B 1091 56.08 44.48 74.07
N PRO B 1092 57.12 43.70 74.37
CA PRO B 1092 58.05 44.09 75.42
C PRO B 1092 58.79 45.36 75.05
N LYS B 1093 59.10 46.16 76.07
CA LYS B 1093 59.83 47.40 75.88
C LYS B 1093 61.12 47.16 75.09
N MET B 1094 61.51 48.13 74.29
CA MET B 1094 62.73 47.97 73.51
C MET B 1094 63.93 48.22 74.41
N SER B 1095 65.11 47.93 73.87
CA SER B 1095 66.33 47.99 74.65
C SER B 1095 66.57 49.39 75.22
N SER B 1096 67.51 49.51 76.14
CA SER B 1096 67.74 50.79 76.79
C SER B 1096 68.74 51.61 75.98
N ASP B 1097 68.81 51.35 74.68
CA ASP B 1097 69.74 52.07 73.82
C ASP B 1097 69.03 52.82 72.69
N THR B 1098 68.14 52.14 71.98
CA THR B 1098 67.41 52.75 70.88
C THR B 1098 67.18 54.23 71.14
N LEU B 1099 67.66 55.07 70.23
CA LEU B 1099 67.50 56.51 70.36
C LEU B 1099 66.03 56.92 70.31
N ALA B 1100 65.44 56.82 69.12
CA ALA B 1100 64.04 57.18 68.93
C ALA B 1100 63.47 56.52 67.67
N LEU B 1101 62.46 55.68 67.86
CA LEU B 1101 61.82 54.99 66.75
C LEU B 1101 61.22 55.98 65.76
N SER B 1102 62.00 56.39 64.78
CA SER B 1102 61.55 57.34 63.77
C SER B 1102 61.33 56.64 62.43
N GLU B 1103 60.72 55.46 62.47
CA GLU B 1103 60.44 54.70 61.25
C GLU B 1103 58.97 54.35 61.14
N ALA B 1104 58.42 54.50 59.94
CA ALA B 1104 57.01 54.19 59.70
C ALA B 1104 56.83 52.72 59.30
N VAL B 1105 55.80 52.09 59.87
CA VAL B 1105 55.51 50.70 59.58
C VAL B 1105 54.06 50.51 59.14
N TYR B 1106 53.56 51.47 58.36
CA TYR B 1106 52.18 51.42 57.87
C TYR B 1106 51.76 50.00 57.54
N ARG B 1107 50.65 49.57 58.09
CA ARG B 1107 50.13 48.28 57.74
C ARG B 1107 49.05 48.45 56.68
N THR B 1108 48.35 47.37 56.38
CA THR B 1108 47.45 47.25 55.26
C THR B 1108 46.34 46.33 55.70
N ILE B 1109 45.82 45.55 54.77
CA ILE B 1109 44.53 44.88 54.86
C ILE B 1109 44.18 44.42 56.26
N TRP B 1110 42.98 44.76 56.69
CA TRP B 1110 42.50 44.53 58.03
C TRP B 1110 41.42 43.46 57.99
N ASN B 1111 41.37 42.62 59.01
CA ASN B 1111 40.26 41.69 59.14
C ASN B 1111 38.97 42.46 59.35
N SER B 1112 37.86 41.90 58.87
CA SER B 1112 36.57 42.56 59.01
C SER B 1112 35.58 41.76 59.84
N SER B 1113 36.01 40.69 60.49
CA SER B 1113 35.12 39.89 61.32
C SER B 1113 35.95 39.16 62.36
N ILE B 1114 35.26 38.44 63.23
CA ILE B 1114 35.94 37.69 64.28
C ILE B 1114 36.82 36.63 63.63
N ILE B 1115 38.10 36.65 63.96
CA ILE B 1115 39.09 35.79 63.31
C ILE B 1115 39.80 34.89 64.29
N THR B 1116 39.41 34.92 65.55
CA THR B 1116 40.10 34.17 66.59
C THR B 1116 39.13 33.20 67.26
N GLN B 1117 38.93 32.05 66.63
CA GLN B 1117 38.19 30.97 67.27
C GLN B 1117 39.06 29.80 67.63
N ARG B 1118 40.25 29.70 67.02
CA ARG B 1118 41.17 28.61 67.28
C ARG B 1118 42.34 29.04 68.15
N ILE B 1119 42.22 30.17 68.83
CA ILE B 1119 43.25 30.66 69.73
C ILE B 1119 42.92 30.20 71.13
N SER B 1120 43.85 29.50 71.76
CA SER B 1120 43.63 29.03 73.11
C SER B 1120 44.21 29.93 74.18
N ALA B 1121 45.41 30.46 73.98
CA ALA B 1121 45.91 31.42 74.97
C ALA B 1121 46.95 32.34 74.35
N ARG B 1122 46.84 33.63 74.65
CA ARG B 1122 47.75 34.64 74.15
C ARG B 1122 48.67 35.10 75.27
N GLY B 1123 49.78 35.71 74.88
CA GLY B 1123 50.78 36.18 75.81
C GLY B 1123 51.46 35.05 76.55
N LEU B 1124 51.10 34.96 77.85
CA LEU B 1124 51.70 34.18 78.93
C LEU B 1124 52.91 34.86 79.57
N MET B 1125 53.03 36.17 79.44
CA MET B 1125 54.01 36.94 80.21
C MET B 1125 53.34 37.58 81.42
N ASN B 1126 54.12 38.35 82.17
CA ASN B 1126 53.58 39.18 83.24
C ASN B 1126 54.36 40.48 83.27
N LEU B 1127 53.66 41.61 83.32
CA LEU B 1127 54.34 42.87 83.06
C LEU B 1127 54.99 43.46 84.31
N GLU B 1128 54.29 43.54 85.44
CA GLU B 1128 54.94 43.84 86.71
C GLU B 1128 54.44 42.85 87.75
N ASP B 1129 54.52 41.56 87.42
CA ASP B 1129 53.98 40.49 88.27
C ASP B 1129 52.49 40.66 88.46
N ALA B 1130 51.79 40.94 87.36
CA ALA B 1130 50.36 41.06 87.39
C ALA B 1130 49.85 40.72 86.02
N ARG B 1131 48.61 40.28 85.97
CA ARG B 1131 47.97 39.98 84.72
C ARG B 1131 48.11 41.16 83.77
N PRO B 1132 48.76 41.00 82.62
CA PRO B 1132 48.77 42.06 81.63
C PRO B 1132 47.34 42.40 81.27
N PRO B 1133 47.06 43.67 80.95
CA PRO B 1133 45.67 44.07 80.76
C PRO B 1133 45.00 43.37 79.60
N GLU B 1134 45.74 42.75 78.68
CA GLU B 1134 45.12 42.20 77.48
C GLU B 1134 45.66 40.80 77.17
N ALA B 1135 45.66 39.92 78.17
CA ALA B 1135 45.95 38.52 77.91
C ALA B 1135 44.68 37.69 77.95
N LYS B 1136 44.75 36.49 77.39
CA LYS B 1136 43.57 35.63 77.23
C LYS B 1136 43.87 34.22 77.74
N ILE B 1137 43.25 33.85 78.85
CA ILE B 1137 43.24 32.47 79.32
C ILE B 1137 42.19 31.73 78.51
N SER B 1138 42.16 30.41 78.63
CA SER B 1138 41.20 29.61 77.88
C SER B 1138 39.79 29.82 78.40
N HIS B 1139 38.82 29.37 77.62
CA HIS B 1139 37.43 29.43 78.02
C HIS B 1139 37.10 28.19 78.84
N GLN B 1140 36.22 28.35 79.83
CA GLN B 1140 35.90 27.21 80.67
C GLN B 1140 35.24 26.09 79.89
N SER B 1141 34.85 26.34 78.64
CA SER B 1141 34.28 25.28 77.82
C SER B 1141 35.32 24.20 77.54
N GLU B 1142 36.47 24.57 77.02
CA GLU B 1142 37.48 23.57 76.65
C GLU B 1142 38.43 23.29 77.80
N LEU B 1143 37.86 23.09 78.99
CA LEU B 1143 38.53 22.36 80.05
C LEU B 1143 37.59 21.44 80.81
N ASP B 1144 36.28 21.60 80.66
CA ASP B 1144 35.34 20.75 81.35
C ASP B 1144 35.50 19.31 80.90
N MET B 1145 35.22 18.38 81.82
CA MET B 1145 35.18 16.97 81.49
C MET B 1145 34.02 16.33 82.23
N GLY B 1146 32.84 16.33 81.60
CA GLY B 1146 31.70 15.67 82.21
C GLY B 1146 31.89 14.17 82.27
N LYS B 1147 30.92 13.52 82.89
CA LYS B 1147 30.87 12.06 82.91
C LYS B 1147 30.58 11.51 81.52
N ILE B 1148 30.68 10.19 81.40
CA ILE B 1148 30.35 9.50 80.16
C ILE B 1148 28.85 9.25 80.19
N ASP B 1149 28.26 8.97 79.03
CA ASP B 1149 26.96 8.33 78.95
C ASP B 1149 27.20 6.86 78.66
N GLU B 1150 26.93 6.02 79.66
CA GLU B 1150 27.30 4.61 79.63
C GLU B 1150 26.70 3.85 78.45
N THR B 1151 25.80 4.46 77.69
CA THR B 1151 25.20 3.77 76.56
C THR B 1151 26.17 3.67 75.39
N SER B 1152 26.54 4.80 74.81
CA SER B 1152 27.40 4.81 73.65
C SER B 1152 28.44 5.92 73.75
N GLY B 1153 29.04 6.07 74.92
CA GLY B 1153 30.01 7.13 75.10
C GLY B 1153 29.36 8.50 75.04
N GLU B 1154 29.64 9.24 73.98
CA GLU B 1154 29.10 10.58 73.78
C GLU B 1154 29.35 11.46 75.00
N PRO B 1155 30.59 11.87 75.23
CA PRO B 1155 30.91 12.60 76.47
C PRO B 1155 30.08 13.84 76.64
N ILE B 1156 29.36 13.92 77.75
CA ILE B 1156 28.61 15.10 78.15
C ILE B 1156 29.55 16.04 78.90
N TYR B 1157 29.07 17.25 79.18
CA TYR B 1157 29.79 18.25 79.95
C TYR B 1157 29.83 17.85 81.42
N THR B 1158 30.03 18.82 82.31
CA THR B 1158 29.75 18.58 83.71
C THR B 1158 28.25 18.50 83.96
N SER B 1159 27.51 19.53 83.55
CA SER B 1159 26.06 19.48 83.56
C SER B 1159 25.48 20.13 82.30
N GLY B 1160 26.32 20.56 81.37
CA GLY B 1160 25.85 21.13 80.14
C GLY B 1160 25.13 20.11 79.27
N LEU B 1161 24.66 20.57 78.12
CA LEU B 1161 23.86 19.72 77.26
C LEU B 1161 24.64 18.52 76.77
N GLN B 1162 25.65 18.75 75.94
CA GLN B 1162 26.34 17.68 75.26
C GLN B 1162 27.55 18.24 74.53
N LYS B 1163 28.66 17.53 74.50
CA LYS B 1163 29.87 18.09 73.92
C LYS B 1163 29.86 17.94 72.40
N MET B 1164 28.69 17.75 71.82
CA MET B 1164 28.56 17.72 70.37
C MET B 1164 27.39 18.56 69.93
N GLN B 1165 27.12 19.65 70.64
CA GLN B 1165 26.07 20.56 70.24
C GLN B 1165 26.60 21.98 70.20
N SER B 1166 27.50 22.31 71.12
CA SER B 1166 28.01 23.68 71.18
C SER B 1166 28.90 24.01 69.99
N SER B 1167 29.31 23.02 69.22
CA SER B 1167 30.23 23.23 68.10
C SER B 1167 31.47 23.98 68.58
N LYS B 1168 31.89 23.69 69.80
CA LYS B 1168 33.09 24.29 70.38
C LYS B 1168 33.96 23.17 70.91
N VAL B 1169 35.21 23.14 70.45
CA VAL B 1169 36.08 22.02 70.76
C VAL B 1169 36.45 22.01 72.24
N SER B 1170 36.70 20.82 72.76
CA SER B 1170 37.15 20.64 74.15
C SER B 1170 38.34 19.71 74.13
N MET B 1171 39.18 19.78 75.17
CA MET B 1171 40.41 19.01 75.17
C MET B 1171 40.41 17.83 76.13
N ALA B 1172 39.82 17.94 77.31
CA ALA B 1172 40.17 17.02 78.38
C ALA B 1172 39.07 16.03 78.71
N ASN B 1173 38.28 15.62 77.74
CA ASN B 1173 37.20 14.69 78.05
C ASN B 1173 37.75 13.30 78.34
N VAL B 1174 36.84 12.35 78.54
CA VAL B 1174 37.20 11.07 79.14
C VAL B 1174 37.19 9.96 78.10
N VAL B 1175 38.13 9.03 78.24
CA VAL B 1175 38.41 8.02 77.22
C VAL B 1175 38.29 6.64 77.83
N LEU B 1176 37.65 5.73 77.09
CA LEU B 1176 37.62 4.34 77.51
C LEU B 1176 38.91 3.63 77.07
N SER B 1177 39.28 2.60 77.81
CA SER B 1177 40.46 1.80 77.48
C SER B 1177 40.14 0.35 77.76
N ALA B 1178 40.88 -0.55 77.11
CA ALA B 1178 40.51 -1.95 77.12
C ALA B 1178 41.42 -2.82 77.95
N GLY B 1179 42.70 -2.85 77.62
CA GLY B 1179 43.60 -3.80 78.23
C GLY B 1179 44.38 -4.53 77.18
N SER B 1180 45.07 -5.58 77.58
CA SER B 1180 46.01 -6.23 76.68
C SER B 1180 45.31 -6.96 75.55
N ASP B 1181 44.37 -7.83 75.88
CA ASP B 1181 43.85 -8.80 74.93
C ASP B 1181 42.33 -8.79 74.98
N VAL B 1182 41.70 -8.07 74.06
CA VAL B 1182 40.26 -8.01 74.04
C VAL B 1182 39.82 -8.49 72.66
N ILE B 1183 40.74 -9.13 71.95
CA ILE B 1183 40.50 -9.54 70.58
C ILE B 1183 40.50 -11.07 70.45
N ARG B 1184 40.23 -11.77 71.54
CA ARG B 1184 40.11 -13.21 71.44
C ARG B 1184 39.01 -13.59 70.46
N GLN B 1185 39.40 -14.20 69.34
CA GLN B 1185 38.41 -14.66 68.39
C GLN B 1185 37.54 -15.74 69.01
N ALA B 1186 36.33 -15.90 68.50
CA ALA B 1186 35.40 -16.81 69.15
C ALA B 1186 35.29 -18.11 68.35
N ALA B 1187 34.81 -19.14 69.01
CA ALA B 1187 34.75 -20.45 68.36
C ALA B 1187 33.56 -21.22 68.87
N ILE B 1188 32.82 -21.85 67.97
CA ILE B 1188 31.73 -22.73 68.35
C ILE B 1188 31.94 -24.05 67.62
N LYS B 1189 31.16 -25.05 68.01
CA LYS B 1189 31.30 -26.34 67.37
C LYS B 1189 29.95 -27.02 67.37
N TYR B 1190 29.72 -27.85 66.36
CA TYR B 1190 28.45 -28.57 66.29
C TYR B 1190 28.70 -30.05 66.07
N ASN B 1191 27.78 -30.83 66.62
CA ASN B 1191 27.72 -32.27 66.40
C ASN B 1191 26.53 -32.58 65.51
N VAL B 1192 26.77 -33.42 64.51
CA VAL B 1192 25.76 -33.81 63.55
C VAL B 1192 25.59 -35.32 63.62
N VAL B 1193 24.33 -35.75 63.59
CA VAL B 1193 23.98 -37.14 63.36
C VAL B 1193 22.58 -37.19 62.75
N ARG B 1194 22.42 -37.97 61.69
CA ARG B 1194 21.20 -37.98 60.93
C ARG B 1194 20.33 -39.18 61.27
N THR B 1195 19.02 -38.99 61.18
CA THR B 1195 18.07 -40.01 61.60
C THR B 1195 17.70 -40.95 60.46
N GLN B 1196 17.13 -40.42 59.39
CA GLN B 1196 16.67 -41.24 58.28
C GLN B 1196 17.61 -41.08 57.10
N GLU B 1197 18.19 -42.18 56.66
CA GLU B 1197 19.05 -42.15 55.49
C GLU B 1197 18.21 -41.90 54.24
N ILE B 1198 18.87 -41.89 53.08
CA ILE B 1198 18.14 -41.65 51.85
C ILE B 1198 17.55 -42.93 51.30
N ILE B 1199 18.34 -44.00 51.24
CA ILE B 1199 17.82 -45.31 50.86
C ILE B 1199 17.80 -46.18 52.09
N LEU B 1200 17.06 -47.30 52.05
CA LEU B 1200 16.91 -48.10 53.27
C LEU B 1200 16.26 -49.46 53.04
N PHE B 1201 15.81 -50.32 54.21
CA PHE B 1201 14.80 -51.35 54.22
C PHE B 1201 15.18 -52.69 53.59
N GLU B 1202 16.19 -53.37 54.16
CA GLU B 1202 16.58 -54.74 53.78
C GLU B 1202 16.65 -54.93 52.26
N ALA C 162 31.33 -20.41 19.27
CA ALA C 162 31.43 -19.83 17.94
C ALA C 162 30.37 -18.74 17.74
N ASN C 163 29.12 -19.10 18.04
CA ASN C 163 27.97 -18.20 17.87
C ASN C 163 27.86 -17.72 16.43
N LEU C 164 28.28 -18.57 15.49
CA LEU C 164 28.26 -18.20 14.08
C LEU C 164 27.18 -18.97 13.34
N ALA C 165 26.02 -19.15 13.97
CA ALA C 165 24.92 -19.81 13.29
C ALA C 165 24.44 -19.00 12.10
N ASN C 166 23.96 -17.80 12.34
CA ASN C 166 23.54 -16.90 11.28
C ASN C 166 23.65 -15.47 11.80
N VAL C 167 24.34 -14.62 11.08
CA VAL C 167 24.47 -13.23 11.49
C VAL C 167 24.31 -12.38 10.24
N LEU C 168 23.16 -11.74 10.12
CA LEU C 168 22.98 -10.75 9.07
C LEU C 168 23.62 -9.44 9.49
N ILE C 169 24.38 -8.85 8.58
CA ILE C 169 25.04 -7.58 8.81
C ILE C 169 24.63 -6.64 7.70
N PHE C 170 23.85 -5.63 8.04
CA PHE C 170 23.59 -4.53 7.13
C PHE C 170 24.58 -3.41 7.45
N HIS C 171 25.40 -3.04 6.47
CA HIS C 171 26.34 -1.95 6.67
C HIS C 171 25.71 -0.66 6.17
N ASP C 172 25.62 0.33 7.05
CA ASP C 172 25.12 1.65 6.71
C ASP C 172 26.21 2.42 5.98
N VAL C 173 26.07 3.73 5.88
CA VAL C 173 27.07 4.51 5.17
C VAL C 173 27.79 5.50 6.08
N PHE C 174 27.04 6.33 6.79
CA PHE C 174 27.64 7.54 7.33
C PHE C 174 28.46 7.32 8.59
N THR C 175 29.37 8.27 8.83
CA THR C 175 30.39 8.22 9.85
C THR C 175 30.30 9.43 10.77
N THR C 176 31.29 9.61 11.63
CA THR C 176 31.24 10.64 12.64
C THR C 176 32.49 11.51 12.59
N GLU C 177 32.38 12.69 13.18
CA GLU C 177 33.57 13.51 13.39
C GLU C 177 33.31 14.44 14.57
N ASP C 178 34.34 15.21 14.91
CA ASP C 178 34.33 16.01 16.12
C ASP C 178 34.40 17.50 15.86
N LYS C 179 35.40 17.95 15.13
CA LYS C 179 35.52 19.36 14.81
C LYS C 179 34.33 19.76 13.96
N PRO C 180 33.53 20.70 14.42
CA PRO C 180 32.34 21.11 13.66
C PRO C 180 32.59 21.38 12.19
N SER C 181 33.63 22.16 11.88
CA SER C 181 34.05 22.40 10.50
C SER C 181 32.90 22.99 9.68
N ALA C 182 32.52 24.21 10.05
CA ALA C 182 31.37 24.87 9.47
C ALA C 182 31.64 25.25 8.01
N PHE C 183 30.61 25.81 7.37
CA PHE C 183 30.72 26.29 6.01
C PHE C 183 31.18 27.74 5.96
N ILE C 184 30.53 28.59 6.75
CA ILE C 184 30.71 30.02 6.68
C ILE C 184 31.29 30.50 8.00
N GLU C 185 32.32 31.32 7.94
CA GLU C 185 32.94 31.78 9.17
C GLU C 185 33.45 33.21 9.01
N TYR C 186 33.82 33.79 10.13
CA TYR C 186 34.31 35.15 10.19
C TYR C 186 35.75 35.20 9.72
N HIS C 187 36.13 36.32 9.12
CA HIS C 187 37.52 36.68 9.03
C HIS C 187 37.60 38.17 8.83
N SER C 188 38.68 38.78 9.31
CA SER C 188 38.68 40.20 9.55
C SER C 188 39.99 40.80 9.05
N ASP C 189 40.10 42.12 9.18
CA ASP C 189 41.32 42.82 8.86
C ASP C 189 41.56 43.89 9.91
N GLU C 190 42.81 44.28 10.07
CA GLU C 190 43.24 45.09 11.21
C GLU C 190 43.79 46.43 10.75
N MET C 191 43.21 47.51 11.24
CA MET C 191 43.78 48.84 11.07
C MET C 191 44.85 49.04 12.12
N ILE C 192 46.12 49.02 11.71
CA ILE C 192 47.18 49.22 12.68
C ILE C 192 47.09 50.65 13.20
N VAL C 193 46.68 50.80 14.46
CA VAL C 193 46.60 52.14 15.04
C VAL C 193 47.38 52.21 16.35
N ASN C 194 46.90 51.53 17.39
CA ASN C 194 47.50 51.62 18.71
C ASN C 194 47.05 50.48 19.59
N MET C 195 47.95 49.63 19.98
CA MET C 195 47.52 48.51 20.81
C MET C 195 47.57 48.90 22.28
N PRO C 196 46.67 48.36 23.08
CA PRO C 196 46.75 48.56 24.52
C PRO C 196 47.71 47.56 25.15
N LYS C 197 48.10 47.85 26.39
CA LYS C 197 49.00 46.99 27.13
C LYS C 197 48.21 46.18 28.15
N GLN C 198 48.80 45.06 28.55
CA GLN C 198 48.20 44.16 29.52
C GLN C 198 49.05 44.16 30.76
N THR C 199 48.57 44.80 31.82
CA THR C 199 49.24 44.82 33.11
C THR C 199 48.43 44.01 34.11
N TYR C 200 49.09 43.61 35.20
CA TYR C 200 48.49 42.77 36.22
C TYR C 200 48.03 41.45 35.65
N ASN C 201 48.96 40.62 35.22
CA ASN C 201 48.67 39.31 34.65
C ASN C 201 47.86 38.48 35.65
N PRO C 202 46.61 38.17 35.37
CA PRO C 202 45.83 37.31 36.26
C PRO C 202 46.10 35.84 35.93
N ILE C 203 45.39 34.97 36.62
CA ILE C 203 45.45 33.55 36.35
C ILE C 203 44.35 33.21 35.36
N ASP C 204 44.69 32.40 34.36
CA ASP C 204 43.81 32.17 33.23
C ASP C 204 43.61 30.69 32.94
N ASN C 205 43.32 29.89 33.96
CA ASN C 205 43.26 28.45 33.74
C ASN C 205 42.07 28.07 32.88
N LEU C 206 41.16 29.01 32.64
CA LEU C 206 40.04 28.75 31.75
C LEU C 206 39.87 29.77 30.65
N ALA C 207 40.62 30.87 30.68
CA ALA C 207 40.59 31.77 29.54
C ALA C 207 41.07 31.07 28.29
N LYS C 208 42.15 30.31 28.40
CA LYS C 208 42.69 29.56 27.28
C LYS C 208 41.74 28.51 26.73
N ILE C 209 40.59 28.29 27.36
CA ILE C 209 39.57 27.41 26.80
C ILE C 209 38.29 28.15 26.43
N LEU C 210 37.99 29.28 27.04
CA LEU C 210 36.74 29.96 26.74
C LEU C 210 36.87 31.19 25.86
N TYR C 211 37.98 31.92 25.94
CA TYR C 211 38.08 33.21 25.28
C TYR C 211 39.11 33.21 24.17
N LEU C 212 40.34 32.84 24.48
CA LEU C 212 41.50 32.98 23.61
C LEU C 212 41.24 32.57 22.17
N PRO C 213 40.52 31.48 21.90
CA PRO C 213 40.19 31.18 20.51
C PRO C 213 39.31 32.22 19.87
N SER C 214 38.46 32.88 20.65
CA SER C 214 37.60 33.92 20.08
C SER C 214 38.27 35.28 20.15
N LEU C 215 38.61 35.71 21.36
CA LEU C 215 38.96 37.10 21.62
C LEU C 215 39.98 37.64 20.64
N GLU C 216 40.91 36.81 20.19
CA GLU C 216 41.88 37.31 19.23
C GLU C 216 41.30 37.50 17.85
N LYS C 217 40.19 36.83 17.52
CA LYS C 217 39.54 37.08 16.24
C LYS C 217 38.93 38.47 16.19
N PHE C 218 38.52 39.01 17.32
CA PHE C 218 37.99 40.36 17.41
C PHE C 218 38.87 41.20 18.32
N LYS C 219 40.17 40.97 18.24
CA LYS C 219 41.09 41.72 19.08
C LYS C 219 40.98 43.20 18.79
N TYR C 220 41.19 44.01 19.82
CA TYR C 220 41.09 45.45 19.70
C TYR C 220 41.98 45.94 18.57
N GLY C 221 41.38 46.46 17.51
CA GLY C 221 42.17 46.96 16.41
C GLY C 221 41.84 46.38 15.06
N THR C 222 40.63 45.86 14.88
CA THR C 222 40.18 45.41 13.58
C THR C 222 39.18 46.39 13.00
N GLY C 223 39.33 46.67 11.72
CA GLY C 223 38.46 47.61 11.06
C GLY C 223 37.17 46.96 10.60
N ILE C 224 37.29 45.88 9.85
CA ILE C 224 36.13 45.18 9.31
C ILE C 224 36.24 43.72 9.71
N VAL C 225 35.09 43.09 9.96
CA VAL C 225 35.04 41.65 10.12
C VAL C 225 33.90 41.13 9.26
N GLN C 226 34.24 40.38 8.22
CA GLN C 226 33.25 39.98 7.23
C GLN C 226 33.10 38.47 7.22
N LEU C 227 31.96 38.01 6.72
CA LEU C 227 31.64 36.60 6.63
C LEU C 227 32.11 36.07 5.29
N ASN C 228 32.76 34.92 5.31
CA ASN C 228 33.20 34.32 4.06
C ASN C 228 33.08 32.81 4.11
N TYR C 229 33.06 32.23 2.93
CA TYR C 229 33.15 30.79 2.82
C TYR C 229 34.47 30.32 3.43
N SER C 230 34.48 29.10 3.81
CA SER C 230 35.68 28.55 4.42
C SER C 230 36.57 27.91 3.36
N PRO C 231 37.83 27.73 3.67
CA PRO C 231 38.61 26.76 2.91
C PRO C 231 37.86 25.45 2.86
N HIS C 232 38.21 24.58 1.92
CA HIS C 232 37.51 23.34 1.62
C HIS C 232 36.20 23.60 0.90
N ILE C 233 35.76 24.86 0.80
CA ILE C 233 34.71 25.25 -0.12
C ILE C 233 35.19 26.30 -1.12
N SER C 234 35.88 27.32 -0.63
CA SER C 234 36.47 28.30 -1.54
C SER C 234 37.37 27.64 -2.56
N LYS C 235 37.91 26.47 -2.25
CA LYS C 235 38.67 25.72 -3.24
C LYS C 235 37.79 25.13 -4.33
N LEU C 236 36.48 25.07 -4.11
CA LEU C 236 35.60 24.57 -5.16
C LEU C 236 35.27 25.61 -6.21
N TYR C 237 35.78 26.82 -6.08
CA TYR C 237 35.48 27.91 -7.00
C TYR C 237 36.65 28.07 -7.97
N GLN C 238 36.68 27.22 -8.99
CA GLN C 238 37.76 27.26 -9.95
C GLN C 238 37.46 28.30 -11.03
N ASN C 239 38.39 28.45 -11.96
CA ASN C 239 38.24 29.37 -13.07
C ASN C 239 37.85 28.67 -14.36
N THR C 240 38.62 27.68 -14.77
CA THR C 240 38.41 27.02 -16.06
C THR C 240 37.12 26.20 -15.99
N ASN C 241 36.08 26.72 -16.63
CA ASN C 241 34.76 26.11 -16.58
C ASN C 241 34.73 24.88 -17.47
N ASN C 242 34.80 23.70 -16.86
CA ASN C 242 34.51 22.48 -17.58
C ASN C 242 33.53 21.65 -16.75
N ILE C 243 32.28 22.09 -16.72
CA ILE C 243 31.11 21.24 -16.59
C ILE C 243 30.10 21.83 -17.56
N ILE C 244 30.30 23.10 -17.89
CA ILE C 244 29.38 23.85 -18.73
C ILE C 244 30.19 24.67 -19.72
N ASN C 245 30.29 24.17 -20.95
CA ASN C 245 31.00 24.90 -21.99
C ASN C 245 30.39 26.27 -22.17
N THR C 246 31.24 27.23 -22.54
CA THR C 246 30.82 28.60 -22.74
C THR C 246 31.72 29.28 -23.76
N ILE C 247 31.12 30.06 -24.63
CA ILE C 247 31.85 30.79 -25.66
C ILE C 247 32.24 32.13 -25.05
N THR C 248 33.34 32.12 -24.29
CA THR C 248 34.00 33.32 -23.81
C THR C 248 35.22 32.87 -23.01
N ASP C 249 36.17 33.78 -22.85
CA ASP C 249 37.34 33.55 -22.02
C ASP C 249 37.29 34.57 -20.89
N GLY C 250 36.58 34.23 -19.84
CA GLY C 250 36.39 35.16 -18.76
C GLY C 250 35.94 34.46 -17.51
N ILE C 251 35.33 35.23 -16.62
CA ILE C 251 34.91 34.70 -15.34
C ILE C 251 33.39 34.76 -15.30
N THR C 252 32.77 34.53 -16.45
CA THR C 252 31.34 34.71 -16.62
C THR C 252 30.53 33.83 -15.67
N TYR C 253 29.23 34.08 -15.66
CA TYR C 253 28.24 33.40 -14.83
C TYR C 253 28.47 31.91 -14.71
N ALA C 254 28.90 31.28 -15.80
CA ALA C 254 29.10 29.84 -15.80
C ALA C 254 29.98 29.40 -14.64
N ASN C 255 30.92 30.26 -14.22
CA ASN C 255 31.68 29.98 -13.02
C ASN C 255 30.77 29.80 -11.83
N ARG C 256 29.92 30.78 -11.56
CA ARG C 256 28.98 30.68 -10.45
C ARG C 256 28.13 29.43 -10.57
N THR C 257 27.72 29.10 -11.80
CA THR C 257 26.82 27.98 -11.98
C THR C 257 27.49 26.66 -11.62
N GLU C 258 28.67 26.42 -12.18
CA GLU C 258 29.36 25.17 -11.87
C GLU C 258 29.76 25.12 -10.42
N PHE C 259 30.05 26.29 -9.84
CA PHE C 259 30.32 26.33 -8.40
C PHE C 259 29.11 25.84 -7.63
N PHE C 260 27.92 26.26 -8.04
CA PHE C 260 26.71 25.74 -7.40
C PHE C 260 26.65 24.23 -7.53
N ILE C 261 26.92 23.73 -8.73
CA ILE C 261 26.76 22.31 -9.00
C ILE C 261 27.63 21.49 -8.07
N ARG C 262 28.88 21.92 -7.91
CA ARG C 262 29.82 21.14 -7.12
C ARG C 262 29.38 21.07 -5.66
N VAL C 263 29.07 22.22 -5.06
CA VAL C 263 28.70 22.20 -3.65
C VAL C 263 27.39 21.48 -3.45
N MET C 264 26.50 21.55 -4.43
CA MET C 264 25.24 20.83 -4.33
C MET C 264 25.47 19.33 -4.30
N VAL C 265 26.29 18.82 -5.22
CA VAL C 265 26.52 17.39 -5.22
C VAL C 265 27.34 16.97 -4.01
N LEU C 266 28.12 17.88 -3.43
CA LEU C 266 28.76 17.56 -2.16
C LEU C 266 27.72 17.36 -1.06
N MET C 267 26.82 18.33 -0.91
CA MET C 267 25.82 18.23 0.14
C MET C 267 24.84 17.09 -0.09
N MET C 268 24.71 16.61 -1.33
CA MET C 268 23.97 15.37 -1.55
C MET C 268 24.61 14.23 -0.78
N MET C 269 25.93 14.11 -0.89
CA MET C 269 26.74 13.25 -0.05
C MET C 269 26.94 13.95 1.28
N ASP C 270 27.99 13.57 2.01
CA ASP C 270 28.35 14.20 3.27
C ASP C 270 27.28 13.94 4.32
N ARG C 271 27.05 12.68 4.60
CA ARG C 271 26.28 12.26 5.76
C ARG C 271 27.26 12.12 6.90
N LYS C 272 27.27 13.08 7.81
CA LYS C 272 28.14 13.05 8.96
C LYS C 272 27.33 13.16 10.23
N ILE C 273 27.89 12.66 11.32
CA ILE C 273 27.28 12.79 12.63
C ILE C 273 28.29 13.45 13.56
N LEU C 274 27.83 14.44 14.29
CA LEU C 274 28.69 15.21 15.17
C LEU C 274 28.68 14.56 16.55
N THR C 275 29.85 14.17 17.03
CA THR C 275 30.00 13.69 18.39
C THR C 275 31.17 14.40 19.04
N MET C 276 31.08 14.60 20.35
CA MET C 276 32.09 15.38 21.04
C MET C 276 31.93 15.21 22.54
N GLU C 277 33.03 15.38 23.25
CA GLU C 277 33.04 15.41 24.71
C GLU C 277 33.04 16.86 25.20
N PHE C 278 33.03 17.01 26.51
CA PHE C 278 32.90 18.35 27.09
C PHE C 278 33.77 18.45 28.33
N TYR C 279 34.20 19.67 28.61
CA TYR C 279 34.75 20.01 29.91
C TYR C 279 33.59 20.22 30.87
N ASP C 280 33.91 20.58 32.11
CA ASP C 280 32.89 20.98 33.08
C ASP C 280 33.48 22.10 33.91
N VAL C 281 32.86 23.27 33.85
CA VAL C 281 33.41 24.48 34.44
C VAL C 281 32.47 24.97 35.52
N ASP C 282 32.92 25.98 36.26
CA ASP C 282 32.07 26.64 37.24
C ASP C 282 31.04 27.52 36.53
N THR C 283 30.02 27.91 37.27
CA THR C 283 29.04 28.85 36.76
C THR C 283 28.85 30.08 37.63
N SER C 284 29.26 30.05 38.90
CA SER C 284 29.18 31.24 39.72
C SER C 284 30.33 32.20 39.44
N ALA C 285 31.50 31.66 39.12
CA ALA C 285 32.66 32.49 38.76
C ALA C 285 32.72 32.73 37.26
N ILE C 286 31.58 33.15 36.70
CA ILE C 286 31.49 33.48 35.28
C ILE C 286 30.56 34.67 35.14
N SER C 287 31.01 35.67 34.40
CA SER C 287 30.25 36.90 34.24
C SER C 287 28.97 36.67 33.44
N ASN C 288 29.11 36.25 32.20
CA ASN C 288 27.95 35.99 31.36
C ASN C 288 27.10 34.90 31.96
N THR C 289 25.79 35.08 31.92
CA THR C 289 24.87 34.04 32.34
C THR C 289 24.47 33.12 31.21
N ALA C 290 24.93 33.39 29.99
CA ALA C 290 24.57 32.59 28.83
C ALA C 290 25.53 31.42 28.63
N ILE C 291 26.19 30.98 29.70
CA ILE C 291 27.15 29.89 29.61
C ILE C 291 26.73 28.80 30.57
N LEU C 292 26.36 27.67 30.03
CA LEU C 292 25.90 26.56 30.83
C LEU C 292 27.07 25.90 31.53
N PRO C 293 26.83 25.16 32.61
CA PRO C 293 27.94 24.60 33.38
C PRO C 293 28.70 23.52 32.65
N THR C 294 28.33 23.25 31.42
CA THR C 294 29.05 22.29 30.61
C THR C 294 29.44 22.95 29.30
N ILE C 295 30.60 22.56 28.77
CA ILE C 295 31.22 23.33 27.70
C ILE C 295 31.82 22.39 26.67
N PRO C 296 31.47 22.53 25.40
CA PRO C 296 32.14 21.75 24.36
C PRO C 296 33.61 22.09 24.32
N THR C 297 34.43 21.11 23.96
CA THR C 297 35.87 21.28 24.06
C THR C 297 36.38 22.25 22.99
N THR C 298 36.23 21.90 21.72
CA THR C 298 36.70 22.78 20.66
C THR C 298 35.75 23.95 20.54
N THR C 299 36.25 25.16 20.78
CA THR C 299 35.36 26.28 20.99
C THR C 299 35.15 27.08 19.70
N GLY C 300 34.19 28.01 19.79
CA GLY C 300 33.78 28.80 18.65
C GLY C 300 34.29 30.21 18.70
N VAL C 301 33.78 31.08 17.84
CA VAL C 301 34.41 32.38 17.64
C VAL C 301 33.38 33.50 17.69
N SER C 302 32.20 33.23 18.21
CA SER C 302 31.14 34.22 18.14
C SER C 302 31.43 35.41 19.05
N PRO C 303 31.04 36.61 18.64
CA PRO C 303 31.11 37.76 19.55
C PRO C 303 30.31 37.56 20.81
N LEU C 304 29.38 36.60 20.81
CA LEU C 304 28.66 36.30 22.03
C LEU C 304 29.60 35.91 23.16
N LEU C 305 30.72 35.28 22.82
CA LEU C 305 31.69 34.88 23.82
C LEU C 305 32.54 35.98 24.30
N ARG C 306 32.18 37.21 23.97
CA ARG C 306 32.94 38.38 24.37
C ARG C 306 32.20 39.23 25.40
N ILE C 307 30.92 38.95 25.63
CA ILE C 307 30.14 39.80 26.49
C ILE C 307 30.67 39.78 27.92
N ASP C 308 30.44 40.89 28.63
CA ASP C 308 30.71 41.00 30.06
C ASP C 308 32.13 40.58 30.42
N THR C 309 33.06 40.78 29.50
CA THR C 309 34.46 40.49 29.73
C THR C 309 35.29 41.75 29.58
N ARG C 310 36.40 41.81 30.30
CA ARG C 310 37.25 42.98 30.26
C ARG C 310 38.11 42.96 28.99
N THR C 311 39.10 43.86 28.94
CA THR C 311 40.16 43.87 27.94
C THR C 311 39.68 44.31 26.57
N GLU C 312 38.38 44.49 26.41
CA GLU C 312 37.82 44.87 25.12
C GLU C 312 37.49 46.35 25.15
N PRO C 313 37.07 46.91 24.03
CA PRO C 313 36.44 48.24 24.09
C PRO C 313 35.09 48.13 24.78
N ILE C 314 35.02 48.59 26.03
CA ILE C 314 33.90 48.26 26.90
C ILE C 314 32.58 48.65 26.24
N TRP C 315 32.59 49.75 25.48
CA TRP C 315 31.48 50.14 24.63
C TRP C 315 30.86 48.96 23.91
N TYR C 316 31.70 48.13 23.31
CA TYR C 316 31.21 47.02 22.51
C TYR C 316 30.49 45.99 23.36
N ASN C 317 31.05 45.65 24.51
CA ASN C 317 30.38 44.69 25.38
C ASN C 317 29.06 45.24 25.87
N ASP C 318 29.00 46.52 26.21
CA ASP C 318 27.73 47.10 26.62
C ASP C 318 26.70 47.05 25.49
N ALA C 319 27.16 47.28 24.26
CA ALA C 319 26.25 47.25 23.12
C ALA C 319 25.68 45.85 22.93
N ILE C 320 26.55 44.85 22.91
CA ILE C 320 26.07 43.47 22.77
C ILE C 320 25.10 43.14 23.89
N LYS C 321 25.43 43.56 25.11
CA LYS C 321 24.59 43.24 26.25
C LYS C 321 23.21 43.85 26.13
N THR C 322 23.12 45.10 25.69
CA THR C 322 21.80 45.69 25.53
C THR C 322 21.09 45.11 24.32
N LEU C 323 21.83 44.47 23.42
CA LEU C 323 21.18 43.89 22.25
C LEU C 323 20.72 42.46 22.45
N ILE C 324 21.20 41.76 23.47
CA ILE C 324 20.92 40.34 23.64
C ILE C 324 19.80 40.08 24.63
N THR C 325 19.76 40.84 25.72
CA THR C 325 18.86 40.59 26.85
C THR C 325 17.44 40.21 26.41
N ASN C 326 16.95 40.87 25.37
CA ASN C 326 15.59 40.56 24.90
C ASN C 326 15.51 39.19 24.28
N LEU C 327 16.61 38.69 23.71
CA LEU C 327 16.60 37.43 22.99
C LEU C 327 16.62 36.23 23.94
N THR C 328 16.87 35.05 23.38
CA THR C 328 17.15 33.85 24.17
C THR C 328 18.41 33.24 23.61
N ILE C 329 19.49 33.28 24.37
CA ILE C 329 20.78 32.78 23.91
C ILE C 329 21.36 31.86 24.97
N GLN C 330 22.20 30.94 24.54
CA GLN C 330 22.83 30.00 25.45
C GLN C 330 24.12 29.49 24.83
N TYR C 331 24.75 28.54 25.51
CA TYR C 331 26.01 27.95 25.09
C TYR C 331 26.23 26.70 25.92
N GLY C 332 26.76 25.66 25.30
CA GLY C 332 27.01 24.43 26.00
C GLY C 332 25.77 23.55 26.09
N LYS C 333 25.98 22.33 26.57
CA LYS C 333 24.92 21.34 26.62
C LYS C 333 23.71 21.88 27.37
N ILE C 334 22.52 21.51 26.90
CA ILE C 334 21.30 21.97 27.51
C ILE C 334 20.49 20.78 28.01
N LYS C 335 20.10 19.89 27.11
CA LYS C 335 19.35 18.69 27.44
C LYS C 335 20.05 17.46 26.89
N THR C 336 19.78 16.33 27.53
CA THR C 336 20.21 15.03 27.02
C THR C 336 18.98 14.16 26.94
N VAL C 337 18.56 13.83 25.72
CA VAL C 337 17.31 13.09 25.55
C VAL C 337 17.47 11.67 26.08
N LEU C 338 16.36 10.98 26.24
CA LEU C 338 16.36 9.64 26.82
C LEU C 338 15.21 8.84 26.26
N ASP C 339 14.86 7.76 26.93
CA ASP C 339 13.69 6.95 26.61
C ASP C 339 13.43 6.03 27.79
N ALA C 340 12.46 5.14 27.64
CA ALA C 340 12.37 4.04 28.59
C ALA C 340 13.66 3.24 28.54
N ASN C 341 13.96 2.60 29.67
CA ASN C 341 15.21 1.88 29.89
C ASN C 341 16.34 2.87 30.13
N ALA C 342 16.07 4.15 29.87
CA ALA C 342 16.98 5.25 30.21
C ALA C 342 18.39 5.01 29.65
N VAL C 343 18.47 5.01 28.32
CA VAL C 343 19.75 4.95 27.63
C VAL C 343 19.95 6.28 26.91
N LYS C 344 21.06 6.96 27.21
CA LYS C 344 21.34 8.25 26.60
C LYS C 344 21.45 8.10 25.10
N ARG C 345 20.55 8.77 24.37
CA ARG C 345 20.57 8.74 22.92
C ARG C 345 21.43 9.85 22.34
N TYR C 346 21.08 11.10 22.62
CA TYR C 346 21.87 12.21 22.14
C TYR C 346 21.70 13.39 23.08
N SER C 347 22.46 14.44 22.80
CA SER C 347 22.47 15.63 23.64
C SER C 347 22.40 16.86 22.75
N VAL C 348 21.48 17.76 23.06
CA VAL C 348 21.37 19.01 22.33
C VAL C 348 22.32 20.02 22.94
N VAL C 349 22.90 20.89 22.10
CA VAL C 349 23.86 21.88 22.60
C VAL C 349 23.90 23.06 21.66
N GLY C 350 23.87 24.27 22.21
CA GLY C 350 24.04 25.45 21.40
C GLY C 350 25.49 25.70 21.06
N TYR C 351 25.70 26.49 20.01
CA TYR C 351 27.03 26.63 19.44
C TYR C 351 27.05 27.67 18.33
N PRO C 352 28.15 28.36 18.12
CA PRO C 352 28.23 29.24 16.95
C PRO C 352 28.64 28.53 15.67
N ILE C 353 27.72 28.44 14.71
CA ILE C 353 27.94 27.74 13.45
C ILE C 353 26.84 28.10 12.47
N ASP C 354 27.16 28.13 11.17
CA ASP C 354 26.21 28.58 10.16
C ASP C 354 24.94 27.73 10.20
N GLN C 355 23.83 28.33 9.79
CA GLN C 355 22.55 27.68 9.98
C GLN C 355 22.43 26.41 9.16
N TYR C 356 22.97 26.41 7.96
CA TYR C 356 22.80 25.27 7.08
C TYR C 356 23.54 24.05 7.60
N ARG C 357 24.81 24.21 7.96
CA ARG C 357 25.56 23.07 8.44
C ARG C 357 24.86 22.47 9.66
N ALA C 358 24.32 23.32 10.52
CA ALA C 358 23.64 22.83 11.70
C ALA C 358 22.38 22.08 11.33
N TYR C 359 21.61 22.64 10.40
CA TYR C 359 20.44 21.94 9.90
C TYR C 359 20.83 20.55 9.46
N LEU C 360 21.93 20.45 8.72
CA LEU C 360 22.32 19.17 8.15
C LEU C 360 22.74 18.20 9.24
N TYR C 361 23.52 18.68 10.21
CA TYR C 361 23.97 17.81 11.29
C TYR C 361 22.80 17.28 12.09
N ASN C 362 21.78 18.11 12.32
CA ASN C 362 20.61 17.62 13.01
C ASN C 362 19.84 16.64 12.14
N HIS C 363 19.75 16.93 10.84
CA HIS C 363 18.90 16.16 9.97
C HIS C 363 19.40 14.73 9.85
N ASN C 364 20.66 14.57 9.44
CA ASN C 364 21.12 13.20 9.24
C ASN C 364 21.18 12.43 10.55
N LEU C 365 21.27 13.12 11.69
CA LEU C 365 21.22 12.41 12.96
C LEU C 365 19.81 11.90 13.23
N LEU C 366 18.84 12.81 13.23
CA LEU C 366 17.47 12.38 13.46
C LEU C 366 17.03 11.35 12.45
N GLU C 367 17.70 11.29 11.31
CA GLU C 367 17.46 10.20 10.39
C GLU C 367 18.04 8.90 10.92
N TYR C 368 19.25 8.95 11.46
CA TYR C 368 19.88 7.75 11.96
C TYR C 368 19.19 7.19 13.19
N LEU C 369 18.34 7.97 13.84
CA LEU C 369 17.55 7.46 14.95
C LEU C 369 16.21 6.97 14.43
N GLY C 370 15.42 6.38 15.31
CA GLY C 370 14.05 6.04 14.95
C GLY C 370 13.90 4.80 14.11
N LYS C 371 12.92 3.98 14.44
CA LYS C 371 12.69 2.74 13.72
C LYS C 371 12.36 3.05 12.27
N LYS C 372 13.18 2.57 11.34
CA LYS C 372 12.91 2.81 9.94
C LYS C 372 12.23 1.64 9.26
N VAL C 373 12.10 0.50 9.93
CA VAL C 373 11.49 -0.68 9.34
C VAL C 373 10.93 -1.55 10.45
N LYS C 374 9.83 -2.24 10.13
CA LYS C 374 9.18 -3.11 11.10
C LYS C 374 10.03 -4.35 11.36
N ARG C 375 9.48 -5.28 12.13
CA ARG C 375 10.12 -6.55 12.41
C ARG C 375 9.62 -7.65 11.49
N GLU C 376 8.31 -7.84 11.44
CA GLU C 376 7.75 -8.78 10.50
C GLU C 376 8.17 -8.47 9.07
N ASP C 377 8.63 -7.26 8.80
CA ASP C 377 9.07 -6.92 7.45
C ASP C 377 10.38 -7.63 7.11
N ILE C 378 11.37 -7.50 7.99
CA ILE C 378 12.60 -8.27 7.83
C ILE C 378 12.27 -9.75 7.75
N MET C 379 11.34 -10.18 8.59
CA MET C 379 10.89 -11.57 8.56
C MET C 379 10.45 -11.94 7.15
N SER C 380 9.57 -11.13 6.57
CA SER C 380 9.05 -11.38 5.24
C SER C 380 10.15 -11.42 4.20
N LEU C 381 11.12 -10.51 4.30
CA LEU C 381 12.19 -10.46 3.33
C LEU C 381 12.96 -11.77 3.34
N ILE C 382 13.56 -12.08 4.48
CA ILE C 382 14.36 -13.28 4.59
C ILE C 382 13.53 -14.53 4.35
N LYS C 383 12.21 -14.43 4.42
CA LYS C 383 11.38 -15.55 4.02
C LYS C 383 11.29 -15.66 2.51
N ALA C 384 11.10 -14.52 1.84
CA ALA C 384 10.95 -14.54 0.39
C ALA C 384 12.23 -14.99 -0.30
N LEU C 385 13.37 -14.69 0.28
CA LEU C 385 14.63 -15.06 -0.37
C LEU C 385 15.05 -16.50 -0.10
N SER C 386 14.15 -17.39 0.27
CA SER C 386 14.57 -18.72 0.70
C SER C 386 13.59 -19.79 0.26
N TYR C 387 13.86 -21.01 0.72
CA TYR C 387 12.99 -22.14 0.46
C TYR C 387 11.57 -21.80 0.87
N GLU C 388 10.61 -22.47 0.25
CA GLU C 388 9.24 -22.00 0.39
C GLU C 388 8.52 -22.65 1.55
N PHE C 389 9.12 -23.62 2.20
CA PHE C 389 8.57 -24.22 3.42
C PHE C 389 9.53 -23.92 4.56
N ASP C 390 9.40 -22.75 5.16
CA ASP C 390 10.31 -22.38 6.24
C ASP C 390 9.58 -21.56 7.29
N LEU C 391 10.07 -21.66 8.52
CA LEU C 391 9.72 -20.74 9.58
C LEU C 391 10.96 -19.97 9.98
N ILE C 392 10.80 -18.69 10.24
CA ILE C 392 11.91 -17.81 10.52
C ILE C 392 11.70 -17.11 11.85
N THR C 393 12.79 -16.86 12.55
CA THR C 393 12.70 -16.12 13.80
C THR C 393 13.84 -15.13 13.88
N ILE C 394 13.54 -13.91 14.29
CA ILE C 394 14.51 -12.82 14.35
C ILE C 394 14.51 -12.32 15.78
N SER C 395 15.45 -11.45 16.12
CA SER C 395 15.62 -11.08 17.53
C SER C 395 16.34 -9.75 17.65
N ASP C 396 15.93 -8.93 18.62
CA ASP C 396 16.63 -7.72 18.99
C ASP C 396 16.75 -6.76 17.79
N LEU C 397 15.62 -6.22 17.40
CA LEU C 397 15.64 -5.21 16.35
C LEU C 397 15.71 -3.82 16.94
N GLU C 398 16.37 -3.68 18.08
CA GLU C 398 16.41 -2.42 18.81
C GLU C 398 17.80 -1.81 18.72
N TYR C 399 17.84 -0.48 18.70
CA TYR C 399 19.08 0.27 18.77
C TYR C 399 19.97 -0.03 17.59
N GLN C 400 19.46 -0.80 16.64
CA GLN C 400 20.20 -1.15 15.45
C GLN C 400 19.53 -0.51 14.24
N ASN C 401 20.35 0.10 13.39
CA ASN C 401 19.87 0.99 12.34
C ASN C 401 19.96 0.27 11.01
N ILE C 402 18.82 -0.16 10.48
CA ILE C 402 18.78 -0.94 9.25
C ILE C 402 18.31 -0.02 8.13
N PRO C 403 19.12 0.22 7.11
CA PRO C 403 18.70 1.13 6.05
C PRO C 403 17.58 0.52 5.25
N LYS C 404 16.58 1.34 4.96
CA LYS C 404 15.39 0.84 4.29
C LYS C 404 15.65 0.66 2.80
N TRP C 405 15.10 -0.41 2.24
CA TRP C 405 15.15 -0.65 0.80
C TRP C 405 13.77 -0.67 0.19
N PHE C 406 12.87 0.17 0.68
CA PHE C 406 11.54 0.31 0.09
C PHE C 406 11.38 1.69 -0.49
N SER C 407 10.47 1.80 -1.44
CA SER C 407 9.99 3.08 -1.91
C SER C 407 8.69 2.83 -2.66
N ASP C 408 7.70 3.66 -2.36
CA ASP C 408 6.47 3.62 -3.14
C ASP C 408 6.75 3.76 -4.63
N ASN C 409 7.91 4.30 -4.98
CA ASN C 409 8.28 4.52 -6.36
C ASN C 409 9.08 3.38 -6.96
N ASP C 410 9.33 2.31 -6.19
CA ASP C 410 10.25 1.27 -6.61
C ASP C 410 10.01 0.85 -8.05
N LEU C 411 8.76 0.52 -8.38
CA LEU C 411 8.45 0.10 -9.74
C LEU C 411 8.79 1.20 -10.72
N SER C 412 8.51 2.45 -10.36
CA SER C 412 8.78 3.55 -11.28
C SER C 412 10.26 3.69 -11.55
N ARG C 413 11.08 3.72 -10.49
CA ARG C 413 12.51 3.84 -10.69
C ARG C 413 13.06 2.67 -11.47
N PHE C 414 12.53 1.48 -11.24
CA PHE C 414 12.99 0.34 -12.01
C PHE C 414 12.70 0.55 -13.49
N ILE C 415 11.42 0.62 -13.84
CA ILE C 415 11.04 0.77 -15.24
C ILE C 415 11.74 1.93 -15.89
N PHE C 416 12.09 2.96 -15.13
CA PHE C 416 12.86 4.05 -15.71
C PHE C 416 14.29 3.63 -15.99
N SER C 417 14.91 2.92 -15.06
CA SER C 417 16.32 2.55 -15.24
C SER C 417 16.47 1.57 -16.39
N ILE C 418 15.67 0.51 -16.38
CA ILE C 418 15.84 -0.60 -17.32
C ILE C 418 15.55 -0.10 -18.73
N CYS C 419 14.79 0.99 -18.85
CA CYS C 419 14.35 1.39 -20.17
C CYS C 419 15.45 2.10 -20.94
N MET C 420 16.28 2.88 -20.27
CA MET C 420 17.30 3.67 -20.95
C MET C 420 18.70 3.14 -20.73
N PHE C 421 18.86 1.99 -20.09
CA PHE C 421 20.18 1.41 -19.83
C PHE C 421 20.04 -0.10 -19.85
N PRO C 422 19.82 -0.68 -21.02
CA PRO C 422 19.49 -2.11 -21.08
C PRO C 422 20.61 -3.00 -20.58
N ASP C 423 21.85 -2.53 -20.61
CA ASP C 423 22.99 -3.34 -20.20
C ASP C 423 22.79 -3.90 -18.79
N ILE C 424 21.91 -3.28 -18.02
CA ILE C 424 21.68 -3.74 -16.65
C ILE C 424 21.19 -5.18 -16.64
N VAL C 425 20.42 -5.56 -17.66
CA VAL C 425 19.88 -6.91 -17.67
C VAL C 425 20.99 -7.93 -17.74
N ARG C 426 22.15 -7.56 -18.27
CA ARG C 426 23.26 -8.51 -18.32
C ARG C 426 23.69 -8.91 -16.92
N GLN C 427 23.90 -7.92 -16.06
CA GLN C 427 24.29 -8.27 -14.71
C GLN C 427 23.11 -8.85 -13.92
N PHE C 428 21.88 -8.53 -14.30
CA PHE C 428 20.72 -9.25 -13.77
C PHE C 428 20.91 -10.74 -13.96
N HIS C 429 21.00 -11.12 -15.23
CA HIS C 429 21.18 -12.51 -15.61
C HIS C 429 22.39 -13.13 -14.93
N ALA C 430 23.45 -12.34 -14.74
CA ALA C 430 24.63 -12.88 -14.07
C ALA C 430 24.33 -13.18 -12.61
N LEU C 431 23.62 -12.29 -11.93
CA LEU C 431 23.23 -12.57 -10.56
C LEU C 431 22.42 -13.85 -10.50
N ASN C 432 21.50 -14.01 -11.42
CA ASN C 432 20.63 -15.18 -11.40
C ASN C 432 21.42 -16.46 -11.61
N ILE C 433 22.33 -16.45 -12.58
CA ILE C 433 23.11 -17.65 -12.85
C ILE C 433 24.04 -17.97 -11.69
N ASP C 434 24.58 -16.95 -11.04
CA ASP C 434 25.39 -17.19 -9.86
C ASP C 434 24.57 -17.80 -8.75
N TYR C 435 23.29 -17.45 -8.66
CA TYR C 435 22.43 -18.18 -7.74
C TYR C 435 22.40 -19.64 -8.16
N PHE C 436 21.87 -19.88 -9.36
CA PHE C 436 21.55 -21.23 -9.77
C PHE C 436 22.73 -22.18 -9.64
N SER C 437 23.89 -21.76 -10.15
CA SER C 437 25.06 -22.63 -10.17
C SER C 437 25.43 -23.13 -8.79
N GLN C 438 24.92 -22.48 -7.75
CA GLN C 438 25.29 -22.83 -6.40
C GLN C 438 24.34 -23.91 -5.89
N ALA C 439 23.75 -24.67 -6.80
CA ALA C 439 22.90 -25.79 -6.42
C ALA C 439 23.27 -27.08 -7.15
N ASN C 440 24.14 -27.00 -8.16
CA ASN C 440 24.69 -28.15 -8.88
C ASN C 440 23.67 -29.27 -9.08
N VAL C 441 22.55 -28.91 -9.70
CA VAL C 441 21.47 -29.87 -9.85
C VAL C 441 21.78 -30.90 -10.92
N PHE C 442 22.56 -30.51 -11.93
CA PHE C 442 22.87 -31.37 -13.06
C PHE C 442 24.37 -31.59 -13.16
N THR C 443 24.79 -32.83 -13.27
CA THR C 443 26.16 -33.14 -13.62
C THR C 443 26.19 -33.73 -15.02
N VAL C 444 27.31 -33.55 -15.70
CA VAL C 444 27.41 -33.93 -17.10
C VAL C 444 28.36 -35.12 -17.26
N LYS C 445 27.80 -36.31 -17.34
CA LYS C 445 28.60 -37.49 -17.64
C LYS C 445 29.14 -37.38 -19.05
N SER C 446 30.21 -38.11 -19.33
CA SER C 446 30.94 -37.90 -20.58
C SER C 446 30.22 -38.53 -21.77
N GLU C 447 30.04 -39.85 -21.74
CA GLU C 447 29.56 -40.56 -22.92
C GLU C 447 28.04 -40.65 -22.92
N ASN C 448 27.44 -40.28 -24.04
CA ASN C 448 25.98 -40.18 -24.14
C ASN C 448 25.42 -41.52 -24.58
N ALA C 449 24.33 -41.94 -23.94
CA ALA C 449 23.72 -43.22 -24.29
C ALA C 449 23.06 -43.17 -25.67
N ILE C 450 22.44 -42.04 -25.98
CA ILE C 450 21.71 -41.91 -27.23
C ILE C 450 22.59 -42.09 -28.44
N VAL C 451 23.91 -42.07 -28.26
CA VAL C 451 24.82 -42.46 -29.33
C VAL C 451 25.19 -43.91 -29.22
N LYS C 452 25.43 -44.38 -28.00
CA LYS C 452 25.93 -45.74 -27.81
C LYS C 452 24.93 -46.77 -28.29
N MET C 453 23.66 -46.62 -27.90
CA MET C 453 22.66 -47.57 -28.31
C MET C 453 22.44 -47.52 -29.81
N LEU C 454 22.23 -46.34 -30.36
CA LEU C 454 22.04 -46.22 -31.79
C LEU C 454 23.23 -46.77 -32.56
N ASN C 455 24.41 -46.80 -31.95
CA ASN C 455 25.56 -47.29 -32.68
C ASN C 455 25.65 -48.80 -32.63
N SER C 456 25.57 -49.38 -31.43
CA SER C 456 25.72 -50.82 -31.29
C SER C 456 24.43 -51.59 -31.53
N ASN C 457 23.34 -50.92 -31.90
CA ASN C 457 22.07 -51.60 -32.07
C ASN C 457 22.10 -52.53 -33.28
N GLN C 458 22.66 -52.05 -34.39
CA GLN C 458 22.79 -52.65 -35.73
C GLN C 458 21.44 -52.86 -36.41
N ASN C 459 20.33 -52.57 -35.74
CA ASN C 459 19.04 -52.58 -36.42
C ASN C 459 18.74 -51.29 -37.16
N MET C 460 19.17 -50.16 -36.62
CA MET C 460 18.72 -48.87 -37.14
C MET C 460 19.19 -48.64 -38.56
N GLU C 461 18.50 -47.74 -39.25
CA GLU C 461 18.87 -47.33 -40.59
C GLU C 461 20.20 -46.59 -40.57
N PRO C 462 20.79 -46.30 -41.72
CA PRO C 462 21.96 -45.41 -41.75
C PRO C 462 21.61 -43.94 -41.87
N THR C 463 20.33 -43.59 -41.86
CA THR C 463 19.89 -42.23 -42.13
C THR C 463 19.55 -41.43 -40.89
N ILE C 464 18.94 -42.04 -39.88
CA ILE C 464 18.71 -41.31 -38.64
C ILE C 464 19.98 -41.30 -37.79
N ILE C 465 20.78 -42.36 -37.90
CA ILE C 465 22.19 -42.16 -37.63
C ILE C 465 22.71 -41.26 -38.72
N ASN C 466 23.84 -40.59 -38.44
CA ASN C 466 24.38 -39.57 -39.32
C ASN C 466 23.47 -38.35 -39.32
N TRP C 467 22.34 -38.46 -38.64
CA TRP C 467 21.56 -37.28 -38.30
C TRP C 467 21.79 -36.93 -36.83
N PHE C 468 21.58 -37.91 -35.96
CA PHE C 468 21.91 -37.70 -34.57
C PHE C 468 23.37 -37.35 -34.41
N LEU C 469 24.23 -37.91 -35.25
CA LEU C 469 25.65 -37.61 -35.18
C LEU C 469 25.94 -36.24 -35.75
N PHE C 470 24.89 -35.47 -35.99
CA PHE C 470 25.06 -34.15 -36.53
C PHE C 470 24.24 -33.09 -35.80
N ARG C 471 23.22 -33.50 -35.04
CA ARG C 471 22.55 -32.60 -34.13
C ARG C 471 23.14 -32.61 -32.72
N ILE C 472 23.74 -33.72 -32.31
CA ILE C 472 24.34 -33.80 -30.98
C ILE C 472 25.56 -32.90 -30.93
N CYS C 473 25.67 -32.11 -29.87
CA CYS C 473 26.80 -31.23 -29.65
C CYS C 473 27.47 -31.57 -28.32
N ALA C 474 28.51 -30.82 -27.99
CA ALA C 474 29.20 -30.98 -26.72
C ALA C 474 28.54 -30.11 -25.66
N ILE C 475 28.42 -30.64 -24.45
CA ILE C 475 27.72 -29.97 -23.36
C ILE C 475 28.60 -29.95 -22.13
N ASP C 476 28.87 -28.76 -21.60
CA ASP C 476 29.48 -28.61 -20.30
C ASP C 476 28.47 -27.97 -19.36
N LYS C 477 28.67 -28.19 -18.06
CA LYS C 477 27.67 -27.80 -17.07
C LYS C 477 27.30 -26.33 -17.20
N THR C 478 28.30 -25.47 -17.27
CA THR C 478 28.08 -24.03 -17.30
C THR C 478 27.13 -23.61 -18.41
N VAL C 479 27.02 -24.41 -19.47
CA VAL C 479 26.10 -24.08 -20.54
C VAL C 479 24.66 -24.43 -20.14
N ILE C 480 24.48 -25.54 -19.44
CA ILE C 480 23.15 -25.95 -19.03
C ILE C 480 22.55 -24.87 -18.16
N ASP C 481 23.25 -24.51 -17.09
CA ASP C 481 22.73 -23.55 -16.14
C ASP C 481 22.34 -22.25 -16.82
N ASP C 482 23.00 -21.93 -17.93
CA ASP C 482 22.69 -20.70 -18.64
C ASP C 482 21.23 -20.66 -19.07
N TYR C 483 20.74 -21.76 -19.63
CA TYR C 483 19.37 -21.76 -20.13
C TYR C 483 18.38 -21.62 -18.99
N PHE C 484 18.53 -22.46 -17.97
CA PHE C 484 17.61 -22.41 -16.84
C PHE C 484 17.60 -21.01 -16.25
N SER C 485 18.76 -20.37 -16.17
CA SER C 485 18.78 -19.00 -15.69
C SER C 485 18.03 -18.07 -16.65
N LEU C 486 18.15 -18.32 -17.95
CA LEU C 486 17.44 -17.51 -18.93
C LEU C 486 15.95 -17.61 -18.73
N GLU C 487 15.48 -18.77 -18.27
CA GLU C 487 14.06 -19.01 -18.05
C GLU C 487 13.37 -17.88 -17.32
N MET C 488 13.93 -17.45 -16.19
CA MET C 488 13.34 -16.41 -15.38
C MET C 488 13.93 -15.03 -15.61
N THR C 489 15.06 -14.93 -16.27
CA THR C 489 15.60 -13.64 -16.64
C THR C 489 14.60 -12.92 -17.53
N PRO C 490 14.13 -11.74 -17.14
CA PRO C 490 13.15 -11.03 -17.97
C PRO C 490 13.68 -10.80 -19.37
N ILE C 491 12.97 -11.31 -20.35
CA ILE C 491 13.39 -11.25 -21.74
C ILE C 491 13.10 -9.87 -22.30
N ILE C 492 14.12 -9.26 -22.92
CA ILE C 492 13.95 -7.94 -23.53
C ILE C 492 14.48 -7.95 -24.95
N MET C 493 14.59 -9.12 -25.54
CA MET C 493 15.10 -9.21 -26.91
C MET C 493 14.65 -10.53 -27.51
N ARG C 494 13.85 -10.45 -28.55
CA ARG C 494 13.33 -11.64 -29.22
C ARG C 494 14.45 -12.58 -29.59
N PRO C 495 14.54 -13.74 -28.95
CA PRO C 495 15.60 -14.69 -29.30
C PRO C 495 15.31 -15.33 -30.64
N LYS C 496 16.37 -15.84 -31.25
CA LYS C 496 16.28 -16.57 -32.50
C LYS C 496 16.89 -17.94 -32.32
N LEU C 497 16.71 -18.78 -33.33
CA LEU C 497 17.32 -20.10 -33.35
C LEU C 497 17.97 -20.34 -34.70
N TYR C 498 18.97 -21.21 -34.68
CA TYR C 498 19.93 -21.31 -35.77
C TYR C 498 19.25 -21.62 -37.11
N ASP C 499 19.83 -21.07 -38.16
CA ASP C 499 19.50 -21.51 -39.52
C ASP C 499 20.12 -22.87 -39.75
N PHE C 500 19.34 -23.80 -40.27
CA PHE C 500 19.73 -25.19 -40.20
C PHE C 500 19.06 -25.97 -41.33
N ASP C 501 19.81 -26.86 -41.95
CA ASP C 501 19.39 -27.52 -43.18
C ASP C 501 18.39 -28.63 -42.95
N MET C 502 17.25 -28.30 -42.36
CA MET C 502 16.20 -29.29 -42.14
C MET C 502 15.86 -29.97 -43.45
N LYS C 503 15.88 -31.29 -43.43
CA LYS C 503 15.60 -32.04 -44.63
C LYS C 503 14.12 -32.39 -44.68
N ARG C 504 13.49 -32.05 -45.79
CA ARG C 504 12.11 -32.41 -46.03
C ARG C 504 12.06 -33.84 -46.55
N GLY C 505 10.91 -34.27 -47.03
CA GLY C 505 10.86 -35.58 -47.64
C GLY C 505 11.10 -36.66 -46.62
N GLU C 506 12.32 -37.22 -46.64
CA GLU C 506 12.78 -38.32 -45.81
C GLU C 506 12.25 -38.24 -44.40
N PRO C 507 11.84 -39.36 -43.82
CA PRO C 507 11.19 -39.33 -42.51
C PRO C 507 12.15 -39.06 -41.37
N VAL C 508 12.99 -38.04 -41.51
CA VAL C 508 13.80 -37.56 -40.42
C VAL C 508 13.29 -36.23 -39.90
N SER C 509 12.76 -35.41 -40.80
CA SER C 509 12.21 -34.11 -40.43
C SER C 509 11.31 -34.22 -39.21
N LEU C 510 10.51 -35.27 -39.16
CA LEU C 510 9.63 -35.42 -38.02
C LEU C 510 10.40 -35.52 -36.72
N LEU C 511 11.61 -36.08 -36.76
CA LEU C 511 12.44 -36.03 -35.57
C LEU C 511 12.79 -34.59 -35.21
N TYR C 512 12.99 -33.75 -36.22
CA TYR C 512 13.23 -32.35 -35.92
C TYR C 512 12.00 -31.69 -35.33
N ILE C 513 10.80 -32.12 -35.71
CA ILE C 513 9.62 -31.61 -35.03
C ILE C 513 9.61 -32.07 -33.59
N LEU C 514 9.95 -33.33 -33.37
CA LEU C 514 10.00 -33.87 -32.01
C LEU C 514 10.98 -33.07 -31.16
N GLU C 515 12.11 -32.68 -31.74
CA GLU C 515 13.12 -31.97 -30.98
C GLU C 515 12.54 -30.72 -30.33
N LEU C 516 11.94 -29.85 -31.14
CA LEU C 516 11.48 -28.60 -30.56
C LEU C 516 10.17 -28.75 -29.81
N ILE C 517 9.34 -29.75 -30.11
CA ILE C 517 8.17 -29.93 -29.27
C ILE C 517 8.60 -30.37 -27.86
N LEU C 518 9.60 -31.24 -27.78
CA LEU C 518 10.13 -31.61 -26.48
C LEU C 518 10.73 -30.39 -25.79
N PHE C 519 11.53 -29.63 -26.54
CA PHE C 519 12.12 -28.42 -25.98
C PHE C 519 11.05 -27.51 -25.39
N SER C 520 9.96 -27.33 -26.12
CA SER C 520 8.88 -26.49 -25.62
C SER C 520 8.30 -27.04 -24.34
N ILE C 521 8.13 -28.35 -24.26
CA ILE C 521 7.70 -28.93 -22.99
C ILE C 521 8.67 -28.55 -21.89
N MET C 522 9.96 -28.48 -22.21
CA MET C 522 10.94 -28.20 -21.19
C MET C 522 10.88 -26.74 -20.73
N PHE C 523 10.69 -25.81 -21.65
CA PHE C 523 10.85 -24.38 -21.37
C PHE C 523 9.70 -23.59 -21.97
N PRO C 524 8.59 -23.54 -21.32
CA PRO C 524 7.49 -22.70 -21.82
C PRO C 524 7.88 -21.23 -21.89
N ASN C 525 8.62 -20.75 -20.88
CA ASN C 525 8.88 -19.32 -20.79
C ASN C 525 9.69 -18.82 -21.97
N VAL C 526 10.55 -19.65 -22.54
CA VAL C 526 11.37 -19.20 -23.66
C VAL C 526 10.58 -19.24 -24.95
N THR C 527 10.03 -20.42 -25.29
CA THR C 527 9.34 -20.59 -26.55
C THR C 527 8.27 -19.55 -26.75
N GLN C 528 7.68 -19.08 -25.67
CA GLN C 528 6.56 -18.15 -25.74
C GLN C 528 6.89 -16.94 -26.61
N HIS C 529 8.17 -16.69 -26.87
CA HIS C 529 8.54 -15.53 -27.65
C HIS C 529 8.84 -15.83 -29.10
N MET C 530 9.25 -17.04 -29.45
CA MET C 530 9.60 -17.32 -30.83
C MET C 530 8.53 -18.08 -31.59
N LEU C 531 7.26 -17.80 -31.29
CA LEU C 531 6.17 -18.47 -32.01
C LEU C 531 6.30 -18.32 -33.51
N GLY C 532 6.77 -17.16 -33.96
CA GLY C 532 6.98 -16.97 -35.38
C GLY C 532 7.85 -18.08 -35.95
N GLN C 533 9.04 -18.24 -35.38
CA GLN C 533 9.94 -19.30 -35.84
C GLN C 533 9.28 -20.65 -35.77
N ILE C 534 8.67 -20.96 -34.62
CA ILE C 534 8.13 -22.31 -34.42
C ILE C 534 7.16 -22.61 -35.54
N GLN C 535 6.17 -21.74 -35.69
CA GLN C 535 5.12 -21.97 -36.69
C GLN C 535 5.71 -22.03 -38.08
N ALA C 536 6.68 -21.17 -38.37
CA ALA C 536 7.26 -21.15 -39.70
C ALA C 536 7.87 -22.50 -40.04
N ARG C 537 8.64 -23.06 -39.11
CA ARG C 537 9.29 -24.34 -39.41
C ARG C 537 8.29 -25.47 -39.47
N ILE C 538 7.32 -25.49 -38.55
CA ILE C 538 6.27 -26.50 -38.59
C ILE C 538 5.64 -26.51 -39.97
N LEU C 539 5.17 -25.34 -40.41
CA LEU C 539 4.43 -25.27 -41.65
C LEU C 539 5.32 -25.57 -42.84
N TYR C 540 6.58 -25.17 -42.79
CA TYR C 540 7.45 -25.47 -43.93
C TYR C 540 7.73 -26.95 -44.03
N ILE C 541 7.76 -27.66 -42.91
CA ILE C 541 7.99 -29.10 -43.00
C ILE C 541 6.74 -29.83 -43.45
N SER C 542 5.57 -29.40 -43.00
CA SER C 542 4.36 -30.11 -43.39
C SER C 542 3.88 -29.75 -44.79
N MET C 543 4.60 -28.91 -45.52
CA MET C 543 4.10 -28.32 -46.76
C MET C 543 3.75 -29.37 -47.81
N TYR C 544 4.31 -30.56 -47.71
CA TYR C 544 4.00 -31.58 -48.72
C TYR C 544 3.69 -32.95 -48.16
N ALA C 545 4.07 -33.27 -46.94
CA ALA C 545 3.72 -34.56 -46.39
C ALA C 545 2.23 -34.70 -46.24
N PHE C 546 1.55 -33.63 -45.83
CA PHE C 546 0.15 -33.68 -45.46
C PHE C 546 -0.61 -32.62 -46.24
N ARG C 547 -0.38 -32.58 -47.55
CA ARG C 547 -0.84 -31.48 -48.38
C ARG C 547 -2.31 -31.15 -48.15
N GLN C 548 -3.16 -32.17 -48.16
CA GLN C 548 -4.59 -31.93 -48.03
C GLN C 548 -4.92 -31.14 -46.78
N GLU C 549 -4.42 -31.58 -45.63
CA GLU C 549 -4.71 -30.88 -44.38
C GLU C 549 -4.14 -29.48 -44.42
N TYR C 550 -2.88 -29.35 -44.80
CA TYR C 550 -2.23 -28.05 -44.80
C TYR C 550 -2.94 -27.09 -45.74
N LEU C 551 -3.42 -27.58 -46.87
CA LEU C 551 -4.08 -26.71 -47.83
C LEU C 551 -5.39 -26.18 -47.27
N LYS C 552 -6.25 -27.09 -46.79
CA LYS C 552 -7.51 -26.68 -46.22
C LYS C 552 -7.30 -25.71 -45.07
N PHE C 553 -6.27 -25.97 -44.27
CA PHE C 553 -5.99 -25.09 -43.14
C PHE C 553 -5.56 -23.72 -43.59
N ILE C 554 -4.64 -23.66 -44.55
CA ILE C 554 -4.11 -22.38 -44.97
C ILE C 554 -5.18 -21.55 -45.63
N THR C 555 -6.17 -22.19 -46.25
CA THR C 555 -7.19 -21.40 -46.91
C THR C 555 -8.36 -21.06 -46.00
N LYS C 556 -8.54 -21.80 -44.91
CA LYS C 556 -9.62 -21.43 -44.00
C LYS C 556 -9.16 -20.45 -42.94
N PHE C 557 -8.02 -20.72 -42.31
CA PHE C 557 -7.53 -19.86 -41.24
C PHE C 557 -6.48 -18.88 -41.70
N GLY C 558 -5.51 -19.30 -42.49
CA GLY C 558 -4.42 -18.44 -42.83
C GLY C 558 -3.50 -18.26 -41.64
N PHE C 559 -2.21 -18.07 -41.86
CA PHE C 559 -1.26 -18.15 -40.77
C PHE C 559 -1.03 -16.77 -40.16
N TYR C 560 -2.13 -16.11 -39.79
CA TYR C 560 -2.11 -14.84 -39.07
C TYR C 560 -3.54 -14.52 -38.66
N TYR C 561 -3.75 -13.87 -37.53
CA TYR C 561 -5.12 -13.46 -37.23
C TYR C 561 -5.10 -12.33 -36.23
N LYS C 562 -6.13 -11.49 -36.29
CA LYS C 562 -6.19 -10.34 -35.41
C LYS C 562 -7.58 -10.19 -34.84
N ILE C 563 -7.64 -9.68 -33.62
CA ILE C 563 -8.92 -9.36 -32.99
C ILE C 563 -9.33 -7.97 -33.44
N VAL C 564 -10.63 -7.73 -33.51
CA VAL C 564 -11.16 -6.48 -34.03
C VAL C 564 -11.87 -5.66 -32.95
N ASN C 565 -12.94 -6.21 -32.36
CA ASN C 565 -13.64 -5.49 -31.31
C ASN C 565 -13.56 -6.22 -29.98
N GLY C 566 -14.08 -7.44 -29.90
CA GLY C 566 -13.83 -8.34 -28.81
C GLY C 566 -13.63 -9.71 -29.42
N ARG C 567 -13.96 -9.80 -30.69
CA ARG C 567 -13.88 -11.04 -31.45
C ARG C 567 -12.67 -11.00 -32.35
N LYS C 568 -12.24 -12.19 -32.78
CA LYS C 568 -11.03 -12.32 -33.56
C LYS C 568 -11.34 -12.96 -34.90
N GLU C 569 -10.74 -12.40 -35.95
CA GLU C 569 -10.92 -12.87 -37.30
C GLU C 569 -9.55 -13.16 -37.91
N TYR C 570 -9.57 -13.75 -39.09
CA TYR C 570 -8.38 -14.26 -39.73
C TYR C 570 -8.15 -13.57 -41.06
N ILE C 571 -6.89 -13.42 -41.43
CA ILE C 571 -6.57 -12.84 -42.72
C ILE C 571 -5.99 -13.93 -43.62
N GLN C 572 -6.85 -14.59 -44.38
CA GLN C 572 -6.43 -15.75 -45.13
C GLN C 572 -5.50 -15.35 -46.27
N VAL C 573 -5.02 -16.36 -46.97
CA VAL C 573 -4.08 -16.18 -48.06
C VAL C 573 -4.85 -16.25 -49.36
N THR C 574 -4.60 -15.27 -50.24
CA THR C 574 -5.25 -15.30 -51.55
C THR C 574 -4.60 -16.34 -52.46
N ASN C 575 -3.30 -16.20 -52.73
CA ASN C 575 -2.64 -17.14 -53.62
C ASN C 575 -2.57 -18.50 -52.96
N GLN C 576 -2.55 -19.54 -53.80
CA GLN C 576 -2.70 -20.90 -53.28
C GLN C 576 -1.56 -21.25 -52.34
N ASN C 577 -0.34 -20.89 -52.70
CA ASN C 577 0.84 -21.22 -51.92
C ASN C 577 1.62 -19.95 -51.69
N GLU C 578 1.81 -19.61 -50.43
CA GLU C 578 2.66 -18.47 -50.06
C GLU C 578 3.62 -18.93 -48.99
N ARG C 579 4.91 -18.92 -49.30
CA ARG C 579 5.92 -19.29 -48.33
C ARG C 579 5.92 -18.28 -47.20
N MET C 580 5.35 -18.66 -46.07
CA MET C 580 5.27 -17.77 -44.92
C MET C 580 6.65 -17.27 -44.57
N THR C 581 6.76 -15.97 -44.33
CA THR C 581 8.04 -15.39 -43.96
C THR C 581 8.58 -16.06 -42.70
N GLU C 582 9.90 -16.09 -42.59
CA GLU C 582 10.53 -16.84 -41.51
C GLU C 582 10.49 -16.06 -40.20
N ASN C 583 10.86 -14.79 -40.23
CA ASN C 583 10.86 -13.95 -39.05
C ASN C 583 9.80 -12.88 -39.21
N ASN C 584 9.17 -12.49 -38.10
CA ASN C 584 8.05 -11.58 -38.20
C ASN C 584 7.76 -10.94 -36.86
N ASP C 585 7.30 -9.70 -36.90
CA ASP C 585 7.12 -8.85 -35.73
C ASP C 585 5.79 -9.20 -35.06
N VAL C 586 5.70 -10.46 -34.60
CA VAL C 586 4.39 -11.02 -34.30
C VAL C 586 3.93 -10.65 -32.89
N LEU C 587 4.73 -10.96 -31.87
CA LEU C 587 4.17 -11.06 -30.54
C LEU C 587 3.82 -9.69 -29.95
N THR C 588 4.47 -8.64 -30.42
CA THR C 588 4.22 -7.29 -29.89
C THR C 588 3.26 -6.54 -30.80
N GLY C 589 2.03 -6.43 -30.36
CA GLY C 589 1.02 -5.71 -31.11
C GLY C 589 -0.09 -6.62 -31.61
N ASN C 590 -1.13 -6.00 -32.15
CA ASN C 590 -2.31 -6.74 -32.56
C ASN C 590 -2.08 -7.50 -33.85
N LEU C 591 -1.29 -8.58 -33.79
CA LEU C 591 -1.26 -9.54 -34.89
C LEU C 591 -0.81 -10.88 -34.30
N TYR C 592 -1.78 -11.72 -33.97
CA TYR C 592 -1.51 -13.00 -33.33
C TYR C 592 -1.13 -14.03 -34.38
N PRO C 593 -0.38 -15.05 -33.98
CA PRO C 593 -0.08 -16.14 -34.90
C PRO C 593 -1.19 -17.17 -34.90
N SER C 594 -1.48 -17.71 -36.07
CA SER C 594 -2.50 -18.73 -36.19
C SER C 594 -1.94 -20.05 -35.67
N LEU C 595 -2.66 -21.14 -35.88
CA LEU C 595 -2.18 -22.47 -35.53
C LEU C 595 -2.10 -22.63 -34.01
N PHE C 596 -2.40 -21.58 -33.27
CA PHE C 596 -2.35 -21.64 -31.82
C PHE C 596 -3.61 -21.09 -31.16
N THR C 597 -4.73 -21.04 -31.87
CA THR C 597 -5.98 -20.67 -31.24
C THR C 597 -6.64 -21.88 -30.63
N ASP C 598 -7.50 -21.64 -29.64
CA ASP C 598 -8.27 -22.72 -29.06
C ASP C 598 -9.21 -23.34 -30.08
N ASP C 599 -10.26 -22.62 -30.47
CA ASP C 599 -11.05 -22.78 -31.68
C ASP C 599 -11.14 -24.21 -32.19
N PRO C 600 -11.80 -25.10 -31.46
CA PRO C 600 -11.81 -26.53 -31.83
C PRO C 600 -12.04 -26.81 -33.30
N THR C 601 -12.64 -25.87 -34.01
CA THR C 601 -12.70 -25.95 -35.46
C THR C 601 -11.33 -26.24 -36.05
N LEU C 602 -10.29 -25.70 -35.40
CA LEU C 602 -8.94 -26.03 -35.79
C LEU C 602 -8.73 -27.53 -35.81
N SER C 603 -9.17 -28.21 -34.76
CA SER C 603 -9.03 -29.65 -34.70
C SER C 603 -9.89 -30.32 -35.76
N ALA C 604 -11.11 -29.83 -35.94
CA ALA C 604 -12.03 -30.50 -36.84
C ALA C 604 -11.54 -30.43 -38.28
N ILE C 605 -11.25 -29.22 -38.76
CA ILE C 605 -10.91 -29.03 -40.17
C ILE C 605 -9.70 -29.84 -40.55
N ALA C 606 -8.62 -29.75 -39.78
CA ALA C 606 -7.36 -30.36 -40.14
C ALA C 606 -6.78 -31.05 -38.93
N PRO C 607 -7.01 -32.34 -38.80
CA PRO C 607 -6.28 -33.11 -37.78
C PRO C 607 -4.82 -33.19 -38.15
N THR C 608 -4.01 -33.86 -37.34
CA THR C 608 -2.57 -34.01 -37.57
C THR C 608 -1.86 -32.66 -37.55
N LEU C 609 -2.60 -31.59 -37.29
CA LEU C 609 -2.00 -30.28 -37.02
C LEU C 609 -2.38 -29.81 -35.62
N ALA C 610 -3.67 -29.79 -35.30
CA ALA C 610 -4.06 -29.57 -33.92
C ALA C 610 -3.50 -30.67 -33.03
N LYS C 611 -3.36 -31.87 -33.58
CA LYS C 611 -2.80 -32.98 -32.83
C LYS C 611 -1.33 -32.73 -32.52
N ILE C 612 -0.79 -31.63 -33.02
CA ILE C 612 0.56 -31.20 -32.67
C ILE C 612 0.47 -29.98 -31.78
N ALA C 613 -0.21 -28.95 -32.25
CA ALA C 613 -0.31 -27.72 -31.48
C ALA C 613 -0.80 -27.97 -30.06
N ARG C 614 -1.71 -28.92 -29.88
CA ARG C 614 -2.16 -29.25 -28.54
C ARG C 614 -1.02 -29.79 -27.70
N LEU C 615 -0.11 -30.55 -28.31
CA LEU C 615 0.99 -31.14 -27.56
C LEU C 615 1.97 -30.10 -27.04
N MET C 616 1.75 -28.82 -27.32
CA MET C 616 2.72 -27.79 -26.98
C MET C 616 2.25 -26.83 -25.91
N LYS C 617 0.96 -26.60 -25.77
CA LYS C 617 0.50 -25.60 -24.83
C LYS C 617 0.82 -26.04 -23.40
N PRO C 618 1.29 -25.13 -22.56
CA PRO C 618 1.86 -25.54 -21.27
C PRO C 618 0.85 -26.15 -20.31
N THR C 619 -0.22 -25.41 -20.03
CA THR C 619 -1.32 -25.88 -19.18
C THR C 619 -0.82 -26.37 -17.82
N THR C 620 -0.24 -25.46 -17.05
CA THR C 620 0.16 -25.78 -15.69
C THR C 620 -0.61 -24.96 -14.66
N SER C 621 -0.46 -23.63 -14.66
CA SER C 621 -1.04 -22.78 -13.64
C SER C 621 -0.68 -21.33 -13.89
N LEU C 622 -1.14 -20.45 -13.02
CA LEU C 622 -0.66 -19.07 -13.01
C LEU C 622 -0.53 -18.60 -11.57
N THR C 623 0.08 -19.45 -10.74
CA THR C 623 0.19 -19.18 -9.32
C THR C 623 0.77 -17.81 -9.06
N PRO C 624 0.09 -16.96 -8.30
CA PRO C 624 0.66 -15.64 -7.99
C PRO C 624 1.85 -15.77 -7.04
N ASP C 625 2.41 -14.64 -6.64
CA ASP C 625 3.62 -14.62 -5.82
C ASP C 625 3.42 -13.64 -4.66
N ASP C 626 2.87 -14.14 -3.57
CA ASP C 626 2.64 -13.30 -2.40
C ASP C 626 3.95 -12.95 -1.74
N ARG C 627 4.77 -13.96 -1.45
CA ARG C 627 6.00 -13.72 -0.70
C ARG C 627 6.87 -12.68 -1.36
N ALA C 628 6.74 -12.51 -2.67
CA ALA C 628 7.51 -11.47 -3.33
C ALA C 628 7.07 -10.09 -2.88
N ILE C 629 5.76 -9.82 -2.94
CA ILE C 629 5.29 -8.47 -2.64
C ILE C 629 5.30 -8.22 -1.14
N ALA C 630 5.09 -9.25 -0.35
CA ALA C 630 4.99 -9.01 1.09
C ALA C 630 6.26 -8.52 1.71
N ALA C 631 7.36 -8.45 0.96
CA ALA C 631 8.56 -7.78 1.42
C ALA C 631 8.75 -6.44 0.72
N LYS C 632 7.72 -5.96 0.03
CA LYS C 632 7.77 -4.70 -0.70
C LYS C 632 8.94 -4.69 -1.69
N PHE C 633 9.07 -5.78 -2.43
CA PHE C 633 9.92 -5.79 -3.60
C PHE C 633 9.20 -5.01 -4.69
N PRO C 634 9.86 -4.69 -5.79
CA PRO C 634 9.15 -4.05 -6.90
C PRO C 634 8.40 -5.04 -7.76
N ARG C 635 7.07 -5.03 -7.70
CA ARG C 635 6.27 -5.87 -8.57
C ARG C 635 5.00 -5.12 -8.95
N PHE C 636 4.54 -5.36 -10.16
CA PHE C 636 3.19 -4.96 -10.52
C PHE C 636 2.22 -5.64 -9.57
N LYS C 637 1.36 -4.84 -8.94
CA LYS C 637 0.40 -5.40 -8.00
C LYS C 637 -0.38 -6.53 -8.65
N ASP C 638 -0.49 -7.64 -7.92
CA ASP C 638 -1.17 -8.83 -8.42
C ASP C 638 -0.49 -9.37 -9.68
N SER C 639 0.82 -9.53 -9.61
CA SER C 639 1.56 -10.16 -10.69
C SER C 639 1.42 -11.67 -10.55
N ALA C 640 2.12 -12.41 -11.39
CA ALA C 640 2.07 -13.85 -11.35
C ALA C 640 3.34 -14.40 -11.98
N HIS C 641 3.34 -15.70 -12.24
CA HIS C 641 4.45 -16.39 -12.89
C HIS C 641 3.93 -17.72 -13.40
N LEU C 642 4.78 -18.44 -14.10
CA LEU C 642 4.40 -19.73 -14.66
C LEU C 642 5.49 -20.72 -14.28
N ASN C 643 5.31 -21.40 -13.16
CA ASN C 643 6.20 -22.48 -12.86
C ASN C 643 6.04 -23.54 -13.93
N PRO C 644 7.06 -23.82 -14.74
CA PRO C 644 6.91 -24.73 -15.87
C PRO C 644 6.65 -26.16 -15.46
N TYR C 645 6.73 -26.48 -14.17
CA TYR C 645 6.71 -27.87 -13.74
C TYR C 645 5.61 -28.05 -12.71
N SER C 646 5.64 -29.19 -12.02
CA SER C 646 4.60 -29.53 -11.07
C SER C 646 5.28 -29.78 -9.73
N SER C 647 4.53 -30.33 -8.79
CA SER C 647 5.08 -30.72 -7.51
C SER C 647 5.33 -32.22 -7.49
N LEU C 648 5.83 -32.69 -6.37
CA LEU C 648 6.00 -34.13 -6.17
C LEU C 648 5.64 -34.52 -4.76
N ASN C 649 5.00 -33.64 -3.99
CA ASN C 649 4.71 -33.89 -2.59
C ASN C 649 3.30 -33.44 -2.24
N ILE C 650 2.32 -33.87 -3.04
CA ILE C 650 0.96 -33.42 -2.83
C ILE C 650 0.44 -34.02 -1.53
N GLY C 651 0.47 -33.24 -0.46
CA GLY C 651 0.04 -33.75 0.82
C GLY C 651 0.90 -34.87 1.36
N GLY C 652 2.14 -34.99 0.88
CA GLY C 652 3.03 -36.02 1.35
C GLY C 652 2.68 -37.41 0.85
N ARG C 653 2.51 -37.56 -0.46
CA ARG C 653 2.26 -38.87 -1.03
C ARG C 653 3.07 -39.18 -2.28
N THR C 654 3.62 -38.18 -2.97
CA THR C 654 4.52 -38.40 -4.10
C THR C 654 3.92 -39.17 -5.27
N GLN C 655 2.98 -38.58 -5.99
CA GLN C 655 2.54 -39.19 -7.24
C GLN C 655 3.69 -39.07 -8.26
N HIS C 656 3.46 -39.51 -9.49
CA HIS C 656 4.54 -39.90 -10.39
C HIS C 656 4.95 -38.81 -11.36
N SER C 657 4.96 -37.54 -10.96
CA SER C 657 5.63 -36.48 -11.72
C SER C 657 5.04 -36.33 -13.12
N VAL C 658 3.82 -35.82 -13.14
CA VAL C 658 2.97 -35.73 -14.34
C VAL C 658 3.73 -35.31 -15.59
N THR C 659 4.74 -34.46 -15.44
CA THR C 659 5.51 -34.06 -16.60
C THR C 659 6.06 -35.26 -17.34
N TYR C 660 6.37 -36.34 -16.62
CA TYR C 660 6.80 -37.55 -17.29
C TYR C 660 5.73 -38.04 -18.25
N THR C 661 4.47 -37.97 -17.83
CA THR C 661 3.39 -38.41 -18.71
C THR C 661 3.27 -37.47 -19.90
N ARG C 662 3.30 -36.18 -19.63
CA ARG C 662 3.16 -35.22 -20.73
C ARG C 662 4.28 -35.37 -21.73
N MET C 663 5.42 -35.88 -21.30
CA MET C 663 6.51 -36.15 -22.22
C MET C 663 6.32 -37.47 -22.95
N TYR C 664 5.91 -38.50 -22.20
CA TYR C 664 5.83 -39.84 -22.75
C TYR C 664 4.78 -39.92 -23.83
N ASP C 665 3.59 -39.39 -23.56
CA ASP C 665 2.56 -39.43 -24.59
C ASP C 665 2.96 -38.65 -25.82
N ALA C 666 3.72 -37.56 -25.63
CA ALA C 666 4.19 -36.79 -26.77
C ALA C 666 5.05 -37.66 -27.66
N ILE C 667 6.07 -38.26 -27.06
CA ILE C 667 6.97 -39.11 -27.82
C ILE C 667 6.19 -40.21 -28.53
N GLU C 668 5.27 -40.85 -27.79
CA GLU C 668 4.51 -41.95 -28.35
C GLU C 668 3.71 -41.50 -29.56
N GLU C 669 2.99 -40.39 -29.43
CA GLU C 669 2.18 -39.91 -30.53
C GLU C 669 3.04 -39.57 -31.73
N MET C 670 4.16 -38.90 -31.50
CA MET C 670 4.99 -38.48 -32.62
C MET C 670 5.56 -39.68 -33.36
N PHE C 671 5.99 -40.71 -32.64
CA PHE C 671 6.54 -41.86 -33.35
C PHE C 671 5.44 -42.66 -34.03
N ASN C 672 4.25 -42.71 -33.44
CA ASN C 672 3.14 -43.31 -34.16
C ASN C 672 2.89 -42.59 -35.47
N LEU C 673 2.93 -41.26 -35.44
CA LEU C 673 2.72 -40.50 -36.67
C LEU C 673 3.83 -40.78 -37.68
N ILE C 674 5.08 -40.84 -37.24
CA ILE C 674 6.16 -41.05 -38.21
C ILE C 674 6.08 -42.44 -38.79
N LEU C 675 5.61 -43.41 -38.02
CA LEU C 675 5.51 -44.77 -38.51
C LEU C 675 4.26 -44.99 -39.35
N ARG C 676 3.26 -44.12 -39.25
CA ARG C 676 2.07 -44.26 -40.07
C ARG C 676 2.11 -43.43 -41.34
N ALA C 677 2.62 -42.21 -41.30
CA ALA C 677 2.59 -41.35 -42.48
C ALA C 677 3.64 -41.71 -43.52
N PHE C 678 4.67 -42.46 -43.14
CA PHE C 678 5.71 -42.85 -44.08
C PHE C 678 5.89 -44.35 -44.22
N ALA C 679 4.92 -45.15 -43.77
CA ALA C 679 5.09 -46.59 -43.61
C ALA C 679 5.81 -47.24 -44.78
N SER C 680 5.56 -46.73 -45.99
CA SER C 680 6.20 -47.28 -47.17
C SER C 680 7.60 -46.68 -47.35
N SER C 681 8.36 -46.69 -46.27
CA SER C 681 9.77 -46.32 -46.36
C SER C 681 10.67 -47.20 -45.52
N PHE C 682 10.15 -48.16 -44.78
CA PHE C 682 10.94 -49.11 -44.03
C PHE C 682 10.42 -50.51 -44.32
N ALA C 683 11.32 -51.48 -44.42
CA ALA C 683 10.94 -52.81 -44.87
C ALA C 683 11.24 -53.82 -43.78
N GLN C 684 10.32 -53.97 -42.83
CA GLN C 684 10.31 -54.98 -41.78
C GLN C 684 11.53 -54.81 -40.88
N ARG C 685 12.46 -53.95 -41.26
CA ARG C 685 13.70 -53.62 -40.62
C ARG C 685 14.13 -52.31 -41.24
N PRO C 686 14.32 -51.26 -40.45
CA PRO C 686 14.09 -51.33 -39.03
C PRO C 686 12.73 -50.80 -38.65
N ARG C 687 11.68 -51.21 -39.36
CA ARG C 687 10.35 -50.87 -38.88
C ARG C 687 10.15 -51.37 -37.47
N ALA C 688 10.95 -52.34 -37.03
CA ALA C 688 11.03 -52.67 -35.62
C ALA C 688 12.08 -51.86 -34.90
N GLY C 689 13.10 -51.38 -35.61
CA GLY C 689 14.11 -50.57 -34.96
C GLY C 689 13.63 -49.16 -34.68
N VAL C 690 12.84 -48.60 -35.60
CA VAL C 690 12.34 -47.25 -35.41
C VAL C 690 11.52 -47.18 -34.12
N THR C 691 10.68 -48.17 -33.89
CA THR C 691 9.99 -48.22 -32.61
C THR C 691 10.86 -48.79 -31.52
N GLN C 692 11.96 -49.44 -31.88
CA GLN C 692 12.88 -49.91 -30.86
C GLN C 692 13.52 -48.75 -30.12
N LEU C 693 13.86 -47.69 -30.83
CA LEU C 693 14.49 -46.54 -30.17
C LEU C 693 13.49 -45.69 -29.42
N LYS C 694 12.21 -45.76 -29.78
CA LYS C 694 11.23 -44.98 -29.05
C LYS C 694 11.17 -45.42 -27.59
N SER C 695 11.21 -46.73 -27.35
CA SER C 695 11.26 -47.21 -25.98
C SER C 695 12.52 -46.73 -25.27
N LEU C 696 13.62 -46.60 -26.00
CA LEU C 696 14.83 -46.06 -25.40
C LEU C 696 14.61 -44.63 -24.94
N LEU C 697 14.06 -43.80 -25.82
CA LEU C 697 13.78 -42.42 -25.44
C LEU C 697 12.89 -42.38 -24.20
N THR C 698 11.82 -43.17 -24.21
CA THR C 698 10.93 -43.23 -23.06
C THR C 698 11.70 -43.55 -21.80
N GLN C 699 12.37 -44.70 -21.79
CA GLN C 699 13.12 -45.16 -20.63
C GLN C 699 14.07 -44.09 -20.12
N LEU C 700 14.71 -43.37 -21.04
CA LEU C 700 15.67 -42.36 -20.61
C LEU C 700 14.99 -41.12 -20.06
N ALA C 701 13.74 -40.86 -20.45
CA ALA C 701 13.08 -39.64 -20.01
C ALA C 701 12.90 -39.61 -18.49
N ASP C 702 12.62 -40.75 -17.89
CA ASP C 702 12.23 -40.79 -16.49
C ASP C 702 13.33 -40.30 -15.54
N PRO C 703 14.54 -40.88 -15.56
CA PRO C 703 15.54 -40.46 -14.57
C PRO C 703 15.94 -39.01 -14.71
N LEU C 704 15.41 -38.32 -15.71
CA LEU C 704 15.57 -36.88 -15.83
C LEU C 704 14.34 -36.14 -15.36
N CYS C 705 13.16 -36.56 -15.80
CA CYS C 705 11.94 -35.89 -15.40
C CYS C 705 11.79 -35.92 -13.90
N LEU C 706 12.23 -37.00 -13.27
CA LEU C 706 12.25 -37.04 -11.81
C LEU C 706 13.06 -35.88 -11.26
N ALA C 707 14.30 -35.76 -11.70
CA ALA C 707 15.17 -34.70 -11.20
C ALA C 707 14.51 -33.35 -11.41
N LEU C 708 14.01 -33.13 -12.62
CA LEU C 708 13.38 -31.87 -12.97
C LEU C 708 12.26 -31.56 -11.99
N ASP C 709 11.22 -32.38 -12.03
CA ASP C 709 9.98 -32.12 -11.34
C ASP C 709 10.07 -32.39 -9.85
N GLY C 710 11.26 -32.74 -9.35
CA GLY C 710 11.40 -32.89 -7.91
C GLY C 710 12.40 -31.93 -7.29
N HIS C 711 13.29 -31.36 -8.10
CA HIS C 711 14.28 -30.42 -7.61
C HIS C 711 14.10 -29.04 -8.23
N VAL C 712 14.06 -28.95 -9.56
CA VAL C 712 14.02 -27.64 -10.21
C VAL C 712 12.74 -26.91 -9.84
N TYR C 713 11.71 -27.65 -9.44
CA TYR C 713 10.46 -27.02 -9.09
C TYR C 713 10.65 -25.98 -8.01
N HIS C 714 11.27 -26.37 -6.90
CA HIS C 714 11.46 -25.42 -5.82
C HIS C 714 12.46 -24.34 -6.20
N LEU C 715 13.45 -24.68 -7.03
CA LEU C 715 14.37 -23.68 -7.54
C LEU C 715 13.59 -22.54 -8.17
N TYR C 716 12.68 -22.87 -9.08
CA TYR C 716 11.90 -21.82 -9.72
C TYR C 716 10.98 -21.13 -8.72
N ASN C 717 10.39 -21.90 -7.82
CA ASN C 717 9.47 -21.31 -6.86
C ASN C 717 10.17 -20.30 -5.97
N VAL C 718 11.49 -20.38 -5.87
CA VAL C 718 12.24 -19.36 -5.16
C VAL C 718 12.59 -18.23 -6.12
N MET C 719 13.28 -18.57 -7.21
CA MET C 719 13.79 -17.57 -8.14
C MET C 719 12.69 -16.64 -8.63
N ALA C 720 11.46 -17.09 -8.60
CA ALA C 720 10.36 -16.26 -9.03
C ALA C 720 9.94 -15.25 -7.98
N ASN C 721 10.74 -15.04 -6.94
CA ASN C 721 10.39 -14.07 -5.92
C ASN C 721 11.48 -13.09 -5.62
N MET C 722 12.71 -13.32 -6.06
CA MET C 722 13.78 -12.38 -5.80
C MET C 722 13.48 -11.04 -6.47
N MET C 723 14.31 -10.05 -6.15
CA MET C 723 14.06 -8.71 -6.65
C MET C 723 14.24 -8.60 -8.15
N GLN C 724 15.17 -9.37 -8.71
CA GLN C 724 15.53 -9.19 -10.10
C GLN C 724 14.35 -9.43 -11.03
N ASN C 725 13.68 -10.55 -10.88
CA ASN C 725 12.66 -10.94 -11.83
C ASN C 725 11.34 -10.29 -11.47
N PHE C 726 10.93 -9.32 -12.26
CA PHE C 726 9.61 -8.75 -12.02
C PHE C 726 8.73 -8.74 -13.25
N ILE C 727 9.29 -8.48 -14.42
CA ILE C 727 8.51 -8.56 -15.65
C ILE C 727 8.23 -10.03 -15.91
N PRO C 728 6.98 -10.47 -15.85
CA PRO C 728 6.70 -11.88 -16.10
C PRO C 728 6.99 -12.23 -17.54
N ASN C 729 7.46 -13.45 -17.75
CA ASN C 729 7.83 -13.84 -19.10
C ASN C 729 6.65 -14.32 -19.91
N THR C 730 5.71 -15.03 -19.29
CA THR C 730 4.49 -15.43 -19.98
C THR C 730 3.35 -15.49 -18.99
N ASP C 731 2.15 -15.72 -19.51
CA ASP C 731 0.96 -15.83 -18.68
C ASP C 731 0.17 -17.09 -19.01
N GLY C 732 0.88 -18.16 -19.33
CA GLY C 732 0.21 -19.42 -19.59
C GLY C 732 -0.03 -19.66 -21.06
N GLN C 733 -1.26 -19.47 -21.50
CA GLN C 733 -1.63 -19.84 -22.86
C GLN C 733 -0.90 -18.99 -23.88
N PHE C 734 -0.42 -19.64 -24.94
CA PHE C 734 0.21 -18.92 -26.03
C PHE C 734 -0.90 -18.43 -26.95
N HIS C 735 -1.89 -17.81 -26.36
CA HIS C 735 -3.16 -17.60 -27.05
C HIS C 735 -3.64 -16.16 -27.00
N SER C 736 -3.48 -15.47 -25.89
CA SER C 736 -3.85 -14.06 -25.77
C SER C 736 -2.81 -13.33 -24.92
N PHE C 737 -1.54 -13.57 -25.17
CA PHE C 737 -0.50 -13.11 -24.24
C PHE C 737 -0.11 -11.65 -24.43
N ARG C 738 0.47 -11.31 -25.57
CA ARG C 738 0.81 -9.92 -25.87
C ARG C 738 1.75 -9.26 -24.86
N ALA C 739 3.03 -9.63 -24.89
CA ALA C 739 4.04 -9.17 -23.94
C ALA C 739 4.00 -7.68 -23.64
N CYS C 740 4.51 -7.30 -22.47
CA CYS C 740 4.38 -5.98 -21.88
C CYS C 740 4.63 -4.85 -22.87
N SER C 741 3.96 -3.72 -22.68
CA SER C 741 4.02 -2.64 -23.64
C SER C 741 4.15 -1.31 -22.94
N TYR C 742 5.01 -1.24 -21.94
CA TYR C 742 5.27 0.03 -21.31
C TYR C 742 6.45 0.70 -21.98
N ALA C 743 6.52 2.02 -21.81
CA ALA C 743 7.58 2.78 -22.44
C ALA C 743 7.67 4.13 -21.77
N VAL C 744 8.71 4.87 -22.10
CA VAL C 744 8.86 6.25 -21.64
C VAL C 744 8.75 7.17 -22.83
N LYS C 745 8.02 8.26 -22.63
CA LYS C 745 7.89 9.34 -23.60
C LYS C 745 8.69 10.52 -23.07
N ASP C 746 9.47 11.13 -23.95
CA ASP C 746 10.39 12.19 -23.57
C ASP C 746 10.27 13.35 -24.52
N GLY C 747 9.05 13.82 -24.74
CA GLY C 747 8.84 14.89 -25.69
C GLY C 747 9.06 14.43 -27.11
N GLY C 748 8.17 13.58 -27.60
CA GLY C 748 8.32 13.05 -28.94
C GLY C 748 9.09 11.75 -28.95
N ASN C 749 10.36 11.80 -28.54
CA ASN C 749 11.16 10.61 -28.48
C ASN C 749 10.51 9.57 -27.59
N ILE C 750 10.69 8.30 -27.96
CA ILE C 750 10.04 7.20 -27.28
C ILE C 750 11.04 6.08 -27.08
N TYR C 751 11.08 5.55 -25.86
CA TYR C 751 11.93 4.40 -25.56
C TYR C 751 11.04 3.29 -25.04
N ARG C 752 10.91 2.22 -25.81
CA ARG C 752 10.19 1.06 -25.32
C ARG C 752 11.05 0.32 -24.31
N VAL C 753 10.50 -0.75 -23.75
CA VAL C 753 11.20 -1.54 -22.74
C VAL C 753 11.35 -2.99 -23.14
N VAL C 754 10.47 -3.53 -23.97
CA VAL C 754 10.53 -4.93 -24.34
C VAL C 754 11.25 -5.17 -25.66
N GLN C 755 11.29 -4.19 -26.55
CA GLN C 755 11.85 -4.41 -27.88
C GLN C 755 12.37 -3.08 -28.39
N ASN C 756 13.68 -2.99 -28.61
CA ASN C 756 14.25 -1.78 -29.21
C ASN C 756 15.43 -2.20 -30.08
N GLY C 757 15.31 -1.95 -31.38
CA GLY C 757 16.29 -2.41 -32.34
C GLY C 757 17.66 -1.79 -32.18
N ASP C 758 17.86 -0.96 -31.16
CA ASP C 758 19.19 -0.42 -30.90
C ASP C 758 20.15 -1.53 -30.52
N GLU C 759 21.38 -1.44 -31.00
CA GLU C 759 22.39 -2.43 -30.66
C GLU C 759 22.72 -2.38 -29.17
N LEU C 760 23.60 -3.28 -28.74
CA LEU C 760 23.98 -3.61 -27.36
C LEU C 760 22.98 -4.57 -26.72
N ASN C 761 21.96 -5.04 -27.45
CA ASN C 761 21.01 -6.02 -26.95
C ASN C 761 21.12 -7.28 -27.80
N GLU C 762 22.12 -8.11 -27.50
CA GLU C 762 22.48 -9.24 -28.35
C GLU C 762 21.30 -10.20 -28.44
N SER C 763 20.78 -10.37 -29.65
CA SER C 763 19.79 -11.41 -29.90
C SER C 763 20.38 -12.77 -29.57
N LEU C 764 19.65 -13.54 -28.77
CA LEU C 764 20.14 -14.81 -28.27
C LEU C 764 20.02 -15.89 -29.33
N LEU C 765 21.08 -16.67 -29.49
CA LEU C 765 21.09 -17.77 -30.44
C LEU C 765 20.95 -19.06 -29.65
N ILE C 766 19.72 -19.41 -29.31
CA ILE C 766 19.46 -20.66 -28.62
C ILE C 766 19.34 -21.76 -29.66
N ASP C 767 19.57 -23.00 -29.24
CA ASP C 767 19.70 -24.10 -30.17
C ASP C 767 19.05 -25.34 -29.58
N THR C 768 18.18 -25.96 -30.35
CA THR C 768 17.43 -27.13 -29.90
C THR C 768 18.36 -28.23 -29.40
N ALA C 769 19.58 -28.27 -29.91
CA ALA C 769 20.48 -29.40 -29.72
C ALA C 769 20.70 -29.73 -28.24
N ILE C 770 20.23 -28.88 -27.35
CA ILE C 770 20.38 -29.13 -25.93
C ILE C 770 19.62 -30.40 -25.56
N VAL C 771 18.31 -30.38 -25.76
CA VAL C 771 17.44 -31.37 -25.14
C VAL C 771 17.95 -32.78 -25.38
N TRP C 772 18.58 -33.03 -26.52
CA TRP C 772 19.11 -34.34 -26.78
C TRP C 772 20.22 -34.68 -25.79
N GLY C 773 21.31 -33.92 -25.82
CA GLY C 773 22.41 -34.18 -24.92
C GLY C 773 21.96 -34.18 -23.47
N LEU C 774 21.13 -33.21 -23.11
CA LEU C 774 20.59 -33.15 -21.75
C LEU C 774 19.80 -34.38 -21.38
N LEU C 775 19.15 -35.02 -22.35
CA LEU C 775 18.43 -36.26 -22.09
C LEU C 775 19.33 -37.47 -22.15
N GLY C 776 20.59 -37.27 -22.53
CA GLY C 776 21.54 -38.35 -22.65
C GLY C 776 22.59 -38.29 -21.57
N ASN C 777 23.74 -37.71 -21.88
CA ASN C 777 24.92 -37.78 -21.03
C ASN C 777 24.84 -36.87 -19.81
N THR C 778 23.78 -36.98 -19.03
CA THR C 778 23.65 -36.17 -17.83
C THR C 778 23.08 -37.00 -16.71
N ASP C 779 23.56 -36.74 -15.50
CA ASP C 779 23.02 -37.35 -14.30
C ASP C 779 22.58 -36.24 -13.36
N SER C 780 21.76 -36.59 -12.39
CA SER C 780 21.26 -35.57 -11.50
C SER C 780 21.95 -35.65 -10.15
N SER C 781 21.79 -34.58 -9.36
CA SER C 781 22.01 -34.70 -7.94
C SER C 781 20.80 -35.31 -7.26
N TYR C 782 19.68 -35.42 -7.97
CA TYR C 782 18.49 -36.02 -7.40
C TYR C 782 18.56 -37.54 -7.49
N GLY C 783 18.60 -38.06 -8.71
CA GLY C 783 18.58 -39.49 -8.92
C GLY C 783 19.66 -40.20 -8.15
N ASN C 784 20.91 -39.81 -8.36
CA ASN C 784 22.03 -40.48 -7.70
C ASN C 784 21.95 -40.33 -6.19
N ALA C 785 20.94 -39.63 -5.70
CA ALA C 785 20.65 -39.61 -4.28
C ALA C 785 19.61 -40.65 -3.90
N ILE C 786 18.48 -40.69 -4.60
CA ILE C 786 17.56 -41.80 -4.43
C ILE C 786 18.16 -43.06 -5.01
N GLY C 787 19.04 -42.92 -6.00
CA GLY C 787 19.79 -44.01 -6.57
C GLY C 787 19.16 -44.48 -7.86
N ALA C 788 19.64 -43.94 -8.98
CA ALA C 788 19.25 -44.43 -10.30
C ALA C 788 20.49 -44.53 -11.17
N THR C 789 21.45 -43.64 -10.93
CA THR C 789 22.66 -43.52 -11.72
C THR C 789 23.89 -43.57 -10.81
N GLY C 790 23.87 -44.48 -9.83
CA GLY C 790 24.99 -44.62 -8.92
C GLY C 790 26.12 -45.41 -9.54
N THR C 791 27.33 -45.15 -9.06
CA THR C 791 28.51 -45.80 -9.63
C THR C 791 28.54 -47.26 -9.19
N ALA C 792 27.64 -48.07 -9.77
CA ALA C 792 27.43 -49.45 -9.35
C ALA C 792 27.21 -49.52 -7.84
N ASN C 793 26.53 -48.53 -7.30
CA ASN C 793 26.36 -48.37 -5.86
C ASN C 793 24.87 -48.24 -5.52
N VAL C 794 24.61 -47.92 -4.27
CA VAL C 794 23.26 -47.83 -3.73
C VAL C 794 22.91 -46.35 -3.57
N PRO C 795 21.67 -46.00 -3.24
CA PRO C 795 21.38 -44.60 -2.90
C PRO C 795 22.27 -44.08 -1.79
N THR C 796 22.45 -42.76 -1.73
CA THR C 796 23.28 -42.15 -0.71
C THR C 796 22.51 -41.43 0.38
N LYS C 797 21.24 -41.12 0.16
CA LYS C 797 20.35 -40.59 1.19
C LYS C 797 20.87 -39.27 1.75
N VAL C 798 20.98 -38.29 0.85
CA VAL C 798 21.26 -36.91 1.23
C VAL C 798 20.27 -36.02 0.50
N GLN C 799 19.76 -35.02 1.20
CA GLN C 799 18.83 -34.11 0.58
C GLN C 799 19.52 -33.32 -0.53
N PRO C 800 18.89 -33.13 -1.65
CA PRO C 800 19.42 -32.17 -2.63
C PRO C 800 19.56 -30.82 -1.96
N VAL C 801 20.57 -30.05 -2.32
CA VAL C 801 20.88 -28.82 -1.62
C VAL C 801 20.27 -27.67 -2.40
N ILE C 802 19.64 -26.74 -1.68
CA ILE C 802 19.26 -25.48 -2.26
C ILE C 802 19.91 -24.39 -1.41
N PRO C 803 20.28 -23.26 -1.98
CA PRO C 803 21.15 -22.32 -1.26
C PRO C 803 20.45 -21.73 -0.06
N THR C 804 21.25 -21.09 0.77
CA THR C 804 20.80 -20.48 2.01
C THR C 804 20.37 -19.05 1.76
N PRO C 805 19.57 -18.47 2.66
CA PRO C 805 19.21 -17.06 2.54
C PRO C 805 20.40 -16.12 2.63
N ASP C 806 21.55 -16.59 3.10
CA ASP C 806 22.75 -15.78 2.98
C ASP C 806 23.27 -15.88 1.57
N ASN C 807 24.44 -15.30 1.31
CA ASN C 807 25.09 -15.40 0.00
C ASN C 807 24.28 -14.72 -1.09
N PHE C 808 23.12 -14.18 -0.74
CA PHE C 808 22.31 -13.47 -1.71
C PHE C 808 21.71 -12.18 -1.20
N ILE C 809 21.55 -12.01 0.11
CA ILE C 809 20.88 -10.83 0.61
C ILE C 809 21.73 -9.59 0.36
N THR C 810 23.04 -9.73 0.49
CA THR C 810 23.87 -8.55 0.26
C THR C 810 23.92 -8.21 -1.22
N PRO C 811 24.00 -9.17 -2.15
CA PRO C 811 23.86 -8.78 -3.55
C PRO C 811 22.52 -8.17 -3.88
N THR C 812 21.43 -8.72 -3.34
CA THR C 812 20.11 -8.23 -3.71
C THR C 812 19.73 -6.97 -2.96
N ILE C 813 20.59 -6.45 -2.09
CA ILE C 813 20.43 -5.06 -1.67
C ILE C 813 21.46 -4.13 -2.30
N HIS C 814 22.67 -4.58 -2.60
CA HIS C 814 23.58 -3.75 -3.37
C HIS C 814 22.97 -3.38 -4.70
N LEU C 815 22.27 -4.33 -5.32
CA LEU C 815 21.64 -4.06 -6.61
C LEU C 815 20.70 -2.87 -6.51
N LYS C 816 19.81 -2.89 -5.54
CA LYS C 816 18.86 -1.80 -5.41
C LYS C 816 19.58 -0.50 -5.10
N THR C 817 20.54 -0.54 -4.19
CA THR C 817 21.15 0.72 -3.81
C THR C 817 22.01 1.26 -4.95
N SER C 818 22.28 0.44 -5.96
CA SER C 818 23.02 0.94 -7.11
C SER C 818 22.09 1.53 -8.16
N ILE C 819 20.98 0.84 -8.44
CA ILE C 819 20.06 1.43 -9.40
C ILE C 819 19.51 2.73 -8.86
N ASP C 820 19.35 2.83 -7.54
CA ASP C 820 18.96 4.11 -6.96
C ASP C 820 20.04 5.16 -7.20
N ALA C 821 21.30 4.76 -7.18
CA ALA C 821 22.36 5.73 -7.44
C ALA C 821 22.29 6.27 -8.86
N ILE C 822 22.12 5.40 -9.84
CA ILE C 822 22.07 5.91 -11.21
C ILE C 822 20.82 6.75 -11.39
N CYS C 823 19.71 6.38 -10.76
CA CYS C 823 18.50 7.16 -10.89
C CYS C 823 18.67 8.54 -10.29
N SER C 824 19.31 8.63 -9.12
CA SER C 824 19.53 9.93 -8.50
C SER C 824 20.47 10.78 -9.34
N VAL C 825 21.48 10.15 -9.94
CA VAL C 825 22.36 10.89 -10.85
C VAL C 825 21.56 11.52 -11.97
N GLU C 826 20.76 10.69 -12.65
CA GLU C 826 19.96 11.21 -13.75
C GLU C 826 19.02 12.32 -13.29
N GLY C 827 18.44 12.17 -12.12
CA GLY C 827 17.54 13.19 -11.61
C GLY C 827 18.21 14.52 -11.37
N ILE C 828 19.26 14.49 -10.55
CA ILE C 828 19.96 15.75 -10.24
C ILE C 828 20.43 16.42 -11.51
N LEU C 829 20.90 15.63 -12.48
CA LEU C 829 21.32 16.27 -13.73
C LEU C 829 20.11 16.84 -14.47
N LEU C 830 18.97 16.15 -14.40
CA LEU C 830 17.76 16.68 -15.00
C LEU C 830 17.32 17.97 -14.34
N LEU C 831 17.80 18.24 -13.13
CA LEU C 831 17.33 19.43 -12.42
C LEU C 831 17.89 20.70 -13.04
N ILE C 832 19.19 20.71 -13.37
CA ILE C 832 19.82 21.94 -13.81
C ILE C 832 19.67 22.20 -15.29
N LEU C 833 19.05 21.31 -16.04
CA LEU C 833 18.72 21.53 -17.43
C LEU C 833 17.21 21.48 -17.58
N SER C 834 16.74 21.55 -18.82
CA SER C 834 15.33 21.30 -19.13
C SER C 834 14.42 22.25 -18.34
N ARG C 835 14.48 23.52 -18.73
CA ARG C 835 13.79 24.60 -18.03
C ARG C 835 12.37 24.25 -17.62
N GLN C 836 11.73 23.32 -18.32
CA GLN C 836 10.33 23.00 -18.10
C GLN C 836 10.13 22.02 -16.95
N THR C 837 10.69 22.34 -15.78
CA THR C 837 10.45 21.58 -14.57
C THR C 837 10.97 22.33 -13.35
N THR C 838 10.21 22.31 -12.26
CA THR C 838 10.55 23.06 -11.07
C THR C 838 10.51 22.11 -9.87
N ILE C 839 10.59 22.66 -8.68
CA ILE C 839 10.33 21.90 -7.46
C ILE C 839 9.28 22.65 -6.65
N PRO C 840 8.54 21.95 -5.81
CA PRO C 840 7.37 22.56 -5.18
C PRO C 840 7.74 23.57 -4.12
N GLY C 841 7.93 24.82 -4.52
CA GLY C 841 8.49 25.77 -3.58
C GLY C 841 9.22 26.89 -4.26
N TYR C 842 10.51 27.00 -3.95
CA TYR C 842 11.33 28.15 -4.29
C TYR C 842 11.13 28.67 -5.71
N GLU C 843 11.51 27.88 -6.70
CA GLU C 843 11.22 28.16 -8.09
C GLU C 843 11.94 29.42 -8.57
N ASP C 844 12.56 30.17 -7.67
CA ASP C 844 13.24 31.40 -8.06
C ASP C 844 14.75 31.26 -8.02
N GLU C 845 15.31 30.73 -6.93
CA GLU C 845 16.74 30.47 -6.97
C GLU C 845 17.09 29.47 -8.06
N LEU C 846 16.13 28.75 -8.60
CA LEU C 846 16.39 28.04 -9.84
C LEU C 846 16.61 29.04 -10.97
N ASN C 847 15.81 30.09 -11.00
CA ASN C 847 16.02 31.15 -11.98
C ASN C 847 17.20 32.00 -11.58
N LYS C 848 17.89 31.60 -10.53
CA LYS C 848 19.20 32.14 -10.21
C LYS C 848 20.32 31.22 -10.63
N LEU C 849 20.11 29.93 -10.48
CA LEU C 849 21.09 28.90 -10.80
C LEU C 849 21.22 28.74 -12.31
N ARG C 850 20.13 28.37 -12.95
CA ARG C 850 20.21 27.94 -14.34
C ARG C 850 20.34 29.13 -15.28
N THR C 851 20.71 30.29 -14.75
CA THR C 851 20.97 31.44 -15.60
C THR C 851 22.38 31.41 -16.13
N GLY C 852 22.98 30.23 -16.17
CA GLY C 852 24.30 30.11 -16.74
C GLY C 852 24.34 29.18 -17.94
N ILE C 853 23.30 28.36 -18.09
CA ILE C 853 23.33 27.34 -19.13
C ILE C 853 23.01 27.94 -20.49
N SER C 854 22.12 28.93 -20.52
CA SER C 854 21.65 29.56 -21.76
C SER C 854 21.05 28.53 -22.71
N GLN C 855 19.97 27.92 -22.24
CA GLN C 855 19.09 27.12 -23.09
C GLN C 855 18.70 27.98 -24.29
N PRO C 856 18.66 27.45 -25.51
CA PRO C 856 18.85 26.06 -25.90
C PRO C 856 20.12 25.80 -26.67
N LYS C 857 21.23 26.41 -26.30
CA LYS C 857 22.49 26.09 -26.94
C LYS C 857 23.07 24.76 -26.48
N VAL C 858 22.37 24.04 -25.61
CA VAL C 858 22.87 22.81 -25.01
C VAL C 858 22.35 21.62 -25.79
N THR C 859 23.21 20.63 -26.00
CA THR C 859 22.87 19.45 -26.79
C THR C 859 23.64 18.26 -26.22
N GLU C 860 23.71 17.19 -27.00
CA GLU C 860 24.24 15.93 -26.50
C GLU C 860 25.66 16.08 -25.99
N ARG C 861 26.58 16.36 -26.91
CA ARG C 861 28.00 16.52 -26.57
C ARG C 861 28.18 17.14 -25.19
N GLN C 862 27.31 18.10 -24.87
CA GLN C 862 27.36 18.78 -23.59
C GLN C 862 26.71 17.94 -22.50
N TYR C 863 25.58 17.32 -22.82
CA TYR C 863 24.86 16.51 -21.87
C TYR C 863 25.74 15.40 -21.33
N ARG C 864 26.42 14.70 -22.23
CA ARG C 864 27.28 13.61 -21.80
C ARG C 864 28.43 14.12 -20.96
N ARG C 865 28.98 15.28 -21.29
CA ARG C 865 30.05 15.80 -20.46
C ARG C 865 29.55 16.06 -19.06
N ALA C 866 28.35 16.63 -18.95
CA ALA C 866 27.76 16.86 -17.64
C ALA C 866 27.64 15.55 -16.88
N ARG C 867 27.05 14.54 -17.52
CA ARG C 867 26.80 13.28 -16.85
C ARG C 867 28.10 12.65 -16.37
N GLU C 868 29.08 12.53 -17.25
CA GLU C 868 30.31 11.86 -16.87
C GLU C 868 31.08 12.67 -15.83
N SER C 869 30.98 14.00 -15.86
CA SER C 869 31.67 14.78 -14.85
C SER C 869 31.01 14.61 -13.50
N ILE C 870 29.69 14.46 -13.48
CA ILE C 870 29.03 14.15 -12.22
C ILE C 870 29.48 12.80 -11.72
N LYS C 871 29.54 11.81 -12.62
CA LYS C 871 29.96 10.47 -12.21
C LYS C 871 31.35 10.51 -11.60
N ASN C 872 32.25 11.30 -12.18
CA ASN C 872 33.62 11.27 -11.70
C ASN C 872 33.83 12.21 -10.52
N MET C 873 32.76 12.54 -9.80
CA MET C 873 32.91 13.24 -8.54
C MET C 873 32.08 12.59 -7.44
N LEU C 874 31.41 11.48 -7.73
CA LEU C 874 30.86 10.63 -6.69
C LEU C 874 31.95 9.70 -6.17
N GLY C 875 31.60 8.92 -5.16
CA GLY C 875 32.48 7.88 -4.65
C GLY C 875 33.19 8.22 -3.36
N SER C 876 32.66 7.71 -2.24
CA SER C 876 33.28 7.82 -0.93
C SER C 876 33.04 6.56 -0.11
N GLY C 877 32.86 5.43 -0.77
CA GLY C 877 32.55 4.17 -0.11
C GLY C 877 31.52 3.38 -0.89
N ASP C 878 30.69 4.07 -1.66
CA ASP C 878 29.73 3.43 -2.55
C ASP C 878 30.44 2.93 -3.80
N TYR C 879 29.87 1.91 -4.42
CA TYR C 879 30.60 1.15 -5.44
C TYR C 879 30.40 1.78 -6.82
N ASN C 880 29.20 1.66 -7.38
CA ASN C 880 28.79 2.31 -8.63
C ASN C 880 29.93 2.45 -9.63
N VAL C 881 30.57 1.34 -10.00
CA VAL C 881 31.67 1.43 -10.97
C VAL C 881 31.39 0.61 -12.23
N ALA C 882 31.25 -0.72 -12.08
CA ALA C 882 31.20 -1.56 -13.28
C ALA C 882 29.93 -1.32 -14.09
N PRO C 883 28.72 -1.50 -13.55
CA PRO C 883 27.54 -1.16 -14.34
C PRO C 883 27.53 0.32 -14.70
N LEU C 884 28.09 1.15 -13.82
CA LEU C 884 28.17 2.58 -14.12
C LEU C 884 29.10 2.84 -15.31
N HIS C 885 30.19 2.10 -15.40
CA HIS C 885 31.04 2.19 -16.59
C HIS C 885 30.25 1.78 -17.83
N PHE C 886 29.55 0.65 -17.76
CA PHE C 886 28.76 0.20 -18.90
C PHE C 886 27.67 1.19 -19.27
N LEU C 887 27.19 1.97 -18.31
CA LEU C 887 26.12 2.92 -18.58
C LEU C 887 26.62 4.24 -19.15
N LEU C 888 27.73 4.77 -18.63
CA LEU C 888 28.39 5.87 -19.31
C LEU C 888 28.88 5.45 -20.68
N HIS C 889 28.94 4.14 -20.94
CA HIS C 889 29.35 3.59 -22.23
C HIS C 889 28.26 3.73 -23.29
N THR C 890 27.00 3.41 -22.97
CA THR C 890 25.92 3.40 -23.95
C THR C 890 25.34 4.80 -24.09
N GLU C 891 25.74 5.51 -25.16
CA GLU C 891 25.12 6.81 -25.42
C GLU C 891 24.92 7.06 -26.91
N HIS C 892 24.65 6.02 -27.69
CA HIS C 892 24.55 6.17 -29.13
C HIS C 892 23.12 6.29 -29.61
N ARG C 893 22.20 6.72 -28.74
CA ARG C 893 20.79 6.80 -29.07
C ARG C 893 20.18 8.16 -28.75
N SER C 894 21.01 9.19 -28.58
CA SER C 894 20.54 10.56 -28.36
C SER C 894 19.67 10.65 -27.10
N THR C 895 20.31 10.44 -25.96
CA THR C 895 19.65 10.50 -24.65
C THR C 895 19.58 11.93 -24.16
N LYS C 896 18.45 12.59 -24.40
CA LYS C 896 18.27 13.97 -23.96
C LYS C 896 17.34 14.10 -22.76
N LEU C 897 16.16 13.48 -22.81
CA LEU C 897 15.36 13.19 -21.63
C LEU C 897 14.94 14.46 -20.88
N SER C 898 14.04 15.22 -21.49
CA SER C 898 13.37 16.32 -20.81
C SER C 898 11.92 15.92 -20.53
N LYS C 899 11.52 15.96 -19.25
CA LYS C 899 10.16 15.68 -18.81
C LYS C 899 9.70 14.27 -19.15
N PRO C 900 10.22 13.26 -18.49
CA PRO C 900 9.84 11.89 -18.83
C PRO C 900 8.47 11.53 -18.31
N LEU C 901 7.79 10.64 -19.04
CA LEU C 901 6.48 10.16 -18.63
C LEU C 901 6.33 8.70 -19.03
N ILE C 902 5.98 7.86 -18.09
CA ILE C 902 5.75 6.46 -18.41
C ILE C 902 4.35 6.31 -18.99
N ARG C 903 4.24 5.55 -20.08
CA ARG C 903 2.96 5.34 -20.73
C ARG C 903 2.93 3.95 -21.32
N ARG C 904 1.80 3.62 -21.92
CA ARG C 904 1.71 2.41 -22.72
C ARG C 904 1.91 2.76 -24.18
N VAL C 905 2.10 1.72 -24.99
CA VAL C 905 2.40 1.94 -26.40
C VAL C 905 1.65 0.93 -27.25
N LEU C 906 0.75 1.42 -28.09
CA LEU C 906 0.03 0.59 -29.05
C LEU C 906 0.47 1.00 -30.45
N ASP C 907 1.16 0.09 -31.14
CA ASP C 907 1.77 0.33 -32.44
C ASP C 907 2.38 1.72 -32.52
N ASN C 908 3.33 2.00 -31.61
CA ASN C 908 3.96 3.30 -31.45
C ASN C 908 2.97 4.45 -31.59
N VAL C 909 1.86 4.34 -30.86
CA VAL C 909 0.92 5.43 -30.67
C VAL C 909 0.74 5.56 -29.16
N VAL C 910 1.41 6.56 -28.57
CA VAL C 910 1.35 6.73 -27.12
C VAL C 910 -0.09 6.91 -26.69
N GLN C 911 -0.48 6.22 -25.62
CA GLN C 911 -1.81 6.34 -25.06
C GLN C 911 -1.81 7.34 -23.92
N PRO C 912 -2.94 7.95 -23.64
CA PRO C 912 -3.03 8.84 -22.49
C PRO C 912 -3.28 8.05 -21.21
N TYR C 913 -3.06 8.68 -20.07
CA TYR C 913 -3.10 7.99 -18.78
C TYR C 913 -4.53 7.66 -18.41
N VAL C 914 -4.90 6.40 -18.55
CA VAL C 914 -6.12 5.90 -17.92
C VAL C 914 -5.78 5.65 -16.46
N ALA C 915 -6.78 5.37 -15.64
CA ALA C 915 -6.56 4.92 -14.29
C ALA C 915 -6.84 3.43 -14.17
N ASN C 916 -6.26 2.81 -13.15
CA ASN C 916 -6.45 1.41 -12.78
C ASN C 916 -5.88 0.42 -13.78
N LEU C 917 -5.29 0.88 -14.88
CA LEU C 917 -4.41 0.05 -15.69
C LEU C 917 -2.96 0.42 -15.44
N ASP C 918 -2.61 1.68 -15.67
CA ASP C 918 -1.40 2.23 -15.14
C ASP C 918 -1.50 2.23 -13.63
N PRO C 919 -0.62 1.55 -12.91
CA PRO C 919 -0.96 1.12 -11.55
C PRO C 919 -1.36 2.24 -10.61
N ALA C 920 -0.44 3.12 -10.23
CA ALA C 920 -0.91 4.30 -9.49
C ALA C 920 -0.11 5.55 -9.79
N GLU C 921 1.13 5.40 -10.20
CA GLU C 921 2.09 6.51 -10.16
C GLU C 921 2.79 6.65 -11.50
N PHE C 922 2.04 6.47 -12.57
CA PHE C 922 2.58 6.74 -13.90
C PHE C 922 1.89 7.95 -14.52
N GLU C 923 1.11 8.68 -13.75
CA GLU C 923 0.34 9.80 -14.27
C GLU C 923 1.17 11.06 -14.40
N ASN C 924 2.46 10.99 -14.11
CA ASN C 924 3.25 12.20 -14.01
C ASN C 924 4.74 11.88 -13.98
N THR C 925 5.56 12.92 -13.98
CA THR C 925 6.99 12.72 -13.83
C THR C 925 7.26 11.87 -12.60
N PRO C 926 8.15 10.90 -12.69
CA PRO C 926 8.41 10.02 -11.56
C PRO C 926 9.40 10.62 -10.58
N GLN C 927 9.14 10.36 -9.31
CA GLN C 927 10.04 10.79 -8.25
C GLN C 927 11.40 10.14 -8.45
N LEU C 928 12.40 10.96 -8.77
CA LEU C 928 13.73 10.40 -8.99
C LEU C 928 14.58 10.50 -7.73
N ILE C 929 14.84 11.73 -7.28
CA ILE C 929 15.61 11.92 -6.07
C ILE C 929 14.80 11.49 -4.88
N GLU C 930 15.45 10.83 -3.93
CA GLU C 930 14.72 10.40 -2.75
C GLU C 930 14.32 11.60 -1.90
N ASN C 931 13.18 11.47 -1.22
CA ASN C 931 12.63 12.56 -0.42
C ASN C 931 13.60 13.02 0.65
N SER C 932 14.40 12.13 1.22
CA SER C 932 15.39 12.57 2.20
C SER C 932 16.43 13.47 1.53
N ASN C 933 17.02 13.01 0.44
CA ASN C 933 18.03 13.79 -0.25
C ASN C 933 17.48 15.12 -0.72
N MET C 934 16.17 15.19 -0.97
CA MET C 934 15.59 16.45 -1.40
C MET C 934 15.82 17.53 -0.37
N THR C 935 15.76 17.17 0.92
CA THR C 935 15.99 18.17 1.96
C THR C 935 17.43 18.68 1.90
N ARG C 936 18.39 17.77 1.72
CA ARG C 936 19.77 18.22 1.60
C ARG C 936 19.95 19.13 0.41
N LEU C 937 19.28 18.82 -0.70
CA LEU C 937 19.29 19.70 -1.86
C LEU C 937 18.80 21.09 -1.51
N GLN C 938 17.63 21.15 -0.91
CA GLN C 938 17.01 22.42 -0.58
C GLN C 938 17.92 23.24 0.32
N ILE C 939 18.59 22.58 1.25
CA ILE C 939 19.46 23.28 2.18
C ILE C 939 20.57 23.99 1.41
N ALA C 940 21.31 23.24 0.60
CA ALA C 940 22.41 23.85 -0.14
C ALA C 940 21.91 24.95 -1.05
N LEU C 941 20.75 24.76 -1.66
CA LEU C 941 20.23 25.79 -2.54
C LEU C 941 20.03 27.07 -1.75
N LYS C 942 19.19 27.00 -0.71
CA LYS C 942 18.89 28.18 0.09
C LYS C 942 20.16 28.83 0.60
N MET C 943 21.18 28.03 0.94
CA MET C 943 22.41 28.62 1.44
C MET C 943 23.12 29.41 0.35
N LEU C 944 23.48 28.74 -0.73
CA LEU C 944 24.33 29.38 -1.72
C LEU C 944 23.62 30.45 -2.52
N THR C 945 22.29 30.54 -2.46
CA THR C 945 21.61 31.63 -3.15
C THR C 945 21.21 32.75 -2.22
N GLY C 946 21.52 32.64 -0.93
CA GLY C 946 21.15 33.66 0.01
C GLY C 946 22.07 34.86 -0.04
N ASP C 947 22.43 35.38 1.14
CA ASP C 947 23.21 36.60 1.18
C ASP C 947 24.66 36.33 0.79
N MET C 948 25.11 35.08 0.87
CA MET C 948 26.49 34.78 0.53
C MET C 948 26.78 34.95 -0.95
N ASP C 949 25.81 35.37 -1.75
CA ASP C 949 26.07 35.63 -3.14
C ASP C 949 27.03 36.82 -3.28
N ASP C 950 27.58 36.98 -4.47
CA ASP C 950 28.57 38.03 -4.67
C ASP C 950 28.27 38.93 -5.86
N ILE C 951 27.71 38.36 -6.94
CA ILE C 951 27.52 39.14 -8.15
C ILE C 951 26.59 40.31 -7.88
N VAL C 952 26.94 41.48 -8.41
CA VAL C 952 26.20 42.71 -8.20
C VAL C 952 26.15 43.49 -9.51
N LYS C 953 25.02 44.13 -9.76
CA LYS C 953 24.78 44.80 -11.03
C LYS C 953 24.96 46.31 -10.90
N GLY C 954 25.44 46.90 -12.00
CA GLY C 954 25.41 48.35 -12.18
C GLY C 954 26.39 49.16 -11.37
N LEU C 955 26.84 50.28 -11.93
CA LEU C 955 27.58 51.28 -11.17
C LEU C 955 27.68 52.55 -12.01
N ILE C 956 28.42 53.52 -11.48
CA ILE C 956 28.39 54.89 -11.98
C ILE C 956 29.79 55.46 -11.93
N LEU C 957 30.27 55.99 -13.04
CA LEU C 957 31.55 56.68 -13.08
C LEU C 957 31.33 58.18 -12.93
N HIS C 958 32.09 58.77 -12.01
CA HIS C 958 32.05 60.21 -11.77
C HIS C 958 33.26 60.58 -10.93
N LYS C 959 33.88 61.70 -11.28
CA LYS C 959 35.10 62.14 -10.62
C LYS C 959 34.77 63.15 -9.54
N ARG C 960 35.18 62.85 -8.31
CA ARG C 960 34.96 63.73 -7.18
C ARG C 960 36.12 63.55 -6.22
N ALA C 961 36.43 64.61 -5.48
CA ALA C 961 37.55 64.61 -4.55
C ALA C 961 37.09 64.45 -3.12
N CYS C 962 36.03 63.67 -2.89
CA CYS C 962 35.43 63.55 -1.58
C CYS C 962 36.16 62.52 -0.74
N ALA C 963 36.51 62.89 0.48
CA ALA C 963 37.13 61.99 1.43
C ALA C 963 36.05 61.11 2.08
N LYS C 964 36.42 60.40 3.13
CA LYS C 964 35.50 59.51 3.84
C LYS C 964 34.85 58.52 2.86
N PHE C 965 35.68 57.63 2.33
CA PHE C 965 35.19 56.63 1.39
C PHE C 965 34.26 55.69 2.13
N ASP C 966 32.96 55.97 2.11
CA ASP C 966 32.07 55.07 2.80
C ASP C 966 31.80 53.83 1.94
N VAL C 967 31.50 52.73 2.61
CA VAL C 967 31.01 51.55 1.93
C VAL C 967 29.49 51.41 2.05
N TYR C 968 28.86 51.99 3.07
CA TYR C 968 27.42 51.90 3.18
C TYR C 968 26.72 52.82 2.20
N GLU C 969 27.22 54.04 2.03
CA GLU C 969 26.56 55.01 1.19
C GLU C 969 26.70 54.63 -0.28
N THR C 970 25.62 54.80 -1.03
CA THR C 970 25.62 54.55 -2.47
C THR C 970 25.29 55.84 -3.21
N LEU C 971 26.07 56.13 -4.23
CA LEU C 971 25.86 57.37 -4.98
C LEU C 971 24.62 57.25 -5.85
N THR C 972 23.85 58.33 -5.90
CA THR C 972 22.72 58.45 -6.80
C THR C 972 22.84 59.75 -7.57
N ILE C 973 22.37 59.74 -8.80
CA ILE C 973 22.50 60.96 -9.61
C ILE C 973 21.58 62.03 -9.06
N PRO C 974 22.07 63.24 -8.81
CA PRO C 974 21.17 64.33 -8.43
C PRO C 974 20.07 64.52 -9.46
N THR C 975 18.92 65.02 -9.03
CA THR C 975 17.75 65.04 -9.89
C THR C 975 17.88 66.01 -11.05
N ASP C 976 18.46 67.18 -10.82
CA ASP C 976 18.48 68.24 -11.84
C ASP C 976 19.58 68.00 -12.86
N VAL C 977 19.60 66.81 -13.45
CA VAL C 977 20.59 66.45 -14.45
C VAL C 977 19.87 65.76 -15.60
N LYS C 978 19.94 66.34 -16.78
CA LYS C 978 19.35 65.72 -17.94
C LYS C 978 19.88 64.31 -18.10
N THR C 979 19.05 63.44 -18.66
CA THR C 979 19.48 62.09 -18.99
C THR C 979 19.67 61.98 -20.49
N ILE C 980 20.68 61.21 -20.89
CA ILE C 980 20.94 61.00 -22.30
C ILE C 980 21.30 59.54 -22.52
N VAL C 981 20.37 58.77 -23.08
CA VAL C 981 20.66 57.40 -23.45
C VAL C 981 21.53 57.45 -24.69
N LEU C 982 22.82 57.20 -24.52
CA LEU C 982 23.78 57.45 -25.59
C LEU C 982 23.60 56.44 -26.72
N THR C 983 23.57 56.96 -27.95
CA THR C 983 23.53 56.14 -29.15
C THR C 983 24.45 56.78 -30.19
N MET C 984 24.80 56.00 -31.20
CA MET C 984 25.80 56.47 -32.15
C MET C 984 25.21 57.42 -33.17
N GLN C 985 24.47 58.42 -32.69
CA GLN C 985 24.07 59.51 -33.58
C GLN C 985 24.27 60.81 -32.84
N HIS C 986 24.45 60.72 -31.53
CA HIS C 986 24.65 61.93 -30.74
C HIS C 986 26.01 62.55 -30.99
N ILE C 987 26.96 61.80 -31.48
CA ILE C 987 28.27 62.35 -31.79
C ILE C 987 28.30 62.72 -33.26
N SER C 988 29.00 63.80 -33.58
CA SER C 988 29.17 64.22 -34.95
C SER C 988 30.43 65.07 -35.04
N THR C 989 30.70 65.57 -36.24
CA THR C 989 31.91 66.30 -36.49
C THR C 989 31.60 67.79 -36.70
N GLN C 990 32.54 68.63 -36.31
CA GLN C 990 32.49 70.04 -36.66
C GLN C 990 33.87 70.50 -37.05
N THR C 991 33.92 71.48 -37.94
CA THR C 991 35.18 71.98 -38.43
C THR C 991 35.54 73.30 -37.78
N GLN C 992 36.84 73.56 -37.70
CA GLN C 992 37.35 74.86 -37.30
C GLN C 992 38.84 74.93 -37.54
N ASN C 993 39.33 76.12 -37.92
CA ASN C 993 40.73 76.31 -38.21
C ASN C 993 41.24 75.26 -39.19
N ASN C 994 40.41 74.95 -40.17
CA ASN C 994 40.75 74.00 -41.23
C ASN C 994 41.16 72.64 -40.66
N MET C 995 40.54 72.27 -39.55
CA MET C 995 40.66 70.93 -39.02
C MET C 995 39.28 70.44 -38.61
N VAL C 996 39.20 69.16 -38.28
CA VAL C 996 37.94 68.53 -37.89
C VAL C 996 38.04 68.13 -36.41
N TYR C 997 36.90 68.04 -35.76
CA TYR C 997 36.84 67.54 -34.39
C TYR C 997 35.52 66.82 -34.20
N TYR C 998 35.48 65.97 -33.18
CA TYR C 998 34.30 65.22 -32.81
C TYR C 998 33.59 65.91 -31.66
N VAL C 999 32.28 66.03 -31.75
CA VAL C 999 31.51 66.68 -30.71
C VAL C 999 30.20 65.95 -30.47
N PHE C 1000 29.36 66.47 -29.58
CA PHE C 1000 28.10 65.87 -29.21
C PHE C 1000 26.92 66.65 -29.80
N LEU C 1001 25.79 65.99 -29.92
CA LEU C 1001 24.56 66.58 -30.44
C LEU C 1001 23.41 66.43 -29.46
N ILE C 1002 23.67 66.73 -28.18
CA ILE C 1002 22.65 66.53 -27.15
C ILE C 1002 21.34 67.22 -27.50
N ASP C 1003 21.40 68.31 -28.25
CA ASP C 1003 20.20 69.00 -28.71
C ASP C 1003 20.37 69.45 -30.14
N GLY C 1004 21.07 68.65 -30.94
CA GLY C 1004 21.36 69.06 -32.30
C GLY C 1004 22.47 70.09 -32.35
N VAL C 1005 22.68 70.78 -31.24
CA VAL C 1005 23.72 71.79 -31.15
C VAL C 1005 25.06 71.08 -30.92
N LYS C 1006 26.02 71.34 -31.80
CA LYS C 1006 27.34 70.76 -31.63
C LYS C 1006 27.98 71.31 -30.37
N ILE C 1007 28.23 70.44 -29.40
CA ILE C 1007 28.82 70.80 -28.12
C ILE C 1007 30.19 70.17 -28.02
N LEU C 1008 31.21 70.99 -27.78
CA LEU C 1008 32.56 70.47 -27.61
C LEU C 1008 32.60 69.48 -26.45
N ALA C 1009 33.68 68.72 -26.40
CA ALA C 1009 33.77 67.64 -25.42
C ALA C 1009 33.95 68.14 -24.00
N GLU C 1010 34.25 69.42 -23.80
CA GLU C 1010 34.52 69.93 -22.45
C GLU C 1010 33.60 71.08 -22.07
N ASP C 1011 32.57 71.35 -22.86
CA ASP C 1011 31.53 72.28 -22.45
C ASP C 1011 30.36 71.58 -21.80
N ILE C 1012 30.44 70.26 -21.65
CA ILE C 1012 29.37 69.50 -21.02
C ILE C 1012 29.20 69.99 -19.59
N LYS C 1013 27.96 70.30 -19.21
CA LYS C 1013 27.70 70.92 -17.93
C LYS C 1013 26.98 70.02 -16.95
N ASN C 1014 25.78 69.54 -17.28
CA ASN C 1014 25.02 68.71 -16.34
C ASN C 1014 24.32 67.62 -17.15
N VAL C 1015 25.00 66.48 -17.32
CA VAL C 1015 24.38 65.34 -17.98
C VAL C 1015 24.88 64.06 -17.35
N ASN C 1016 24.09 63.00 -17.50
CA ASN C 1016 24.53 61.66 -17.19
C ASN C 1016 24.32 60.81 -18.45
N PHE C 1017 25.42 60.39 -19.06
CA PHE C 1017 25.33 59.45 -20.15
C PHE C 1017 25.04 58.07 -19.60
N GLN C 1018 24.03 57.41 -20.15
CA GLN C 1018 23.61 56.11 -19.65
C GLN C 1018 23.90 55.09 -20.73
N ILE C 1019 25.06 54.44 -20.64
CA ILE C 1019 25.41 53.40 -21.60
C ILE C 1019 24.47 52.22 -21.45
N ASP C 1020 23.78 51.87 -22.53
CA ASP C 1020 22.87 50.73 -22.48
C ASP C 1020 23.64 49.43 -22.27
N ILE C 1021 24.61 49.15 -23.13
CA ILE C 1021 25.45 47.96 -23.03
C ILE C 1021 26.87 48.36 -23.33
N THR C 1022 27.82 47.74 -22.64
CA THR C 1022 29.21 48.07 -22.89
C THR C 1022 29.75 47.25 -24.06
N GLY C 1023 31.02 47.49 -24.37
CA GLY C 1023 31.67 46.81 -25.47
C GLY C 1023 31.66 47.52 -26.82
N ILE C 1024 30.51 47.64 -27.47
CA ILE C 1024 30.46 48.11 -28.84
C ILE C 1024 30.56 49.63 -28.84
N TRP C 1025 31.79 50.15 -28.85
CA TRP C 1025 32.07 51.57 -28.97
C TRP C 1025 33.48 51.68 -29.52
N PRO C 1026 33.64 52.19 -30.74
CA PRO C 1026 34.91 51.97 -31.43
C PRO C 1026 36.14 52.61 -30.82
N GLU C 1027 36.35 53.91 -31.05
CA GLU C 1027 37.40 54.64 -30.38
C GLU C 1027 37.03 56.09 -30.19
N TYR C 1028 36.04 56.56 -30.96
CA TYR C 1028 35.56 57.92 -30.73
C TYR C 1028 35.03 58.04 -29.32
N VAL C 1029 33.95 57.31 -29.05
CA VAL C 1029 33.15 57.62 -27.89
C VAL C 1029 33.87 57.25 -26.61
N ILE C 1030 34.71 56.22 -26.62
CA ILE C 1030 35.45 55.96 -25.39
C ILE C 1030 36.37 57.14 -25.08
N THR C 1031 37.03 57.68 -26.08
CA THR C 1031 37.91 58.82 -25.86
C THR C 1031 37.13 60.08 -25.50
N LEU C 1032 35.99 60.30 -26.14
CA LEU C 1032 35.22 61.49 -25.81
C LEU C 1032 34.63 61.39 -24.41
N LEU C 1033 34.21 60.20 -24.00
CA LEU C 1033 33.69 60.04 -22.64
C LEU C 1033 34.80 60.23 -21.62
N LEU C 1034 35.97 59.66 -21.88
CA LEU C 1034 37.09 59.87 -20.96
C LEU C 1034 37.42 61.35 -20.87
N ARG C 1035 37.46 62.03 -22.01
CA ARG C 1035 37.72 63.46 -21.99
C ARG C 1035 36.58 64.21 -21.32
N ALA C 1036 35.41 63.61 -21.23
CA ALA C 1036 34.27 64.33 -20.68
C ALA C 1036 34.18 64.20 -19.17
N ILE C 1037 34.43 63.02 -18.62
CA ILE C 1037 34.34 62.87 -17.18
C ILE C 1037 35.43 63.66 -16.48
N ASN C 1038 36.55 63.88 -17.13
CA ASN C 1038 37.43 64.97 -16.72
C ASN C 1038 36.91 66.26 -17.31
N ASN C 1039 37.13 67.36 -16.59
CA ASN C 1039 36.86 68.71 -17.05
C ASN C 1039 35.38 69.00 -17.24
N GLY C 1040 34.51 68.03 -17.06
CA GLY C 1040 33.09 68.32 -17.01
C GLY C 1040 32.68 68.83 -15.65
N PHE C 1041 31.51 69.48 -15.59
CA PHE C 1041 31.12 70.07 -14.32
C PHE C 1041 30.23 69.14 -13.50
N ASN C 1042 29.05 68.81 -14.01
CA ASN C 1042 28.20 67.79 -13.42
C ASN C 1042 28.05 66.72 -14.48
N THR C 1043 29.04 65.85 -14.53
CA THR C 1043 29.08 64.77 -15.50
C THR C 1043 28.90 63.46 -14.75
N TYR C 1044 28.13 62.57 -15.35
CA TYR C 1044 28.04 61.24 -14.80
C TYR C 1044 27.96 60.28 -15.97
N VAL C 1045 28.46 59.07 -15.77
CA VAL C 1045 28.30 58.02 -16.76
C VAL C 1045 27.77 56.82 -16.00
N SER C 1046 26.48 56.59 -16.08
CA SER C 1046 25.84 55.53 -15.31
C SER C 1046 25.64 54.31 -16.20
N MET C 1047 26.31 53.23 -15.86
CA MET C 1047 26.15 51.97 -16.58
C MET C 1047 25.52 50.94 -15.65
N PRO C 1048 24.23 50.80 -15.68
CA PRO C 1048 23.55 49.85 -14.79
C PRO C 1048 23.37 48.48 -15.41
N ASN C 1049 24.42 47.97 -16.04
CA ASN C 1049 24.34 46.61 -16.54
C ASN C 1049 25.62 45.80 -16.41
N ILE C 1050 26.69 46.39 -15.93
CA ILE C 1050 27.95 45.65 -15.91
C ILE C 1050 28.09 44.92 -14.59
N LEU C 1051 28.46 43.66 -14.67
CA LEU C 1051 28.59 42.79 -13.51
C LEU C 1051 29.97 42.97 -12.91
N TYR C 1052 30.03 43.31 -11.65
CA TYR C 1052 31.29 43.31 -10.94
C TYR C 1052 31.12 42.50 -9.66
N LYS C 1053 32.21 42.31 -8.96
CA LYS C 1053 32.18 41.58 -7.71
C LYS C 1053 33.04 42.29 -6.69
N PRO C 1054 32.47 42.76 -5.60
CA PRO C 1054 33.21 43.63 -4.69
C PRO C 1054 33.93 42.85 -3.60
N THR C 1055 35.07 43.40 -3.21
CA THR C 1055 35.76 42.95 -2.00
C THR C 1055 36.17 44.21 -1.25
N ILE C 1056 35.68 44.38 -0.04
CA ILE C 1056 35.87 45.62 0.69
C ILE C 1056 36.87 45.42 1.80
N THR C 1057 37.80 46.35 1.93
CA THR C 1057 38.86 46.25 2.92
C THR C 1057 39.11 47.63 3.54
N ALA C 1058 39.74 47.62 4.71
CA ALA C 1058 40.35 48.83 5.26
C ALA C 1058 41.79 48.48 5.58
N ASP C 1059 42.61 48.46 4.53
CA ASP C 1059 43.94 47.88 4.61
C ASP C 1059 44.94 48.74 3.84
N VAL C 1060 44.97 50.03 4.15
CA VAL C 1060 45.74 51.01 3.38
C VAL C 1060 47.11 50.45 3.01
N ARG C 1061 47.65 49.58 3.86
CA ARG C 1061 48.89 48.90 3.52
C ARG C 1061 48.73 47.97 2.33
N GLN C 1062 47.61 47.27 2.25
CA GLN C 1062 47.44 46.23 1.25
C GLN C 1062 46.13 46.42 0.48
N PHE C 1063 45.92 47.62 -0.02
CA PHE C 1063 44.79 47.91 -0.89
C PHE C 1063 45.32 48.21 -2.27
N MET C 1064 44.89 47.41 -3.25
CA MET C 1064 45.37 47.58 -4.62
C MET C 1064 44.45 48.54 -5.36
N ASN C 1065 44.68 48.67 -6.66
CA ASN C 1065 43.95 49.60 -7.50
C ASN C 1065 43.60 48.93 -8.81
N THR C 1066 42.99 47.73 -8.70
CA THR C 1066 42.99 46.74 -9.76
C THR C 1066 42.75 47.31 -11.16
N THR C 1067 41.62 47.97 -11.40
CA THR C 1067 41.24 48.30 -12.77
C THR C 1067 41.00 49.80 -12.91
N LYS C 1068 41.70 50.43 -13.85
CA LYS C 1068 41.39 51.80 -14.19
C LYS C 1068 40.18 51.84 -15.11
N ALA C 1069 39.40 52.91 -15.01
CA ALA C 1069 38.11 52.98 -15.69
C ALA C 1069 38.21 52.87 -17.19
N GLU C 1070 39.39 53.08 -17.77
CA GLU C 1070 39.52 52.95 -19.21
C GLU C 1070 39.24 51.53 -19.69
N THR C 1071 39.08 50.58 -18.77
CA THR C 1071 38.80 49.21 -19.16
C THR C 1071 37.39 48.77 -18.81
N LEU C 1072 36.71 49.45 -17.89
CA LEU C 1072 35.32 49.10 -17.62
C LEU C 1072 34.39 49.51 -18.75
N LEU C 1073 34.91 50.16 -19.77
CA LEU C 1073 34.13 50.49 -20.95
C LEU C 1073 34.50 49.62 -22.14
N ILE C 1074 35.42 48.67 -21.97
CA ILE C 1074 35.79 47.74 -23.00
C ILE C 1074 35.65 46.35 -22.42
N SER C 1075 34.55 45.68 -22.74
CA SER C 1075 34.29 44.35 -22.21
C SER C 1075 33.08 43.75 -22.93
N ASN C 1076 32.96 42.43 -22.93
CA ASN C 1076 31.93 41.80 -23.75
C ASN C 1076 30.60 41.74 -23.01
N LYS C 1077 30.40 42.62 -22.03
CA LYS C 1077 29.16 42.83 -21.31
C LYS C 1077 28.73 41.63 -20.50
N SER C 1078 29.46 40.52 -20.56
CA SER C 1078 29.06 39.32 -19.87
C SER C 1078 30.14 38.77 -18.95
N ILE C 1079 31.21 39.51 -18.71
CA ILE C 1079 32.28 39.06 -17.85
C ILE C 1079 32.25 39.90 -16.58
N VAL C 1080 32.28 39.24 -15.43
CA VAL C 1080 32.22 39.93 -14.15
C VAL C 1080 33.63 40.28 -13.68
N HIS C 1081 33.90 41.57 -13.54
CA HIS C 1081 35.15 41.99 -12.95
C HIS C 1081 35.06 41.91 -11.43
N GLU C 1082 36.21 41.96 -10.79
CA GLU C 1082 36.28 42.05 -9.35
C GLU C 1082 36.96 43.36 -9.01
N ILE C 1083 36.42 44.06 -8.03
CA ILE C 1083 36.92 45.38 -7.67
C ILE C 1083 37.10 45.43 -6.17
N MET C 1084 38.17 46.09 -5.74
CA MET C 1084 38.51 46.20 -4.34
C MET C 1084 38.12 47.58 -3.85
N PHE C 1085 37.08 47.64 -3.04
CA PHE C 1085 36.68 48.89 -2.42
C PHE C 1085 37.46 49.11 -1.15
N PHE C 1086 37.77 50.37 -0.88
CA PHE C 1086 38.55 50.74 0.28
C PHE C 1086 37.71 51.60 1.18
N ASP C 1087 37.54 51.16 2.42
CA ASP C 1087 36.82 51.96 3.41
C ASP C 1087 37.81 52.64 4.35
N ASN C 1088 37.46 53.86 4.75
CA ASN C 1088 38.22 54.54 5.80
C ASN C 1088 37.31 55.35 6.72
N ALA C 1089 36.03 54.99 6.82
CA ALA C 1089 35.10 55.80 7.59
C ALA C 1089 35.54 56.00 9.04
N LEU C 1090 36.31 55.08 9.59
CA LEU C 1090 36.80 55.23 10.97
C LEU C 1090 38.21 55.79 10.98
N GLN C 1091 38.35 56.94 10.37
CA GLN C 1091 39.63 57.61 10.37
C GLN C 1091 39.88 58.25 11.73
N PRO C 1092 40.99 57.95 12.38
CA PRO C 1092 41.36 58.69 13.58
C PRO C 1092 41.65 60.12 13.20
N LYS C 1093 41.37 61.03 14.12
CA LYS C 1093 41.67 62.45 13.91
C LYS C 1093 43.09 62.67 14.42
N MET C 1094 44.02 62.82 13.49
CA MET C 1094 45.44 62.78 13.82
C MET C 1094 45.81 63.87 14.80
N SER C 1095 47.01 63.74 15.36
CA SER C 1095 47.47 64.61 16.42
C SER C 1095 47.35 66.07 16.01
N SER C 1096 47.08 66.92 17.00
CA SER C 1096 46.92 68.34 16.74
C SER C 1096 48.28 68.99 16.61
N ASP C 1097 49.10 68.41 15.77
CA ASP C 1097 50.42 68.92 15.43
C ASP C 1097 50.65 68.97 13.94
N THR C 1098 50.14 67.99 13.20
CA THR C 1098 50.45 67.89 11.79
C THR C 1098 49.77 69.01 11.01
N LEU C 1099 50.47 69.53 10.02
CA LEU C 1099 49.90 70.56 9.16
C LEU C 1099 48.84 69.93 8.28
N ALA C 1100 47.70 70.60 8.16
CA ALA C 1100 46.63 70.06 7.34
C ALA C 1100 47.10 69.90 5.90
N LEU C 1101 46.57 68.89 5.24
CA LEU C 1101 47.04 68.52 3.92
C LEU C 1101 46.65 69.59 2.91
N SER C 1102 47.21 69.47 1.71
CA SER C 1102 46.98 70.44 0.66
C SER C 1102 46.35 69.86 -0.59
N GLU C 1103 46.45 68.56 -0.82
CA GLU C 1103 45.92 67.95 -2.03
C GLU C 1103 45.19 66.67 -1.66
N ALA C 1104 43.99 66.51 -2.18
CA ALA C 1104 43.11 65.44 -1.76
C ALA C 1104 43.36 64.19 -2.60
N VAL C 1105 42.48 63.21 -2.47
CA VAL C 1105 42.50 62.00 -3.28
C VAL C 1105 41.20 61.93 -4.06
N TYR C 1106 41.29 61.46 -5.30
CA TYR C 1106 40.13 61.34 -6.15
C TYR C 1106 39.58 59.92 -6.11
N ARG C 1107 38.33 59.78 -6.57
CA ARG C 1107 37.78 58.48 -6.85
C ARG C 1107 36.78 58.63 -7.98
N THR C 1108 36.61 57.55 -8.74
CA THR C 1108 35.80 57.62 -9.94
C THR C 1108 34.61 56.68 -9.89
N ILE C 1109 34.84 55.44 -9.51
CA ILE C 1109 33.76 54.47 -9.46
C ILE C 1109 32.87 54.72 -8.26
N TRP C 1110 31.62 54.26 -8.35
CA TRP C 1110 30.67 54.42 -7.26
C TRP C 1110 29.66 53.29 -7.36
N ASN C 1111 29.55 52.48 -6.33
CA ASN C 1111 28.56 51.40 -6.34
C ASN C 1111 27.16 51.99 -6.38
N SER C 1112 26.36 51.50 -7.31
CA SER C 1112 25.02 52.07 -7.47
C SER C 1112 24.03 51.47 -6.49
N SER C 1113 24.29 50.28 -5.98
CA SER C 1113 23.39 49.63 -5.03
C SER C 1113 24.17 49.26 -3.77
N ILE C 1114 23.54 48.49 -2.91
CA ILE C 1114 24.13 48.13 -1.62
C ILE C 1114 25.03 46.93 -1.80
N ILE C 1115 26.21 46.99 -1.21
CA ILE C 1115 27.21 45.94 -1.35
C ILE C 1115 27.69 45.51 0.02
N THR C 1116 26.87 45.71 1.03
CA THR C 1116 27.23 45.33 2.39
C THR C 1116 26.12 44.50 3.00
N GLN C 1117 26.13 43.21 2.72
CA GLN C 1117 25.33 42.26 3.48
C GLN C 1117 26.21 41.36 4.32
N ARG C 1118 27.51 41.39 4.09
CA ARG C 1118 28.45 40.50 4.76
C ARG C 1118 29.38 41.27 5.68
N ILE C 1119 28.84 42.29 6.33
CA ILE C 1119 29.62 43.13 7.23
C ILE C 1119 28.99 43.01 8.61
N SER C 1120 29.51 42.09 9.41
CA SER C 1120 28.97 41.92 10.76
C SER C 1120 29.33 43.12 11.64
N ALA C 1121 30.58 43.56 11.58
CA ALA C 1121 31.01 44.65 12.44
C ALA C 1121 32.12 45.45 11.78
N ARG C 1122 32.04 46.77 11.93
CA ARG C 1122 33.00 47.69 11.34
C ARG C 1122 33.60 48.54 12.46
N GLY C 1123 34.85 48.25 12.79
CA GLY C 1123 35.59 49.08 13.71
C GLY C 1123 35.38 48.72 15.16
N LEU C 1124 36.46 48.38 15.85
CA LEU C 1124 36.42 48.11 17.28
C LEU C 1124 37.14 49.17 18.07
N MET C 1125 37.40 50.32 17.47
CA MET C 1125 38.20 51.37 18.07
C MET C 1125 37.44 52.09 19.17
N ASN C 1126 38.05 53.14 19.70
CA ASN C 1126 37.33 54.14 20.49
C ASN C 1126 38.06 55.46 20.25
N LEU C 1127 37.59 56.22 19.25
CA LEU C 1127 38.32 57.41 18.86
C LEU C 1127 38.28 58.48 19.93
N GLU C 1128 37.23 58.50 20.75
CA GLU C 1128 37.15 59.43 21.87
C GLU C 1128 36.90 58.68 23.17
N ASP C 1129 37.30 57.41 23.23
CA ASP C 1129 37.08 56.55 24.40
C ASP C 1129 35.59 56.31 24.64
N ALA C 1130 34.84 56.23 23.55
CA ALA C 1130 33.42 55.96 23.60
C ALA C 1130 33.05 55.26 22.29
N ARG C 1131 31.77 55.21 21.99
CA ARG C 1131 31.35 54.64 20.72
C ARG C 1131 31.76 55.56 19.58
N PRO C 1132 32.47 55.06 18.58
CA PRO C 1132 32.71 55.85 17.38
C PRO C 1132 31.39 56.15 16.69
N PRO C 1133 31.17 57.37 16.28
CA PRO C 1133 29.81 57.78 15.89
C PRO C 1133 29.33 57.17 14.60
N GLU C 1134 30.10 56.25 14.00
CA GLU C 1134 29.61 55.53 12.82
C GLU C 1134 30.03 54.07 12.83
N ALA C 1135 30.27 53.49 14.00
CA ALA C 1135 30.58 52.08 14.07
C ALA C 1135 29.31 51.26 14.04
N LYS C 1136 29.43 50.04 13.53
CA LYS C 1136 28.28 49.18 13.28
C LYS C 1136 28.48 47.85 13.99
N ILE C 1137 27.65 47.59 14.99
CA ILE C 1137 27.57 46.26 15.58
C ILE C 1137 26.57 45.44 14.78
N SER C 1138 26.56 44.14 14.98
CA SER C 1138 25.78 43.24 14.13
C SER C 1138 24.28 43.44 14.36
N HIS C 1139 23.50 42.96 13.41
CA HIS C 1139 22.05 42.99 13.53
C HIS C 1139 21.59 41.91 14.50
N GLN C 1140 20.59 42.24 15.31
CA GLN C 1140 20.10 41.27 16.28
C GLN C 1140 19.56 40.02 15.61
N SER C 1141 19.26 40.08 14.32
CA SER C 1141 18.76 38.90 13.63
C SER C 1141 19.82 37.83 13.55
N GLU C 1142 21.07 38.22 13.46
CA GLU C 1142 22.04 37.14 13.29
C GLU C 1142 22.54 36.56 14.59
N LEU C 1143 22.00 36.92 15.75
CA LEU C 1143 22.44 36.34 17.01
C LEU C 1143 21.28 35.70 17.76
N ASP C 1144 20.40 35.04 17.04
CA ASP C 1144 19.23 34.40 17.63
C ASP C 1144 19.52 32.92 17.81
N MET C 1145 19.17 32.40 18.98
CA MET C 1145 19.24 30.98 19.27
C MET C 1145 17.86 30.53 19.74
N GLY C 1146 17.05 30.08 18.79
CA GLY C 1146 15.75 29.56 19.11
C GLY C 1146 15.78 28.04 19.20
N LYS C 1147 14.74 27.50 19.80
CA LYS C 1147 14.56 26.07 19.84
C LYS C 1147 14.54 25.50 18.43
N ILE C 1148 14.68 24.19 18.33
CA ILE C 1148 14.49 23.47 17.09
C ILE C 1148 13.29 22.55 17.24
N ASP C 1149 12.49 22.47 16.18
CA ASP C 1149 11.45 21.45 16.16
C ASP C 1149 12.16 20.12 16.31
N GLU C 1150 11.78 19.34 17.30
CA GLU C 1150 12.57 18.16 17.60
C GLU C 1150 12.46 17.11 16.58
N THR C 1151 11.85 17.36 15.42
CA THR C 1151 11.66 16.31 14.43
C THR C 1151 12.58 16.43 13.23
N SER C 1152 12.89 17.65 12.77
CA SER C 1152 13.67 17.78 11.55
C SER C 1152 14.69 18.90 11.68
N GLY C 1153 15.30 19.02 12.85
CA GLY C 1153 16.24 20.11 13.06
C GLY C 1153 15.59 21.45 12.82
N GLU C 1154 15.94 22.10 11.72
CA GLU C 1154 15.31 23.35 11.31
C GLU C 1154 15.29 24.38 12.44
N PRO C 1155 16.43 24.95 12.77
CA PRO C 1155 16.44 25.96 13.83
C PRO C 1155 15.53 27.11 13.49
N ILE C 1156 14.76 27.55 14.47
CA ILE C 1156 13.81 28.63 14.28
C ILE C 1156 14.22 29.80 15.16
N TYR C 1157 13.87 31.00 14.74
CA TYR C 1157 14.12 32.17 15.56
C TYR C 1157 13.28 32.08 16.83
N THR C 1158 13.62 32.93 17.79
CA THR C 1158 12.84 32.93 19.02
C THR C 1158 11.44 33.49 18.83
N SER C 1159 11.23 34.31 17.80
CA SER C 1159 9.90 34.84 17.57
C SER C 1159 8.93 33.79 17.06
N GLY C 1160 9.45 32.75 16.41
CA GLY C 1160 8.63 31.74 15.77
C GLY C 1160 8.92 31.57 14.29
N LEU C 1161 9.46 32.59 13.64
CA LEU C 1161 9.90 32.45 12.27
C LEU C 1161 11.07 31.48 12.18
N GLN C 1162 11.06 30.67 11.13
CA GLN C 1162 12.10 29.67 10.95
C GLN C 1162 13.38 30.31 10.44
N LYS C 1163 14.53 29.82 10.89
CA LYS C 1163 15.79 30.32 10.35
C LYS C 1163 16.12 29.68 9.04
N MET C 1164 15.16 29.64 8.13
CA MET C 1164 15.37 29.05 6.83
C MET C 1164 14.66 29.86 5.75
N GLN C 1165 14.01 30.95 6.11
CA GLN C 1165 13.20 31.72 5.20
C GLN C 1165 13.59 33.18 5.17
N SER C 1166 14.31 33.67 6.17
CA SER C 1166 14.67 35.08 6.23
C SER C 1166 15.74 35.46 5.23
N SER C 1167 16.45 34.48 4.67
CA SER C 1167 17.60 34.75 3.81
C SER C 1167 18.57 35.70 4.49
N LYS C 1168 19.01 35.29 5.68
CA LYS C 1168 19.99 36.06 6.44
C LYS C 1168 20.76 35.09 7.32
N VAL C 1169 22.06 35.01 7.12
CA VAL C 1169 22.89 34.07 7.86
C VAL C 1169 22.93 34.46 9.33
N SER C 1170 23.19 33.48 10.19
CA SER C 1170 23.24 33.72 11.63
C SER C 1170 24.02 32.63 12.35
N MET C 1171 25.05 33.02 13.11
CA MET C 1171 25.91 32.06 13.79
C MET C 1171 25.53 31.88 15.25
N ALA C 1172 24.27 31.53 15.51
CA ALA C 1172 23.87 31.37 16.90
C ALA C 1172 22.87 30.23 17.11
N ASN C 1173 22.95 29.18 16.32
CA ASN C 1173 21.96 28.12 16.37
C ASN C 1173 22.46 26.94 17.20
N VAL C 1174 21.69 25.86 17.21
CA VAL C 1174 22.00 24.73 18.05
C VAL C 1174 22.24 23.50 17.19
N VAL C 1175 22.90 22.50 17.79
CA VAL C 1175 23.30 21.30 17.08
C VAL C 1175 23.11 20.11 18.01
N LEU C 1176 22.94 18.93 17.43
CA LEU C 1176 22.81 17.73 18.22
C LEU C 1176 24.17 17.05 18.35
N SER C 1177 24.25 16.06 19.23
CA SER C 1177 25.49 15.29 19.32
C SER C 1177 25.23 13.92 19.92
N ALA C 1178 25.68 12.86 19.26
CA ALA C 1178 25.25 11.52 19.68
C ALA C 1178 26.06 11.01 20.87
N GLY C 1179 27.34 10.72 20.65
CA GLY C 1179 28.18 10.24 21.73
C GLY C 1179 28.26 8.73 21.85
N SER C 1180 29.41 8.16 21.49
CA SER C 1180 29.77 6.79 21.85
C SER C 1180 29.00 5.69 21.12
N ASP C 1181 27.94 6.02 20.39
CA ASP C 1181 27.27 4.97 19.61
C ASP C 1181 26.68 5.61 18.35
N VAL C 1182 27.48 5.61 17.30
CA VAL C 1182 26.99 6.06 16.00
C VAL C 1182 27.37 5.02 14.97
N ILE C 1183 28.41 4.26 15.26
CA ILE C 1183 28.85 3.19 14.38
C ILE C 1183 28.48 1.83 14.96
N ARG C 1184 27.62 1.82 15.97
CA ARG C 1184 26.97 0.58 16.35
C ARG C 1184 26.31 0.08 15.07
N GLN C 1185 26.84 -0.99 14.49
CA GLN C 1185 26.44 -1.36 13.16
C GLN C 1185 25.35 -2.42 13.19
N ALA C 1186 24.49 -2.38 12.18
CA ALA C 1186 23.31 -3.23 12.15
C ALA C 1186 23.72 -4.69 11.99
N ALA C 1187 23.61 -5.43 13.09
CA ALA C 1187 23.87 -6.86 13.07
C ALA C 1187 22.76 -7.57 13.84
N ILE C 1188 22.11 -8.51 13.18
CA ILE C 1188 21.05 -9.30 13.80
C ILE C 1188 21.33 -10.77 13.55
N LYS C 1189 20.57 -11.63 14.22
CA LYS C 1189 20.71 -13.06 14.09
C LYS C 1189 19.36 -13.66 13.79
N TYR C 1190 19.34 -14.67 12.93
CA TYR C 1190 18.07 -15.27 12.55
C TYR C 1190 18.17 -16.77 12.64
N ASN C 1191 17.05 -17.40 12.97
CA ASN C 1191 16.96 -18.84 13.15
C ASN C 1191 15.95 -19.39 12.16
N VAL C 1192 16.41 -20.30 11.30
CA VAL C 1192 15.56 -20.88 10.26
C VAL C 1192 15.16 -22.29 10.67
N VAL C 1193 14.01 -22.73 10.17
CA VAL C 1193 13.64 -24.13 10.33
C VAL C 1193 12.78 -24.61 9.17
N ARG C 1194 13.21 -25.73 8.56
CA ARG C 1194 12.44 -26.34 7.50
C ARG C 1194 11.18 -26.97 8.05
N THR C 1195 10.29 -27.30 7.16
CA THR C 1195 9.11 -28.06 7.57
C THR C 1195 8.86 -29.28 6.72
N GLN C 1196 9.12 -29.21 5.43
CA GLN C 1196 8.93 -30.34 4.53
C GLN C 1196 10.25 -30.66 3.85
N GLU C 1197 10.69 -31.91 4.00
CA GLU C 1197 11.92 -32.32 3.34
C GLU C 1197 11.75 -32.23 1.83
N ILE C 1198 12.87 -32.16 1.13
CA ILE C 1198 12.83 -32.12 -0.33
C ILE C 1198 12.26 -33.41 -0.87
N ILE C 1199 12.78 -34.54 -0.42
CA ILE C 1199 12.30 -35.85 -0.83
C ILE C 1199 12.02 -36.70 0.39
N LEU C 1200 10.84 -37.29 0.42
CA LEU C 1200 10.40 -38.12 1.53
C LEU C 1200 11.03 -39.49 1.42
N PHE C 1201 10.78 -40.33 2.43
CA PHE C 1201 11.25 -41.72 2.42
C PHE C 1201 12.76 -41.76 2.22
N GLU C 1202 13.43 -40.71 2.68
CA GLU C 1202 14.84 -40.54 2.37
C GLU C 1202 15.53 -39.65 3.38
N MET D 1 -24.62 -15.33 -19.21
CA MET D 1 -23.20 -15.40 -19.52
C MET D 1 -22.39 -15.73 -18.28
N ILE D 2 -22.33 -14.76 -17.36
CA ILE D 2 -21.45 -14.84 -16.22
C ILE D 2 -22.26 -15.11 -14.96
N ASP D 3 -21.57 -15.61 -13.93
CA ASP D 3 -22.15 -16.02 -12.66
C ASP D 3 -23.31 -16.99 -12.86
N LEU D 4 -23.18 -17.90 -13.82
CA LEU D 4 -24.16 -18.96 -13.96
C LEU D 4 -24.18 -19.88 -12.74
N ARG D 5 -23.30 -19.66 -11.77
CA ARG D 5 -23.45 -20.25 -10.45
C ARG D 5 -24.87 -20.04 -9.97
N LEU D 6 -25.63 -21.12 -9.88
CA LEU D 6 -27.05 -21.05 -9.61
C LEU D 6 -27.41 -21.69 -8.28
N GLU D 7 -26.43 -21.91 -7.40
CA GLU D 7 -26.63 -22.58 -6.12
C GLU D 7 -27.35 -23.92 -6.33
N GLU D 8 -26.72 -24.75 -7.16
CA GLU D 8 -27.21 -26.11 -7.35
C GLU D 8 -27.21 -26.87 -6.04
N ASP D 9 -26.08 -26.83 -5.32
CA ASP D 9 -26.01 -27.29 -3.94
C ASP D 9 -26.43 -28.75 -3.81
N ILE D 10 -25.72 -29.65 -4.48
CA ILE D 10 -26.04 -31.07 -4.34
C ILE D 10 -25.73 -31.46 -2.90
N LEU D 11 -26.28 -32.58 -2.47
CA LEU D 11 -26.14 -33.02 -1.09
C LEU D 11 -25.08 -34.11 -1.03
N THR D 12 -24.27 -34.06 0.02
CA THR D 12 -23.12 -34.96 0.09
C THR D 12 -23.55 -36.42 0.02
N ALA D 13 -24.69 -36.75 0.62
CA ALA D 13 -25.10 -38.13 0.69
C ALA D 13 -25.61 -38.65 -0.64
N THR D 14 -25.51 -37.85 -1.71
CA THR D 14 -25.94 -38.30 -3.02
C THR D 14 -24.89 -38.05 -4.10
N LEU D 15 -23.64 -37.83 -3.72
CA LEU D 15 -22.57 -37.72 -4.70
C LEU D 15 -22.35 -39.00 -5.49
N PRO D 16 -22.73 -40.18 -5.00
CA PRO D 16 -22.75 -41.35 -5.88
C PRO D 16 -23.68 -41.21 -7.08
N GLU D 17 -24.26 -40.04 -7.29
CA GLU D 17 -24.93 -39.69 -8.54
C GLU D 17 -24.04 -39.93 -9.75
N PHE D 18 -22.72 -39.98 -9.55
CA PHE D 18 -21.74 -40.12 -10.63
C PHE D 18 -22.15 -41.14 -11.67
N LEU D 19 -22.66 -42.28 -11.22
CA LEU D 19 -22.94 -43.38 -12.13
C LEU D 19 -24.21 -43.11 -12.92
N SER D 20 -24.65 -41.85 -12.95
CA SER D 20 -25.79 -41.44 -13.76
C SER D 20 -25.63 -41.96 -15.18
N THR D 21 -26.76 -42.25 -15.83
CA THR D 21 -26.70 -42.80 -17.17
C THR D 21 -26.27 -41.73 -18.17
N ARG D 22 -24.97 -41.50 -18.27
CA ARG D 22 -24.45 -40.57 -19.25
C ARG D 22 -25.02 -39.18 -19.02
N PRO D 23 -24.54 -38.48 -17.98
CA PRO D 23 -25.14 -37.19 -17.59
C PRO D 23 -25.58 -36.32 -18.76
N LYS D 24 -26.80 -35.80 -18.67
CA LYS D 24 -27.43 -35.14 -19.81
C LYS D 24 -26.53 -34.07 -20.40
N TYR D 25 -26.52 -34.02 -21.72
CA TYR D 25 -25.66 -33.12 -22.47
C TYR D 25 -26.51 -32.33 -23.46
N ARG D 26 -25.83 -31.64 -24.36
CA ARG D 26 -26.49 -30.89 -25.42
C ARG D 26 -25.60 -30.93 -26.64
N TYR D 27 -26.05 -31.64 -27.67
CA TYR D 27 -25.29 -31.69 -28.90
C TYR D 27 -25.73 -30.58 -29.85
N ALA D 28 -24.83 -30.20 -30.73
CA ALA D 28 -25.15 -29.27 -31.80
C ALA D 28 -24.19 -29.54 -32.94
N TYR D 29 -24.53 -28.99 -34.11
CA TYR D 29 -23.73 -29.22 -35.30
C TYR D 29 -24.09 -28.21 -36.37
N THR D 30 -23.13 -27.43 -36.84
CA THR D 30 -23.39 -26.43 -37.84
C THR D 30 -22.24 -26.43 -38.84
N ASN D 31 -22.26 -25.47 -39.75
CA ASN D 31 -21.25 -25.43 -40.80
C ASN D 31 -19.90 -24.95 -40.31
N THR D 32 -19.80 -24.42 -39.10
CA THR D 32 -18.50 -24.10 -38.55
C THR D 32 -17.65 -25.34 -38.32
N LYS D 33 -18.19 -26.53 -38.59
CA LYS D 33 -17.53 -27.81 -38.42
C LYS D 33 -17.14 -28.08 -36.97
N GLN D 34 -17.56 -27.23 -36.04
CA GLN D 34 -17.39 -27.51 -34.63
C GLN D 34 -18.01 -28.84 -34.26
N GLN D 35 -17.55 -29.42 -33.15
CA GLN D 35 -18.28 -30.47 -32.46
C GLN D 35 -18.46 -29.94 -31.05
N ASP D 36 -19.52 -29.17 -30.84
CA ASP D 36 -19.76 -28.61 -29.52
C ASP D 36 -20.63 -29.56 -28.71
N ILE D 37 -20.25 -29.77 -27.46
CA ILE D 37 -21.03 -30.61 -26.57
C ILE D 37 -21.19 -29.89 -25.25
N ARG D 38 -22.31 -29.20 -25.07
CA ARG D 38 -22.58 -28.56 -23.81
C ARG D 38 -22.93 -29.61 -22.77
N PHE D 39 -22.67 -29.28 -21.51
CA PHE D 39 -22.96 -30.19 -20.41
C PHE D 39 -24.09 -29.66 -19.54
N GLN D 40 -25.21 -30.37 -19.52
CA GLN D 40 -26.36 -29.98 -18.73
C GLN D 40 -26.25 -30.48 -17.30
N GLY D 41 -27.00 -29.86 -16.39
CA GLY D 41 -26.99 -30.24 -14.99
C GLY D 41 -25.74 -29.76 -14.27
N PRO D 42 -25.47 -30.33 -13.09
CA PRO D 42 -24.30 -29.96 -12.28
C PRO D 42 -23.02 -30.60 -12.82
N MET D 43 -22.52 -30.08 -13.93
CA MET D 43 -21.30 -30.61 -14.55
C MET D 43 -20.68 -29.58 -15.50
N ARG D 44 -20.84 -28.31 -15.17
CA ARG D 44 -20.30 -27.24 -16.00
C ARG D 44 -18.97 -26.72 -15.46
N HIS D 45 -18.37 -27.50 -14.56
CA HIS D 45 -17.10 -27.13 -13.97
C HIS D 45 -16.00 -28.13 -14.35
N VAL D 46 -16.40 -29.20 -15.02
CA VAL D 46 -15.46 -30.23 -15.45
C VAL D 46 -14.72 -29.82 -16.71
N ARG D 47 -13.39 -29.91 -16.67
CA ARG D 47 -12.57 -29.54 -17.81
C ARG D 47 -11.59 -30.66 -18.17
N LEU D 48 -11.83 -31.31 -19.30
CA LEU D 48 -10.97 -32.40 -19.75
C LEU D 48 -9.51 -31.95 -19.83
N THR D 49 -8.82 -32.02 -18.70
CA THR D 49 -7.42 -31.63 -18.63
C THR D 49 -6.56 -32.47 -19.56
N HIS D 50 -5.24 -32.26 -19.50
CA HIS D 50 -4.34 -33.00 -20.40
C HIS D 50 -4.29 -34.47 -20.04
N LEU D 51 -5.02 -34.87 -19.01
CA LEU D 51 -5.37 -36.28 -18.86
C LEU D 51 -6.45 -36.63 -19.88
N TYR D 52 -7.03 -37.81 -19.71
CA TYR D 52 -8.16 -38.30 -20.49
C TYR D 52 -7.79 -38.42 -21.96
N LYS D 53 -6.54 -38.20 -22.33
CA LYS D 53 -6.12 -38.47 -23.69
C LYS D 53 -6.36 -39.93 -24.02
N GLN D 54 -6.60 -40.20 -25.30
CA GLN D 54 -6.85 -41.55 -25.80
C GLN D 54 -8.16 -42.11 -25.28
N THR D 55 -8.85 -41.38 -24.41
CA THR D 55 -10.23 -41.72 -24.11
C THR D 55 -11.04 -41.47 -25.37
N LYS D 56 -12.23 -42.04 -25.47
CA LYS D 56 -13.03 -41.82 -26.67
C LYS D 56 -13.34 -40.34 -26.85
N LEU D 57 -13.58 -39.63 -25.73
CA LEU D 57 -13.99 -38.23 -25.82
C LEU D 57 -13.04 -37.40 -26.67
N TRP D 58 -11.74 -37.62 -26.51
CA TRP D 58 -10.81 -36.89 -27.37
C TRP D 58 -10.98 -37.30 -28.82
N ASN D 59 -10.90 -38.60 -29.09
CA ASN D 59 -10.67 -39.01 -30.46
C ASN D 59 -11.91 -38.78 -31.32
N LEU D 60 -13.02 -38.34 -30.71
CA LEU D 60 -14.20 -38.06 -31.52
C LEU D 60 -14.21 -36.62 -32.01
N GLN D 61 -13.54 -35.71 -31.32
CA GLN D 61 -13.58 -34.33 -31.77
C GLN D 61 -12.59 -34.10 -32.90
N TYR D 62 -12.14 -35.19 -33.53
CA TYR D 62 -11.44 -35.11 -34.80
C TYR D 62 -12.26 -35.68 -35.94
N ILE D 63 -13.40 -36.28 -35.64
CA ILE D 63 -14.28 -36.80 -36.68
C ILE D 63 -14.84 -35.61 -37.45
N GLU D 64 -14.38 -35.43 -38.68
CA GLU D 64 -14.74 -34.24 -39.43
C GLU D 64 -16.22 -34.20 -39.77
N ARG D 65 -16.85 -35.35 -39.96
CA ARG D 65 -18.19 -35.42 -40.49
C ARG D 65 -19.18 -34.99 -39.41
N GLU D 66 -20.47 -35.16 -39.70
CA GLU D 66 -21.47 -35.02 -38.66
C GLU D 66 -21.31 -36.14 -37.66
N LEU D 67 -21.54 -35.83 -36.38
CA LEU D 67 -21.31 -36.79 -35.32
C LEU D 67 -22.55 -37.66 -35.13
N ALA D 68 -22.37 -38.98 -35.22
CA ALA D 68 -23.44 -39.92 -34.91
C ALA D 68 -23.88 -39.75 -33.47
N ILE D 69 -25.04 -40.28 -33.12
CA ILE D 69 -25.58 -40.06 -31.78
C ILE D 69 -25.08 -41.11 -30.79
N SER D 70 -25.17 -42.40 -31.15
CA SER D 70 -24.79 -43.47 -30.23
C SER D 70 -23.35 -43.32 -29.77
N GLU D 71 -22.49 -42.75 -30.60
CA GLU D 71 -21.10 -42.55 -30.22
C GLU D 71 -21.01 -41.68 -28.98
N ILE D 72 -21.73 -40.57 -28.96
CA ILE D 72 -21.78 -39.70 -27.81
C ILE D 72 -22.13 -40.52 -26.58
N ASP D 73 -23.17 -41.35 -26.70
CA ASP D 73 -23.67 -42.08 -25.55
C ASP D 73 -22.63 -43.03 -24.99
N ASP D 74 -22.13 -43.94 -25.83
CA ASP D 74 -21.23 -44.96 -25.29
C ASP D 74 -19.90 -44.36 -24.88
N ALA D 75 -19.45 -43.32 -25.58
CA ALA D 75 -18.21 -42.67 -25.18
C ALA D 75 -18.36 -41.98 -23.84
N LEU D 76 -19.51 -41.33 -23.61
CA LEU D 76 -19.75 -40.72 -22.31
C LEU D 76 -19.76 -41.79 -21.22
N ASP D 77 -20.39 -42.92 -21.50
CA ASP D 77 -20.37 -44.01 -20.52
C ASP D 77 -18.94 -44.45 -20.24
N GLU D 78 -18.13 -44.59 -21.28
CA GLU D 78 -16.73 -44.95 -21.11
C GLU D 78 -15.94 -43.89 -20.37
N PHE D 79 -16.40 -42.65 -20.39
CA PHE D 79 -15.68 -41.57 -19.72
C PHE D 79 -16.07 -41.46 -18.26
N ILE D 80 -17.34 -41.71 -17.94
CA ILE D 80 -17.84 -41.38 -16.61
C ILE D 80 -17.19 -42.28 -15.56
N GLN D 81 -16.77 -43.48 -15.94
CA GLN D 81 -16.15 -44.35 -14.97
C GLN D 81 -14.68 -44.03 -14.74
N THR D 82 -14.14 -43.05 -15.46
CA THR D 82 -12.79 -42.55 -15.18
C THR D 82 -12.80 -41.33 -14.28
N PHE D 83 -13.79 -40.47 -14.45
CA PHE D 83 -13.88 -39.22 -13.71
C PHE D 83 -14.26 -39.47 -12.26
N SER D 84 -13.70 -38.67 -11.37
CA SER D 84 -13.96 -38.88 -9.95
C SER D 84 -13.72 -37.58 -9.19
N LEU D 85 -14.30 -37.50 -8.00
CA LEU D 85 -14.25 -36.35 -7.13
C LEU D 85 -13.96 -36.79 -5.71
N PRO D 86 -13.45 -35.90 -4.87
CA PRO D 86 -13.26 -36.24 -3.45
C PRO D 86 -14.48 -35.90 -2.61
N TYR D 87 -14.78 -36.79 -1.66
CA TYR D 87 -15.90 -36.57 -0.76
C TYR D 87 -15.77 -37.54 0.41
N VAL D 88 -16.46 -37.21 1.49
CA VAL D 88 -16.56 -38.06 2.68
C VAL D 88 -17.93 -37.88 3.28
N ILE D 89 -18.62 -38.99 3.56
CA ILE D 89 -19.94 -38.96 4.17
C ILE D 89 -19.78 -39.13 5.67
N GLU D 90 -20.60 -38.43 6.45
CA GLU D 90 -20.60 -38.59 7.89
C GLU D 90 -21.99 -38.36 8.43
N GLN D 91 -22.10 -38.42 9.75
CA GLN D 91 -23.40 -38.33 10.42
C GLN D 91 -24.03 -36.97 10.19
N GLY D 92 -25.31 -36.98 9.88
CA GLY D 92 -26.05 -35.75 9.68
C GLY D 92 -26.20 -35.40 8.20
N THR D 93 -26.78 -34.23 7.97
CA THR D 93 -26.93 -33.70 6.62
C THR D 93 -25.83 -32.69 6.37
N TYR D 94 -25.30 -32.67 5.15
CA TYR D 94 -24.32 -31.67 4.73
C TYR D 94 -24.41 -31.49 3.23
N LYS D 95 -24.18 -30.26 2.79
CA LYS D 95 -24.05 -30.00 1.37
C LYS D 95 -22.58 -29.97 1.00
N TYR D 96 -22.31 -30.08 -0.30
CA TYR D 96 -20.96 -30.40 -0.74
C TYR D 96 -20.25 -29.19 -1.30
N ASN D 97 -21.01 -28.21 -1.77
CA ASN D 97 -20.61 -26.93 -2.35
C ASN D 97 -20.01 -27.12 -3.73
N MET D 98 -19.73 -28.37 -4.10
CA MET D 98 -19.58 -28.79 -5.49
C MET D 98 -18.67 -27.89 -6.30
N LEU D 99 -17.92 -26.99 -5.66
CA LEU D 99 -17.14 -26.01 -6.40
C LEU D 99 -15.66 -26.18 -6.17
N LEU D 100 -15.21 -26.12 -4.92
CA LEU D 100 -13.80 -26.41 -4.66
C LEU D 100 -13.46 -27.82 -5.05
N GLY D 101 -14.40 -28.74 -4.86
CA GLY D 101 -14.16 -30.11 -5.27
C GLY D 101 -13.90 -30.19 -6.75
N MET D 102 -14.85 -29.72 -7.55
CA MET D 102 -14.69 -29.75 -8.99
C MET D 102 -13.43 -29.03 -9.41
N HIS D 103 -13.06 -27.96 -8.70
CA HIS D 103 -11.91 -27.17 -9.07
C HIS D 103 -10.61 -27.93 -8.80
N ALA D 104 -10.43 -28.39 -7.57
CA ALA D 104 -9.25 -29.15 -7.20
C ALA D 104 -9.20 -30.47 -7.97
N HIS D 105 -10.28 -30.83 -8.66
CA HIS D 105 -10.11 -31.83 -9.69
C HIS D 105 -9.90 -31.20 -11.05
N ASN D 106 -10.53 -30.06 -11.30
CA ASN D 106 -10.37 -29.38 -12.57
C ASN D 106 -8.91 -29.12 -12.87
N VAL D 107 -8.20 -28.52 -11.93
CA VAL D 107 -6.75 -28.54 -11.91
C VAL D 107 -6.31 -29.64 -10.96
N ASN D 108 -5.47 -30.53 -11.45
CA ASN D 108 -5.19 -31.75 -10.69
C ASN D 108 -4.28 -31.47 -9.50
N TYR D 109 -4.83 -30.79 -8.51
CA TYR D 109 -4.21 -30.64 -7.19
C TYR D 109 -2.81 -30.06 -7.29
N GLN D 110 -2.77 -28.80 -7.73
CA GLN D 110 -1.50 -28.10 -7.85
C GLN D 110 -1.48 -26.74 -7.17
N ASP D 111 -2.61 -26.20 -6.75
CA ASP D 111 -2.67 -24.93 -6.04
C ASP D 111 -2.88 -25.20 -4.56
N ASP D 112 -2.34 -24.29 -3.73
CA ASP D 112 -2.16 -24.56 -2.31
C ASP D 112 -3.40 -25.12 -1.63
N VAL D 113 -4.58 -24.57 -1.93
CA VAL D 113 -5.78 -25.02 -1.24
C VAL D 113 -6.09 -26.46 -1.60
N SER D 114 -5.66 -26.91 -2.77
CA SER D 114 -5.88 -28.32 -3.11
C SER D 114 -5.18 -29.23 -2.12
N GLU D 115 -4.02 -28.80 -1.62
CA GLU D 115 -3.36 -29.54 -0.56
C GLU D 115 -4.24 -29.62 0.68
N LEU D 116 -4.94 -28.54 1.00
CA LEU D 116 -5.91 -28.59 2.08
C LEU D 116 -7.06 -29.54 1.78
N ILE D 117 -7.22 -29.95 0.53
CA ILE D 117 -8.32 -30.81 0.14
C ILE D 117 -7.85 -32.25 0.09
N ALA D 118 -6.88 -32.53 -0.78
CA ALA D 118 -6.45 -33.91 -1.00
C ALA D 118 -5.99 -34.56 0.29
N ASN D 119 -5.44 -33.78 1.21
CA ASN D 119 -4.98 -34.37 2.47
C ASN D 119 -6.14 -34.60 3.43
N ASN D 120 -7.23 -33.85 3.29
CA ASN D 120 -8.28 -33.95 4.30
C ASN D 120 -9.60 -33.44 3.73
N PRO D 121 -10.35 -34.27 3.03
CA PRO D 121 -11.55 -33.77 2.35
C PRO D 121 -12.82 -33.82 3.18
N GLN D 122 -12.78 -33.26 4.39
CA GLN D 122 -14.01 -32.94 5.10
C GLN D 122 -14.35 -31.47 5.01
N LEU D 123 -13.33 -30.65 4.85
CA LEU D 123 -13.49 -29.20 4.79
C LEU D 123 -14.40 -28.84 3.64
N LEU D 124 -14.49 -29.72 2.65
CA LEU D 124 -15.43 -29.52 1.56
C LEU D 124 -16.87 -29.58 2.05
N ASN D 125 -17.17 -30.50 2.96
CA ASN D 125 -18.49 -30.54 3.55
C ASN D 125 -18.74 -29.26 4.34
N TYR D 126 -20.01 -28.90 4.44
CA TYR D 126 -20.39 -27.71 5.19
C TYR D 126 -21.87 -27.74 5.47
N LEU D 127 -22.25 -27.13 6.58
CA LEU D 127 -23.64 -27.03 6.99
C LEU D 127 -24.30 -25.84 6.29
N ASP D 128 -25.39 -25.37 6.86
CA ASP D 128 -26.34 -24.43 6.27
C ASP D 128 -25.72 -23.33 5.40
N ASP D 129 -24.66 -22.68 5.86
CA ASP D 129 -24.17 -21.51 5.16
C ASP D 129 -22.66 -21.40 5.29
N ASN D 130 -22.08 -20.53 4.48
CA ASN D 130 -20.67 -20.15 4.52
C ASN D 130 -19.76 -21.33 4.24
N PRO D 131 -19.74 -21.84 3.04
CA PRO D 131 -18.86 -22.96 2.72
C PRO D 131 -17.40 -22.58 2.67
N PHE D 132 -17.06 -21.35 3.05
CA PHE D 132 -15.69 -20.87 2.91
C PHE D 132 -15.08 -20.34 4.19
N SER D 133 -15.85 -20.15 5.26
CA SER D 133 -15.32 -19.52 6.45
C SER D 133 -14.17 -20.32 7.05
N ALA D 134 -14.40 -21.62 7.26
CA ALA D 134 -13.34 -22.48 7.80
C ALA D 134 -12.09 -22.41 6.94
N ILE D 135 -12.28 -22.56 5.62
CA ILE D 135 -11.15 -22.53 4.69
C ILE D 135 -10.36 -21.25 4.87
N PHE D 136 -11.04 -20.11 4.79
CA PHE D 136 -10.33 -18.84 4.83
C PHE D 136 -9.63 -18.63 6.15
N GLU D 137 -10.27 -18.98 7.25
CA GLU D 137 -9.59 -18.90 8.53
C GLU D 137 -8.38 -19.80 8.58
N LEU D 138 -8.38 -20.87 7.78
CA LEU D 138 -7.27 -21.82 7.87
C LEU D 138 -6.12 -21.51 6.93
N VAL D 139 -6.35 -20.83 5.80
CA VAL D 139 -5.32 -20.61 4.79
C VAL D 139 -4.85 -19.16 4.75
N ASN D 140 -5.79 -18.21 4.72
CA ASN D 140 -5.49 -16.79 4.57
C ASN D 140 -4.69 -16.52 3.29
N VAL D 141 -5.31 -16.86 2.17
CA VAL D 141 -4.93 -16.35 0.86
C VAL D 141 -6.21 -16.16 0.08
N ASP D 142 -6.24 -15.14 -0.79
CA ASP D 142 -7.35 -15.06 -1.71
C ASP D 142 -7.38 -16.30 -2.59
N LEU D 143 -8.59 -16.74 -2.92
CA LEU D 143 -8.78 -17.96 -3.68
C LEU D 143 -9.26 -17.60 -5.07
N GLN D 144 -8.53 -18.07 -6.08
CA GLN D 144 -8.86 -17.83 -7.47
C GLN D 144 -9.20 -19.12 -8.17
N ILE D 145 -10.33 -19.12 -8.89
CA ILE D 145 -10.72 -20.24 -9.73
C ILE D 145 -11.18 -19.70 -11.07
N TYR D 146 -11.11 -20.54 -12.08
CA TYR D 146 -11.41 -20.15 -13.44
C TYR D 146 -12.80 -20.61 -13.82
N GLN D 147 -13.23 -20.20 -15.01
CA GLN D 147 -14.43 -20.72 -15.65
C GLN D 147 -14.11 -21.00 -17.09
N TYR D 148 -14.08 -22.27 -17.46
CA TYR D 148 -13.82 -22.70 -18.83
C TYR D 148 -15.16 -22.91 -19.51
N GLY D 149 -15.41 -22.14 -20.57
CA GLY D 149 -16.74 -22.03 -21.13
C GLY D 149 -17.34 -23.30 -21.69
N GLN D 150 -18.48 -23.15 -22.35
CA GLN D 150 -19.14 -24.30 -22.96
C GLN D 150 -18.29 -24.77 -24.13
N ASN D 151 -18.79 -25.77 -24.86
CA ASN D 151 -17.99 -26.42 -25.90
C ASN D 151 -16.72 -26.99 -25.27
N ILE D 152 -16.94 -28.08 -24.52
CA ILE D 152 -15.97 -28.72 -23.66
C ILE D 152 -14.56 -28.69 -24.24
N PHE D 153 -14.42 -28.92 -25.53
CA PHE D 153 -13.10 -29.10 -26.12
C PHE D 153 -12.29 -27.81 -26.12
N ASN D 154 -12.77 -26.78 -25.44
CA ASN D 154 -12.01 -25.57 -25.18
C ASN D 154 -11.46 -25.61 -23.76
N ASN D 155 -10.24 -25.10 -23.59
CA ASN D 155 -9.61 -25.09 -22.29
C ASN D 155 -9.13 -23.72 -21.83
N GLU D 156 -9.02 -22.75 -22.75
CA GLU D 156 -8.60 -21.42 -22.35
C GLU D 156 -9.64 -20.80 -21.42
N ALA D 157 -9.19 -20.28 -20.28
CA ALA D 157 -10.09 -19.61 -19.36
C ALA D 157 -10.43 -18.21 -19.88
N GLU D 158 -11.65 -18.03 -20.40
CA GLU D 158 -12.01 -16.73 -20.95
C GLU D 158 -12.04 -15.64 -19.89
N HIS D 159 -12.14 -16.03 -18.63
CA HIS D 159 -12.11 -15.08 -17.52
C HIS D 159 -11.88 -15.87 -16.25
N THR D 160 -11.88 -15.17 -15.13
CA THR D 160 -11.69 -15.85 -13.86
C THR D 160 -12.39 -15.13 -12.72
N ILE D 161 -13.17 -15.87 -11.95
CA ILE D 161 -13.82 -15.30 -10.77
C ILE D 161 -12.83 -15.46 -9.62
N LEU D 162 -13.06 -14.72 -8.55
CA LEU D 162 -12.06 -14.61 -7.49
C LEU D 162 -12.78 -14.30 -6.18
N PHE D 163 -12.53 -15.10 -5.16
CA PHE D 163 -13.24 -14.97 -3.90
C PHE D 163 -12.41 -14.18 -2.90
N LEU D 164 -13.06 -13.41 -2.05
CA LEU D 164 -12.35 -12.48 -1.19
C LEU D 164 -12.20 -13.04 0.23
N LYS D 165 -11.13 -12.60 0.89
CA LYS D 165 -10.76 -13.07 2.21
C LYS D 165 -11.61 -12.46 3.31
N ASP D 166 -12.43 -11.47 2.99
CA ASP D 166 -13.17 -10.75 4.03
C ASP D 166 -14.48 -10.27 3.40
N ASN D 167 -15.54 -11.03 3.65
CA ASN D 167 -16.79 -10.88 2.93
C ASN D 167 -17.43 -9.51 3.12
N THR D 168 -16.81 -8.65 3.92
CA THR D 168 -17.33 -7.30 4.10
C THR D 168 -17.12 -6.47 2.83
N ASN D 169 -17.71 -5.28 2.83
CA ASN D 169 -17.69 -4.45 1.64
C ASN D 169 -16.33 -3.79 1.43
N TYR D 170 -15.74 -3.30 2.52
CA TYR D 170 -14.46 -2.60 2.43
C TYR D 170 -13.44 -3.44 1.68
N GLY D 171 -13.38 -4.74 2.00
CA GLY D 171 -12.51 -5.63 1.28
C GLY D 171 -12.85 -5.72 -0.20
N VAL D 172 -14.13 -5.62 -0.53
CA VAL D 172 -14.52 -5.67 -1.94
C VAL D 172 -13.94 -4.48 -2.68
N ILE D 173 -14.15 -3.27 -2.15
CA ILE D 173 -13.56 -2.10 -2.78
C ILE D 173 -12.05 -2.26 -2.88
N GLN D 174 -11.42 -2.75 -1.81
CA GLN D 174 -9.98 -2.87 -1.77
C GLN D 174 -9.48 -3.76 -2.90
N ALA D 175 -9.93 -5.02 -2.91
CA ALA D 175 -9.48 -5.95 -3.94
C ALA D 175 -9.88 -5.47 -5.33
N LEU D 176 -10.95 -4.68 -5.43
CA LEU D 176 -11.35 -4.21 -6.75
C LEU D 176 -10.41 -3.12 -7.24
N GLN D 177 -9.77 -2.38 -6.32
CA GLN D 177 -8.85 -1.33 -6.74
C GLN D 177 -7.73 -1.89 -7.61
N LYS D 178 -7.07 -2.95 -7.14
CA LYS D 178 -6.07 -3.65 -7.95
C LYS D 178 -6.79 -4.55 -8.95
N HIS D 179 -6.07 -5.47 -9.57
CA HIS D 179 -6.67 -6.39 -10.52
C HIS D 179 -7.31 -5.63 -11.67
N PRO D 180 -6.51 -5.15 -12.61
CA PRO D 180 -6.90 -4.04 -13.47
C PRO D 180 -8.14 -4.25 -14.33
N PHE D 181 -8.81 -5.38 -14.23
CA PHE D 181 -10.06 -5.58 -14.96
C PHE D 181 -11.01 -6.35 -14.06
N SER D 182 -12.05 -5.69 -13.59
CA SER D 182 -12.88 -6.30 -12.56
C SER D 182 -14.30 -5.80 -12.67
N ALA D 183 -15.22 -6.58 -12.10
CA ALA D 183 -16.63 -6.26 -12.10
C ALA D 183 -17.32 -7.15 -11.07
N THR D 184 -18.47 -6.71 -10.58
CA THR D 184 -19.20 -7.51 -9.61
C THR D 184 -20.67 -7.16 -9.67
N HIS D 185 -21.50 -8.15 -9.35
CA HIS D 185 -22.94 -7.96 -9.36
C HIS D 185 -23.38 -7.12 -8.16
N ILE D 186 -24.69 -6.95 -8.04
CA ILE D 186 -25.27 -6.30 -6.89
C ILE D 186 -25.90 -7.31 -5.93
N ASN D 187 -26.17 -8.51 -6.40
CA ASN D 187 -26.67 -9.58 -5.55
C ASN D 187 -25.72 -9.80 -4.38
N TRP D 188 -26.30 -10.26 -3.28
CA TRP D 188 -25.55 -10.49 -2.04
C TRP D 188 -24.29 -11.29 -2.31
N HIS D 189 -24.31 -12.15 -3.32
CA HIS D 189 -23.15 -12.92 -3.68
C HIS D 189 -21.96 -12.01 -3.98
N LEU D 190 -22.21 -10.71 -4.15
CA LEU D 190 -21.14 -9.72 -4.22
C LEU D 190 -20.12 -9.95 -3.12
N HIS D 191 -20.61 -10.06 -1.89
CA HIS D 191 -19.74 -10.19 -0.73
C HIS D 191 -18.76 -11.34 -0.87
N LYS D 192 -19.04 -12.29 -1.75
CA LYS D 192 -18.22 -13.49 -1.84
C LYS D 192 -17.49 -13.63 -3.17
N HIS D 193 -17.72 -12.76 -4.15
CA HIS D 193 -17.04 -12.98 -5.41
C HIS D 193 -16.88 -11.67 -6.18
N ILE D 194 -15.70 -11.52 -6.77
CA ILE D 194 -15.36 -10.46 -7.70
C ILE D 194 -14.94 -11.13 -9.00
N PHE D 195 -14.98 -10.38 -10.09
CA PHE D 195 -14.56 -10.92 -11.37
C PHE D 195 -13.22 -10.33 -11.79
N VAL D 196 -12.51 -11.06 -12.63
CA VAL D 196 -11.25 -10.61 -13.19
C VAL D 196 -11.20 -11.07 -14.63
N PHE D 197 -10.97 -10.13 -15.53
CA PHE D 197 -11.01 -10.39 -16.95
C PHE D 197 -9.59 -10.49 -17.50
N HIS D 198 -9.47 -10.58 -18.80
CA HIS D 198 -8.18 -10.78 -19.43
C HIS D 198 -7.64 -9.53 -20.10
N SER D 199 -8.49 -8.75 -20.74
CA SER D 199 -8.05 -7.67 -21.61
C SER D 199 -8.76 -6.38 -21.27
N ARG D 200 -8.58 -5.38 -22.14
CA ARG D 200 -9.34 -4.16 -22.05
C ARG D 200 -10.70 -4.29 -22.71
N GLU D 201 -10.74 -4.94 -23.87
CA GLU D 201 -11.96 -4.99 -24.65
C GLU D 201 -12.69 -6.31 -24.49
N GLN D 202 -12.25 -7.15 -23.56
CA GLN D 202 -13.08 -8.27 -23.12
C GLN D 202 -14.15 -7.84 -22.14
N LEU D 203 -13.95 -6.72 -21.45
CA LEU D 203 -14.99 -6.19 -20.59
C LEU D 203 -16.23 -5.80 -21.37
N LEU D 204 -16.02 -5.04 -22.46
CA LEU D 204 -17.13 -4.44 -23.18
C LEU D 204 -18.23 -5.43 -23.49
N ASN D 205 -17.88 -6.57 -24.07
CA ASN D 205 -18.92 -7.51 -24.50
C ASN D 205 -19.65 -8.11 -23.31
N LYS D 206 -18.92 -8.43 -22.24
CA LYS D 206 -19.59 -8.94 -21.05
C LYS D 206 -20.55 -7.91 -20.47
N LEU D 207 -20.11 -6.65 -20.40
CA LEU D 207 -20.98 -5.60 -19.88
C LEU D 207 -22.21 -5.44 -20.73
N LEU D 208 -22.06 -5.51 -22.05
CA LEU D 208 -23.22 -5.33 -22.91
C LEU D 208 -24.18 -6.51 -22.80
N SER D 209 -23.65 -7.73 -22.68
CA SER D 209 -24.53 -8.87 -22.49
C SER D 209 -25.28 -8.76 -21.18
N ALA D 210 -24.58 -8.40 -20.11
CA ALA D 210 -25.25 -8.20 -18.83
C ALA D 210 -26.29 -7.09 -18.91
N GLY D 211 -26.03 -6.08 -19.75
CA GLY D 211 -27.00 -5.00 -19.87
C GLY D 211 -28.26 -5.45 -20.57
N LEU D 212 -28.12 -6.21 -21.66
CA LEU D 212 -29.29 -6.79 -22.30
C LEU D 212 -30.08 -7.65 -21.32
N GLU D 213 -29.37 -8.42 -20.51
CA GLU D 213 -30.05 -9.26 -19.52
C GLU D 213 -30.78 -8.39 -18.50
N ASP D 214 -30.17 -7.28 -18.10
CA ASP D 214 -30.85 -6.39 -17.16
C ASP D 214 -32.08 -5.76 -17.80
N SER D 215 -32.06 -5.54 -19.11
CA SER D 215 -33.26 -5.05 -19.77
C SER D 215 -34.38 -6.07 -19.67
N GLN D 216 -34.09 -7.32 -20.03
CA GLN D 216 -35.10 -8.36 -19.90
C GLN D 216 -35.61 -8.48 -18.48
N LEU D 217 -34.71 -8.37 -17.51
CA LEU D 217 -35.11 -8.53 -16.12
C LEU D 217 -35.97 -7.36 -15.66
N TYR D 218 -35.61 -6.14 -16.02
CA TYR D 218 -36.45 -5.00 -15.69
C TYR D 218 -37.84 -5.17 -16.27
N GLN D 219 -37.92 -5.62 -17.52
CA GLN D 219 -39.22 -5.86 -18.12
C GLN D 219 -40.02 -6.86 -17.31
N ARG D 220 -39.47 -8.06 -17.12
CA ARG D 220 -40.22 -9.11 -16.45
C ARG D 220 -40.48 -8.76 -14.99
N GLN D 221 -39.77 -7.77 -14.46
CA GLN D 221 -40.10 -7.26 -13.14
C GLN D 221 -41.25 -6.27 -13.18
N LYS D 222 -41.36 -5.51 -14.27
CA LYS D 222 -42.40 -4.50 -14.38
C LYS D 222 -43.78 -5.10 -14.11
N THR D 223 -44.06 -6.26 -14.71
CA THR D 223 -45.32 -6.95 -14.53
C THR D 223 -45.27 -7.95 -13.39
N TYR D 224 -44.33 -7.77 -12.46
CA TYR D 224 -44.25 -8.59 -11.24
C TYR D 224 -44.14 -10.07 -11.57
N SER D 225 -43.66 -10.38 -12.76
CA SER D 225 -43.44 -11.76 -13.18
C SER D 225 -41.98 -12.12 -13.00
N THR D 226 -41.54 -12.13 -11.75
CA THR D 226 -40.16 -12.43 -11.39
C THR D 226 -40.05 -13.91 -11.10
N LYS D 227 -39.04 -14.56 -11.68
CA LYS D 227 -38.92 -16.01 -11.60
C LYS D 227 -38.47 -16.44 -10.21
N ARG D 228 -38.35 -17.74 -10.01
CA ARG D 228 -38.03 -18.24 -8.69
C ARG D 228 -36.56 -18.07 -8.45
N GLY D 229 -36.20 -16.81 -8.17
CA GLY D 229 -34.82 -16.47 -7.93
C GLY D 229 -34.63 -15.13 -7.27
N ASP D 230 -33.53 -14.45 -7.63
CA ASP D 230 -33.12 -13.23 -6.96
C ASP D 230 -32.34 -12.38 -7.96
N ARG D 231 -31.40 -11.57 -7.45
CA ARG D 231 -30.55 -10.69 -8.23
C ARG D 231 -31.38 -9.59 -8.85
N PRO D 232 -31.85 -8.64 -8.03
CA PRO D 232 -32.66 -7.52 -8.53
C PRO D 232 -32.23 -6.96 -9.87
N THR D 233 -30.94 -6.67 -10.02
CA THR D 233 -30.42 -6.11 -11.26
C THR D 233 -29.29 -6.97 -11.78
N GLU D 234 -28.96 -6.78 -13.06
CA GLU D 234 -27.90 -7.54 -13.71
C GLU D 234 -26.69 -6.70 -14.05
N ARG D 235 -26.80 -5.38 -14.01
CA ARG D 235 -25.72 -4.55 -14.49
C ARG D 235 -24.50 -4.70 -13.57
N MET D 236 -23.40 -4.08 -13.98
CA MET D 236 -22.13 -4.26 -13.30
C MET D 236 -21.58 -2.92 -12.84
N VAL D 237 -20.54 -2.98 -12.02
CA VAL D 237 -19.76 -1.81 -11.67
C VAL D 237 -18.31 -2.10 -12.03
N THR D 238 -17.55 -1.03 -12.20
CA THR D 238 -16.14 -1.16 -12.52
C THR D 238 -15.45 0.16 -12.19
N TYR D 239 -14.13 0.11 -12.15
CA TYR D 239 -13.33 1.28 -11.85
C TYR D 239 -12.46 1.69 -13.03
N ILE D 240 -12.71 1.10 -14.20
CA ILE D 240 -11.96 1.44 -15.39
C ILE D 240 -12.38 2.84 -15.81
N GLU D 241 -11.47 3.81 -15.67
CA GLU D 241 -11.78 5.15 -16.10
C GLU D 241 -11.58 5.30 -17.60
N ASP D 242 -12.17 4.40 -18.37
CA ASP D 242 -12.06 4.43 -19.82
C ASP D 242 -13.23 5.22 -20.37
N ASP D 243 -12.94 6.21 -21.20
CA ASP D 243 -13.97 7.08 -21.74
C ASP D 243 -15.09 6.25 -22.37
N HIS D 244 -14.72 5.20 -23.10
CA HIS D 244 -15.71 4.45 -23.86
C HIS D 244 -16.58 3.61 -22.93
N ILE D 245 -15.95 2.86 -22.03
CA ILE D 245 -16.71 1.99 -21.16
C ILE D 245 -17.56 2.81 -20.21
N ARG D 246 -17.06 3.96 -19.78
CA ARG D 246 -17.85 4.81 -18.89
C ARG D 246 -19.01 5.44 -19.65
N ARG D 247 -18.79 5.81 -20.91
CA ARG D 247 -19.89 6.32 -21.73
C ARG D 247 -21.01 5.29 -21.83
N ILE D 248 -20.64 4.04 -22.16
CA ILE D 248 -21.63 2.97 -22.25
C ILE D 248 -22.39 2.84 -20.93
N GLN D 249 -21.65 2.61 -19.85
CA GLN D 249 -22.30 2.31 -18.58
C GLN D 249 -23.11 3.48 -18.05
N ALA D 250 -22.80 4.70 -18.49
CA ALA D 250 -23.59 5.84 -18.04
C ALA D 250 -24.88 5.96 -18.84
N VAL D 251 -24.80 5.75 -20.16
CA VAL D 251 -25.99 5.95 -20.98
C VAL D 251 -26.93 4.78 -20.79
N PHE D 252 -26.43 3.69 -20.22
CA PHE D 252 -27.27 2.48 -20.18
C PHE D 252 -28.52 2.63 -19.33
N PRO D 253 -28.44 3.03 -18.06
CA PRO D 253 -29.64 2.95 -17.20
C PRO D 253 -30.74 3.91 -17.59
N LEU D 254 -30.62 4.58 -18.72
CA LEU D 254 -31.69 5.41 -19.25
C LEU D 254 -32.42 4.75 -20.41
N LEU D 255 -31.94 3.60 -20.88
CA LEU D 255 -32.58 2.87 -21.97
C LEU D 255 -33.07 1.53 -21.49
N LEU D 256 -33.56 1.46 -20.27
CA LEU D 256 -34.05 0.20 -19.71
C LEU D 256 -35.54 0.04 -19.96
N ASP D 257 -35.96 0.25 -21.20
CA ASP D 257 -37.36 0.05 -21.57
C ASP D 257 -37.51 -0.99 -22.67
N ASN D 258 -36.77 -0.84 -23.76
CA ASN D 258 -36.99 -1.64 -24.94
C ASN D 258 -36.56 -3.09 -24.69
N ILE D 259 -36.94 -3.96 -25.62
CA ILE D 259 -36.54 -5.36 -25.59
C ILE D 259 -35.61 -5.61 -26.75
N PHE D 260 -34.52 -6.33 -26.49
CA PHE D 260 -33.40 -6.38 -27.41
C PHE D 260 -33.16 -7.78 -27.96
N ASP D 261 -34.23 -8.52 -28.21
CA ASP D 261 -34.22 -9.78 -28.96
C ASP D 261 -32.97 -10.62 -28.66
N VAL D 262 -32.78 -10.87 -27.36
CA VAL D 262 -31.48 -11.34 -26.90
C VAL D 262 -31.19 -12.72 -27.49
N LYS D 263 -30.19 -12.75 -28.38
CA LYS D 263 -29.60 -13.96 -28.93
C LYS D 263 -30.53 -14.69 -29.89
N LEU D 264 -31.79 -14.27 -29.95
CA LEU D 264 -32.69 -14.89 -30.91
C LEU D 264 -32.65 -14.19 -32.25
N HIS D 265 -32.35 -12.90 -32.24
CA HIS D 265 -32.15 -12.11 -33.44
C HIS D 265 -30.86 -11.31 -33.31
N LYS D 266 -29.84 -11.91 -32.68
CA LYS D 266 -28.62 -11.18 -32.34
C LYS D 266 -28.04 -10.52 -33.59
N ASP D 267 -27.44 -9.35 -33.38
CA ASP D 267 -27.42 -8.34 -34.42
C ASP D 267 -26.46 -7.21 -34.11
N SER D 268 -26.59 -6.13 -34.89
CA SER D 268 -25.89 -4.90 -34.63
C SER D 268 -26.25 -4.27 -33.29
N SER D 269 -27.10 -4.94 -32.50
CA SER D 269 -27.57 -4.44 -31.23
C SER D 269 -26.46 -3.80 -30.40
N MET D 270 -25.40 -4.54 -30.12
CA MET D 270 -24.31 -3.96 -29.34
C MET D 270 -23.63 -2.82 -30.08
N THR D 271 -23.45 -2.95 -31.39
CA THR D 271 -22.88 -1.85 -32.15
C THR D 271 -23.78 -0.64 -32.06
N TRP D 272 -25.09 -0.85 -32.13
CA TRP D 272 -26.00 0.27 -32.01
C TRP D 272 -25.90 0.92 -30.64
N LEU D 273 -25.77 0.10 -29.59
CA LEU D 273 -25.55 0.63 -28.25
C LEU D 273 -24.33 1.54 -28.21
N LYS D 274 -23.22 1.07 -28.76
CA LYS D 274 -22.00 1.86 -28.69
C LYS D 274 -22.15 3.15 -29.49
N SER D 275 -22.80 3.07 -30.65
CA SER D 275 -23.01 4.27 -31.45
C SER D 275 -23.82 5.30 -30.70
N TYR D 276 -24.96 4.88 -30.11
CA TYR D 276 -25.81 5.85 -29.44
C TYR D 276 -25.17 6.36 -28.16
N ALA D 277 -24.34 5.55 -27.52
CA ALA D 277 -23.55 6.06 -26.41
C ALA D 277 -22.60 7.14 -26.89
N ASP D 278 -22.09 7.02 -28.11
CA ASP D 278 -21.27 8.10 -28.64
C ASP D 278 -22.10 9.30 -29.08
N MET D 279 -23.28 9.07 -29.65
CA MET D 279 -24.03 10.19 -30.20
C MET D 279 -24.78 10.89 -29.08
N ILE D 280 -24.08 11.27 -28.01
CA ILE D 280 -24.68 12.15 -27.01
C ILE D 280 -23.71 13.26 -26.65
N TYR D 281 -22.41 13.03 -26.84
CA TYR D 281 -21.45 14.09 -26.56
C TYR D 281 -21.65 15.26 -27.51
N ASP D 282 -22.04 14.95 -28.75
CA ASP D 282 -22.48 15.97 -29.69
C ASP D 282 -23.74 16.65 -29.17
N SER D 283 -24.28 16.17 -28.07
CA SER D 283 -25.48 16.79 -27.53
C SER D 283 -25.30 17.28 -26.10
N VAL D 284 -24.60 16.53 -25.25
CA VAL D 284 -24.47 16.93 -23.85
C VAL D 284 -23.31 17.88 -23.63
N LYS D 285 -22.40 18.01 -24.59
CA LYS D 285 -21.34 19.00 -24.49
C LYS D 285 -21.67 20.26 -25.26
N ASN D 286 -22.13 20.12 -26.50
CA ASN D 286 -22.59 21.26 -27.25
C ASN D 286 -24.00 21.65 -26.80
N SER D 287 -24.38 22.87 -27.13
CA SER D 287 -25.77 23.31 -26.95
C SER D 287 -26.60 22.77 -28.09
N ASN D 288 -27.82 23.27 -28.25
CA ASN D 288 -28.69 22.92 -29.38
C ASN D 288 -28.94 21.41 -29.42
N SER D 289 -29.63 20.95 -28.39
CA SER D 289 -29.84 19.51 -28.24
C SER D 289 -31.23 19.24 -27.69
N THR D 290 -31.56 17.95 -27.64
CA THR D 290 -32.76 17.45 -26.99
C THR D 290 -32.53 17.16 -25.51
N ILE D 291 -31.57 17.87 -24.91
CA ILE D 291 -31.19 17.61 -23.54
C ILE D 291 -32.32 17.99 -22.58
N THR D 292 -33.08 19.04 -22.93
CA THR D 292 -34.36 19.43 -22.35
C THR D 292 -34.43 19.68 -20.84
N PRO D 293 -33.46 20.39 -20.22
CA PRO D 293 -32.02 20.46 -20.36
C PRO D 293 -31.39 19.63 -19.25
N GLU D 294 -32.25 19.17 -18.34
CA GLU D 294 -31.79 18.60 -17.08
C GLU D 294 -31.06 17.27 -17.28
N ILE D 295 -31.35 16.58 -18.38
CA ILE D 295 -30.67 15.32 -18.66
C ILE D 295 -29.17 15.52 -18.61
N ARG D 296 -28.70 16.73 -18.93
CA ARG D 296 -27.32 17.11 -18.69
C ARG D 296 -26.89 16.75 -17.29
N LYS D 297 -27.55 17.35 -16.29
CA LYS D 297 -27.14 17.13 -14.90
C LYS D 297 -27.20 15.66 -14.55
N LEU D 298 -28.28 14.98 -14.92
CA LEU D 298 -28.42 13.57 -14.61
C LEU D 298 -27.36 12.75 -15.33
N TYR D 299 -27.19 12.99 -16.63
CA TYR D 299 -26.21 12.21 -17.37
C TYR D 299 -24.80 12.52 -16.89
N LEU D 300 -24.51 13.78 -16.58
CA LEU D 300 -23.19 14.11 -16.08
C LEU D 300 -22.92 13.39 -14.76
N ARG D 301 -23.92 13.34 -13.88
CA ARG D 301 -23.78 12.55 -12.66
C ARG D 301 -23.45 11.11 -12.99
N MET D 302 -24.30 10.47 -13.79
CA MET D 302 -24.13 9.05 -14.09
C MET D 302 -22.76 8.79 -14.69
N TYR D 303 -22.27 9.73 -15.48
CA TYR D 303 -20.98 9.54 -16.13
C TYR D 303 -19.82 9.83 -15.19
N ASN D 304 -20.05 10.61 -14.15
CA ASN D 304 -18.96 11.07 -13.29
C ASN D 304 -18.85 10.30 -11.99
N GLN D 305 -19.81 9.46 -11.64
CA GLN D 305 -19.81 8.85 -10.31
C GLN D 305 -19.05 7.53 -10.26
N TYR D 306 -19.42 6.56 -11.10
CA TYR D 306 -18.83 5.21 -11.13
C TYR D 306 -19.13 4.37 -9.91
N MET D 307 -19.71 4.96 -8.88
CA MET D 307 -19.88 4.18 -7.67
C MET D 307 -21.34 3.86 -7.42
N ARG D 308 -22.21 4.87 -7.53
CA ARG D 308 -23.62 4.61 -7.39
C ARG D 308 -24.12 3.71 -8.51
N ILE D 309 -25.11 2.91 -8.19
CA ILE D 309 -25.94 2.24 -9.19
C ILE D 309 -27.27 2.96 -9.24
N PHE D 310 -27.67 3.34 -10.45
CA PHE D 310 -28.88 4.10 -10.65
C PHE D 310 -30.01 3.16 -11.02
N LEU D 311 -30.99 3.05 -10.13
CA LEU D 311 -32.11 2.14 -10.31
C LEU D 311 -33.37 2.92 -10.63
N PRO D 312 -34.08 2.58 -11.70
CA PRO D 312 -35.39 3.19 -11.94
C PRO D 312 -36.31 2.94 -10.76
N ILE D 313 -37.36 3.76 -10.67
CA ILE D 313 -38.16 3.84 -9.46
C ILE D 313 -38.69 2.48 -9.04
N GLU D 314 -38.81 1.54 -9.98
CA GLU D 314 -39.34 0.23 -9.64
C GLU D 314 -38.30 -0.61 -8.89
N GLN D 315 -37.14 -0.81 -9.50
CA GLN D 315 -36.17 -1.76 -8.94
C GLN D 315 -35.72 -1.35 -7.55
N TYR D 316 -35.61 -0.04 -7.30
CA TYR D 316 -35.14 0.42 -6.00
C TYR D 316 -35.96 -0.14 -4.86
N MET D 317 -37.24 -0.44 -5.12
CA MET D 317 -38.07 -1.01 -4.07
C MET D 317 -37.61 -2.40 -3.65
N LEU D 318 -36.71 -3.02 -4.41
CA LEU D 318 -36.26 -4.37 -4.12
C LEU D 318 -34.83 -4.44 -3.61
N TYR D 319 -33.94 -3.65 -4.19
CA TYR D 319 -32.55 -3.55 -3.75
C TYR D 319 -32.51 -2.95 -2.36
N ASP D 320 -32.38 -3.79 -1.34
CA ASP D 320 -32.65 -3.29 0.00
C ASP D 320 -31.48 -2.61 0.70
N ASN D 321 -30.52 -3.40 1.19
CA ASN D 321 -29.45 -2.80 1.98
C ASN D 321 -28.10 -3.48 1.80
N THR D 322 -28.11 -4.76 1.44
CA THR D 322 -26.91 -5.58 1.54
C THR D 322 -26.22 -5.69 0.18
N CYS D 323 -25.70 -4.55 -0.24
CA CYS D 323 -24.78 -4.47 -1.36
C CYS D 323 -24.05 -3.13 -1.29
N TRP D 324 -23.51 -2.72 -2.42
CA TRP D 324 -22.95 -1.39 -2.60
C TRP D 324 -23.78 -0.37 -1.85
N PRO D 325 -23.21 0.32 -0.89
CA PRO D 325 -23.89 1.44 -0.26
C PRO D 325 -23.81 2.69 -1.14
N PHE D 326 -24.11 2.51 -2.43
CA PHE D 326 -24.00 3.58 -3.41
C PHE D 326 -25.07 3.34 -4.46
N SER D 327 -26.17 4.07 -4.38
CA SER D 327 -27.28 3.84 -5.30
C SER D 327 -28.13 5.11 -5.37
N GLU D 328 -29.12 5.08 -6.25
CA GLU D 328 -30.02 6.22 -6.35
C GLU D 328 -31.27 5.84 -7.13
N LYS D 329 -32.43 6.34 -6.68
CA LYS D 329 -33.70 6.19 -7.39
C LYS D 329 -33.66 7.07 -8.64
N ILE D 330 -33.12 6.52 -9.71
CA ILE D 330 -33.08 7.29 -10.94
C ILE D 330 -34.46 7.30 -11.58
N THR D 331 -34.70 8.32 -12.40
CA THR D 331 -35.95 8.42 -13.13
C THR D 331 -35.70 9.27 -14.36
N LEU D 332 -36.78 9.74 -14.99
CA LEU D 332 -36.68 10.64 -16.14
C LEU D 332 -35.99 9.97 -17.32
N LYS D 333 -36.48 8.79 -17.69
CA LYS D 333 -35.86 8.03 -18.76
C LYS D 333 -35.85 8.83 -20.07
N ILE D 334 -34.92 8.48 -20.94
CA ILE D 334 -34.89 9.05 -22.28
C ILE D 334 -35.95 8.35 -23.13
N ASN D 335 -36.69 9.13 -23.90
CA ASN D 335 -37.83 8.61 -24.66
C ASN D 335 -37.35 8.19 -26.04
N VAL D 336 -36.96 6.92 -26.17
CA VAL D 336 -36.69 6.30 -27.46
C VAL D 336 -37.29 4.90 -27.41
N ARG D 337 -38.43 4.71 -28.06
CA ARG D 337 -39.06 3.41 -28.16
C ARG D 337 -38.79 2.86 -29.55
N LEU D 338 -38.00 1.79 -29.62
CA LEU D 338 -37.63 1.19 -30.89
C LEU D 338 -38.36 -0.14 -31.05
N ILE D 339 -38.75 -0.43 -32.28
CA ILE D 339 -39.48 -1.66 -32.56
C ILE D 339 -38.50 -2.81 -32.73
N SER D 340 -39.00 -4.03 -32.74
CA SER D 340 -38.17 -5.20 -32.96
C SER D 340 -38.74 -6.01 -34.11
N SER D 341 -37.89 -6.43 -35.03
CA SER D 341 -38.36 -7.22 -36.15
C SER D 341 -38.75 -8.61 -35.68
N ARG D 342 -39.60 -9.26 -36.47
CA ARG D 342 -39.98 -10.64 -36.21
C ARG D 342 -38.88 -11.54 -36.75
N GLU D 343 -39.17 -12.82 -36.92
CA GLU D 343 -38.23 -13.73 -37.55
C GLU D 343 -37.96 -13.24 -38.97
N ASN D 344 -37.05 -13.93 -39.67
CA ASN D 344 -36.47 -13.50 -40.94
C ASN D 344 -37.46 -12.91 -41.93
N GLN D 345 -38.74 -13.21 -41.79
CA GLN D 345 -39.77 -12.65 -42.67
C GLN D 345 -39.62 -11.13 -42.74
N PRO D 346 -39.90 -10.53 -43.89
CA PRO D 346 -39.59 -9.11 -44.07
C PRO D 346 -40.62 -8.19 -43.43
N VAL D 347 -40.48 -6.89 -43.68
CA VAL D 347 -41.31 -5.87 -43.07
C VAL D 347 -41.99 -5.06 -44.17
N LEU D 348 -43.25 -4.69 -43.93
CA LEU D 348 -44.02 -3.88 -44.85
C LEU D 348 -44.45 -2.60 -44.18
N TRP D 349 -44.45 -1.51 -44.93
CA TRP D 349 -44.85 -0.20 -44.43
C TRP D 349 -46.10 0.27 -45.16
N LYS D 350 -46.88 1.09 -44.48
CA LYS D 350 -48.20 1.49 -44.95
C LYS D 350 -48.30 3.01 -44.99
N THR D 351 -47.35 3.67 -45.67
CA THR D 351 -47.16 5.11 -45.66
C THR D 351 -48.48 5.88 -45.62
N PRO D 352 -48.60 6.82 -44.70
CA PRO D 352 -49.91 7.37 -44.39
C PRO D 352 -50.29 8.59 -45.20
N ILE D 353 -51.50 9.10 -44.96
CA ILE D 353 -51.96 10.34 -45.55
C ILE D 353 -52.30 11.39 -44.49
N ASP D 354 -52.69 10.97 -43.29
CA ASP D 354 -53.00 11.90 -42.21
C ASP D 354 -51.74 12.19 -41.41
N THR D 355 -51.61 13.44 -40.97
CA THR D 355 -50.46 13.88 -40.21
C THR D 355 -50.76 15.23 -39.58
N GLU D 356 -49.73 15.83 -39.00
CA GLU D 356 -49.78 17.18 -38.45
C GLU D 356 -48.56 18.01 -38.78
N ASN D 357 -47.49 17.39 -39.27
CA ASN D 357 -46.26 18.10 -39.55
C ASN D 357 -45.62 17.50 -40.80
N LEU D 358 -44.60 18.19 -41.29
CA LEU D 358 -43.96 17.84 -42.55
C LEU D 358 -42.46 17.74 -42.35
N ILE D 359 -41.78 17.16 -43.33
CA ILE D 359 -40.34 17.01 -43.32
C ILE D 359 -39.80 17.53 -44.64
N SER D 360 -38.57 18.03 -44.64
CA SER D 360 -38.03 18.69 -45.81
C SER D 360 -37.39 17.71 -46.78
N ILE D 361 -37.68 17.91 -48.06
CA ILE D 361 -36.89 17.42 -49.18
C ILE D 361 -35.77 18.43 -49.39
N VAL D 362 -34.90 18.18 -50.37
CA VAL D 362 -33.53 18.71 -50.47
C VAL D 362 -33.40 20.15 -50.01
N GLN D 363 -32.24 20.47 -49.45
CA GLN D 363 -31.92 21.60 -48.59
C GLN D 363 -32.60 22.88 -49.02
N PRO D 364 -33.04 23.70 -48.06
CA PRO D 364 -33.95 24.80 -48.39
C PRO D 364 -33.29 25.91 -49.20
N ASP D 365 -32.66 25.53 -50.29
CA ASP D 365 -32.08 26.47 -51.22
C ASP D 365 -32.30 26.08 -52.67
N GLU D 366 -33.08 25.04 -52.94
CA GLU D 366 -32.99 24.53 -54.29
C GLU D 366 -34.23 23.77 -54.74
N PRO D 367 -34.54 23.88 -56.02
CA PRO D 367 -35.58 23.06 -56.66
C PRO D 367 -35.18 21.60 -56.76
N ILE D 368 -35.63 20.96 -57.83
CA ILE D 368 -35.63 19.51 -58.05
C ILE D 368 -34.47 18.79 -57.40
N ASN D 369 -34.77 17.67 -56.75
CA ASN D 369 -33.79 16.80 -56.12
C ASN D 369 -33.67 15.52 -56.94
N LYS D 370 -32.46 14.98 -57.02
CA LYS D 370 -32.16 13.78 -57.82
C LYS D 370 -31.28 12.85 -56.99
N LEU D 371 -31.84 11.71 -56.61
CA LEU D 371 -31.11 10.71 -55.82
C LEU D 371 -30.59 9.64 -56.74
N ASN D 372 -29.53 9.95 -57.48
CA ASN D 372 -28.89 8.96 -58.34
C ASN D 372 -28.30 7.87 -57.46
N PHE D 373 -28.82 6.66 -57.61
CA PHE D 373 -28.70 5.64 -56.58
C PHE D 373 -28.23 4.33 -57.19
N THR D 374 -27.79 3.42 -56.33
CA THR D 374 -27.34 2.11 -56.79
C THR D 374 -28.56 1.22 -57.02
N ALA D 375 -28.32 -0.04 -57.35
CA ALA D 375 -29.39 -1.01 -57.57
C ALA D 375 -29.02 -2.33 -56.93
N ILE D 376 -29.99 -3.22 -56.85
CA ILE D 376 -29.75 -4.52 -56.23
C ILE D 376 -29.44 -5.51 -57.34
N PRO D 377 -28.79 -6.62 -57.05
CA PRO D 377 -28.56 -7.63 -58.09
C PRO D 377 -29.76 -8.54 -58.23
N SER D 378 -29.63 -9.56 -59.07
CA SER D 378 -30.66 -10.58 -59.19
C SER D 378 -30.32 -11.84 -58.39
N THR D 379 -29.06 -12.07 -58.07
CA THR D 379 -28.72 -13.18 -57.17
C THR D 379 -29.24 -12.94 -55.77
N MET D 380 -29.58 -11.71 -55.44
CA MET D 380 -30.31 -11.40 -54.23
C MET D 380 -31.77 -11.72 -54.47
N ILE D 381 -32.67 -11.18 -53.65
CA ILE D 381 -34.09 -11.47 -53.76
C ILE D 381 -34.54 -11.39 -55.22
N ARG D 382 -35.11 -12.48 -55.70
CA ARG D 382 -35.30 -12.70 -57.14
C ARG D 382 -36.53 -11.99 -57.66
N LEU D 383 -36.94 -12.35 -58.88
CA LEU D 383 -38.13 -11.77 -59.51
C LEU D 383 -38.96 -12.89 -60.10
N ASN D 384 -40.13 -13.16 -59.51
CA ASN D 384 -41.05 -14.13 -60.07
C ASN D 384 -42.05 -13.43 -61.00
N ASP D 385 -42.22 -13.99 -62.19
CA ASP D 385 -43.18 -13.50 -63.17
C ASP D 385 -44.36 -14.44 -63.32
N ASN D 386 -44.44 -15.46 -62.47
CA ASN D 386 -45.48 -16.48 -62.56
C ASN D 386 -46.77 -15.92 -61.96
N ILE D 387 -47.80 -15.83 -62.79
CA ILE D 387 -49.07 -15.23 -62.41
C ILE D 387 -49.98 -16.36 -61.96
N THR D 388 -50.33 -16.37 -60.67
CA THR D 388 -51.19 -17.41 -60.15
C THR D 388 -52.58 -17.30 -60.79
N MET D 389 -52.91 -18.29 -61.63
CA MET D 389 -54.12 -18.26 -62.42
C MET D 389 -55.18 -19.22 -61.89
N TYR D 390 -54.85 -20.06 -60.91
CA TYR D 390 -55.80 -21.07 -60.49
C TYR D 390 -55.73 -21.33 -59.00
N ARG D 391 -56.91 -21.38 -58.38
CA ARG D 391 -57.13 -22.04 -57.11
C ARG D 391 -57.42 -23.50 -57.41
N ALA D 392 -58.07 -24.21 -56.47
CA ALA D 392 -58.31 -25.64 -56.58
C ALA D 392 -58.82 -26.07 -57.96
N VAL D 393 -58.57 -27.34 -58.29
CA VAL D 393 -58.59 -27.86 -59.65
C VAL D 393 -59.84 -27.50 -60.44
N LYS D 394 -60.95 -27.24 -59.74
CA LYS D 394 -62.20 -26.94 -60.46
C LYS D 394 -62.00 -25.74 -61.39
N ASP D 395 -61.17 -24.79 -60.99
CA ASP D 395 -61.00 -23.55 -61.73
C ASP D 395 -60.31 -23.78 -63.06
N MET D 396 -59.93 -25.02 -63.34
CA MET D 396 -59.34 -25.40 -64.61
C MET D 396 -60.37 -25.93 -65.60
N PHE D 397 -61.64 -25.92 -65.25
CA PHE D 397 -62.63 -26.52 -66.12
C PHE D 397 -63.89 -25.71 -66.31
N SER D 398 -64.02 -24.55 -65.68
CA SER D 398 -65.24 -23.78 -65.83
C SER D 398 -65.38 -23.29 -67.27
N ALA D 399 -66.59 -22.87 -67.60
CA ALA D 399 -66.90 -22.44 -68.97
C ALA D 399 -68.04 -21.45 -68.92
N ILE D 400 -68.40 -20.93 -70.10
CA ILE D 400 -69.54 -20.04 -70.24
C ILE D 400 -70.10 -20.18 -71.64
N GLU D 401 -71.40 -20.00 -71.78
CA GLU D 401 -72.10 -20.30 -73.02
C GLU D 401 -73.16 -19.24 -73.29
N TYR D 402 -73.22 -18.77 -74.53
CA TYR D 402 -74.18 -17.77 -74.97
C TYR D 402 -75.03 -18.32 -76.10
N LEU D 403 -76.25 -17.80 -76.18
CA LEU D 403 -77.30 -18.24 -77.08
C LEU D 403 -77.58 -17.17 -78.14
N PRO D 404 -78.32 -17.52 -79.20
CA PRO D 404 -78.68 -16.52 -80.22
C PRO D 404 -79.46 -15.35 -79.62
N ASP D 405 -79.58 -14.30 -80.44
CA ASP D 405 -80.23 -13.08 -79.97
C ASP D 405 -81.12 -12.43 -81.02
N ALA D 406 -81.38 -13.09 -82.14
CA ALA D 406 -82.22 -12.49 -83.18
C ALA D 406 -82.88 -13.60 -83.95
N ILE D 407 -83.91 -13.23 -84.72
CA ILE D 407 -84.77 -14.20 -85.39
C ILE D 407 -84.39 -14.40 -86.84
N GLU D 408 -83.47 -13.61 -87.38
CA GLU D 408 -83.05 -13.73 -88.75
C GLU D 408 -81.58 -14.10 -88.83
N ASN D 409 -81.21 -14.76 -89.93
CA ASN D 409 -79.82 -15.14 -90.17
C ASN D 409 -79.60 -15.09 -91.68
N ILE D 410 -79.11 -13.96 -92.15
CA ILE D 410 -78.90 -13.74 -93.58
C ILE D 410 -77.61 -12.95 -93.78
N PRO D 411 -76.65 -13.48 -94.52
CA PRO D 411 -75.40 -12.74 -94.75
C PRO D 411 -75.67 -11.50 -95.59
N THR D 412 -75.37 -10.35 -95.01
CA THR D 412 -75.53 -9.08 -95.70
C THR D 412 -74.17 -8.55 -96.13
N LEU D 413 -74.16 -7.81 -97.23
CA LEU D 413 -72.91 -7.23 -97.72
C LEU D 413 -72.32 -6.25 -96.71
N THR D 414 -73.16 -5.64 -95.88
CA THR D 414 -72.66 -4.74 -94.85
C THR D 414 -71.72 -5.47 -93.91
N MET D 415 -72.21 -6.53 -93.26
CA MET D 415 -71.39 -7.28 -92.34
C MET D 415 -70.21 -7.93 -93.05
N LYS D 416 -70.39 -8.35 -94.31
CA LYS D 416 -69.30 -8.98 -95.03
C LYS D 416 -68.17 -8.00 -95.27
N GLU D 417 -68.49 -6.80 -95.74
CA GLU D 417 -67.45 -5.80 -95.96
C GLU D 417 -66.84 -5.35 -94.65
N GLN D 418 -67.65 -5.31 -93.59
CA GLN D 418 -67.13 -5.06 -92.25
C GLN D 418 -66.03 -6.06 -91.91
N ALA D 419 -66.36 -7.35 -92.00
CA ALA D 419 -65.41 -8.39 -91.66
C ALA D 419 -64.17 -8.33 -92.55
N LEU D 420 -64.38 -8.11 -93.84
CA LEU D 420 -63.24 -8.06 -94.75
C LEU D 420 -62.31 -6.91 -94.41
N SER D 421 -62.87 -5.72 -94.20
CA SER D 421 -62.04 -4.58 -93.80
C SER D 421 -61.29 -4.88 -92.51
N ARG D 422 -61.94 -5.57 -91.57
CA ARG D 422 -61.24 -5.94 -90.35
C ARG D 422 -60.10 -6.90 -90.63
N TYR D 423 -60.30 -7.81 -91.59
CA TYR D 423 -59.31 -8.85 -91.85
C TYR D 423 -58.02 -8.27 -92.42
N ILE D 424 -58.13 -7.41 -93.44
CA ILE D 424 -56.94 -6.80 -94.02
C ILE D 424 -56.32 -5.76 -93.12
N SER D 425 -56.94 -5.46 -91.98
CA SER D 425 -56.38 -4.50 -91.05
C SER D 425 -55.37 -5.17 -90.13
N PRO D 426 -54.24 -4.52 -89.87
CA PRO D 426 -53.27 -5.10 -88.94
C PRO D 426 -53.75 -4.96 -87.51
N ASP D 427 -53.34 -5.92 -86.68
CA ASP D 427 -53.74 -5.95 -85.29
C ASP D 427 -53.06 -4.81 -84.52
N SER D 428 -53.42 -4.68 -83.26
CA SER D 428 -52.79 -3.68 -82.40
C SER D 428 -51.63 -4.33 -81.66
N GLU D 429 -50.49 -3.63 -81.64
CA GLU D 429 -49.30 -4.22 -81.04
C GLU D 429 -49.51 -4.55 -79.57
N ALA D 430 -50.21 -3.68 -78.84
CA ALA D 430 -50.47 -3.94 -77.44
C ALA D 430 -51.23 -5.25 -77.26
N GLN D 431 -52.22 -5.49 -78.12
CA GLN D 431 -52.98 -6.73 -78.03
C GLN D 431 -52.08 -7.92 -78.23
N ASN D 432 -51.21 -7.87 -79.25
CA ASN D 432 -50.22 -8.93 -79.42
C ASN D 432 -49.42 -9.12 -78.14
N PHE D 433 -49.03 -8.02 -77.52
CA PHE D 433 -48.20 -8.10 -76.33
C PHE D 433 -48.91 -8.79 -75.19
N PHE D 434 -50.21 -8.55 -75.04
CA PHE D 434 -50.89 -9.02 -73.84
C PHE D 434 -51.07 -10.53 -73.82
N ASN D 435 -51.29 -11.15 -74.98
CA ASN D 435 -51.45 -12.59 -75.02
C ASN D 435 -50.18 -13.32 -75.44
N ASN D 436 -49.03 -12.65 -75.32
CA ASN D 436 -47.76 -13.31 -75.57
C ASN D 436 -46.79 -13.02 -74.44
N GLN D 437 -46.97 -11.90 -73.76
CA GLN D 437 -46.16 -11.65 -72.58
C GLN D 437 -46.52 -12.70 -71.54
N PRO D 438 -45.61 -13.62 -71.27
CA PRO D 438 -45.96 -14.86 -70.59
C PRO D 438 -45.97 -14.66 -69.09
N PRO D 439 -46.24 -15.71 -68.31
CA PRO D 439 -46.72 -17.05 -68.67
C PRO D 439 -48.14 -17.35 -68.23
N TYR D 440 -48.72 -18.32 -68.87
CA TYR D 440 -49.94 -18.95 -68.37
C TYR D 440 -49.82 -20.47 -68.37
N LEU D 441 -49.18 -21.04 -69.40
CA LEU D 441 -48.90 -22.47 -69.40
C LEU D 441 -48.08 -22.87 -68.18
N ASN D 442 -47.18 -21.99 -67.74
CA ASN D 442 -46.43 -22.26 -66.53
C ASN D 442 -47.33 -22.27 -65.30
N SER D 443 -48.51 -21.65 -65.39
CA SER D 443 -49.37 -21.61 -64.22
C SER D 443 -50.04 -22.96 -63.99
N ILE D 444 -50.46 -23.65 -65.06
CA ILE D 444 -51.06 -24.96 -64.86
C ILE D 444 -50.00 -25.98 -64.48
N MET D 445 -48.76 -25.79 -64.94
CA MET D 445 -47.67 -26.61 -64.45
C MET D 445 -47.58 -26.53 -62.94
N ASN D 446 -47.87 -25.37 -62.37
CA ASN D 446 -47.79 -25.21 -60.93
C ASN D 446 -48.79 -26.08 -60.21
N VAL D 447 -50.06 -26.03 -60.63
CA VAL D 447 -51.07 -26.84 -59.95
C VAL D 447 -50.81 -28.33 -60.21
N ASN D 448 -50.28 -28.67 -61.38
CA ASN D 448 -49.93 -30.07 -61.64
C ASN D 448 -48.85 -30.55 -60.68
N ARG D 449 -47.78 -29.77 -60.54
CA ARG D 449 -46.76 -30.10 -59.56
C ARG D 449 -47.37 -30.25 -58.18
N GLN D 450 -48.27 -29.33 -57.83
CA GLN D 450 -48.91 -29.36 -56.52
C GLN D 450 -49.59 -30.69 -56.29
N VAL D 451 -50.53 -31.05 -57.16
CA VAL D 451 -51.29 -32.28 -56.95
C VAL D 451 -50.39 -33.50 -57.01
N PHE D 452 -49.38 -33.48 -57.87
CA PHE D 452 -48.51 -34.64 -58.02
C PHE D 452 -47.70 -34.88 -56.75
N GLU D 453 -46.89 -33.89 -56.35
CA GLU D 453 -46.12 -34.03 -55.13
C GLU D 453 -47.01 -34.18 -53.91
N ALA D 454 -48.28 -33.77 -54.00
CA ALA D 454 -49.16 -33.93 -52.86
C ALA D 454 -49.64 -35.37 -52.73
N VAL D 455 -50.08 -35.98 -53.83
CA VAL D 455 -50.55 -37.35 -53.75
C VAL D 455 -49.39 -38.29 -53.45
N LYS D 456 -48.19 -37.95 -53.93
CA LYS D 456 -47.04 -38.81 -53.67
C LYS D 456 -46.77 -38.92 -52.16
N ARG D 457 -46.59 -37.77 -51.52
CA ARG D 457 -46.37 -37.72 -50.07
C ARG D 457 -47.49 -36.95 -49.41
N GLY D 458 -48.17 -36.11 -50.20
CA GLY D 458 -49.26 -35.29 -49.71
C GLY D 458 -50.52 -36.09 -49.43
N ASN D 459 -51.33 -35.60 -48.49
CA ASN D 459 -52.57 -36.27 -48.14
C ASN D 459 -53.69 -35.84 -49.08
N ILE D 460 -53.63 -36.32 -50.31
CA ILE D 460 -54.63 -36.01 -51.34
C ILE D 460 -55.28 -37.29 -51.82
N GLN D 461 -56.61 -37.29 -51.90
CA GLN D 461 -57.33 -38.47 -52.33
C GLN D 461 -58.10 -38.25 -53.63
N VAL D 462 -57.90 -39.16 -54.58
CA VAL D 462 -58.58 -39.11 -55.86
C VAL D 462 -59.51 -40.31 -55.91
N SER D 463 -60.78 -40.08 -56.25
CA SER D 463 -61.74 -41.18 -56.27
C SER D 463 -61.89 -41.76 -57.67
N THR D 464 -60.79 -41.85 -58.41
CA THR D 464 -60.73 -42.58 -59.68
C THR D 464 -61.83 -42.12 -60.64
N GLY D 465 -61.70 -40.86 -61.05
CA GLY D 465 -62.65 -40.30 -61.98
C GLY D 465 -62.93 -38.84 -61.69
N SER D 466 -62.42 -38.36 -60.56
CA SER D 466 -62.55 -36.96 -60.24
C SER D 466 -61.79 -36.12 -61.26
N MET D 467 -62.08 -34.81 -61.24
CA MET D 467 -61.31 -33.90 -62.08
C MET D 467 -59.82 -33.99 -61.75
N GLU D 468 -59.50 -34.24 -60.48
CA GLU D 468 -58.10 -34.39 -60.09
C GLU D 468 -57.49 -35.62 -60.74
N HIS D 469 -58.23 -36.74 -60.74
CA HIS D 469 -57.75 -37.96 -61.35
C HIS D 469 -57.42 -37.72 -62.82
N LEU D 470 -58.01 -36.70 -63.42
CA LEU D 470 -57.54 -36.21 -64.71
C LEU D 470 -56.29 -35.36 -64.53
N CYS D 471 -56.30 -34.49 -63.52
CA CYS D 471 -55.23 -33.51 -63.40
C CYS D 471 -53.88 -34.16 -63.17
N LEU D 472 -53.78 -35.13 -62.25
CA LEU D 472 -52.50 -35.80 -62.10
C LEU D 472 -52.29 -36.82 -63.20
N CYS D 473 -53.36 -37.26 -63.86
CA CYS D 473 -53.19 -38.02 -65.09
C CYS D 473 -52.56 -37.20 -66.19
N MET D 474 -52.44 -35.89 -65.99
CA MET D 474 -51.63 -35.05 -66.85
C MET D 474 -50.21 -35.01 -66.32
N HIS D 475 -49.25 -34.91 -67.24
CA HIS D 475 -47.83 -34.79 -66.93
C HIS D 475 -47.33 -35.97 -66.08
N VAL D 476 -48.03 -37.09 -66.11
CA VAL D 476 -47.60 -38.29 -65.40
C VAL D 476 -47.77 -39.47 -66.33
N LYS D 477 -46.77 -40.35 -66.37
CA LYS D 477 -46.75 -41.45 -67.33
C LYS D 477 -46.62 -42.78 -66.59
N SER D 478 -47.62 -43.64 -66.79
CA SER D 478 -47.56 -45.03 -66.35
C SER D 478 -47.31 -45.16 -64.85
N GLY D 479 -47.68 -44.13 -64.10
CA GLY D 479 -47.45 -44.11 -62.67
C GLY D 479 -48.69 -44.18 -61.80
N LEU D 480 -49.82 -44.61 -62.35
CA LEU D 480 -51.08 -44.60 -61.62
C LEU D 480 -51.48 -46.01 -61.23
N ILE D 481 -51.95 -46.17 -59.99
CA ILE D 481 -52.49 -47.43 -59.50
C ILE D 481 -53.87 -47.16 -58.92
N VAL D 482 -54.85 -47.97 -59.33
CA VAL D 482 -56.23 -47.80 -58.91
C VAL D 482 -56.60 -48.93 -57.97
N GLY D 483 -56.63 -48.63 -56.68
CA GLY D 483 -57.22 -49.53 -55.70
C GLY D 483 -58.49 -48.91 -55.20
N ARG D 484 -59.26 -48.34 -56.12
CA ARG D 484 -60.44 -47.48 -55.93
C ARG D 484 -60.01 -46.15 -55.33
N THR D 485 -58.72 -45.95 -55.10
CA THR D 485 -58.14 -44.67 -54.77
C THR D 485 -56.75 -44.60 -55.39
N VAL D 486 -56.47 -43.51 -56.09
CA VAL D 486 -55.29 -43.44 -56.94
C VAL D 486 -54.06 -43.28 -56.05
N LEU D 487 -53.11 -44.19 -56.20
CA LEU D 487 -51.83 -44.15 -55.48
C LEU D 487 -50.69 -44.22 -56.47
N ILE D 488 -49.59 -43.54 -56.17
CA ILE D 488 -48.40 -43.53 -57.00
C ILE D 488 -47.24 -44.08 -56.19
N ASP D 489 -46.59 -45.12 -56.70
CA ASP D 489 -45.50 -45.78 -56.01
C ASP D 489 -44.18 -45.67 -56.74
N ASP D 490 -44.15 -46.10 -58.01
CA ASP D 490 -42.96 -46.02 -58.84
C ASP D 490 -43.42 -45.84 -60.28
N LYS D 491 -42.53 -46.09 -61.25
CA LYS D 491 -42.81 -45.83 -62.66
C LYS D 491 -43.25 -44.39 -62.84
N VAL D 492 -42.63 -43.49 -62.08
CA VAL D 492 -43.14 -42.14 -61.89
C VAL D 492 -42.67 -41.25 -63.04
N VAL D 493 -42.13 -41.87 -64.09
CA VAL D 493 -41.73 -41.13 -65.29
C VAL D 493 -42.87 -40.20 -65.69
N LEU D 494 -42.54 -38.97 -66.06
CA LEU D 494 -43.53 -37.93 -66.25
C LEU D 494 -43.42 -37.37 -67.65
N ARG D 495 -44.57 -37.03 -68.24
CA ARG D 495 -44.59 -36.57 -69.62
C ARG D 495 -43.94 -35.21 -69.74
N ARG D 496 -43.56 -34.89 -70.96
CA ARG D 496 -43.18 -33.55 -71.36
C ARG D 496 -44.21 -33.03 -72.36
N ASN D 497 -43.94 -31.86 -72.94
CA ASN D 497 -44.71 -31.36 -74.08
C ASN D 497 -46.18 -31.18 -73.73
N PHE D 498 -46.43 -30.28 -72.77
CA PHE D 498 -47.78 -29.77 -72.58
C PHE D 498 -47.90 -28.40 -73.23
N ASN D 499 -47.79 -28.35 -74.56
CA ASN D 499 -47.64 -27.08 -75.26
C ASN D 499 -48.97 -26.37 -75.45
N ALA D 500 -49.69 -26.17 -74.34
CA ALA D 500 -50.83 -25.27 -74.27
C ALA D 500 -52.03 -25.71 -75.10
N SER D 501 -51.88 -26.75 -75.91
CA SER D 501 -53.03 -27.26 -76.65
C SER D 501 -53.67 -28.45 -75.95
N THR D 502 -52.87 -29.23 -75.24
CA THR D 502 -53.38 -30.33 -74.44
C THR D 502 -54.47 -29.86 -73.50
N ALA D 503 -54.23 -28.74 -72.82
CA ALA D 503 -55.19 -28.26 -71.84
C ALA D 503 -56.50 -27.86 -72.51
N LYS D 504 -56.42 -27.14 -73.63
CA LYS D 504 -57.64 -26.76 -74.33
C LYS D 504 -58.41 -27.99 -74.79
N MET D 505 -57.72 -28.97 -75.35
CA MET D 505 -58.40 -30.16 -75.84
C MET D 505 -59.06 -30.92 -74.71
N ILE D 506 -58.36 -31.07 -73.57
CA ILE D 506 -58.92 -31.85 -72.49
C ILE D 506 -60.08 -31.12 -71.83
N THR D 507 -59.99 -29.79 -71.75
CA THR D 507 -61.12 -29.03 -71.20
C THR D 507 -62.32 -29.10 -72.13
N CYS D 508 -62.09 -29.05 -73.44
CA CYS D 508 -63.18 -29.24 -74.38
C CYS D 508 -63.82 -30.61 -74.20
N TYR D 509 -63.01 -31.64 -73.99
CA TYR D 509 -63.57 -32.96 -73.75
C TYR D 509 -64.44 -32.97 -72.52
N VAL D 510 -63.95 -32.42 -71.41
CA VAL D 510 -64.72 -32.50 -70.17
C VAL D 510 -66.00 -31.68 -70.30
N LYS D 511 -65.94 -30.55 -71.00
CA LYS D 511 -67.14 -29.74 -71.18
C LYS D 511 -68.17 -30.47 -72.03
N ALA D 512 -67.76 -30.97 -73.19
CA ALA D 512 -68.69 -31.69 -74.05
C ALA D 512 -69.25 -32.92 -73.37
N PHE D 513 -68.45 -33.59 -72.55
CA PHE D 513 -68.95 -34.77 -71.85
C PHE D 513 -69.99 -34.38 -70.81
N ALA D 514 -69.66 -33.40 -69.97
CA ALA D 514 -70.62 -32.97 -68.96
C ALA D 514 -71.91 -32.51 -69.61
N GLN D 515 -71.82 -31.86 -70.76
CA GLN D 515 -73.04 -31.38 -71.42
C GLN D 515 -73.81 -32.51 -72.08
N LEU D 516 -73.10 -33.57 -72.48
CA LEU D 516 -73.77 -34.68 -73.16
C LEU D 516 -74.88 -35.27 -72.29
N TYR D 517 -74.50 -35.83 -71.15
CA TYR D 517 -75.48 -36.38 -70.24
C TYR D 517 -75.04 -36.09 -68.82
N GLY D 518 -75.67 -36.79 -67.86
CA GLY D 518 -75.50 -36.42 -66.47
C GLY D 518 -74.04 -36.49 -66.02
N GLU D 519 -73.76 -35.74 -64.96
CA GLU D 519 -72.41 -35.70 -64.37
C GLU D 519 -72.38 -36.67 -63.20
N GLY D 520 -72.37 -37.96 -63.52
CA GLY D 520 -72.22 -38.98 -62.51
C GLY D 520 -70.75 -39.25 -62.23
N SER D 521 -69.93 -39.10 -63.27
CA SER D 521 -68.48 -39.22 -63.18
C SER D 521 -67.89 -38.79 -64.51
N LEU D 522 -66.58 -38.85 -64.66
CA LEU D 522 -65.92 -38.59 -65.93
C LEU D 522 -65.45 -39.88 -66.59
N ILE D 523 -66.21 -40.95 -66.44
CA ILE D 523 -65.86 -42.25 -67.00
C ILE D 523 -67.12 -42.85 -67.62
N ASN D 524 -67.13 -42.97 -68.90
CA ASN D 524 -68.23 -43.79 -69.37
C ASN D 524 -67.74 -45.22 -69.60
N PRO D 525 -68.59 -46.21 -69.36
CA PRO D 525 -68.13 -47.61 -69.48
C PRO D 525 -67.91 -48.05 -70.92
N GLY D 526 -67.84 -47.09 -71.83
CA GLY D 526 -67.57 -47.37 -73.23
C GLY D 526 -68.04 -46.23 -74.09
N LEU D 527 -67.22 -45.79 -75.03
CA LEU D 527 -67.47 -44.52 -75.70
C LEU D 527 -66.86 -44.50 -77.08
N ARG D 528 -66.78 -43.31 -77.68
CA ARG D 528 -66.08 -43.08 -78.92
C ARG D 528 -65.86 -41.59 -79.06
N MET D 529 -64.76 -41.20 -79.70
CA MET D 529 -64.51 -39.80 -79.98
C MET D 529 -63.33 -39.69 -80.93
N VAL D 530 -63.25 -38.55 -81.61
CA VAL D 530 -62.17 -38.28 -82.55
C VAL D 530 -61.62 -36.89 -82.25
N PHE D 531 -60.53 -36.54 -82.93
CA PHE D 531 -59.86 -35.27 -82.74
C PHE D 531 -59.38 -34.75 -84.08
N PHE D 532 -59.50 -33.43 -84.27
CA PHE D 532 -59.05 -32.79 -85.48
C PHE D 532 -57.86 -31.87 -85.25
N GLY D 533 -57.19 -31.98 -84.12
CA GLY D 533 -56.07 -31.10 -83.84
C GLY D 533 -54.98 -31.24 -84.88
N VAL D 534 -54.19 -30.17 -85.04
CA VAL D 534 -53.11 -30.19 -86.01
C VAL D 534 -52.00 -31.12 -85.55
N GLU D 535 -51.81 -31.23 -84.25
CA GLU D 535 -50.87 -32.18 -83.67
C GLU D 535 -51.45 -32.68 -82.35
N THR D 536 -51.87 -33.94 -82.33
CA THR D 536 -52.35 -34.57 -81.11
C THR D 536 -51.65 -35.91 -80.92
N GLU D 537 -50.44 -35.87 -80.42
CA GLU D 537 -49.77 -37.04 -79.87
C GLU D 537 -50.20 -37.26 -78.43
N PRO D 538 -50.17 -36.23 -77.57
CA PRO D 538 -50.40 -36.49 -76.13
C PRO D 538 -51.84 -36.80 -75.77
N ALA D 539 -52.81 -36.06 -76.34
CA ALA D 539 -54.19 -36.20 -75.90
C ALA D 539 -54.66 -37.65 -75.97
N ILE D 540 -54.30 -38.35 -77.04
CA ILE D 540 -54.68 -39.75 -77.18
C ILE D 540 -54.15 -40.56 -76.00
N ASP D 541 -52.86 -40.41 -75.71
CA ASP D 541 -52.26 -41.15 -74.61
C ASP D 541 -52.83 -40.71 -73.27
N ILE D 542 -53.06 -39.41 -73.11
CA ILE D 542 -53.67 -38.92 -71.87
C ILE D 542 -54.97 -39.64 -71.59
N LEU D 543 -55.87 -39.67 -72.58
CA LEU D 543 -57.17 -40.28 -72.35
C LEU D 543 -57.04 -41.78 -72.18
N LYS D 544 -56.24 -42.43 -73.03
CA LYS D 544 -56.10 -43.87 -72.92
C LYS D 544 -55.51 -44.27 -71.58
N LEU D 545 -54.77 -43.38 -70.93
CA LEU D 545 -54.32 -43.64 -69.57
C LEU D 545 -55.39 -43.28 -68.55
N PHE D 546 -56.32 -42.39 -68.90
CA PHE D 546 -57.30 -41.96 -67.91
C PHE D 546 -58.42 -42.97 -67.68
N TYR D 547 -58.73 -43.84 -68.64
CA TYR D 547 -59.85 -44.77 -68.45
C TYR D 547 -59.45 -46.03 -67.69
N GLY D 548 -58.55 -46.83 -68.26
CA GLY D 548 -58.20 -48.10 -67.67
C GLY D 548 -59.09 -49.26 -68.03
N ASP D 549 -60.41 -49.06 -68.10
CA ASP D 549 -61.33 -50.05 -68.64
C ASP D 549 -61.74 -49.54 -70.02
N LYS D 550 -60.93 -49.88 -71.02
CA LYS D 550 -60.84 -49.08 -72.23
C LYS D 550 -62.17 -49.01 -72.96
N SER D 551 -62.59 -50.13 -73.54
CA SER D 551 -63.90 -50.27 -74.17
C SER D 551 -64.25 -49.06 -75.02
N LEU D 552 -63.26 -48.43 -75.63
CA LEU D 552 -63.43 -47.16 -76.33
C LEU D 552 -62.95 -47.27 -77.76
N TYR D 553 -63.01 -46.15 -78.46
CA TYR D 553 -62.38 -46.05 -79.78
C TYR D 553 -62.04 -44.58 -80.00
N ILE D 554 -60.77 -44.24 -79.80
CA ILE D 554 -60.29 -42.87 -79.92
C ILE D 554 -59.20 -42.83 -80.96
N GLN D 555 -59.28 -41.86 -81.87
CA GLN D 555 -58.21 -41.65 -82.84
C GLN D 555 -58.32 -40.24 -83.37
N GLY D 556 -57.17 -39.59 -83.58
CA GLY D 556 -57.15 -38.25 -84.08
C GLY D 556 -56.76 -38.19 -85.55
N PHE D 557 -57.25 -37.18 -86.23
CA PHE D 557 -57.01 -37.01 -87.66
C PHE D 557 -56.26 -35.71 -87.92
N GLY D 558 -55.66 -35.64 -89.10
CA GLY D 558 -54.97 -34.45 -89.55
C GLY D 558 -53.73 -34.13 -88.75
N ASP D 559 -52.83 -35.11 -88.60
CA ASP D 559 -51.59 -34.92 -87.88
C ASP D 559 -50.46 -35.22 -88.86
N ARG D 560 -50.03 -34.22 -89.61
CA ARG D 560 -48.93 -34.41 -90.53
C ARG D 560 -47.62 -34.68 -89.82
N GLY D 561 -47.56 -34.46 -88.50
CA GLY D 561 -46.36 -34.72 -87.75
C GLY D 561 -45.36 -33.59 -87.83
N ILE D 562 -45.84 -32.35 -87.72
CA ILE D 562 -44.98 -31.19 -87.67
C ILE D 562 -45.21 -30.48 -86.35
N GLY D 563 -44.15 -29.91 -85.80
CA GLY D 563 -44.22 -29.33 -84.48
C GLY D 563 -45.08 -28.08 -84.42
N ARG D 564 -44.62 -27.00 -85.01
CA ARG D 564 -45.41 -25.77 -85.09
C ARG D 564 -46.05 -25.65 -86.47
N ASP D 565 -46.91 -26.61 -86.79
CA ASP D 565 -47.50 -26.65 -88.12
C ASP D 565 -48.54 -25.55 -88.27
N LYS D 566 -48.32 -24.67 -89.24
CA LYS D 566 -49.32 -23.68 -89.58
C LYS D 566 -50.50 -24.36 -90.27
N PHE D 567 -51.63 -23.67 -90.27
CA PHE D 567 -52.82 -24.16 -90.95
C PHE D 567 -52.75 -23.76 -92.42
N ARG D 568 -52.75 -24.75 -93.31
CA ARG D 568 -52.73 -24.45 -94.74
C ARG D 568 -53.68 -25.38 -95.49
N THR D 569 -54.92 -24.94 -95.63
CA THR D 569 -55.94 -25.48 -96.52
C THR D 569 -56.49 -26.82 -96.05
N LYS D 570 -55.76 -27.53 -95.19
CA LYS D 570 -56.24 -28.55 -94.25
C LYS D 570 -57.35 -29.45 -94.77
N ILE D 571 -57.46 -29.68 -96.08
CA ILE D 571 -58.73 -30.17 -96.59
C ILE D 571 -58.82 -31.69 -96.60
N GLU D 572 -57.71 -32.40 -96.77
CA GLU D 572 -57.79 -33.84 -96.92
C GLU D 572 -58.06 -34.51 -95.58
N ASP D 573 -59.26 -34.30 -95.07
CA ASP D 573 -59.66 -34.82 -93.76
C ASP D 573 -61.05 -35.43 -93.71
N ALA D 574 -61.94 -35.09 -94.65
CA ALA D 574 -63.37 -35.35 -94.50
C ALA D 574 -63.80 -36.71 -95.07
N LEU D 575 -63.20 -37.14 -96.17
CA LEU D 575 -63.49 -38.47 -96.71
C LEU D 575 -62.90 -39.54 -95.80
N THR D 576 -62.38 -39.11 -94.65
CA THR D 576 -61.75 -39.98 -93.67
C THR D 576 -62.64 -40.29 -92.48
N LEU D 577 -63.79 -39.60 -92.34
CA LEU D 577 -64.65 -39.76 -91.18
C LEU D 577 -65.77 -40.76 -91.40
N ARG D 578 -65.58 -41.73 -92.28
CA ARG D 578 -66.64 -42.71 -92.51
C ARG D 578 -66.69 -43.66 -91.31
N ILE D 579 -67.02 -43.13 -90.15
CA ILE D 579 -67.07 -43.91 -88.92
C ILE D 579 -68.44 -43.81 -88.28
N GLY D 580 -69.02 -42.61 -88.26
CA GLY D 580 -70.24 -42.41 -87.50
C GLY D 580 -69.94 -42.48 -86.03
N CYS D 581 -69.24 -41.47 -85.52
CA CYS D 581 -68.64 -41.55 -84.20
C CYS D 581 -69.54 -40.88 -83.16
N ASP D 582 -69.00 -40.73 -81.96
CA ASP D 582 -69.53 -39.94 -80.86
C ASP D 582 -68.70 -38.64 -80.76
N ILE D 583 -68.77 -37.96 -79.61
CA ILE D 583 -68.33 -36.58 -79.42
C ILE D 583 -67.06 -36.24 -80.20
N LEU D 584 -67.10 -35.12 -80.94
CA LEU D 584 -66.03 -34.71 -81.81
C LEU D 584 -65.47 -33.37 -81.37
N ILE D 585 -64.15 -33.20 -81.45
CA ILE D 585 -63.49 -31.96 -81.08
C ILE D 585 -62.49 -31.58 -82.15
N SER D 586 -62.20 -30.29 -82.25
CA SER D 586 -61.32 -29.78 -83.30
C SER D 586 -60.60 -28.54 -82.80
N ASP D 587 -59.27 -28.56 -82.86
CA ASP D 587 -58.44 -27.44 -82.44
C ASP D 587 -57.54 -27.05 -83.61
N ILE D 588 -58.07 -26.22 -84.50
CA ILE D 588 -57.32 -25.70 -85.64
C ILE D 588 -57.37 -24.19 -85.56
N ASP D 589 -56.20 -23.54 -85.54
CA ASP D 589 -56.15 -22.10 -85.35
C ASP D 589 -56.92 -21.37 -86.46
N GLN D 590 -56.57 -21.63 -87.71
CA GLN D 590 -57.33 -21.09 -88.83
C GLN D 590 -57.27 -19.56 -88.82
N ALA D 591 -56.06 -19.03 -88.71
CA ALA D 591 -55.86 -17.58 -88.61
C ALA D 591 -54.68 -17.13 -89.45
N ASP D 592 -54.67 -17.54 -90.72
CA ASP D 592 -53.66 -17.05 -91.66
C ASP D 592 -53.73 -15.53 -91.78
N TYR D 593 -52.62 -14.86 -91.53
CA TYR D 593 -52.57 -13.40 -91.51
C TYR D 593 -51.58 -12.82 -92.52
N GLU D 594 -51.32 -13.52 -93.61
CA GLU D 594 -50.23 -13.19 -94.52
C GLU D 594 -50.81 -12.78 -95.88
N ASP D 595 -50.66 -11.51 -96.21
CA ASP D 595 -51.32 -10.90 -97.37
C ASP D 595 -52.82 -11.20 -97.32
N PRO D 596 -53.55 -10.55 -96.44
CA PRO D 596 -54.96 -10.88 -96.26
C PRO D 596 -55.84 -10.41 -97.41
N ASN D 597 -55.95 -11.22 -98.46
CA ASN D 597 -56.83 -10.84 -99.55
C ASN D 597 -58.19 -11.52 -99.43
N GLU D 598 -59.16 -10.96 -100.17
CA GLU D 598 -60.53 -11.43 -100.08
C GLU D 598 -60.66 -12.87 -100.54
N GLU D 599 -59.80 -13.31 -101.47
CA GLU D 599 -59.87 -14.70 -101.93
C GLU D 599 -59.59 -15.66 -100.78
N LYS D 600 -58.51 -15.41 -100.05
CA LYS D 600 -58.20 -16.26 -98.90
C LYS D 600 -59.28 -16.13 -97.84
N PHE D 601 -59.83 -14.93 -97.66
CA PHE D 601 -60.94 -14.79 -96.72
C PHE D 601 -62.12 -15.69 -97.10
N ASP D 602 -62.53 -15.64 -98.36
CA ASP D 602 -63.66 -16.44 -98.81
C ASP D 602 -63.37 -17.93 -98.64
N ASP D 603 -62.17 -18.37 -99.03
CA ASP D 603 -61.91 -19.80 -98.97
C ASP D 603 -61.81 -20.29 -97.53
N ILE D 604 -61.30 -19.46 -96.62
CA ILE D 604 -61.23 -19.88 -95.22
C ILE D 604 -62.64 -19.95 -94.63
N THR D 605 -63.53 -19.05 -95.05
CA THR D 605 -64.91 -19.14 -94.60
C THR D 605 -65.57 -20.41 -95.12
N ASP D 606 -65.36 -20.73 -96.40
CA ASP D 606 -65.86 -21.98 -96.94
C ASP D 606 -65.32 -23.17 -96.16
N PHE D 607 -64.05 -23.10 -95.76
CA PHE D 607 -63.44 -24.19 -95.00
C PHE D 607 -64.13 -24.39 -93.67
N VAL D 608 -64.32 -23.31 -92.91
CA VAL D 608 -64.90 -23.47 -91.58
C VAL D 608 -66.35 -23.94 -91.69
N CYS D 609 -67.07 -23.43 -92.69
CA CYS D 609 -68.43 -23.93 -92.91
C CYS D 609 -68.41 -25.41 -93.27
N TYR D 610 -67.37 -25.86 -93.97
CA TYR D 610 -67.24 -27.26 -94.29
C TYR D 610 -67.05 -28.10 -93.02
N VAL D 611 -66.18 -27.62 -92.13
CA VAL D 611 -65.94 -28.35 -90.88
C VAL D 611 -67.24 -28.45 -90.08
N THR D 612 -68.01 -27.37 -90.04
CA THR D 612 -69.28 -27.41 -89.32
C THR D 612 -70.25 -28.39 -89.95
N GLU D 613 -70.39 -28.36 -91.29
CA GLU D 613 -71.23 -29.34 -91.96
C GLU D 613 -70.82 -30.75 -91.55
N LEU D 614 -69.51 -31.01 -91.53
CA LEU D 614 -69.03 -32.35 -91.22
C LEU D 614 -69.39 -32.74 -89.80
N VAL D 615 -69.18 -31.85 -88.84
CA VAL D 615 -69.42 -32.24 -87.45
C VAL D 615 -70.91 -32.45 -87.20
N ILE D 616 -71.76 -31.66 -87.86
CA ILE D 616 -73.18 -31.79 -87.56
C ILE D 616 -73.78 -32.98 -88.27
N SER D 617 -73.27 -33.34 -89.45
CA SER D 617 -73.74 -34.57 -90.10
C SER D 617 -73.36 -35.78 -89.27
N ASN D 618 -72.24 -35.69 -88.56
CA ASN D 618 -71.74 -36.74 -87.69
C ASN D 618 -72.27 -36.51 -86.27
N ALA D 619 -71.57 -37.08 -85.29
CA ALA D 619 -72.01 -37.27 -83.91
C ALA D 619 -72.75 -36.11 -83.27
N THR D 620 -73.56 -36.44 -82.27
CA THR D 620 -74.54 -35.52 -81.68
C THR D 620 -73.91 -34.18 -81.31
N VAL D 621 -72.98 -34.19 -80.36
CA VAL D 621 -72.46 -32.96 -79.80
C VAL D 621 -70.96 -32.88 -80.08
N GLY D 622 -70.44 -31.67 -80.18
CA GLY D 622 -69.02 -31.50 -80.40
C GLY D 622 -68.64 -30.07 -80.73
N LEU D 623 -67.57 -29.58 -80.12
CA LEU D 623 -67.20 -28.18 -80.27
C LEU D 623 -66.44 -27.97 -81.57
N VAL D 624 -66.05 -26.72 -81.80
CA VAL D 624 -65.15 -26.37 -82.90
C VAL D 624 -64.53 -25.04 -82.55
N LYS D 625 -63.29 -24.83 -82.98
CA LYS D 625 -62.56 -23.61 -82.68
C LYS D 625 -62.85 -22.56 -83.74
N ILE D 626 -63.37 -21.41 -83.31
CA ILE D 626 -63.57 -20.27 -84.19
C ILE D 626 -62.60 -19.17 -83.78
N SER D 627 -61.96 -18.58 -84.79
CA SER D 627 -60.88 -17.64 -84.55
C SER D 627 -61.06 -16.34 -85.30
N MET D 628 -62.15 -16.17 -86.03
CA MET D 628 -62.29 -14.89 -86.70
C MET D 628 -62.70 -13.83 -85.66
N PRO D 629 -63.85 -13.96 -84.96
CA PRO D 629 -65.09 -14.73 -85.05
C PRO D 629 -66.32 -13.86 -85.36
N THR D 630 -66.21 -12.95 -86.32
CA THR D 630 -67.30 -12.02 -86.64
C THR D 630 -68.62 -12.77 -86.84
N TYR D 631 -69.73 -12.18 -86.40
CA TYR D 631 -71.02 -12.81 -86.58
C TYR D 631 -71.37 -13.05 -88.05
N TYR D 632 -70.70 -12.38 -88.97
CA TYR D 632 -70.91 -12.67 -90.38
C TYR D 632 -70.69 -14.15 -90.66
N ILE D 633 -69.60 -14.70 -90.14
CA ILE D 633 -69.37 -16.14 -90.22
C ILE D 633 -70.48 -16.89 -89.50
N MET D 634 -70.84 -16.41 -88.31
CA MET D 634 -71.89 -17.06 -87.55
C MET D 634 -73.24 -16.92 -88.22
N ASN D 635 -73.47 -15.78 -88.87
CA ASN D 635 -74.67 -15.62 -89.69
C ASN D 635 -74.70 -16.67 -90.79
N LYS D 636 -73.58 -16.83 -91.51
CA LYS D 636 -73.54 -17.83 -92.58
C LYS D 636 -73.80 -19.22 -92.03
N ILE D 637 -73.26 -19.51 -90.86
CA ILE D 637 -73.43 -20.81 -90.24
C ILE D 637 -74.90 -21.05 -89.94
N SER D 638 -75.52 -20.12 -89.21
CA SER D 638 -76.94 -20.26 -88.88
C SER D 638 -77.80 -20.31 -90.13
N SER D 639 -77.33 -19.72 -91.23
CA SER D 639 -78.05 -19.85 -92.49
C SER D 639 -77.96 -21.27 -93.02
N THR D 640 -76.75 -21.81 -93.06
CA THR D 640 -76.55 -23.17 -93.54
C THR D 640 -77.20 -24.22 -92.64
N LEU D 641 -77.53 -23.86 -91.41
CA LEU D 641 -78.46 -24.68 -90.64
C LEU D 641 -79.74 -24.90 -91.42
N ASN D 642 -80.36 -23.83 -91.89
CA ASN D 642 -81.50 -23.94 -92.77
C ASN D 642 -81.12 -24.70 -94.03
N ASN D 643 -82.11 -25.39 -94.60
CA ASN D 643 -82.04 -26.10 -95.88
C ASN D 643 -81.24 -27.39 -95.77
N LYS D 644 -80.60 -27.68 -94.64
CA LYS D 644 -79.74 -28.85 -94.58
C LYS D 644 -80.27 -29.93 -93.64
N PHE D 645 -80.41 -29.66 -92.34
CA PHE D 645 -80.77 -30.78 -91.46
C PHE D 645 -82.07 -30.64 -90.69
N SER D 646 -82.14 -29.66 -89.80
CA SER D 646 -83.10 -29.77 -88.71
C SER D 646 -83.19 -28.51 -87.86
N ASN D 647 -83.88 -28.64 -86.72
CA ASN D 647 -83.93 -27.57 -85.74
C ASN D 647 -82.68 -27.50 -84.89
N VAL D 648 -81.61 -28.21 -85.26
CA VAL D 648 -80.40 -28.23 -84.45
C VAL D 648 -79.87 -26.80 -84.31
N ALA D 649 -79.23 -26.53 -83.18
CA ALA D 649 -78.90 -25.17 -82.80
C ALA D 649 -77.41 -25.05 -82.52
N ILE D 650 -76.98 -23.80 -82.31
CA ILE D 650 -75.58 -23.46 -82.10
C ILE D 650 -75.45 -22.68 -80.82
N ASN D 651 -74.24 -22.68 -80.26
CA ASN D 651 -73.95 -21.93 -79.05
C ASN D 651 -72.53 -21.42 -79.10
N ILE D 652 -72.30 -20.28 -78.46
CA ILE D 652 -70.96 -19.74 -78.31
C ILE D 652 -70.47 -20.11 -76.93
N VAL D 653 -69.17 -20.37 -76.79
CA VAL D 653 -68.65 -20.81 -75.51
C VAL D 653 -67.21 -20.33 -75.33
N LYS D 654 -66.92 -19.86 -74.13
CA LYS D 654 -65.58 -19.55 -73.66
C LYS D 654 -65.19 -20.53 -72.57
N LEU D 655 -63.89 -20.81 -72.47
CA LEU D 655 -63.36 -21.78 -71.52
C LEU D 655 -62.46 -21.10 -70.51
N SER D 656 -62.43 -21.64 -69.29
CA SER D 656 -61.55 -21.10 -68.27
C SER D 656 -60.08 -21.35 -68.60
N THR D 657 -59.79 -22.45 -69.29
CA THR D 657 -58.43 -22.74 -69.71
C THR D 657 -57.94 -21.77 -70.77
N GLN D 658 -58.85 -21.18 -71.54
CA GLN D 658 -58.47 -20.29 -72.61
C GLN D 658 -57.64 -19.12 -72.10
N LYS D 659 -56.66 -18.71 -72.89
CA LYS D 659 -55.83 -17.58 -72.53
C LYS D 659 -56.69 -16.33 -72.46
N PRO D 660 -56.45 -15.45 -71.49
CA PRO D 660 -57.39 -14.35 -71.24
C PRO D 660 -57.67 -13.43 -72.41
N TYR D 661 -56.66 -12.80 -72.95
CA TYR D 661 -56.98 -11.69 -73.82
C TYR D 661 -57.28 -12.09 -75.23
N THR D 662 -57.53 -13.34 -75.58
CA THR D 662 -57.64 -13.67 -76.99
C THR D 662 -59.03 -13.33 -77.52
N TYR D 663 -59.10 -13.22 -78.85
CA TYR D 663 -60.37 -13.11 -79.55
C TYR D 663 -61.02 -14.47 -79.77
N GLU D 664 -60.36 -15.54 -79.37
CA GLU D 664 -60.79 -16.88 -79.74
C GLU D 664 -62.15 -17.19 -79.13
N ALA D 665 -62.82 -18.18 -79.72
CA ALA D 665 -64.06 -18.67 -79.15
C ALA D 665 -64.28 -20.10 -79.61
N TYR D 666 -65.22 -20.79 -78.98
CA TYR D 666 -65.61 -22.12 -79.41
C TYR D 666 -67.08 -22.10 -79.78
N ILE D 667 -67.44 -22.88 -80.78
CA ILE D 667 -68.81 -23.00 -81.23
C ILE D 667 -69.27 -24.42 -80.97
N MET D 668 -70.32 -24.56 -80.17
CA MET D 668 -70.85 -25.86 -79.78
C MET D 668 -72.11 -26.15 -80.58
N LEU D 669 -72.18 -27.36 -81.12
CA LEU D 669 -73.29 -27.80 -81.94
C LEU D 669 -73.96 -28.98 -81.27
N SER D 670 -75.29 -28.96 -81.22
CA SER D 670 -76.05 -30.06 -80.66
C SER D 670 -77.23 -30.35 -81.56
N HIS D 671 -77.69 -31.60 -81.54
CA HIS D 671 -78.78 -32.04 -82.38
C HIS D 671 -80.15 -31.77 -81.76
N GLY D 672 -80.19 -31.15 -80.60
CA GLY D 672 -81.45 -30.96 -79.89
C GLY D 672 -82.36 -29.91 -80.50
N SER D 673 -83.35 -29.47 -79.74
CA SER D 673 -84.35 -28.53 -80.21
C SER D 673 -83.83 -27.09 -80.12
N THR D 674 -84.59 -26.17 -80.71
CA THR D 674 -84.23 -24.77 -80.76
C THR D 674 -85.24 -23.93 -79.99
N LEU D 675 -84.76 -22.85 -79.40
CA LEU D 675 -85.62 -21.88 -78.72
C LEU D 675 -86.01 -20.75 -79.66
N THR D 676 -86.47 -21.11 -80.85
CA THR D 676 -87.08 -20.20 -81.81
C THR D 676 -86.32 -18.89 -82.00
N ASN D 677 -84.99 -18.93 -82.02
CA ASN D 677 -84.22 -17.72 -82.30
C ASN D 677 -83.43 -17.85 -83.61
N LYS D 678 -82.55 -18.83 -83.73
CA LYS D 678 -81.91 -19.22 -84.99
C LYS D 678 -81.05 -18.13 -85.63
N GLY D 679 -80.75 -17.04 -84.92
CA GLY D 679 -80.00 -15.96 -85.54
C GLY D 679 -79.22 -15.17 -84.51
N TYR D 680 -78.08 -14.64 -84.95
CA TYR D 680 -77.18 -13.88 -84.10
C TYR D 680 -77.03 -12.47 -84.64
N LEU D 681 -77.39 -11.48 -83.83
CA LEU D 681 -77.14 -10.09 -84.18
C LEU D 681 -76.29 -9.40 -83.13
N ARG D 682 -76.68 -9.53 -81.87
CA ARG D 682 -76.06 -8.83 -80.75
C ARG D 682 -75.54 -9.85 -79.76
N ASN D 683 -74.22 -9.87 -79.57
CA ASN D 683 -73.57 -10.80 -78.66
C ASN D 683 -72.27 -10.19 -78.21
N PRO D 684 -71.82 -10.46 -76.99
CA PRO D 684 -70.63 -9.78 -76.48
C PRO D 684 -69.36 -10.20 -77.18
N VAL D 685 -69.21 -11.49 -77.51
CA VAL D 685 -67.97 -11.98 -78.09
C VAL D 685 -67.69 -11.30 -79.42
N CYS D 686 -68.67 -11.34 -80.32
CA CYS D 686 -68.46 -10.76 -81.65
C CYS D 686 -68.20 -9.27 -81.57
N ASP D 687 -68.72 -8.61 -80.54
CA ASP D 687 -68.50 -7.18 -80.36
C ASP D 687 -67.09 -6.86 -79.89
N VAL D 688 -66.21 -7.86 -79.80
CA VAL D 688 -64.84 -7.65 -79.36
C VAL D 688 -63.89 -7.59 -80.55
N TYR D 689 -64.00 -8.57 -81.45
CA TYR D 689 -63.06 -8.63 -82.55
C TYR D 689 -63.24 -7.50 -83.54
N LEU D 690 -64.42 -6.89 -83.60
CA LEU D 690 -64.71 -5.88 -84.62
C LEU D 690 -64.31 -4.50 -84.12
N GLU D 691 -63.01 -4.34 -83.92
CA GLU D 691 -62.45 -3.07 -83.47
C GLU D 691 -61.10 -2.88 -84.11
N LYS D 692 -60.87 -1.71 -84.70
CA LYS D 692 -59.57 -1.37 -85.29
C LYS D 692 -58.81 -0.52 -84.29
N ILE D 693 -58.11 -1.17 -83.38
CA ILE D 693 -57.41 -0.51 -82.29
C ILE D 693 -55.94 -0.35 -82.65
N SER D 694 -55.32 0.68 -82.11
CA SER D 694 -53.88 0.91 -82.28
C SER D 694 -53.33 1.52 -81.00
N LEU D 695 -52.29 0.91 -80.44
CA LEU D 695 -51.83 1.29 -79.12
C LEU D 695 -50.33 1.05 -79.02
N GLN D 696 -49.79 1.32 -77.83
CA GLN D 696 -48.39 1.15 -77.50
C GLN D 696 -48.27 0.11 -76.40
N PRO D 697 -47.54 -0.97 -76.61
CA PRO D 697 -47.44 -2.03 -75.60
C PRO D 697 -46.47 -1.70 -74.47
N MET D 698 -46.70 -0.57 -73.80
CA MET D 698 -45.79 -0.09 -72.77
C MET D 698 -45.61 -1.14 -71.69
N ASP D 699 -44.46 -1.13 -71.03
CA ASP D 699 -44.14 -2.18 -70.07
C ASP D 699 -43.35 -1.59 -68.91
N LEU D 700 -43.04 -2.45 -67.95
CA LEU D 700 -42.48 -2.02 -66.68
C LEU D 700 -41.08 -1.45 -66.87
N LYS D 701 -40.65 -0.69 -65.86
CA LYS D 701 -39.27 -0.26 -65.74
C LYS D 701 -38.78 -0.62 -64.34
N ILE D 702 -37.51 -1.00 -64.25
CA ILE D 702 -36.95 -1.41 -62.97
C ILE D 702 -35.91 -0.39 -62.56
N ILE D 703 -36.17 0.86 -62.91
CA ILE D 703 -35.28 1.98 -62.64
C ILE D 703 -34.96 2.05 -61.15
N SER D 704 -33.78 2.58 -60.82
CA SER D 704 -33.39 2.75 -59.44
C SER D 704 -32.87 4.15 -59.15
N THR D 705 -33.44 5.18 -59.76
CA THR D 705 -33.02 6.57 -59.54
C THR D 705 -34.26 7.38 -59.16
N ILE D 706 -34.49 7.53 -57.86
CA ILE D 706 -35.63 8.30 -57.39
C ILE D 706 -35.45 9.78 -57.74
N SER D 707 -36.56 10.44 -58.03
CA SER D 707 -36.54 11.88 -58.28
C SER D 707 -37.76 12.50 -57.63
N ASN D 708 -37.57 13.72 -57.12
CA ASN D 708 -38.66 14.47 -56.50
C ASN D 708 -39.50 15.17 -57.57
N GLU D 709 -39.94 14.37 -58.53
CA GLU D 709 -40.71 14.87 -59.67
C GLU D 709 -42.01 14.09 -59.78
N ILE D 710 -43.09 14.80 -60.10
CA ILE D 710 -44.35 14.12 -60.37
C ILE D 710 -44.38 13.73 -61.83
N ASN D 711 -43.72 12.64 -62.17
CA ASN D 711 -43.85 12.03 -63.49
C ASN D 711 -45.00 11.03 -63.39
N TYR D 712 -46.03 11.23 -64.20
CA TYR D 712 -47.33 10.69 -63.84
C TYR D 712 -47.38 9.17 -63.94
N ASP D 713 -47.26 8.63 -65.15
CA ASP D 713 -47.46 7.19 -65.34
C ASP D 713 -46.48 6.66 -66.39
N LYS D 714 -45.48 5.92 -65.93
CA LYS D 714 -44.62 5.20 -66.86
C LYS D 714 -45.25 3.87 -67.26
N PRO D 715 -45.59 2.97 -66.32
CA PRO D 715 -45.37 2.87 -64.87
C PRO D 715 -44.06 2.16 -64.60
N THR D 716 -43.74 1.89 -63.34
CA THR D 716 -42.47 1.27 -63.03
C THR D 716 -42.52 0.70 -61.62
N LEU D 717 -41.40 0.12 -61.20
CA LEU D 717 -41.24 -0.34 -59.83
C LEU D 717 -39.84 0.03 -59.37
N TYR D 718 -39.75 0.66 -58.21
CA TYR D 718 -38.47 1.10 -57.69
C TYR D 718 -37.85 0.00 -56.83
N ARG D 719 -36.53 -0.02 -56.82
CA ARG D 719 -35.78 -1.10 -56.19
C ARG D 719 -34.32 -0.69 -56.02
N PHE D 720 -33.81 -0.69 -54.80
CA PHE D 720 -32.39 -0.40 -54.59
C PHE D 720 -31.99 -0.77 -53.17
N VAL D 721 -30.77 -0.40 -52.79
CA VAL D 721 -30.20 -0.67 -51.47
C VAL D 721 -29.42 0.53 -51.01
N VAL D 722 -29.45 0.78 -49.71
CA VAL D 722 -28.64 1.81 -49.06
C VAL D 722 -27.97 1.17 -47.86
N ASP D 723 -27.15 1.92 -47.13
CA ASP D 723 -26.40 1.37 -46.01
C ASP D 723 -26.91 1.95 -44.70
N LYS D 724 -26.39 1.40 -43.60
CA LYS D 724 -26.76 1.79 -42.25
C LYS D 724 -25.73 2.68 -41.56
N ASN D 725 -24.59 2.95 -42.21
CA ASN D 725 -23.50 3.61 -41.52
C ASN D 725 -23.92 4.97 -40.98
N ASP D 726 -24.52 5.80 -41.83
CA ASP D 726 -25.05 7.08 -41.40
C ASP D 726 -26.53 7.14 -41.77
N VAL D 727 -27.33 7.77 -40.91
CA VAL D 727 -28.75 7.81 -41.19
C VAL D 727 -29.19 9.26 -41.38
N THR D 728 -29.00 9.77 -42.59
CA THR D 728 -29.64 10.97 -43.07
C THR D 728 -30.05 10.83 -44.52
N ASP D 729 -29.54 9.82 -45.21
CA ASP D 729 -29.91 9.54 -46.59
C ASP D 729 -30.98 8.47 -46.66
N VAL D 730 -30.97 7.51 -45.74
CA VAL D 730 -31.99 6.47 -45.76
C VAL D 730 -33.36 7.06 -45.44
N SER D 731 -33.42 8.00 -44.51
CA SER D 731 -34.69 8.63 -44.16
C SER D 731 -35.28 9.36 -45.37
N ILE D 732 -34.50 10.24 -45.97
CA ILE D 732 -34.99 11.00 -47.11
C ILE D 732 -35.29 10.07 -48.28
N ALA D 733 -34.50 9.01 -48.43
CA ALA D 733 -34.77 8.06 -49.51
C ALA D 733 -36.12 7.40 -49.31
N MET D 734 -36.40 6.95 -48.10
CA MET D 734 -37.67 6.28 -47.86
C MET D 734 -38.84 7.24 -48.03
N HIS D 735 -38.67 8.50 -47.63
CA HIS D 735 -39.75 9.46 -47.84
C HIS D 735 -40.01 9.76 -49.32
N ILE D 736 -38.98 10.23 -50.03
CA ILE D 736 -39.14 10.49 -51.46
C ILE D 736 -39.52 9.24 -52.23
N LEU D 737 -39.35 8.06 -51.64
CA LEU D 737 -39.96 6.87 -52.21
C LEU D 737 -41.45 6.79 -51.84
N SER D 738 -41.80 7.25 -50.65
CA SER D 738 -43.19 7.19 -50.22
C SER D 738 -44.07 8.13 -51.01
N ILE D 739 -43.49 9.13 -51.67
CA ILE D 739 -44.34 10.00 -52.48
C ILE D 739 -44.70 9.31 -53.79
N HIS D 740 -44.27 8.06 -53.95
CA HIS D 740 -44.48 7.40 -55.24
C HIS D 740 -45.04 6.00 -55.09
N CYS D 741 -44.94 5.42 -53.91
CA CYS D 741 -45.25 4.01 -53.71
C CYS D 741 -46.05 3.86 -52.44
N SER D 742 -47.25 3.27 -52.54
CA SER D 742 -48.09 3.12 -51.36
C SER D 742 -47.52 2.09 -50.39
N THR D 743 -46.80 1.10 -50.91
CA THR D 743 -46.23 0.06 -50.07
C THR D 743 -44.73 0.01 -50.26
N ILE D 744 -44.01 -0.21 -49.17
CA ILE D 744 -42.57 -0.36 -49.19
C ILE D 744 -42.22 -1.69 -48.54
N THR D 745 -41.15 -2.31 -49.03
CA THR D 745 -40.71 -3.60 -48.52
C THR D 745 -39.22 -3.52 -48.29
N THR D 746 -38.78 -3.71 -47.05
CA THR D 746 -37.38 -3.58 -46.70
C THR D 746 -36.83 -4.90 -46.16
N ARG D 747 -35.58 -5.18 -46.48
CA ARG D 747 -34.87 -6.35 -45.97
C ARG D 747 -33.44 -5.93 -45.64
N SER D 748 -32.95 -6.40 -44.50
CA SER D 748 -31.62 -6.04 -44.03
C SER D 748 -30.76 -7.28 -43.85
N VAL D 749 -29.45 -7.13 -44.06
CA VAL D 749 -28.50 -8.21 -43.87
C VAL D 749 -27.28 -7.66 -43.13
N MET D 750 -26.41 -8.57 -42.71
CA MET D 750 -25.18 -8.21 -42.02
C MET D 750 -24.13 -9.25 -42.38
N VAL D 751 -23.10 -8.82 -43.11
CA VAL D 751 -22.02 -9.70 -43.51
C VAL D 751 -20.76 -9.24 -42.78
N ARG D 752 -20.57 -7.93 -42.73
CA ARG D 752 -19.43 -7.36 -42.03
C ARG D 752 -19.70 -7.44 -40.53
N SER D 753 -18.93 -8.28 -39.85
CA SER D 753 -19.09 -8.50 -38.41
C SER D 753 -19.15 -7.20 -37.62
N ASP D 754 -20.10 -6.33 -37.95
CA ASP D 754 -20.24 -5.07 -37.22
C ASP D 754 -21.11 -4.22 -38.11
N ASN D 755 -21.11 -2.91 -37.92
CA ASN D 755 -22.02 -2.09 -38.71
C ASN D 755 -21.59 -1.93 -40.16
N THR D 756 -20.33 -2.22 -40.51
CA THR D 756 -19.92 -2.07 -41.90
C THR D 756 -20.57 -3.15 -42.76
N GLY D 757 -20.74 -2.85 -44.04
CA GLY D 757 -21.44 -3.76 -44.92
C GLY D 757 -22.87 -3.97 -44.48
N ALA D 758 -23.69 -2.94 -44.60
CA ALA D 758 -25.02 -2.94 -44.03
C ALA D 758 -26.06 -3.52 -44.99
N PHE D 759 -26.18 -2.94 -46.18
CA PHE D 759 -26.98 -3.53 -47.24
C PHE D 759 -28.45 -3.66 -46.85
N VAL D 760 -29.14 -2.55 -46.66
CA VAL D 760 -30.58 -2.52 -46.44
C VAL D 760 -31.27 -2.30 -47.77
N THR D 761 -32.37 -3.02 -47.99
CA THR D 761 -33.06 -3.04 -49.27
C THR D 761 -34.35 -2.24 -49.22
N MET D 762 -34.80 -1.78 -50.39
CA MET D 762 -36.08 -1.12 -50.55
C MET D 762 -36.64 -1.49 -51.91
N SER D 763 -37.94 -1.78 -51.94
CA SER D 763 -38.58 -2.21 -53.18
C SER D 763 -40.07 -1.93 -53.10
N GLY D 764 -40.62 -1.34 -54.17
CA GLY D 764 -42.03 -1.04 -54.22
C GLY D 764 -42.47 -0.81 -55.65
N ILE D 765 -43.78 -0.71 -55.84
CA ILE D 765 -44.38 -0.49 -57.16
C ILE D 765 -45.15 0.81 -57.13
N LYS D 766 -44.96 1.63 -58.15
CA LYS D 766 -45.54 2.96 -58.20
C LYS D 766 -47.02 2.87 -58.57
N ASP D 767 -47.88 3.38 -57.70
CA ASP D 767 -49.32 3.33 -57.90
C ASP D 767 -49.84 4.71 -58.28
N MET D 768 -50.79 4.73 -59.22
CA MET D 768 -51.36 6.00 -59.67
C MET D 768 -52.08 6.72 -58.54
N LYS D 769 -52.67 5.95 -57.61
CA LYS D 769 -53.52 6.55 -56.60
C LYS D 769 -52.75 7.52 -55.71
N ARG D 770 -51.58 7.10 -55.23
CA ARG D 770 -50.81 7.98 -54.36
C ARG D 770 -50.34 9.21 -55.11
N VAL D 771 -49.97 9.07 -56.38
CA VAL D 771 -49.61 10.24 -57.18
C VAL D 771 -50.78 11.21 -57.22
N ALA D 772 -51.98 10.70 -57.50
CA ALA D 772 -53.15 11.56 -57.57
C ALA D 772 -53.41 12.25 -56.24
N ILE D 773 -53.26 11.52 -55.13
CA ILE D 773 -53.64 12.08 -53.85
C ILE D 773 -52.59 13.08 -53.37
N MET D 774 -51.34 12.94 -53.81
CA MET D 774 -50.31 13.89 -53.41
C MET D 774 -50.00 14.91 -54.49
N ASN D 775 -50.76 14.94 -55.58
CA ASN D 775 -50.65 16.03 -56.52
C ASN D 775 -50.99 17.36 -55.87
N ARG D 776 -51.94 17.36 -54.93
CA ARG D 776 -52.41 18.61 -54.34
C ARG D 776 -51.48 19.12 -53.24
N MET D 777 -51.42 18.39 -52.12
CA MET D 777 -50.56 18.73 -50.98
C MET D 777 -50.44 20.23 -50.77
N THR D 778 -51.60 20.90 -50.71
CA THR D 778 -51.59 22.37 -50.72
C THR D 778 -51.16 22.95 -49.38
N ASP D 779 -51.99 22.82 -48.35
CA ASP D 779 -51.75 23.41 -47.04
C ASP D 779 -51.12 24.80 -47.16
N GLY D 780 -51.69 25.65 -48.00
CA GLY D 780 -51.11 26.96 -48.24
C GLY D 780 -52.14 27.93 -48.74
N THR D 781 -51.82 29.21 -48.63
CA THR D 781 -52.69 30.29 -49.10
C THR D 781 -52.31 30.70 -50.53
N SER D 782 -52.45 29.74 -51.44
CA SER D 782 -52.11 29.94 -52.84
C SER D 782 -50.66 30.40 -52.99
N ALA D 783 -49.77 29.76 -52.25
CA ALA D 783 -48.34 30.03 -52.33
C ALA D 783 -47.58 28.72 -52.46
N ASN D 784 -46.32 28.84 -52.90
CA ASN D 784 -45.48 27.69 -53.17
C ASN D 784 -44.77 27.19 -51.91
N SER D 785 -45.54 26.94 -50.86
CA SER D 785 -44.98 26.34 -49.65
C SER D 785 -44.73 24.85 -49.91
N TYR D 786 -45.33 24.33 -50.99
CA TYR D 786 -45.14 22.94 -51.38
C TYR D 786 -45.02 22.83 -52.89
N MET D 787 -44.54 23.88 -53.55
CA MET D 787 -44.65 24.06 -54.99
C MET D 787 -43.46 24.87 -55.49
N HIS D 788 -43.67 25.64 -56.57
CA HIS D 788 -42.68 26.37 -57.38
C HIS D 788 -41.98 25.36 -58.29
N GLU D 789 -42.80 24.50 -58.87
CA GLU D 789 -42.40 23.67 -60.00
C GLU D 789 -41.69 24.52 -61.05
N GLN D 790 -40.71 23.91 -61.71
CA GLN D 790 -39.97 24.60 -62.77
C GLN D 790 -40.77 24.54 -64.07
N ASN D 791 -40.13 24.85 -65.17
CA ASN D 791 -40.79 24.91 -66.46
C ASN D 791 -41.38 23.56 -66.85
N GLY D 792 -42.71 23.46 -66.89
CA GLY D 792 -43.37 22.34 -67.51
C GLY D 792 -43.72 21.22 -66.56
N LYS D 793 -42.79 20.87 -65.68
CA LYS D 793 -42.98 19.77 -64.75
C LYS D 793 -43.40 20.31 -63.39
N LEU D 794 -43.66 19.39 -62.47
CA LEU D 794 -44.12 19.75 -61.13
C LEU D 794 -43.24 19.05 -60.09
N TYR D 795 -42.68 19.84 -59.18
CA TYR D 795 -41.80 19.31 -58.15
C TYR D 795 -42.27 19.76 -56.78
N LEU D 796 -41.98 18.92 -55.80
CA LEU D 796 -42.56 19.01 -54.46
C LEU D 796 -41.49 19.45 -53.46
N GLN D 797 -41.94 19.99 -52.33
CA GLN D 797 -41.03 20.49 -51.32
C GLN D 797 -41.10 19.73 -50.00
N LYS D 798 -42.29 19.56 -49.43
CA LYS D 798 -42.41 18.96 -48.11
C LYS D 798 -43.33 17.77 -48.17
N VAL D 799 -42.99 16.74 -47.40
CA VAL D 799 -43.62 15.44 -47.51
C VAL D 799 -44.33 15.08 -46.22
N PRO D 800 -45.51 14.45 -46.27
CA PRO D 800 -46.14 13.95 -45.05
C PRO D 800 -45.19 13.09 -44.24
N TYR D 801 -44.93 13.50 -43.01
CA TYR D 801 -43.96 12.82 -42.16
C TYR D 801 -44.34 11.35 -41.97
N LEU D 802 -43.33 10.47 -42.05
CA LEU D 802 -43.53 9.06 -41.82
C LEU D 802 -43.34 8.77 -40.34
N GLU D 803 -44.30 8.05 -39.76
CA GLU D 803 -44.42 8.01 -38.30
C GLU D 803 -43.22 7.31 -37.66
N ASP D 804 -43.04 6.02 -37.94
CA ASP D 804 -42.05 5.22 -37.24
C ASP D 804 -40.93 4.86 -38.19
N LEU D 805 -39.97 5.77 -38.33
CA LEU D 805 -38.78 5.50 -39.13
C LEU D 805 -37.51 5.57 -38.32
N ILE D 806 -37.30 6.67 -37.60
CA ILE D 806 -36.04 6.86 -36.88
C ILE D 806 -35.84 5.75 -35.87
N SER D 807 -36.91 5.32 -35.21
CA SER D 807 -36.81 4.32 -34.16
C SER D 807 -36.98 2.91 -34.70
N ALA D 808 -36.24 2.57 -35.74
CA ALA D 808 -36.26 1.20 -36.24
C ALA D 808 -34.89 0.72 -36.73
N PHE D 809 -33.81 1.40 -36.37
CA PHE D 809 -32.54 1.07 -37.00
C PHE D 809 -31.82 -0.14 -36.41
N PRO D 810 -31.76 -0.31 -35.08
CA PRO D 810 -31.15 -1.51 -34.54
C PRO D 810 -31.80 -2.77 -35.10
N ASN D 811 -33.11 -2.84 -35.01
CA ASN D 811 -33.86 -3.94 -35.57
C ASN D 811 -35.15 -3.43 -36.18
N GLY D 812 -35.81 -4.29 -36.94
CA GLY D 812 -36.98 -3.85 -37.65
C GLY D 812 -36.67 -3.58 -39.11
N PHE D 813 -35.97 -4.50 -39.75
CA PHE D 813 -35.86 -4.40 -41.20
C PHE D 813 -35.90 -5.76 -41.90
N GLY D 814 -36.35 -6.82 -41.25
CA GLY D 814 -36.47 -8.11 -41.91
C GLY D 814 -35.14 -8.76 -42.27
N SER D 815 -35.17 -10.04 -42.61
CA SER D 815 -33.90 -10.75 -42.78
C SER D 815 -33.86 -11.72 -43.97
N THR D 816 -34.69 -11.54 -44.99
CA THR D 816 -34.52 -12.23 -46.27
C THR D 816 -34.57 -13.76 -46.11
N TYR D 817 -35.75 -14.25 -45.79
CA TYR D 817 -35.95 -15.68 -45.66
C TYR D 817 -35.87 -16.34 -47.03
N GLN D 818 -36.20 -17.63 -47.08
CA GLN D 818 -35.79 -18.56 -48.13
C GLN D 818 -35.78 -18.02 -49.56
N ASN D 819 -36.93 -17.60 -50.06
CA ASN D 819 -37.03 -17.21 -51.47
C ASN D 819 -37.23 -15.73 -51.68
N ASP D 820 -38.23 -15.13 -51.03
CA ASP D 820 -38.54 -13.72 -51.22
C ASP D 820 -38.72 -13.42 -52.70
N TYR D 821 -39.78 -14.02 -53.23
CA TYR D 821 -39.95 -14.14 -54.68
C TYR D 821 -40.57 -12.88 -55.25
N ASP D 822 -40.33 -11.75 -54.59
CA ASP D 822 -40.89 -10.45 -54.93
C ASP D 822 -41.03 -10.27 -56.44
N SER D 823 -42.23 -9.95 -56.89
CA SER D 823 -42.58 -10.03 -58.30
C SER D 823 -42.45 -8.68 -58.99
N SER D 824 -42.62 -8.71 -60.31
CA SER D 824 -42.66 -7.49 -61.11
C SER D 824 -44.03 -7.29 -61.72
N MET D 825 -44.53 -8.23 -62.50
CA MET D 825 -45.86 -8.10 -63.09
C MET D 825 -46.90 -8.60 -62.11
N SER D 826 -47.91 -7.77 -61.84
CA SER D 826 -48.89 -8.03 -60.80
C SER D 826 -50.19 -8.55 -61.39
N VAL D 827 -50.96 -9.27 -60.60
CA VAL D 827 -52.26 -9.77 -61.01
C VAL D 827 -53.34 -8.88 -60.42
N ILE D 828 -54.43 -8.74 -61.16
CA ILE D 828 -55.59 -7.96 -60.72
C ILE D 828 -56.84 -8.69 -61.16
N ASN D 829 -57.86 -8.65 -60.32
CA ASN D 829 -59.12 -9.31 -60.63
C ASN D 829 -59.86 -8.53 -61.71
N VAL D 830 -60.86 -9.18 -62.32
CA VAL D 830 -61.62 -8.53 -63.38
C VAL D 830 -62.43 -7.36 -62.82
N ASN D 831 -62.93 -7.49 -61.59
CA ASN D 831 -63.72 -6.43 -60.99
C ASN D 831 -62.90 -5.16 -60.85
N ALA D 832 -61.72 -5.26 -60.21
CA ALA D 832 -60.85 -4.11 -60.06
C ALA D 832 -60.47 -3.55 -61.42
N LEU D 833 -60.31 -4.42 -62.41
CA LEU D 833 -59.97 -3.94 -63.75
C LEU D 833 -61.09 -3.06 -64.31
N ILE D 834 -62.34 -3.48 -64.14
CA ILE D 834 -63.43 -2.66 -64.64
C ILE D 834 -63.53 -1.36 -63.87
N ARG D 835 -63.31 -1.40 -62.56
CA ARG D 835 -63.28 -0.18 -61.78
C ARG D 835 -62.22 0.77 -62.32
N GLN D 836 -61.09 0.21 -62.75
CA GLN D 836 -60.06 1.06 -63.34
C GLN D 836 -60.50 1.63 -64.68
N VAL D 837 -61.23 0.84 -65.48
CA VAL D 837 -61.65 1.36 -66.77
C VAL D 837 -62.68 2.48 -66.61
N VAL D 838 -63.43 2.46 -65.50
CA VAL D 838 -64.38 3.55 -65.30
C VAL D 838 -63.69 4.78 -64.72
N TYR D 839 -62.82 4.59 -63.71
CA TYR D 839 -62.00 5.70 -63.24
C TYR D 839 -61.14 6.27 -64.36
N ARG D 840 -60.94 5.48 -65.40
CA ARG D 840 -60.59 5.87 -66.74
C ARG D 840 -61.85 6.54 -67.27
N VAL D 841 -62.29 6.16 -68.46
CA VAL D 841 -63.09 6.98 -69.37
C VAL D 841 -64.02 7.98 -68.68
N ILE D 842 -64.51 7.68 -67.47
CA ILE D 842 -65.13 8.71 -66.65
C ILE D 842 -64.27 9.96 -66.67
N SER D 843 -62.97 9.79 -66.40
CA SER D 843 -62.06 10.92 -66.39
C SER D 843 -61.86 11.53 -67.77
N LYS D 844 -62.30 10.86 -68.83
CA LYS D 844 -62.10 11.38 -70.17
C LYS D 844 -63.34 12.01 -70.78
N SER D 845 -64.52 11.68 -70.29
CA SER D 845 -65.74 12.27 -70.81
C SER D 845 -66.07 13.60 -70.16
N ILE D 846 -65.18 14.15 -69.34
CA ILE D 846 -65.38 15.46 -68.75
C ILE D 846 -65.35 16.49 -69.88
N PRO D 847 -66.41 17.26 -70.07
CA PRO D 847 -66.48 18.12 -71.26
C PRO D 847 -65.46 19.26 -71.20
N VAL D 848 -64.94 19.60 -72.38
CA VAL D 848 -64.08 20.77 -72.55
C VAL D 848 -64.87 22.00 -72.11
N ALA D 849 -64.17 22.99 -71.55
CA ALA D 849 -64.71 24.22 -70.98
C ALA D 849 -65.48 23.97 -69.69
N LEU D 850 -65.60 22.71 -69.25
CA LEU D 850 -66.10 22.39 -67.92
C LEU D 850 -64.95 22.05 -66.97
N LEU D 851 -63.72 22.32 -67.37
CA LEU D 851 -62.56 22.04 -66.53
C LEU D 851 -62.28 23.17 -65.57
N GLU D 852 -62.60 24.40 -65.93
CA GLU D 852 -62.58 25.50 -64.99
C GLU D 852 -63.84 25.57 -64.16
N SER D 853 -64.65 24.51 -64.23
CA SER D 853 -65.92 24.45 -63.52
C SER D 853 -65.68 24.04 -62.07
N LEU D 854 -65.43 25.03 -61.24
CA LEU D 854 -65.39 24.84 -59.79
C LEU D 854 -66.80 24.42 -59.32
N SER D 855 -66.96 24.14 -58.02
CA SER D 855 -65.90 23.84 -57.07
C SER D 855 -66.09 22.50 -56.41
N ARG D 856 -67.29 22.33 -55.84
CA ARG D 856 -67.56 21.25 -54.90
C ARG D 856 -67.53 19.90 -55.60
N ILE D 857 -66.52 19.09 -55.29
CA ILE D 857 -66.58 17.68 -55.60
C ILE D 857 -67.27 16.97 -54.44
N ARG D 858 -68.39 16.32 -54.72
CA ARG D 858 -69.12 15.53 -53.73
C ARG D 858 -69.08 14.10 -54.19
N ILE D 859 -68.54 13.21 -53.36
CA ILE D 859 -68.35 11.82 -53.75
C ILE D 859 -69.04 10.90 -52.77
N ILE D 860 -69.87 10.01 -53.31
CA ILE D 860 -70.45 8.91 -52.56
C ILE D 860 -69.86 7.62 -53.12
N GLY D 861 -69.81 6.60 -52.28
CA GLY D 861 -69.13 5.37 -52.66
C GLY D 861 -67.65 5.45 -52.43
N GLY D 862 -67.25 5.70 -51.19
CA GLY D 862 -65.87 5.97 -50.85
C GLY D 862 -65.11 4.73 -50.45
N ARG D 863 -64.86 4.54 -49.15
CA ARG D 863 -64.29 3.30 -48.64
C ARG D 863 -62.95 3.01 -49.31
N ASP D 864 -61.96 3.83 -48.91
CA ASP D 864 -60.58 4.00 -49.41
C ASP D 864 -60.49 4.97 -50.57
N LEU D 865 -61.58 5.68 -50.86
CA LEU D 865 -61.59 6.80 -51.80
C LEU D 865 -60.81 6.50 -53.08
N GLY D 866 -60.87 5.25 -53.54
CA GLY D 866 -60.13 4.83 -54.71
C GLY D 866 -60.50 5.52 -56.00
N GLU D 867 -61.58 6.31 -56.02
CA GLU D 867 -61.96 7.02 -57.23
C GLU D 867 -61.02 8.16 -57.57
N MET D 868 -60.11 8.51 -56.66
CA MET D 868 -59.25 9.65 -56.88
C MET D 868 -58.46 9.54 -58.18
N ASN D 869 -58.29 8.33 -58.69
CA ASN D 869 -57.56 8.13 -59.93
C ASN D 869 -58.39 8.60 -61.12
N ALA D 870 -59.64 9.01 -60.88
CA ALA D 870 -60.53 9.45 -61.93
C ALA D 870 -60.58 10.97 -62.05
N VAL D 871 -59.76 11.67 -61.29
CA VAL D 871 -59.79 13.14 -61.26
C VAL D 871 -58.36 13.66 -61.25
N TYR D 872 -58.06 14.59 -62.15
CA TYR D 872 -56.77 15.26 -62.22
C TYR D 872 -56.93 16.74 -61.90
N LYS D 873 -58.10 17.13 -61.41
CA LYS D 873 -58.37 18.51 -61.07
C LYS D 873 -58.04 18.84 -59.62
N LEU D 874 -57.21 18.03 -58.96
CA LEU D 874 -56.92 18.24 -57.55
C LEU D 874 -55.93 19.37 -57.45
N TYR D 875 -56.26 20.52 -58.02
CA TYR D 875 -55.37 21.66 -58.04
C TYR D 875 -55.92 22.77 -57.16
N LYS D 876 -57.15 23.17 -57.43
CA LYS D 876 -57.87 24.14 -56.58
C LYS D 876 -59.31 23.68 -56.39
N THR D 877 -59.50 22.43 -55.99
CA THR D 877 -60.86 21.91 -55.83
C THR D 877 -60.97 21.05 -54.58
N PRO D 878 -61.68 21.51 -53.56
CA PRO D 878 -61.89 20.69 -52.36
C PRO D 878 -62.90 19.58 -52.62
N ILE D 879 -62.82 18.56 -51.79
CA ILE D 879 -63.62 17.34 -51.96
C ILE D 879 -64.29 17.00 -50.63
N GLU D 880 -65.57 16.63 -50.69
CA GLU D 880 -66.28 16.08 -49.55
C GLU D 880 -66.81 14.70 -49.89
N VAL D 881 -66.71 13.78 -48.94
CA VAL D 881 -67.05 12.38 -49.13
C VAL D 881 -68.18 12.04 -48.18
N TYR D 882 -69.26 11.51 -48.72
CA TYR D 882 -70.37 10.99 -47.92
C TYR D 882 -70.45 9.49 -48.22
N ASP D 883 -70.23 8.68 -47.19
CA ASP D 883 -70.20 7.24 -47.42
C ASP D 883 -70.54 6.50 -46.13
N ALA D 884 -70.30 5.19 -46.14
CA ALA D 884 -70.72 4.27 -45.10
C ALA D 884 -69.74 4.30 -43.93
N VAL D 885 -69.83 3.28 -43.09
CA VAL D 885 -69.04 3.17 -41.86
C VAL D 885 -67.58 3.50 -42.13
N GLY D 886 -66.97 4.19 -41.18
CA GLY D 886 -65.62 4.71 -41.30
C GLY D 886 -65.50 6.00 -40.53
N ILE D 887 -64.47 6.13 -39.71
CA ILE D 887 -64.34 7.29 -38.84
C ILE D 887 -64.30 8.56 -39.68
N THR D 888 -65.23 9.47 -39.38
CA THR D 888 -65.28 10.75 -40.08
C THR D 888 -64.18 11.67 -39.56
N ARG D 889 -63.51 12.37 -40.48
CA ARG D 889 -62.42 13.25 -40.13
C ARG D 889 -62.36 14.39 -41.13
N GLU D 890 -61.40 15.29 -40.92
CA GLU D 890 -61.11 16.39 -41.84
C GLU D 890 -59.61 16.46 -42.06
N TYR D 891 -59.21 16.46 -43.33
CA TYR D 891 -57.80 16.46 -43.69
C TYR D 891 -57.40 17.86 -44.12
N PRO D 892 -56.74 18.64 -43.27
CA PRO D 892 -56.56 20.07 -43.57
C PRO D 892 -55.58 20.34 -44.68
N HIS D 893 -54.59 19.48 -44.91
CA HIS D 893 -53.51 19.77 -45.83
C HIS D 893 -53.78 19.28 -47.25
N VAL D 894 -54.93 18.66 -47.50
CA VAL D 894 -55.24 18.17 -48.83
C VAL D 894 -56.67 18.53 -49.24
N GLN D 895 -57.35 19.31 -48.41
CA GLN D 895 -58.69 19.81 -48.74
C GLN D 895 -59.69 18.66 -48.93
N ILE D 896 -59.51 17.60 -48.14
CA ILE D 896 -60.36 16.42 -48.23
C ILE D 896 -61.14 16.28 -46.93
N SER D 897 -62.46 16.23 -47.04
CA SER D 897 -63.33 16.07 -45.88
C SER D 897 -64.05 14.74 -45.99
N TYR D 898 -63.97 13.93 -44.93
CA TYR D 898 -64.58 12.62 -44.90
C TYR D 898 -65.76 12.65 -43.93
N ARG D 899 -66.93 12.28 -44.43
CA ARG D 899 -68.17 12.33 -43.64
C ARG D 899 -68.90 11.02 -43.83
N ALA D 900 -69.26 10.38 -42.73
CA ALA D 900 -69.89 9.06 -42.75
C ALA D 900 -71.37 9.19 -42.47
N GLN D 901 -72.18 8.91 -43.49
CA GLN D 901 -73.63 8.91 -43.37
C GLN D 901 -74.24 8.32 -44.65
N ARG D 902 -75.51 7.92 -44.59
CA ARG D 902 -76.11 7.24 -45.73
C ARG D 902 -76.26 8.15 -46.94
N TYR D 903 -76.50 9.45 -46.71
CA TYR D 903 -76.63 10.53 -47.68
C TYR D 903 -77.97 10.50 -48.41
N SER D 904 -78.75 9.42 -48.31
CA SER D 904 -80.17 9.40 -48.68
C SER D 904 -80.46 9.77 -50.13
N PHE D 905 -79.42 10.07 -50.92
CA PHE D 905 -79.52 10.34 -52.35
C PHE D 905 -80.36 11.59 -52.63
N THR D 906 -80.92 12.22 -51.61
CA THR D 906 -81.91 13.29 -51.79
C THR D 906 -81.51 14.47 -50.92
N GLU D 907 -80.69 15.35 -51.48
CA GLU D 907 -80.31 16.59 -50.80
C GLU D 907 -80.16 17.69 -51.84
N SER D 908 -79.81 18.88 -51.36
CA SER D 908 -79.57 19.98 -52.28
C SER D 908 -78.32 19.72 -53.12
N ILE D 909 -78.27 20.35 -54.28
CA ILE D 909 -77.10 20.28 -55.15
C ILE D 909 -76.72 21.71 -55.52
N PRO D 910 -75.72 22.29 -54.84
CA PRO D 910 -75.38 23.69 -55.10
C PRO D 910 -74.87 23.89 -56.51
N ASN D 911 -74.85 25.15 -56.94
CA ASN D 911 -74.38 25.47 -58.27
C ASN D 911 -72.88 25.20 -58.38
N HIS D 912 -72.46 24.81 -59.58
CA HIS D 912 -71.06 24.58 -59.89
C HIS D 912 -70.47 23.51 -58.97
N THR D 913 -70.99 22.29 -59.12
CA THR D 913 -70.46 21.15 -58.39
C THR D 913 -70.35 19.93 -59.28
N LEU D 914 -70.10 18.77 -58.68
CA LEU D 914 -69.93 17.53 -59.42
C LEU D 914 -70.20 16.36 -58.49
N LEU D 915 -70.91 15.36 -58.99
CA LEU D 915 -71.38 14.24 -58.17
C LEU D 915 -71.05 12.92 -58.86
N LEU D 916 -70.13 12.16 -58.28
CA LEU D 916 -69.76 10.86 -58.80
C LEU D 916 -70.36 9.76 -57.93
N ALA D 917 -70.72 8.65 -58.58
CA ALA D 917 -71.38 7.56 -57.86
C ALA D 917 -71.20 6.27 -58.65
N ASN D 918 -70.59 5.27 -58.02
CA ASN D 918 -70.34 3.97 -58.63
C ASN D 918 -70.93 2.89 -57.74
N TYR D 919 -71.84 2.10 -58.32
CA TYR D 919 -72.48 0.99 -57.61
C TYR D 919 -73.24 1.47 -56.38
N VAL D 920 -73.39 2.79 -56.24
CA VAL D 920 -74.01 3.33 -55.03
C VAL D 920 -75.48 2.96 -54.97
N ILE D 921 -76.22 3.26 -56.04
CA ILE D 921 -77.62 2.84 -56.12
C ILE D 921 -77.60 1.46 -56.75
N MET D 922 -77.26 0.47 -55.91
CA MET D 922 -77.42 -0.94 -56.25
C MET D 922 -77.87 -1.70 -55.02
N ASN D 923 -77.70 -1.10 -53.85
CA ASN D 923 -77.57 -1.83 -52.61
C ASN D 923 -78.74 -1.54 -51.68
N ASP D 924 -79.02 -2.50 -50.81
CA ASP D 924 -80.14 -2.38 -49.89
C ASP D 924 -79.86 -1.30 -48.86
N VAL D 925 -80.76 -0.32 -48.78
CA VAL D 925 -80.59 0.74 -47.79
C VAL D 925 -80.70 0.18 -46.38
N ASP D 926 -81.51 -0.86 -46.19
CA ASP D 926 -81.68 -1.51 -44.90
C ASP D 926 -81.58 -3.02 -44.94
N GLY D 927 -81.68 -3.64 -46.12
CA GLY D 927 -81.62 -5.09 -46.22
C GLY D 927 -82.58 -5.64 -47.27
N ALA D 928 -83.57 -4.83 -47.65
CA ALA D 928 -84.55 -5.27 -48.63
C ALA D 928 -84.07 -4.94 -50.04
N PRO D 929 -84.34 -5.81 -51.03
CA PRO D 929 -83.85 -5.58 -52.39
C PRO D 929 -84.43 -4.32 -53.02
N ILE D 930 -83.97 -4.00 -54.22
CA ILE D 930 -84.41 -2.82 -54.95
C ILE D 930 -84.80 -3.23 -56.35
N SER D 931 -86.09 -3.12 -56.66
CA SER D 931 -86.56 -3.43 -58.00
C SER D 931 -85.97 -2.46 -59.01
N SER D 932 -85.90 -2.90 -60.26
CA SER D 932 -85.44 -2.03 -61.34
C SER D 932 -86.28 -0.77 -61.42
N LEU D 933 -87.58 -0.91 -61.14
CA LEU D 933 -88.46 0.25 -61.10
C LEU D 933 -88.04 1.23 -60.00
N GLU D 934 -87.72 0.70 -58.82
CA GLU D 934 -87.20 1.54 -57.75
C GLU D 934 -85.90 2.21 -58.17
N GLN D 935 -85.08 1.50 -58.94
CA GLN D 935 -83.79 2.04 -59.36
C GLN D 935 -83.97 3.21 -60.31
N ILE D 936 -84.79 3.04 -61.34
CA ILE D 936 -85.06 4.16 -62.23
C ILE D 936 -85.83 5.26 -61.52
N ASN D 937 -86.57 4.93 -60.47
CA ASN D 937 -87.23 5.96 -59.67
C ASN D 937 -86.19 6.82 -58.96
N THR D 938 -85.16 6.19 -58.39
CA THR D 938 -84.08 6.95 -57.78
C THR D 938 -83.34 7.77 -58.83
N ILE D 939 -83.16 7.23 -60.02
CA ILE D 939 -82.55 8.01 -61.09
C ILE D 939 -83.39 9.24 -61.40
N LYS D 940 -84.72 9.08 -61.41
CA LYS D 940 -85.60 10.23 -61.60
C LYS D 940 -85.44 11.23 -60.47
N LYS D 941 -85.31 10.74 -59.24
CA LYS D 941 -85.02 11.61 -58.11
C LYS D 941 -83.80 12.48 -58.39
N ILE D 942 -82.73 11.85 -58.86
CA ILE D 942 -81.50 12.60 -59.09
C ILE D 942 -81.65 13.56 -60.27
N ILE D 943 -82.43 13.16 -61.28
CA ILE D 943 -82.57 13.98 -62.49
C ILE D 943 -83.03 15.38 -62.15
N SER D 944 -84.00 15.50 -61.25
CA SER D 944 -84.58 16.80 -60.95
C SER D 944 -83.59 17.71 -60.23
N LYS D 945 -82.50 17.16 -59.71
CA LYS D 945 -81.54 17.93 -58.93
C LYS D 945 -80.42 18.52 -59.76
N ILE D 946 -80.65 18.76 -61.06
CA ILE D 946 -79.67 19.48 -61.86
C ILE D 946 -79.45 20.87 -61.25
N SER D 947 -78.25 21.42 -61.49
CA SER D 947 -77.88 22.59 -60.71
C SER D 947 -77.22 23.68 -61.56
N LEU D 948 -77.56 23.77 -62.84
CA LEU D 948 -77.16 24.89 -63.69
C LEU D 948 -75.62 25.04 -63.71
N GLY D 949 -74.99 24.05 -64.31
CA GLY D 949 -73.54 24.06 -64.38
C GLY D 949 -72.93 23.07 -63.40
N SER D 950 -73.53 21.89 -63.33
CA SER D 950 -73.03 20.83 -62.46
C SER D 950 -73.50 19.49 -63.00
N ILE D 951 -72.57 18.66 -63.46
CA ILE D 951 -72.91 17.38 -64.04
C ILE D 951 -72.72 16.31 -62.98
N ALA D 952 -73.22 15.11 -63.27
CA ALA D 952 -73.06 13.99 -62.37
C ALA D 952 -72.98 12.71 -63.19
N TYR D 953 -72.46 11.65 -62.57
CA TYR D 953 -72.31 10.37 -63.23
C TYR D 953 -72.92 9.29 -62.35
N ILE D 954 -73.21 8.15 -62.97
CA ILE D 954 -73.72 7.00 -62.25
C ILE D 954 -73.48 5.75 -63.09
N GLN D 955 -73.31 4.61 -62.43
CA GLN D 955 -73.09 3.34 -63.09
C GLN D 955 -74.31 2.45 -62.88
N VAL D 956 -74.59 1.58 -63.84
CA VAL D 956 -75.74 0.68 -63.71
C VAL D 956 -75.52 -0.55 -64.55
N TYR D 957 -75.88 -1.71 -64.00
CA TYR D 957 -75.93 -2.94 -64.78
C TYR D 957 -77.15 -2.90 -65.68
N THR D 958 -77.02 -3.50 -66.87
CA THR D 958 -77.98 -3.26 -67.92
C THR D 958 -78.74 -4.47 -68.41
N ASP D 959 -78.33 -5.69 -68.05
CA ASP D 959 -79.06 -6.92 -68.30
C ASP D 959 -79.28 -7.20 -69.78
N ILE D 960 -78.65 -6.43 -70.68
CA ILE D 960 -78.90 -6.62 -72.11
C ILE D 960 -78.41 -7.98 -72.58
N VAL D 961 -77.36 -8.51 -71.96
CA VAL D 961 -76.77 -9.78 -72.38
C VAL D 961 -77.02 -10.89 -71.39
N ALA D 962 -77.72 -10.64 -70.28
CA ALA D 962 -77.95 -11.70 -69.31
C ALA D 962 -79.03 -12.66 -69.79
N ARG D 963 -79.92 -12.21 -70.66
CA ARG D 963 -81.09 -12.99 -71.01
C ARG D 963 -80.78 -14.17 -71.92
N ASN D 964 -79.52 -14.31 -72.32
CA ASN D 964 -79.13 -15.38 -73.22
C ASN D 964 -77.82 -16.02 -72.77
N ILE D 965 -77.73 -16.33 -71.47
CA ILE D 965 -76.61 -17.11 -70.96
C ILE D 965 -77.01 -18.57 -70.93
N ASN D 966 -77.97 -18.90 -70.09
CA ASN D 966 -78.60 -20.22 -70.03
C ASN D 966 -77.65 -21.31 -69.57
N VAL D 967 -76.36 -21.01 -69.45
CA VAL D 967 -75.37 -21.97 -68.96
C VAL D 967 -74.32 -21.23 -68.17
N MET D 968 -74.19 -21.56 -66.88
CA MET D 968 -73.14 -20.98 -66.05
C MET D 968 -72.37 -22.12 -65.40
N THR D 969 -71.29 -21.78 -64.71
CA THR D 969 -70.45 -22.81 -64.11
C THR D 969 -70.16 -22.55 -62.64
N LYS D 970 -71.08 -21.91 -61.93
CA LYS D 970 -70.96 -21.69 -60.49
C LYS D 970 -69.64 -20.99 -60.16
N ASN D 971 -69.53 -19.77 -60.64
CA ASN D 971 -68.39 -18.93 -60.32
C ASN D 971 -68.41 -18.59 -58.83
N ASP D 972 -67.34 -17.93 -58.38
CA ASP D 972 -67.25 -17.41 -57.03
C ASP D 972 -67.08 -15.90 -57.00
N SER D 973 -67.12 -15.23 -58.15
CA SER D 973 -66.93 -13.78 -58.19
C SER D 973 -67.96 -13.04 -59.02
N PHE D 974 -68.71 -13.72 -59.87
CA PHE D 974 -69.72 -13.05 -60.71
C PHE D 974 -70.79 -14.08 -61.07
N LEU D 975 -71.88 -14.07 -60.31
CA LEU D 975 -72.95 -15.04 -60.51
C LEU D 975 -74.12 -14.38 -61.23
N ILE D 976 -75.12 -15.18 -61.56
CA ILE D 976 -76.31 -14.71 -62.25
C ILE D 976 -77.45 -15.69 -62.05
N SER D 977 -78.62 -15.18 -61.69
CA SER D 977 -79.78 -16.02 -61.36
C SER D 977 -81.03 -15.46 -61.99
N ALA D 978 -81.91 -16.35 -62.45
CA ALA D 978 -83.19 -15.97 -63.02
C ALA D 978 -84.29 -16.21 -62.00
N ASN D 979 -85.25 -15.30 -61.94
CA ASN D 979 -86.38 -15.41 -61.03
C ASN D 979 -87.61 -15.90 -61.78
N ALA D 980 -88.36 -16.83 -61.17
CA ALA D 980 -89.47 -17.52 -61.83
C ALA D 980 -89.04 -18.07 -63.18
N ASP D 981 -87.73 -18.29 -63.30
CA ASP D 981 -86.94 -18.78 -64.42
C ASP D 981 -86.80 -17.77 -65.54
N LYS D 982 -87.71 -16.78 -65.63
CA LYS D 982 -87.50 -15.59 -66.46
C LYS D 982 -88.41 -14.48 -65.92
N THR D 983 -87.88 -13.68 -65.00
CA THR D 983 -88.47 -12.34 -64.82
C THR D 983 -87.40 -11.26 -64.90
N VAL D 984 -86.42 -11.38 -64.00
CA VAL D 984 -85.35 -10.41 -63.82
C VAL D 984 -84.15 -11.15 -63.31
N PHE D 985 -82.96 -10.63 -63.56
CA PHE D 985 -81.72 -11.33 -63.28
C PHE D 985 -81.03 -10.74 -62.07
N LYS D 986 -80.70 -11.60 -61.11
CA LYS D 986 -79.93 -11.20 -59.94
C LYS D 986 -78.48 -11.64 -60.11
N VAL D 987 -77.56 -10.73 -59.83
CA VAL D 987 -76.13 -10.99 -59.98
C VAL D 987 -75.45 -10.81 -58.63
N GLN D 988 -74.58 -11.74 -58.28
CA GLN D 988 -73.82 -11.71 -57.04
C GLN D 988 -72.40 -11.28 -57.36
N VAL D 989 -72.05 -10.07 -56.94
CA VAL D 989 -70.68 -9.57 -57.08
C VAL D 989 -69.79 -10.42 -56.18
N SER D 990 -68.48 -10.28 -56.33
CA SER D 990 -67.49 -11.24 -55.82
C SER D 990 -67.88 -11.91 -54.51
N GLY D 991 -68.29 -11.15 -53.52
CA GLY D 991 -68.65 -11.76 -52.26
C GLY D 991 -70.07 -11.49 -51.80
N TYR D 992 -70.63 -10.37 -52.21
CA TYR D 992 -71.87 -9.89 -51.63
C TYR D 992 -73.08 -10.62 -52.21
N LYS D 993 -74.23 -10.40 -51.57
CA LYS D 993 -75.46 -11.05 -51.99
C LYS D 993 -75.89 -10.51 -53.35
N ALA D 994 -76.88 -11.19 -53.93
CA ALA D 994 -77.37 -10.83 -55.25
C ALA D 994 -77.92 -9.41 -55.25
N VAL D 995 -77.94 -8.81 -56.45
CA VAL D 995 -78.53 -7.50 -56.65
C VAL D 995 -79.40 -7.56 -57.90
N GLU D 996 -80.44 -6.72 -57.91
CA GLU D 996 -81.40 -6.71 -59.01
C GLU D 996 -80.83 -5.85 -60.13
N MET D 997 -80.49 -6.49 -61.24
CA MET D 997 -80.02 -5.74 -62.40
C MET D 997 -81.16 -4.96 -63.00
N CYS D 998 -80.89 -3.71 -63.38
CA CYS D 998 -81.92 -2.89 -63.98
C CYS D 998 -82.23 -3.38 -65.39
N ASN D 999 -83.52 -3.50 -65.69
CA ASN D 999 -83.92 -3.95 -67.02
C ASN D 999 -83.58 -2.90 -68.07
N TYR D 1000 -83.49 -3.34 -69.32
CA TYR D 1000 -83.02 -2.47 -70.38
C TYR D 1000 -84.04 -1.41 -70.75
N GLU D 1001 -85.30 -1.81 -70.92
CA GLU D 1001 -86.30 -0.95 -71.56
C GLU D 1001 -86.49 0.35 -70.80
N GLN D 1002 -86.48 0.30 -69.47
CA GLN D 1002 -86.68 1.51 -68.69
C GLN D 1002 -85.56 2.52 -68.96
N LEU D 1003 -84.32 2.03 -69.06
CA LEU D 1003 -83.22 2.94 -69.40
C LEU D 1003 -83.35 3.46 -70.82
N LEU D 1004 -83.85 2.64 -71.74
CA LEU D 1004 -84.06 3.11 -73.10
C LEU D 1004 -85.05 4.28 -73.13
N GLN D 1005 -86.19 4.11 -72.47
CA GLN D 1005 -87.17 5.19 -72.48
C GLN D 1005 -86.65 6.41 -71.74
N LEU D 1006 -85.88 6.20 -70.65
CA LEU D 1006 -85.32 7.32 -69.92
C LEU D 1006 -84.37 8.13 -70.80
N VAL D 1007 -83.41 7.46 -71.43
CA VAL D 1007 -82.48 8.16 -72.31
C VAL D 1007 -83.22 8.73 -73.52
N SER D 1008 -84.39 8.18 -73.85
CA SER D 1008 -85.20 8.76 -74.92
C SER D 1008 -85.76 10.11 -74.52
N ASP D 1009 -86.31 10.21 -73.30
CA ASP D 1009 -86.97 11.45 -72.89
C ASP D 1009 -86.16 12.25 -71.87
N ASN D 1010 -84.85 12.04 -71.79
CA ASN D 1010 -84.06 12.79 -70.82
C ASN D 1010 -83.74 14.20 -71.35
N THR D 1011 -83.40 14.30 -72.64
CA THR D 1011 -83.09 15.57 -73.29
C THR D 1011 -81.94 16.29 -72.61
N GLY D 1012 -80.77 15.64 -72.65
CA GLY D 1012 -79.57 16.21 -72.08
C GLY D 1012 -78.78 15.22 -71.25
N VAL D 1013 -79.11 13.94 -71.38
CA VAL D 1013 -78.49 12.87 -70.61
C VAL D 1013 -78.16 11.74 -71.57
N ASN D 1014 -76.94 11.22 -71.50
CA ASN D 1014 -76.48 10.23 -72.46
C ASN D 1014 -75.94 9.02 -71.74
N ILE D 1015 -75.78 7.93 -72.49
CA ILE D 1015 -75.26 6.67 -71.99
C ILE D 1015 -73.94 6.39 -72.68
N ILE D 1016 -72.91 6.08 -71.90
CA ILE D 1016 -71.58 5.78 -72.41
C ILE D 1016 -71.31 4.29 -72.25
N LYS D 1017 -70.91 3.64 -73.34
CA LYS D 1017 -70.54 2.24 -73.33
C LYS D 1017 -69.02 2.12 -73.42
N LEU D 1018 -68.53 0.97 -72.99
CA LEU D 1018 -67.10 0.72 -72.90
C LEU D 1018 -66.62 -0.16 -74.04
N THR D 1019 -65.33 -0.05 -74.35
CA THR D 1019 -64.72 -0.84 -75.42
C THR D 1019 -63.26 -1.08 -75.09
N TYR D 1020 -62.63 -1.97 -75.86
CA TYR D 1020 -61.24 -2.32 -75.61
C TYR D 1020 -60.33 -1.10 -75.48
N GLN D 1021 -60.51 -0.11 -76.34
CA GLN D 1021 -59.62 1.03 -76.35
C GLN D 1021 -59.67 1.76 -75.02
N ASP D 1022 -60.55 1.32 -74.12
CA ASP D 1022 -60.58 1.83 -72.77
C ASP D 1022 -60.01 0.86 -71.75
N VAL D 1023 -60.10 -0.45 -72.00
CA VAL D 1023 -59.54 -1.40 -71.05
C VAL D 1023 -58.06 -1.64 -71.32
N LEU D 1024 -57.65 -1.64 -72.59
CA LEU D 1024 -56.24 -1.80 -72.88
C LEU D 1024 -55.43 -0.61 -72.41
N GLU D 1025 -55.97 0.61 -72.58
CA GLU D 1025 -55.21 1.79 -72.18
C GLU D 1025 -55.00 1.81 -70.67
N SER D 1026 -56.01 1.38 -69.91
CA SER D 1026 -55.85 1.37 -68.46
C SER D 1026 -54.92 0.25 -68.01
N CYS D 1027 -54.91 -0.87 -68.74
CA CYS D 1027 -54.04 -1.97 -68.37
C CYS D 1027 -52.60 -1.70 -68.76
N VAL D 1028 -52.36 -0.80 -69.72
CA VAL D 1028 -51.01 -0.50 -70.15
C VAL D 1028 -50.48 0.73 -69.42
N LEU D 1029 -51.38 1.60 -68.95
CA LEU D 1029 -50.95 2.78 -68.22
C LEU D 1029 -50.80 2.49 -66.73
N SER D 1030 -51.42 1.43 -66.23
CA SER D 1030 -51.29 0.99 -64.85
C SER D 1030 -50.81 -0.45 -64.86
N SER D 1031 -49.92 -0.79 -63.94
CA SER D 1031 -49.33 -2.12 -63.93
C SER D 1031 -50.40 -3.18 -63.66
N GLY D 1032 -50.00 -4.43 -63.75
CA GLY D 1032 -50.95 -5.51 -63.58
C GLY D 1032 -51.70 -5.81 -64.86
N ILE D 1033 -52.04 -7.08 -65.04
CA ILE D 1033 -52.63 -7.46 -66.32
C ILE D 1033 -54.03 -8.06 -66.17
N LEU D 1034 -54.11 -9.26 -65.61
CA LEU D 1034 -55.39 -9.95 -65.39
C LEU D 1034 -55.07 -11.31 -64.81
N GLY D 1035 -56.10 -12.02 -64.34
CA GLY D 1035 -56.01 -13.44 -64.11
C GLY D 1035 -56.21 -13.95 -62.70
N ASP D 1036 -57.05 -13.31 -61.90
CA ASP D 1036 -57.37 -13.81 -60.56
C ASP D 1036 -58.76 -14.44 -60.60
N THR D 1037 -58.81 -15.71 -60.98
CA THR D 1037 -60.02 -16.54 -60.95
C THR D 1037 -61.09 -16.06 -61.91
N GLY D 1038 -60.83 -14.97 -62.63
CA GLY D 1038 -61.73 -14.53 -63.67
C GLY D 1038 -61.12 -14.81 -65.03
N SER D 1039 -60.81 -13.74 -65.77
CA SER D 1039 -59.97 -13.81 -66.97
C SER D 1039 -60.67 -14.46 -68.15
N TRP D 1040 -61.85 -15.02 -67.94
CA TRP D 1040 -62.70 -15.43 -69.06
C TRP D 1040 -64.06 -14.76 -69.01
N LEU D 1041 -64.46 -14.25 -67.85
CA LEU D 1041 -65.67 -13.45 -67.75
C LEU D 1041 -65.50 -12.05 -68.31
N LEU D 1042 -64.26 -11.65 -68.61
CA LEU D 1042 -63.96 -10.27 -68.97
C LEU D 1042 -65.01 -9.68 -69.89
N ASP D 1043 -65.14 -10.29 -71.08
CA ASP D 1043 -66.06 -9.79 -72.09
C ASP D 1043 -67.43 -9.49 -71.48
N LEU D 1044 -68.03 -10.50 -70.85
CA LEU D 1044 -69.36 -10.33 -70.27
C LEU D 1044 -69.43 -9.08 -69.41
N VAL D 1045 -68.50 -8.94 -68.46
CA VAL D 1045 -68.58 -7.80 -67.56
C VAL D 1045 -68.38 -6.50 -68.35
N LEU D 1046 -67.44 -6.51 -69.29
CA LEU D 1046 -67.22 -5.34 -70.12
C LEU D 1046 -68.49 -4.94 -70.86
N ALA D 1047 -69.37 -5.90 -71.14
CA ALA D 1047 -70.61 -5.61 -71.83
C ALA D 1047 -71.80 -5.46 -70.90
N SER D 1048 -71.64 -5.78 -69.61
CA SER D 1048 -72.80 -5.75 -68.73
C SER D 1048 -73.12 -4.33 -68.31
N THR D 1049 -72.16 -3.62 -67.72
CA THR D 1049 -72.43 -2.34 -67.12
C THR D 1049 -72.38 -1.21 -68.15
N TYR D 1050 -73.22 -0.20 -67.91
CA TYR D 1050 -73.18 1.06 -68.63
C TYR D 1050 -73.03 2.17 -67.61
N ILE D 1051 -72.72 3.36 -68.12
CA ILE D 1051 -72.65 4.54 -67.29
C ILE D 1051 -73.53 5.62 -67.87
N ILE D 1052 -74.26 6.30 -66.99
CA ILE D 1052 -75.20 7.36 -67.36
C ILE D 1052 -74.67 8.67 -66.81
N GLU D 1053 -74.57 9.67 -67.67
CA GLU D 1053 -74.13 10.99 -67.26
C GLU D 1053 -75.30 11.96 -67.36
N ILE D 1054 -75.36 12.89 -66.41
CA ILE D 1054 -76.47 13.84 -66.32
C ILE D 1054 -75.88 15.25 -66.32
N ARG D 1055 -76.15 15.99 -67.39
CA ARG D 1055 -75.77 17.39 -67.49
C ARG D 1055 -76.96 18.33 -67.42
N GLY D 1056 -78.05 18.01 -68.10
CA GLY D 1056 -79.22 18.85 -68.11
C GLY D 1056 -80.22 18.48 -69.19
#